data_6IQD
#
_entry.id   6IQD
#
_cell.length_a   71.442
_cell.length_b   149.186
_cell.length_c   269.277
_cell.angle_alpha   90.00
_cell.angle_beta   90.00
_cell.angle_gamma   90.00
#
_symmetry.space_group_name_H-M   'P 21 21 21'
#
loop_
_entity.id
_entity.type
_entity.pdbx_description
1 polymer 'Alcohol dehydrogenase'
2 non-polymer 'ZINC ION'
#
_entity_poly.entity_id   1
_entity_poly.type   'polypeptide(L)'
_entity_poly.pdbx_seq_one_letter_code
;MKAAVVNEFKKALEIKEVERPKLEEGEVLVKIEACGVCHTDLHAAHGDWPIKPKLPLIPGHEGVGIVVEVAKGVKSIKVG
DRVGIPWLYSACGECEYCLTGQETLCPHQLNGGYSVDGGYAEYCKAPADYVAKIPDNLDPVEVAPILCAGVTTYKALKVS
GARPGEWVAIYGIGGLGHIALQYAKAMGLNVVAVDISDEKSKLAKDLGADIAINGLKEDPVKAIHDQVGGVHAAISVAVN
KKAFEQAYQSVKRGGTLVVVGLPNADLPIPIFDTVLNGVSVKGSIVGTRKDMQEALDFAARGKVRPIVETAELEEINEVF
ERMEKGKINGRIVLKLKED
;
_entity_poly.pdbx_strand_id   A,B,C,D,E,F,G,H
#
# COMPACT_ATOMS: atom_id res chain seq x y z
N MET A 1 18.54 14.79 41.99
CA MET A 1 17.29 14.65 41.25
C MET A 1 17.20 13.26 40.61
N LYS A 2 16.09 12.57 40.88
CA LYS A 2 15.82 11.29 40.24
C LYS A 2 15.33 11.52 38.82
N ALA A 3 15.78 10.65 37.90
CA ALA A 3 15.43 10.81 36.50
C ALA A 3 15.61 9.49 35.77
N ALA A 4 14.68 9.19 34.86
CA ALA A 4 14.80 8.06 33.96
C ALA A 4 15.54 8.52 32.71
N VAL A 5 16.72 7.93 32.46
CA VAL A 5 17.63 8.43 31.44
C VAL A 5 17.80 7.38 30.35
N VAL A 6 17.82 7.83 29.10
CA VAL A 6 18.18 7.01 27.96
C VAL A 6 19.69 7.15 27.77
N ASN A 7 20.43 6.08 28.05
CA ASN A 7 21.89 6.14 27.92
C ASN A 7 22.32 5.86 26.48
N GLU A 8 21.76 4.81 25.88
CA GLU A 8 21.90 4.59 24.45
C GLU A 8 20.68 3.82 23.95
N PHE A 9 20.44 3.98 22.67
CA PHE A 9 19.22 3.53 21.96
C PHE A 9 18.97 2.04 22.10
N LYS A 10 17.69 1.68 22.26
CA LYS A 10 17.11 0.31 22.36
C LYS A 10 17.28 -0.35 23.74
N LYS A 11 18.38 -0.06 24.41
CA LYS A 11 18.77 -0.51 25.75
C LYS A 11 17.92 0.25 26.74
N ALA A 12 17.49 -0.48 27.73
CA ALA A 12 16.54 -0.04 28.75
C ALA A 12 16.96 1.30 29.36
N LEU A 13 15.97 2.04 29.84
CA LEU A 13 16.21 3.29 30.53
C LEU A 13 16.65 3.02 31.96
N GLU A 14 17.53 3.88 32.46
CA GLU A 14 18.07 3.73 33.81
C GLU A 14 17.51 4.84 34.69
N ILE A 15 16.70 4.46 35.66
CA ILE A 15 16.28 5.39 36.71
C ILE A 15 17.51 5.67 37.57
N LYS A 16 18.00 6.90 37.55
CA LYS A 16 19.24 7.23 38.23
C LYS A 16 19.22 8.68 38.68
N GLU A 17 20.09 9.00 39.63
CA GLU A 17 20.19 10.34 40.19
C GLU A 17 21.06 11.22 39.30
N VAL A 18 20.55 12.41 38.99
CA VAL A 18 21.28 13.39 38.19
C VAL A 18 21.09 14.77 38.82
N GLU A 19 21.85 15.74 38.29
CA GLU A 19 21.79 17.10 38.80
C GLU A 19 20.44 17.74 38.48
N ARG A 20 20.08 18.72 39.28
CA ARG A 20 18.87 19.48 38.95
C ARG A 20 19.29 20.46 37.86
N PRO A 21 18.38 20.81 36.96
CA PRO A 21 18.65 21.86 35.99
C PRO A 21 18.81 23.20 36.71
N LYS A 22 19.70 24.02 36.16
CA LYS A 22 19.84 25.41 36.60
C LYS A 22 19.35 26.33 35.48
N LEU A 23 18.80 27.47 35.89
CA LEU A 23 18.11 28.34 34.96
C LEU A 23 19.06 29.35 34.35
N GLU A 24 18.85 29.61 33.06
CA GLU A 24 19.35 30.80 32.38
C GLU A 24 18.18 31.75 32.17
N GLU A 25 18.47 32.93 31.64
CA GLU A 25 17.47 33.97 31.53
C GLU A 25 16.25 33.50 30.75
N GLY A 26 15.07 33.79 31.28
CA GLY A 26 13.82 33.45 30.63
C GLY A 26 13.28 32.06 30.93
N GLU A 27 13.99 31.27 31.71
CA GLU A 27 13.59 29.91 32.02
C GLU A 27 13.00 29.83 33.42
N VAL A 28 12.17 28.81 33.62
CA VAL A 28 11.59 28.49 34.92
C VAL A 28 11.92 27.04 35.24
N LEU A 29 11.95 26.72 36.52
CA LEU A 29 12.16 25.35 36.97
C LEU A 29 10.85 24.78 37.47
N VAL A 30 10.50 23.58 37.00
CA VAL A 30 9.20 22.97 37.23
C VAL A 30 9.42 21.69 38.03
N LYS A 31 8.81 21.62 39.21
CA LYS A 31 8.83 20.38 39.98
C LYS A 31 7.72 19.49 39.44
N ILE A 32 8.10 18.41 38.76
CA ILE A 32 7.17 17.62 37.97
C ILE A 32 6.22 16.86 38.89
N GLU A 33 4.92 17.06 38.69
CA GLU A 33 3.90 16.24 39.35
C GLU A 33 3.55 15.00 38.54
N ALA A 34 3.54 15.11 37.22
CA ALA A 34 3.18 14.02 36.33
C ALA A 34 3.81 14.25 34.98
N CYS A 35 3.86 13.19 34.17
CA CYS A 35 4.35 13.30 32.81
C CYS A 35 3.75 12.17 31.99
N GLY A 36 2.98 12.51 30.96
CA GLY A 36 2.41 11.50 30.10
C GLY A 36 3.44 10.79 29.25
N VAL A 37 3.05 9.62 28.76
CA VAL A 37 3.90 8.79 27.90
C VAL A 37 3.13 8.49 26.63
N CYS A 38 3.80 8.60 25.48
CA CYS A 38 3.23 8.25 24.20
C CYS A 38 4.33 7.60 23.35
N HIS A 39 3.98 7.29 22.10
CA HIS A 39 4.92 6.59 21.23
C HIS A 39 6.11 7.44 20.83
N THR A 40 5.98 8.77 20.88
CA THR A 40 7.12 9.63 20.59
C THR A 40 8.28 9.35 21.53
N ASP A 41 7.99 9.18 22.83
CA ASP A 41 9.02 8.80 23.78
C ASP A 41 9.68 7.49 23.39
N LEU A 42 8.88 6.52 22.92
CA LEU A 42 9.45 5.27 22.44
C LEU A 42 10.43 5.51 21.30
N HIS A 43 9.98 6.18 20.25
CA HIS A 43 10.87 6.48 19.13
C HIS A 43 12.07 7.31 19.56
N ALA A 44 11.89 8.18 20.56
CA ALA A 44 13.02 8.88 21.15
C ALA A 44 13.96 7.91 21.84
N ALA A 45 13.41 6.94 22.57
CA ALA A 45 14.25 5.96 23.27
C ALA A 45 14.94 5.02 22.29
N HIS A 46 14.28 4.68 21.18
CA HIS A 46 14.85 3.76 20.21
C HIS A 46 15.72 4.44 19.17
N GLY A 47 15.58 5.75 18.99
CA GLY A 47 16.38 6.48 18.03
C GLY A 47 16.15 6.08 16.59
N ASP A 48 14.96 5.58 16.26
CA ASP A 48 14.69 5.06 14.93
C ASP A 48 14.04 6.08 14.00
N TRP A 49 14.08 7.36 14.35
CA TRP A 49 13.54 8.42 13.52
C TRP A 49 14.64 9.03 12.67
N PRO A 50 14.29 9.80 11.63
CA PRO A 50 15.33 10.37 10.76
C PRO A 50 16.37 11.20 11.50
N ILE A 51 15.95 12.18 12.29
CA ILE A 51 16.84 12.99 13.10
C ILE A 51 16.74 12.50 14.55
N LYS A 52 17.85 12.03 15.08
CA LYS A 52 17.88 11.33 16.35
C LYS A 52 18.05 12.30 17.50
N PRO A 53 17.63 11.91 18.72
CA PRO A 53 17.86 12.69 19.91
C PRO A 53 19.32 12.71 20.37
N LYS A 54 19.63 13.65 21.23
CA LYS A 54 20.96 13.86 21.82
C LYS A 54 21.08 12.93 23.03
N LEU A 55 22.03 12.02 23.06
CA LEU A 55 22.11 11.10 24.22
C LEU A 55 23.20 11.61 25.16
N PRO A 56 23.12 11.46 26.49
CA PRO A 56 21.98 10.90 27.18
C PRO A 56 20.78 11.86 27.23
N LEU A 57 19.60 11.27 27.33
CA LEU A 57 18.37 12.04 27.18
C LEU A 57 17.39 11.69 28.29
N ILE A 58 16.76 12.72 28.86
CA ILE A 58 15.61 12.55 29.74
C ILE A 58 14.36 12.81 28.90
N PRO A 59 13.63 11.78 28.47
CA PRO A 59 12.48 12.00 27.60
C PRO A 59 11.31 12.67 28.29
N GLY A 60 10.16 12.69 27.63
CA GLY A 60 8.96 13.27 28.20
C GLY A 60 8.66 14.67 27.70
N HIS A 61 7.55 14.81 26.97
CA HIS A 61 7.10 16.09 26.48
C HIS A 61 5.70 16.43 26.99
N GLU A 62 5.21 15.70 27.98
CA GLU A 62 3.90 15.96 28.59
C GLU A 62 4.03 16.11 30.10
N GLY A 63 5.05 16.84 30.53
CA GLY A 63 5.28 17.02 31.96
C GLY A 63 4.42 18.14 32.52
N VAL A 64 3.74 17.86 33.62
CA VAL A 64 2.93 18.84 34.33
C VAL A 64 3.48 18.97 35.75
N GLY A 65 3.73 20.21 36.18
CA GLY A 65 4.31 20.40 37.49
C GLY A 65 4.13 21.83 37.96
N ILE A 66 4.75 22.13 39.11
CA ILE A 66 4.59 23.40 39.80
C ILE A 66 5.89 24.21 39.65
N VAL A 67 5.74 25.48 39.28
CA VAL A 67 6.89 26.36 39.14
C VAL A 67 7.42 26.70 40.52
N VAL A 68 8.67 26.29 40.79
CA VAL A 68 9.30 26.54 42.08
C VAL A 68 10.39 27.60 42.01
N GLU A 69 10.79 28.02 40.81
CA GLU A 69 11.91 28.95 40.65
C GLU A 69 11.80 29.60 39.28
N VAL A 70 11.99 30.91 39.23
CA VAL A 70 11.97 31.66 37.97
C VAL A 70 13.29 32.41 37.83
N ALA A 71 13.82 32.45 36.62
CA ALA A 71 15.03 33.20 36.36
C ALA A 71 14.74 34.70 36.33
N LYS A 72 15.82 35.48 36.38
CA LYS A 72 15.70 36.94 36.37
C LYS A 72 14.89 37.42 35.18
N GLY A 73 13.94 38.32 35.45
CA GLY A 73 13.17 38.94 34.40
C GLY A 73 11.95 38.17 33.94
N VAL A 74 11.69 36.99 34.49
CA VAL A 74 10.46 36.25 34.17
C VAL A 74 9.34 36.83 35.02
N LYS A 75 8.39 37.51 34.38
CA LYS A 75 7.26 38.10 35.07
C LYS A 75 5.95 37.39 34.79
N SER A 76 5.77 36.88 33.57
CA SER A 76 4.48 36.25 33.20
C SER A 76 4.19 34.97 33.98
N ILE A 77 5.15 34.10 34.10
CA ILE A 77 5.05 32.91 34.94
C ILE A 77 5.60 33.24 36.32
N LYS A 78 4.88 32.82 37.36
CA LYS A 78 5.27 33.11 38.73
C LYS A 78 5.39 31.82 39.51
N VAL A 79 6.26 31.84 40.52
CA VAL A 79 6.43 30.69 41.41
C VAL A 79 5.09 30.30 41.99
N GLY A 80 4.75 29.02 41.86
CA GLY A 80 3.49 28.49 42.34
C GLY A 80 2.53 28.06 41.26
N ASP A 81 2.66 28.61 40.05
CA ASP A 81 1.78 28.22 38.95
C ASP A 81 1.98 26.75 38.59
N ARG A 82 0.91 26.15 38.08
CA ARG A 82 0.98 24.81 37.49
C ARG A 82 1.07 24.98 35.98
N VAL A 83 2.16 24.48 35.39
CA VAL A 83 2.44 24.67 33.99
C VAL A 83 2.76 23.33 33.35
N GLY A 84 2.69 23.30 32.02
CA GLY A 84 3.05 22.13 31.23
C GLY A 84 4.23 22.44 30.34
N ILE A 85 5.08 21.45 30.13
CA ILE A 85 6.23 21.59 29.23
C ILE A 85 5.96 20.71 28.01
N PRO A 86 5.48 21.29 26.91
CA PRO A 86 5.02 20.45 25.80
C PRO A 86 6.14 20.04 24.85
N TRP A 87 5.73 19.45 23.72
CA TRP A 87 6.68 19.06 22.68
C TRP A 87 7.39 20.28 22.11
N LEU A 88 6.65 21.35 21.83
CA LEU A 88 7.23 22.61 21.34
C LEU A 88 7.89 23.33 22.51
N TYR A 89 9.15 22.98 22.77
CA TYR A 89 9.87 23.50 23.93
C TYR A 89 10.24 24.96 23.74
N SER A 90 10.67 25.35 22.54
CA SER A 90 11.09 26.72 22.29
C SER A 90 11.12 26.97 20.79
N ALA A 91 10.95 28.24 20.41
CA ALA A 91 11.02 28.67 19.02
C ALA A 91 11.84 29.96 18.94
N CYS A 92 12.21 30.32 17.71
CA CYS A 92 13.09 31.48 17.52
C CYS A 92 12.34 32.79 17.72
N GLY A 93 11.06 32.84 17.37
CA GLY A 93 10.26 34.04 17.54
C GLY A 93 10.45 35.09 16.47
N GLU A 94 11.31 34.86 15.47
CA GLU A 94 11.59 35.86 14.45
C GLU A 94 11.41 35.35 13.03
N CYS A 95 11.28 34.04 12.81
CA CYS A 95 11.30 33.52 11.46
C CYS A 95 9.93 33.69 10.79
N GLU A 96 9.87 33.26 9.53
CA GLU A 96 8.65 33.22 8.74
C GLU A 96 7.45 32.72 9.54
N TYR A 97 7.62 31.57 10.21
CA TYR A 97 6.50 30.89 10.85
C TYR A 97 6.22 31.44 12.24
N CYS A 98 7.25 31.88 12.95
CA CYS A 98 7.03 32.47 14.27
C CYS A 98 6.24 33.77 14.17
N LEU A 99 6.52 34.58 13.14
CA LEU A 99 5.83 35.86 13.01
C LEU A 99 4.35 35.69 12.70
N THR A 100 3.96 34.56 12.10
CA THR A 100 2.60 34.36 11.61
C THR A 100 1.80 33.40 12.46
N GLY A 101 2.19 33.18 13.71
CA GLY A 101 1.45 32.28 14.58
C GLY A 101 1.51 30.83 14.18
N GLN A 102 2.60 30.42 13.52
CA GLN A 102 2.79 29.03 13.15
C GLN A 102 4.05 28.48 13.80
N GLU A 103 4.15 28.67 15.12
CA GLU A 103 5.37 28.31 15.86
C GLU A 103 5.75 26.85 15.71
N THR A 104 4.80 25.99 15.36
CA THR A 104 5.06 24.56 15.20
C THR A 104 5.99 24.25 14.03
N LEU A 105 6.21 25.20 13.12
CA LEU A 105 7.04 24.98 11.95
C LEU A 105 8.40 25.63 12.04
N CYS A 106 8.72 26.29 13.15
CA CYS A 106 9.98 27.01 13.29
C CYS A 106 11.17 26.07 13.08
N PRO A 107 12.06 26.34 12.13
CA PRO A 107 13.19 25.42 11.87
C PRO A 107 14.21 25.39 12.98
N HIS A 108 14.19 26.34 13.91
CA HIS A 108 15.13 26.38 15.04
C HIS A 108 14.49 25.89 16.33
N GLN A 109 13.35 25.21 16.23
CA GLN A 109 12.62 24.82 17.43
C GLN A 109 13.37 23.73 18.19
N LEU A 110 13.24 23.78 19.51
CA LEU A 110 13.69 22.71 20.39
C LEU A 110 12.48 21.93 20.87
N ASN A 111 12.65 20.63 21.03
CA ASN A 111 11.55 19.73 21.34
C ASN A 111 11.78 19.08 22.70
N GLY A 112 10.76 19.15 23.56
CA GLY A 112 10.90 18.64 24.91
C GLY A 112 11.07 17.13 24.93
N GLY A 113 12.02 16.68 25.75
CA GLY A 113 12.30 15.26 25.82
C GLY A 113 12.83 14.66 24.54
N TYR A 114 13.44 15.48 23.68
CA TYR A 114 14.01 15.00 22.43
C TYR A 114 15.29 15.77 22.11
N SER A 115 15.14 17.06 21.81
CA SER A 115 16.30 17.93 21.65
C SER A 115 16.79 18.49 22.98
N VAL A 116 16.07 18.23 24.06
CA VAL A 116 16.36 18.83 25.36
C VAL A 116 15.72 17.95 26.42
N ASP A 117 16.32 17.93 27.61
CA ASP A 117 15.81 17.09 28.69
C ASP A 117 14.36 17.43 29.02
N GLY A 118 13.52 16.41 29.10
CA GLY A 118 12.10 16.53 29.32
C GLY A 118 11.68 16.23 30.74
N GLY A 119 10.45 15.76 30.89
CA GLY A 119 9.83 15.63 32.19
C GLY A 119 9.84 14.24 32.81
N TYR A 120 10.71 13.36 32.33
CA TYR A 120 10.89 12.06 32.97
C TYR A 120 11.80 12.20 34.18
N ALA A 121 11.58 13.23 34.99
CA ALA A 121 12.43 13.54 36.13
C ALA A 121 11.58 14.26 37.18
N GLU A 122 12.20 14.51 38.34
CA GLU A 122 11.51 15.23 39.41
C GLU A 122 11.48 16.73 39.17
N TYR A 123 12.42 17.26 38.40
CA TYR A 123 12.44 18.66 38.02
C TYR A 123 12.74 18.76 36.54
N CYS A 124 12.03 19.67 35.86
CA CYS A 124 12.35 19.98 34.48
C CYS A 124 12.33 21.49 34.28
N LYS A 125 13.18 21.95 33.37
CA LYS A 125 13.35 23.35 33.04
C LYS A 125 12.73 23.63 31.68
N ALA A 126 12.23 24.85 31.51
CA ALA A 126 11.57 25.23 30.26
C ALA A 126 11.54 26.74 30.17
N PRO A 127 11.44 27.29 28.95
CA PRO A 127 11.29 28.74 28.82
C PRO A 127 9.90 29.20 29.23
N ALA A 128 9.86 30.31 29.97
CA ALA A 128 8.58 30.86 30.42
C ALA A 128 7.67 31.16 29.25
N ASP A 129 8.24 31.65 28.14
CA ASP A 129 7.45 32.07 26.99
C ASP A 129 6.76 30.92 26.27
N TYR A 130 7.09 29.67 26.58
CA TYR A 130 6.54 28.55 25.83
C TYR A 130 5.86 27.49 26.68
N VAL A 131 5.95 27.57 28.00
CA VAL A 131 5.21 26.65 28.84
C VAL A 131 3.71 26.88 28.67
N ALA A 132 2.93 25.84 28.91
CA ALA A 132 1.48 25.93 28.88
C ALA A 132 0.96 26.13 30.30
N LYS A 133 0.11 27.14 30.48
CA LYS A 133 -0.55 27.34 31.77
C LYS A 133 -1.69 26.34 31.91
N ILE A 134 -1.62 25.49 32.92
CA ILE A 134 -2.68 24.51 33.16
C ILE A 134 -3.83 25.19 33.90
N PRO A 135 -5.08 25.01 33.47
CA PRO A 135 -6.20 25.64 34.17
C PRO A 135 -6.37 25.08 35.58
N ASP A 136 -7.06 25.87 36.41
CA ASP A 136 -7.26 25.50 37.80
C ASP A 136 -8.19 24.30 37.97
N ASN A 137 -9.02 24.00 36.96
CA ASN A 137 -9.98 22.92 37.10
C ASN A 137 -9.31 21.55 37.16
N LEU A 138 -8.11 21.41 36.62
CA LEU A 138 -7.63 20.11 36.14
C LEU A 138 -6.53 19.54 37.01
N ASP A 139 -6.63 18.24 37.23
CA ASP A 139 -5.58 17.48 37.90
C ASP A 139 -4.40 17.28 36.96
N PRO A 140 -3.17 17.29 37.46
CA PRO A 140 -2.00 17.16 36.56
C PRO A 140 -1.95 15.85 35.80
N VAL A 141 -2.41 14.75 36.41
CA VAL A 141 -2.33 13.45 35.74
C VAL A 141 -3.34 13.37 34.59
N GLU A 142 -4.56 13.85 34.81
CA GLU A 142 -5.58 13.79 33.78
C GLU A 142 -5.35 14.80 32.66
N VAL A 143 -4.56 15.84 32.91
CA VAL A 143 -4.35 16.86 31.89
C VAL A 143 -3.15 16.55 30.99
N ALA A 144 -2.18 15.78 31.50
CA ALA A 144 -0.95 15.56 30.76
C ALA A 144 -1.15 15.09 29.32
N PRO A 145 -2.09 14.22 29.00
CA PRO A 145 -2.30 13.87 27.58
C PRO A 145 -2.74 15.04 26.71
N ILE A 146 -3.37 16.08 27.28
CA ILE A 146 -3.82 17.21 26.47
C ILE A 146 -2.64 17.93 25.85
N LEU A 147 -1.50 17.95 26.54
CA LEU A 147 -0.30 18.59 25.99
C LEU A 147 0.17 17.93 24.70
N CYS A 148 -0.24 16.68 24.45
CA CYS A 148 0.21 15.96 23.26
C CYS A 148 -0.98 15.55 22.41
N ALA A 149 -1.66 14.48 22.84
CA ALA A 149 -2.80 13.98 22.08
C ALA A 149 -3.87 15.05 21.91
N GLY A 150 -4.14 15.83 22.95
CA GLY A 150 -5.16 16.86 22.90
C GLY A 150 -4.92 17.90 21.83
N VAL A 151 -3.83 18.65 21.94
CA VAL A 151 -3.57 19.76 21.03
C VAL A 151 -3.42 19.26 19.59
N THR A 152 -2.80 18.08 19.42
CA THR A 152 -2.59 17.54 18.07
C THR A 152 -3.92 17.28 17.39
N THR A 153 -4.81 16.54 18.05
CA THR A 153 -6.07 16.18 17.41
C THR A 153 -7.00 17.37 17.27
N TYR A 154 -7.00 18.27 18.26
CA TYR A 154 -7.84 19.47 18.16
C TYR A 154 -7.44 20.34 16.99
N LYS A 155 -6.13 20.57 16.83
CA LYS A 155 -5.65 21.37 15.70
C LYS A 155 -5.93 20.68 14.38
N ALA A 156 -5.83 19.35 14.35
CA ALA A 156 -6.13 18.62 13.12
C ALA A 156 -7.56 18.81 12.69
N LEU A 157 -8.49 18.84 13.65
CA LEU A 157 -9.90 19.04 13.32
C LEU A 157 -10.17 20.47 12.87
N LYS A 158 -9.42 21.44 13.40
CA LYS A 158 -9.48 22.80 12.85
C LYS A 158 -8.92 22.85 11.44
N VAL A 159 -7.75 22.21 11.23
CA VAL A 159 -7.13 22.17 9.91
C VAL A 159 -8.05 21.47 8.90
N SER A 160 -8.86 20.51 9.36
CA SER A 160 -9.70 19.74 8.46
C SER A 160 -10.76 20.57 7.76
N GLY A 161 -11.15 21.72 8.34
CA GLY A 161 -12.20 22.53 7.77
C GLY A 161 -13.61 22.07 8.08
N ALA A 162 -13.76 20.95 8.80
CA ALA A 162 -15.08 20.43 9.11
C ALA A 162 -15.88 21.41 9.96
N ARG A 163 -17.07 21.79 9.47
CA ARG A 163 -17.93 22.74 10.16
C ARG A 163 -19.01 22.01 10.94
N PRO A 164 -19.53 22.64 12.00
CA PRO A 164 -20.57 21.99 12.81
C PRO A 164 -21.74 21.50 11.97
N GLY A 165 -22.16 20.26 12.23
CA GLY A 165 -23.19 19.59 11.48
C GLY A 165 -22.67 18.58 10.49
N GLU A 166 -21.43 18.74 10.03
CA GLU A 166 -20.84 17.86 9.04
C GLU A 166 -20.30 16.60 9.72
N TRP A 167 -19.98 15.60 8.89
CA TRP A 167 -19.53 14.30 9.38
C TRP A 167 -18.01 14.20 9.26
N VAL A 168 -17.38 13.68 10.30
CA VAL A 168 -15.95 13.44 10.33
C VAL A 168 -15.70 11.98 10.67
N ALA A 169 -14.67 11.41 10.08
CA ALA A 169 -14.28 10.02 10.32
C ALA A 169 -12.92 10.01 11.01
N ILE A 170 -12.83 9.26 12.11
CA ILE A 170 -11.59 9.16 12.88
C ILE A 170 -11.13 7.71 12.81
N TYR A 171 -10.03 7.47 12.10
CA TYR A 171 -9.50 6.13 11.91
C TYR A 171 -8.44 5.85 12.97
N GLY A 172 -8.79 4.99 13.93
CA GLY A 172 -7.91 4.68 15.03
C GLY A 172 -8.35 5.35 16.32
N ILE A 173 -9.02 4.60 17.20
CA ILE A 173 -9.50 5.13 18.47
C ILE A 173 -8.55 4.66 19.57
N GLY A 174 -7.27 4.91 19.39
CA GLY A 174 -6.25 4.58 20.37
C GLY A 174 -5.92 5.75 21.26
N GLY A 175 -4.62 5.94 21.49
CA GLY A 175 -4.15 7.06 22.28
C GLY A 175 -4.73 8.38 21.84
N LEU A 176 -4.45 8.78 20.59
CA LEU A 176 -4.95 10.06 20.10
C LEU A 176 -6.42 9.98 19.71
N GLY A 177 -6.83 8.87 19.07
CA GLY A 177 -8.16 8.81 18.49
C GLY A 177 -9.27 8.92 19.52
N HIS A 178 -9.08 8.28 20.69
CA HIS A 178 -10.08 8.40 21.74
C HIS A 178 -10.17 9.83 22.28
N ILE A 179 -9.12 10.63 22.09
CA ILE A 179 -9.19 12.05 22.46
C ILE A 179 -9.71 12.89 21.30
N ALA A 180 -9.29 12.57 20.08
CA ALA A 180 -9.84 13.21 18.89
C ALA A 180 -11.36 13.09 18.85
N LEU A 181 -11.90 11.99 19.37
CA LEU A 181 -13.33 11.76 19.35
C LEU A 181 -14.08 12.83 20.14
N GLN A 182 -13.60 13.17 21.33
CA GLN A 182 -14.32 14.10 22.19
C GLN A 182 -14.20 15.54 21.71
N TYR A 183 -13.07 15.90 21.11
CA TYR A 183 -12.95 17.23 20.53
C TYR A 183 -13.93 17.41 19.38
N ALA A 184 -14.03 16.40 18.51
CA ALA A 184 -14.93 16.48 17.36
C ALA A 184 -16.37 16.69 17.81
N LYS A 185 -16.81 15.94 18.83
CA LYS A 185 -18.17 16.11 19.31
C LYS A 185 -18.39 17.50 19.91
N ALA A 186 -17.39 18.00 20.66
CA ALA A 186 -17.49 19.34 21.21
C ALA A 186 -17.49 20.41 20.13
N MET A 187 -16.96 20.11 18.95
CA MET A 187 -16.97 21.05 17.84
C MET A 187 -18.19 20.89 16.94
N GLY A 188 -19.27 20.34 17.48
CA GLY A 188 -20.51 20.22 16.75
C GLY A 188 -20.50 19.23 15.60
N LEU A 189 -19.56 18.29 15.62
CA LEU A 189 -19.38 17.37 14.51
C LEU A 189 -20.05 16.03 14.79
N ASN A 190 -20.49 15.38 13.72
CA ASN A 190 -20.91 13.98 13.76
C ASN A 190 -19.71 13.12 13.40
N VAL A 191 -19.49 12.05 14.18
CA VAL A 191 -18.25 11.27 14.11
C VAL A 191 -18.56 9.83 13.73
N VAL A 192 -17.79 9.30 12.79
CA VAL A 192 -17.72 7.87 12.51
C VAL A 192 -16.36 7.40 12.98
N ALA A 193 -16.34 6.54 14.00
CA ALA A 193 -15.10 6.07 14.59
C ALA A 193 -14.78 4.66 14.08
N VAL A 194 -13.56 4.47 13.58
CA VAL A 194 -13.17 3.25 12.90
C VAL A 194 -11.96 2.65 13.61
N ASP A 195 -12.08 1.39 14.01
CA ASP A 195 -10.97 0.65 14.61
C ASP A 195 -11.10 -0.82 14.20
N ILE A 196 -10.31 -1.68 14.82
CA ILE A 196 -10.22 -3.08 14.44
C ILE A 196 -10.74 -4.01 15.54
N SER A 197 -11.50 -3.48 16.49
CA SER A 197 -11.82 -4.22 17.70
C SER A 197 -13.24 -3.93 18.14
N ASP A 198 -13.95 -4.98 18.57
CA ASP A 198 -15.27 -4.79 19.16
C ASP A 198 -15.18 -4.00 20.46
N GLU A 199 -14.07 -4.13 21.17
CA GLU A 199 -13.88 -3.38 22.42
C GLU A 199 -13.77 -1.89 22.15
N LYS A 200 -12.95 -1.50 21.17
CA LYS A 200 -12.74 -0.08 20.90
C LYS A 200 -13.97 0.54 20.26
N SER A 201 -14.70 -0.22 19.43
CA SER A 201 -15.99 0.24 18.93
C SER A 201 -16.94 0.53 20.08
N LYS A 202 -16.92 -0.31 21.12
CA LYS A 202 -17.66 -0.03 22.34
C LYS A 202 -17.11 1.21 23.03
N LEU A 203 -15.78 1.32 23.12
CA LEU A 203 -15.16 2.50 23.71
C LEU A 203 -15.60 3.77 23.00
N ALA A 204 -15.46 3.79 21.66
CA ALA A 204 -15.83 4.96 20.89
C ALA A 204 -17.29 5.34 21.11
N LYS A 205 -18.18 4.36 21.09
CA LYS A 205 -19.61 4.64 21.29
C LYS A 205 -19.87 5.24 22.66
N ASP A 206 -19.14 4.77 23.67
CA ASP A 206 -19.31 5.31 25.02
C ASP A 206 -18.74 6.71 25.14
N LEU A 207 -17.72 7.03 24.34
CA LEU A 207 -17.12 8.35 24.37
C LEU A 207 -17.90 9.38 23.55
N GLY A 208 -18.89 8.94 22.78
CA GLY A 208 -19.77 9.89 22.11
C GLY A 208 -19.94 9.71 20.62
N ALA A 209 -19.22 8.77 20.02
CA ALA A 209 -19.27 8.60 18.58
C ALA A 209 -20.69 8.24 18.12
N ASP A 210 -21.09 8.81 16.98
CA ASP A 210 -22.40 8.49 16.42
C ASP A 210 -22.42 7.14 15.72
N ILE A 211 -21.30 6.73 15.14
CA ILE A 211 -21.19 5.46 14.42
C ILE A 211 -19.83 4.86 14.72
N ALA A 212 -19.83 3.61 15.20
CA ALA A 212 -18.61 2.88 15.52
C ALA A 212 -18.54 1.64 14.64
N ILE A 213 -17.37 1.42 14.02
CA ILE A 213 -17.20 0.36 13.03
C ILE A 213 -16.02 -0.51 13.46
N ASN A 214 -16.26 -1.81 13.60
CA ASN A 214 -15.18 -2.79 13.66
C ASN A 214 -14.73 -3.05 12.23
N GLY A 215 -13.59 -2.47 11.87
CA GLY A 215 -13.11 -2.52 10.49
C GLY A 215 -12.78 -3.90 9.98
N LEU A 216 -12.61 -4.87 10.88
CA LEU A 216 -12.35 -6.25 10.49
C LEU A 216 -13.63 -7.08 10.35
N LYS A 217 -14.80 -6.45 10.46
CA LYS A 217 -16.07 -7.11 10.25
C LYS A 217 -16.93 -6.45 9.17
N GLU A 218 -16.86 -5.13 9.03
CA GLU A 218 -17.46 -4.43 7.90
C GLU A 218 -16.37 -3.66 7.17
N ASP A 219 -16.45 -3.64 5.84
CA ASP A 219 -15.59 -2.75 5.07
C ASP A 219 -15.96 -1.31 5.45
N PRO A 220 -15.07 -0.58 6.12
CA PRO A 220 -15.48 0.69 6.72
C PRO A 220 -15.82 1.77 5.70
N VAL A 221 -15.21 1.76 4.52
CA VAL A 221 -15.42 2.85 3.56
C VAL A 221 -16.76 2.70 2.87
N LYS A 222 -17.16 1.48 2.50
CA LYS A 222 -18.47 1.32 1.92
C LYS A 222 -19.55 1.39 2.99
N ALA A 223 -19.20 1.14 4.25
CA ALA A 223 -20.15 1.40 5.33
C ALA A 223 -20.28 2.89 5.58
N ILE A 224 -19.20 3.64 5.43
CA ILE A 224 -19.28 5.10 5.55
C ILE A 224 -20.05 5.69 4.38
N HIS A 225 -19.81 5.16 3.18
CA HIS A 225 -20.52 5.68 2.00
C HIS A 225 -21.99 5.30 2.01
N ASP A 226 -22.31 4.09 2.47
CA ASP A 226 -23.71 3.66 2.47
C ASP A 226 -24.53 4.37 3.54
N GLN A 227 -23.90 4.79 4.63
CA GLN A 227 -24.61 5.34 5.77
C GLN A 227 -24.66 6.86 5.79
N VAL A 228 -23.52 7.52 5.56
CA VAL A 228 -23.46 8.98 5.59
C VAL A 228 -23.01 9.57 4.26
N GLY A 229 -22.75 8.75 3.25
CA GLY A 229 -22.40 9.25 1.94
C GLY A 229 -21.01 9.83 1.82
N GLY A 230 -20.07 9.34 2.60
CA GLY A 230 -18.74 9.95 2.63
C GLY A 230 -18.67 11.09 3.62
N VAL A 231 -17.46 11.33 4.12
CA VAL A 231 -17.25 12.33 5.16
C VAL A 231 -16.58 13.56 4.58
N HIS A 232 -16.89 14.71 5.16
CA HIS A 232 -16.25 15.96 4.74
C HIS A 232 -14.77 15.96 5.12
N ALA A 233 -14.43 15.33 6.25
CA ALA A 233 -13.05 15.23 6.69
C ALA A 233 -12.83 13.89 7.36
N ALA A 234 -11.58 13.45 7.34
CA ALA A 234 -11.18 12.23 8.03
C ALA A 234 -9.84 12.45 8.71
N ILE A 235 -9.75 12.10 9.98
CA ILE A 235 -8.52 12.22 10.75
C ILE A 235 -7.84 10.86 10.74
N SER A 236 -6.67 10.78 10.10
CA SER A 236 -5.93 9.53 9.99
C SER A 236 -4.94 9.47 11.16
N VAL A 237 -5.29 8.69 12.17
CA VAL A 237 -4.40 8.45 13.31
C VAL A 237 -3.62 7.17 13.04
N ALA A 238 -4.33 6.08 12.81
CA ALA A 238 -3.69 4.82 12.41
C ALA A 238 -3.12 4.98 11.00
N VAL A 239 -1.80 4.87 10.87
CA VAL A 239 -1.15 5.15 9.59
C VAL A 239 -0.52 3.90 9.01
N ASN A 240 -1.08 2.73 9.32
CA ASN A 240 -0.72 1.55 8.55
C ASN A 240 -1.37 1.63 7.18
N LYS A 241 -0.71 1.05 6.19
CA LYS A 241 -1.07 1.27 4.78
C LYS A 241 -2.55 1.08 4.52
N LYS A 242 -3.17 0.08 5.16
CA LYS A 242 -4.57 -0.21 4.92
C LYS A 242 -5.47 0.88 5.50
N ALA A 243 -5.25 1.24 6.77
CA ALA A 243 -6.08 2.25 7.41
C ALA A 243 -5.91 3.61 6.74
N PHE A 244 -4.72 3.90 6.22
CA PHE A 244 -4.51 5.15 5.51
C PHE A 244 -5.30 5.19 4.21
N GLU A 245 -5.21 4.13 3.41
CA GLU A 245 -6.02 4.04 2.20
C GLU A 245 -7.50 4.10 2.53
N GLN A 246 -7.92 3.36 3.56
CA GLN A 246 -9.33 3.37 3.95
C GLN A 246 -9.77 4.76 4.39
N ALA A 247 -8.94 5.45 5.18
CA ALA A 247 -9.28 6.81 5.60
C ALA A 247 -9.37 7.75 4.40
N TYR A 248 -8.47 7.58 3.42
CA TYR A 248 -8.51 8.42 2.23
C TYR A 248 -9.82 8.23 1.48
N GLN A 249 -10.14 6.99 1.13
CA GLN A 249 -11.28 6.71 0.27
C GLN A 249 -12.62 6.84 1.00
N SER A 250 -12.62 7.15 2.28
CA SER A 250 -13.85 7.52 2.97
C SER A 250 -14.20 8.98 2.78
N VAL A 251 -13.29 9.79 2.26
CA VAL A 251 -13.49 11.23 2.09
C VAL A 251 -14.17 11.48 0.76
N LYS A 252 -15.29 12.20 0.79
CA LYS A 252 -16.01 12.49 -0.45
C LYS A 252 -15.30 13.61 -1.21
N ARG A 253 -15.87 13.97 -2.35
CA ARG A 253 -15.26 14.99 -3.21
C ARG A 253 -15.15 16.32 -2.48
N GLY A 254 -14.05 17.03 -2.72
CA GLY A 254 -13.84 18.32 -2.12
C GLY A 254 -13.58 18.27 -0.63
N GLY A 255 -13.35 17.07 -0.11
CA GLY A 255 -13.06 16.88 1.29
C GLY A 255 -11.56 16.85 1.57
N THR A 256 -11.23 16.82 2.87
CA THR A 256 -9.84 16.87 3.31
C THR A 256 -9.54 15.68 4.21
N LEU A 257 -8.39 15.06 3.98
CA LEU A 257 -7.86 14.03 4.87
C LEU A 257 -6.68 14.62 5.63
N VAL A 258 -6.83 14.77 6.94
CA VAL A 258 -5.76 15.23 7.81
C VAL A 258 -5.08 14.03 8.44
N VAL A 259 -3.77 13.94 8.30
CA VAL A 259 -2.98 12.83 8.83
C VAL A 259 -2.22 13.34 10.05
N VAL A 260 -2.38 12.65 11.18
CA VAL A 260 -1.72 13.02 12.43
C VAL A 260 -0.73 11.97 12.89
N GLY A 261 -0.62 10.85 12.19
CA GLY A 261 0.31 9.80 12.55
C GLY A 261 1.59 9.87 11.74
N LEU A 262 2.65 9.28 12.29
CA LEU A 262 3.97 9.33 11.69
C LEU A 262 4.36 7.95 11.17
N PRO A 263 4.14 7.66 9.89
CA PRO A 263 4.37 6.31 9.37
C PRO A 263 5.86 6.02 9.20
N ASN A 264 6.15 4.73 9.02
CA ASN A 264 7.54 4.27 8.94
C ASN A 264 8.17 4.64 7.60
N ALA A 265 7.41 4.64 6.52
CA ALA A 265 7.95 4.90 5.20
C ALA A 265 6.94 5.74 4.42
N ASP A 266 7.15 5.84 3.12
CA ASP A 266 6.24 6.59 2.26
C ASP A 266 4.90 5.87 2.13
N LEU A 267 3.87 6.63 1.83
CA LEU A 267 2.54 6.06 1.65
C LEU A 267 2.00 6.38 0.26
N PRO A 268 1.40 5.41 -0.42
CA PRO A 268 0.88 5.67 -1.76
C PRO A 268 -0.50 6.32 -1.70
N ILE A 269 -0.73 7.25 -2.61
CA ILE A 269 -2.03 7.92 -2.69
C ILE A 269 -2.51 7.91 -4.14
N PRO A 270 -3.74 7.48 -4.39
CA PRO A 270 -4.27 7.54 -5.75
C PRO A 270 -4.44 8.98 -6.22
N ILE A 271 -3.32 9.62 -6.57
CA ILE A 271 -3.34 11.01 -6.99
C ILE A 271 -4.30 11.23 -8.15
N PHE A 272 -4.45 10.22 -9.02
CA PHE A 272 -5.41 10.30 -10.11
C PHE A 272 -6.80 10.69 -9.60
N ASP A 273 -7.32 9.91 -8.64
CA ASP A 273 -8.62 10.24 -8.07
C ASP A 273 -8.56 11.52 -7.25
N THR A 274 -7.42 11.80 -6.62
CA THR A 274 -7.27 13.04 -5.86
C THR A 274 -7.51 14.27 -6.74
N VAL A 275 -7.08 14.21 -8.00
CA VAL A 275 -7.20 15.37 -8.87
C VAL A 275 -8.64 15.54 -9.33
N LEU A 276 -9.29 14.45 -9.73
CA LEU A 276 -10.64 14.54 -10.28
C LEU A 276 -11.70 14.74 -9.21
N ASN A 277 -11.37 14.52 -7.93
CA ASN A 277 -12.32 14.69 -6.84
C ASN A 277 -12.02 15.91 -5.98
N GLY A 278 -10.98 16.67 -6.29
CA GLY A 278 -10.69 17.89 -5.53
C GLY A 278 -10.42 17.65 -4.06
N VAL A 279 -9.79 16.52 -3.74
CA VAL A 279 -9.53 16.14 -2.36
C VAL A 279 -8.16 16.66 -1.94
N SER A 280 -8.03 17.00 -0.66
CA SER A 280 -6.79 17.51 -0.09
C SER A 280 -6.26 16.56 0.98
N VAL A 281 -4.94 16.38 1.00
CA VAL A 281 -4.26 15.61 2.04
C VAL A 281 -3.36 16.58 2.80
N LYS A 282 -3.73 16.86 4.05
CA LYS A 282 -3.00 17.80 4.90
C LYS A 282 -2.33 17.06 6.04
N GLY A 283 -1.07 17.44 6.32
CA GLY A 283 -0.34 16.92 7.46
C GLY A 283 -0.43 17.91 8.62
N SER A 284 -0.52 17.36 9.83
CA SER A 284 -0.68 18.19 11.01
C SER A 284 -0.34 17.38 12.26
N ILE A 285 0.49 17.95 13.12
CA ILE A 285 0.81 17.34 14.41
C ILE A 285 1.10 18.46 15.40
N VAL A 286 0.84 18.19 16.68
CA VAL A 286 0.96 19.14 17.79
C VAL A 286 0.24 20.43 17.42
N GLY A 287 0.49 21.51 18.17
CA GLY A 287 -0.21 22.75 17.87
C GLY A 287 0.51 23.96 18.39
N THR A 288 0.03 25.12 17.96
CA THR A 288 0.59 26.40 18.37
C THR A 288 0.19 26.70 19.83
N ARG A 289 0.92 27.64 20.44
CA ARG A 289 0.61 28.01 21.83
C ARG A 289 -0.84 28.43 21.98
N LYS A 290 -1.34 29.23 21.05
CA LYS A 290 -2.76 29.57 21.05
C LYS A 290 -3.63 28.32 20.88
N ASP A 291 -3.20 27.39 20.02
CA ASP A 291 -3.89 26.11 19.92
C ASP A 291 -3.90 25.39 21.26
N MET A 292 -2.80 25.47 22.01
CA MET A 292 -2.71 24.79 23.29
C MET A 292 -3.73 25.35 24.28
N GLN A 293 -3.81 26.68 24.37
CA GLN A 293 -4.76 27.31 25.28
C GLN A 293 -6.19 26.84 25.00
N GLU A 294 -6.56 26.79 23.72
CA GLU A 294 -7.92 26.39 23.38
C GLU A 294 -8.17 24.92 23.66
N ALA A 295 -7.20 24.06 23.33
CA ALA A 295 -7.32 22.64 23.62
C ALA A 295 -7.52 22.40 25.11
N LEU A 296 -6.70 23.07 25.94
CA LEU A 296 -6.82 22.92 27.38
C LEU A 296 -8.14 23.45 27.90
N ASP A 297 -8.71 24.46 27.24
CA ASP A 297 -9.97 25.03 27.71
C ASP A 297 -11.12 24.04 27.54
N PHE A 298 -11.11 23.26 26.45
CA PHE A 298 -12.14 22.23 26.28
C PHE A 298 -12.10 21.23 27.42
N ALA A 299 -10.90 20.84 27.84
CA ALA A 299 -10.76 19.95 29.00
C ALA A 299 -11.24 20.62 30.27
N ALA A 300 -10.91 21.90 30.45
CA ALA A 300 -11.33 22.62 31.64
C ALA A 300 -12.84 22.72 31.74
N ARG A 301 -13.50 22.68 30.60
CA ARG A 301 -14.96 22.78 30.57
C ARG A 301 -15.57 21.37 30.62
N GLY A 302 -14.73 20.35 30.67
CA GLY A 302 -15.21 18.99 30.81
C GLY A 302 -15.59 18.29 29.52
N LYS A 303 -15.34 18.91 28.37
CA LYS A 303 -15.73 18.33 27.09
C LYS A 303 -14.79 17.22 26.63
N VAL A 304 -13.60 17.11 27.21
CA VAL A 304 -12.61 16.12 26.78
C VAL A 304 -11.96 15.53 28.01
N ARG A 305 -12.18 14.24 28.24
CA ARG A 305 -11.59 13.56 29.42
C ARG A 305 -10.70 12.41 28.96
N PRO A 306 -9.37 12.53 29.04
CA PRO A 306 -8.49 11.43 28.64
C PRO A 306 -8.68 10.21 29.53
N ILE A 307 -8.54 9.04 28.91
CA ILE A 307 -8.52 7.77 29.63
C ILE A 307 -7.08 7.52 30.04
N VAL A 308 -6.83 7.54 31.35
CA VAL A 308 -5.48 7.60 31.90
C VAL A 308 -5.32 6.49 32.93
N GLU A 309 -4.11 5.92 32.99
CA GLU A 309 -3.73 5.04 34.09
C GLU A 309 -2.30 5.36 34.51
N THR A 310 -2.09 5.53 35.81
CA THR A 310 -0.83 6.02 36.35
C THR A 310 0.21 4.92 36.43
N ALA A 311 1.49 5.33 36.41
CA ALA A 311 2.62 4.42 36.57
C ALA A 311 3.75 5.18 37.25
N GLU A 312 4.59 4.44 37.96
CA GLU A 312 5.72 5.06 38.61
C GLU A 312 6.87 5.23 37.62
N LEU A 313 7.76 6.19 37.93
CA LEU A 313 8.92 6.45 37.07
C LEU A 313 9.74 5.18 36.85
N GLU A 314 9.82 4.32 37.87
CA GLU A 314 10.65 3.12 37.77
C GLU A 314 10.08 2.13 36.77
N GLU A 315 8.77 2.14 36.55
CA GLU A 315 8.13 1.20 35.63
C GLU A 315 8.22 1.61 34.17
N ILE A 316 9.11 2.56 33.84
CA ILE A 316 9.07 3.17 32.52
C ILE A 316 9.39 2.14 31.42
N ASN A 317 10.30 1.21 31.71
CA ASN A 317 10.60 0.17 30.74
C ASN A 317 9.49 -0.85 30.60
N GLU A 318 8.69 -1.05 31.65
CA GLU A 318 7.55 -1.94 31.55
C GLU A 318 6.38 -1.29 30.81
N VAL A 319 6.24 0.03 30.92
CA VAL A 319 5.25 0.74 30.13
C VAL A 319 5.61 0.68 28.65
N PHE A 320 6.92 0.73 28.34
CA PHE A 320 7.35 0.66 26.95
C PHE A 320 7.09 -0.72 26.36
N GLU A 321 7.35 -1.73 27.17
CA GLU A 321 7.14 -3.14 26.77
C GLU A 321 5.65 -3.29 26.55
N ARG A 322 4.87 -2.71 27.42
CA ARG A 322 3.42 -2.77 27.34
C ARG A 322 2.89 -2.01 26.13
N MET A 323 3.61 -0.96 25.72
CA MET A 323 3.19 -0.14 24.58
C MET A 323 3.48 -0.82 23.25
N GLU A 324 4.55 -1.61 23.17
CA GLU A 324 4.89 -2.33 21.95
C GLU A 324 3.98 -3.53 21.72
N LYS A 325 3.39 -4.09 22.78
CA LYS A 325 2.42 -5.16 22.65
C LYS A 325 0.99 -4.64 22.52
N GLY A 326 0.81 -3.32 22.42
CA GLY A 326 -0.48 -2.75 22.13
C GLY A 326 -1.54 -2.92 23.19
N LYS A 327 -1.15 -3.15 24.45
CA LYS A 327 -2.09 -3.35 25.54
C LYS A 327 -2.33 -2.08 26.34
N ILE A 328 -2.15 -0.91 25.73
CA ILE A 328 -2.46 0.38 26.34
C ILE A 328 -3.74 0.89 25.71
N ASN A 329 -4.86 0.78 26.43
CA ASN A 329 -6.13 1.34 26.00
C ASN A 329 -6.20 2.76 26.54
N GLY A 330 -5.84 3.72 25.72
CA GLY A 330 -5.72 5.10 26.15
C GLY A 330 -4.26 5.52 26.26
N ARG A 331 -3.92 6.18 27.37
CA ARG A 331 -2.57 6.68 27.59
C ARG A 331 -2.18 6.42 29.04
N ILE A 332 -0.87 6.32 29.27
CA ILE A 332 -0.31 6.07 30.59
C ILE A 332 0.50 7.29 31.00
N VAL A 333 0.25 7.77 32.22
CA VAL A 333 0.91 8.97 32.76
C VAL A 333 1.81 8.54 33.91
N LEU A 334 3.06 8.98 33.87
CA LEU A 334 3.94 8.78 35.02
C LEU A 334 3.53 9.73 36.14
N LYS A 335 3.61 9.24 37.37
CA LYS A 335 3.23 10.01 38.55
C LYS A 335 4.45 10.26 39.41
N LEU A 336 4.54 11.45 39.98
CA LEU A 336 5.65 11.81 40.85
C LEU A 336 5.16 12.43 42.14
N MET B 1 22.14 65.87 21.29
CA MET B 1 21.30 65.40 20.19
C MET B 1 20.23 66.41 19.83
N LYS B 2 20.13 66.73 18.54
CA LYS B 2 19.10 67.64 18.06
C LYS B 2 17.79 66.88 17.86
N ALA B 3 16.67 67.56 18.15
CA ALA B 3 15.37 66.91 18.06
C ALA B 3 14.27 67.98 18.06
N ALA B 4 13.19 67.66 17.36
CA ALA B 4 11.97 68.49 17.39
C ALA B 4 11.05 67.95 18.47
N VAL B 5 10.71 68.80 19.44
CA VAL B 5 10.01 68.38 20.65
C VAL B 5 8.67 69.09 20.71
N VAL B 6 7.61 68.33 21.03
CA VAL B 6 6.31 68.88 21.35
C VAL B 6 6.27 69.13 22.85
N ASN B 7 6.41 70.39 23.25
CA ASN B 7 6.35 70.73 24.67
C ASN B 7 4.91 70.87 25.17
N GLU B 8 4.06 71.38 24.31
CA GLU B 8 2.65 71.54 24.68
C GLU B 8 1.85 71.44 23.40
N PHE B 9 0.70 70.79 23.46
CA PHE B 9 -0.22 70.54 22.33
C PHE B 9 -0.71 71.87 21.78
N LYS B 10 -0.77 71.99 20.46
CA LYS B 10 -1.22 73.16 19.65
C LYS B 10 -0.15 74.25 19.49
N LYS B 11 0.83 74.33 20.39
CA LYS B 11 1.94 75.32 20.36
C LYS B 11 3.08 74.67 19.61
N ALA B 12 3.72 75.45 18.73
CA ALA B 12 4.72 75.01 17.77
C ALA B 12 5.76 74.11 18.43
N LEU B 13 6.35 73.24 17.62
CA LEU B 13 7.42 72.36 18.06
C LEU B 13 8.73 73.13 18.15
N GLU B 14 9.56 72.74 19.10
CA GLU B 14 10.85 73.40 19.34
C GLU B 14 11.97 72.48 18.90
N ILE B 15 12.78 72.95 17.95
CA ILE B 15 14.01 72.26 17.58
C ILE B 15 15.05 72.62 18.64
N LYS B 16 15.49 71.63 19.42
CA LYS B 16 16.35 71.91 20.55
C LYS B 16 17.21 70.69 20.86
N GLU B 17 18.30 70.95 21.57
CA GLU B 17 19.19 69.88 22.02
C GLU B 17 18.57 69.17 23.22
N VAL B 18 18.57 67.84 23.17
CA VAL B 18 18.10 66.99 24.26
C VAL B 18 19.08 65.84 24.41
N GLU B 19 18.93 65.10 25.51
CA GLU B 19 19.78 63.95 25.75
C GLU B 19 19.44 62.82 24.76
N ARG B 20 20.48 62.14 24.27
CA ARG B 20 20.29 61.02 23.37
C ARG B 20 19.87 59.77 24.15
N PRO B 21 19.13 58.87 23.51
CA PRO B 21 18.58 57.72 24.24
C PRO B 21 19.68 56.81 24.80
N LYS B 22 19.36 56.17 25.93
CA LYS B 22 20.20 55.17 26.56
C LYS B 22 19.59 53.79 26.33
N LEU B 23 20.44 52.80 26.07
CA LEU B 23 19.99 51.47 25.70
C LEU B 23 19.79 50.59 26.92
N GLU B 24 18.61 49.98 27.03
CA GLU B 24 18.37 48.86 27.91
C GLU B 24 18.33 47.58 27.08
N GLU B 25 18.23 46.44 27.75
CA GLU B 25 18.42 45.17 27.09
C GLU B 25 17.39 44.96 25.98
N GLY B 26 17.84 44.40 24.85
CA GLY B 26 16.99 44.13 23.72
C GLY B 26 16.84 45.28 22.74
N GLU B 27 17.28 46.48 23.09
CA GLU B 27 17.08 47.66 22.27
C GLU B 27 18.33 47.98 21.44
N VAL B 28 18.12 48.81 20.41
CA VAL B 28 19.18 49.28 19.54
C VAL B 28 19.08 50.79 19.44
N LEU B 29 20.22 51.43 19.15
CA LEU B 29 20.26 52.86 18.90
C LEU B 29 20.46 53.11 17.42
N VAL B 30 19.58 53.92 16.83
CA VAL B 30 19.55 54.17 15.40
C VAL B 30 19.83 55.65 15.17
N LYS B 31 20.83 55.95 14.35
CA LYS B 31 21.10 57.33 13.93
C LYS B 31 20.23 57.60 12.70
N ILE B 32 19.25 58.48 12.86
CA ILE B 32 18.21 58.67 11.85
C ILE B 32 18.82 59.31 10.61
N GLU B 33 18.57 58.70 9.45
CA GLU B 33 18.86 59.32 8.17
C GLU B 33 17.67 60.09 7.63
N ALA B 34 16.47 59.56 7.82
CA ALA B 34 15.24 60.18 7.34
C ALA B 34 14.09 59.76 8.23
N CYS B 35 12.99 60.52 8.15
CA CYS B 35 11.81 60.23 8.96
C CYS B 35 10.61 60.89 8.28
N GLY B 36 9.73 60.08 7.70
CA GLY B 36 8.56 60.61 7.03
C GLY B 36 7.62 61.32 7.99
N VAL B 37 6.72 62.11 7.40
CA VAL B 37 5.74 62.90 8.15
C VAL B 37 4.35 62.59 7.59
N CYS B 38 3.39 62.37 8.49
CA CYS B 38 2.01 62.14 8.10
C CYS B 38 1.09 62.78 9.13
N HIS B 39 -0.21 62.72 8.85
CA HIS B 39 -1.21 63.36 9.70
C HIS B 39 -1.24 62.77 11.11
N THR B 40 -0.75 61.56 11.31
CA THR B 40 -0.67 61.00 12.65
C THR B 40 0.26 61.82 13.54
N ASP B 41 1.37 62.31 12.97
CA ASP B 41 2.24 63.22 13.70
C ASP B 41 1.50 64.51 14.04
N LEU B 42 0.65 65.00 13.14
CA LEU B 42 -0.12 66.21 13.40
C LEU B 42 -1.08 66.01 14.56
N HIS B 43 -1.77 64.87 14.60
CA HIS B 43 -2.70 64.62 15.69
C HIS B 43 -1.97 64.33 16.99
N ALA B 44 -0.72 63.86 16.91
CA ALA B 44 0.11 63.73 18.10
C ALA B 44 0.55 65.08 18.61
N ALA B 45 0.85 66.02 17.70
CA ALA B 45 1.28 67.35 18.10
C ALA B 45 0.12 68.19 18.61
N HIS B 46 -1.09 67.97 18.11
CA HIS B 46 -2.26 68.71 18.57
C HIS B 46 -2.95 68.06 19.75
N GLY B 47 -2.70 66.78 20.00
CA GLY B 47 -3.31 66.08 21.12
C GLY B 47 -4.82 66.04 21.07
N ASP B 48 -5.38 65.93 19.86
CA ASP B 48 -6.83 65.97 19.68
C ASP B 48 -7.43 64.58 19.48
N TRP B 49 -6.69 63.53 19.81
CA TRP B 49 -7.19 62.17 19.73
C TRP B 49 -7.67 61.71 21.11
N PRO B 50 -8.52 60.66 21.17
CA PRO B 50 -9.03 60.19 22.47
C PRO B 50 -7.96 60.00 23.54
N ILE B 51 -6.99 59.13 23.29
CA ILE B 51 -5.88 58.93 24.21
C ILE B 51 -4.68 59.70 23.67
N LYS B 52 -4.27 60.72 24.40
CA LYS B 52 -3.25 61.66 24.00
C LYS B 52 -1.85 61.16 24.36
N PRO B 53 -0.83 61.57 23.63
CA PRO B 53 0.54 61.24 24.02
C PRO B 53 0.94 62.02 25.26
N LYS B 54 1.82 61.44 26.07
CA LYS B 54 2.33 62.16 27.25
C LYS B 54 3.47 63.06 26.77
N LEU B 55 3.58 64.26 27.32
CA LEU B 55 4.57 65.24 26.85
C LEU B 55 5.75 65.32 27.81
N PRO B 56 6.93 65.84 27.43
CA PRO B 56 7.29 66.16 26.06
C PRO B 56 7.46 64.97 25.12
N LEU B 57 7.15 65.16 23.84
CA LEU B 57 7.18 64.05 22.89
C LEU B 57 7.95 64.37 21.64
N ILE B 58 8.84 63.49 21.27
CA ILE B 58 9.51 63.56 19.97
C ILE B 58 8.70 62.71 19.00
N PRO B 59 7.99 63.31 18.05
CA PRO B 59 7.14 62.54 17.14
C PRO B 59 7.93 61.75 16.11
N GLY B 60 7.25 61.16 15.14
CA GLY B 60 7.92 60.39 14.11
C GLY B 60 7.76 58.89 14.30
N HIS B 61 7.10 58.24 13.34
CA HIS B 61 6.95 56.80 13.33
C HIS B 61 7.36 56.20 11.99
N GLU B 62 8.06 56.99 11.17
CA GLU B 62 8.61 56.52 9.91
C GLU B 62 10.10 56.86 9.83
N GLY B 63 10.80 56.68 10.95
CA GLY B 63 12.22 56.97 10.99
C GLY B 63 13.02 55.85 10.39
N VAL B 64 13.93 56.20 9.48
CA VAL B 64 14.87 55.27 8.88
C VAL B 64 16.29 55.73 9.21
N GLY B 65 17.14 54.79 9.57
CA GLY B 65 18.49 55.15 9.94
C GLY B 65 19.39 53.93 10.00
N ILE B 66 20.58 54.14 10.59
CA ILE B 66 21.61 53.12 10.66
C ILE B 66 21.86 52.79 12.12
N VAL B 67 21.91 51.48 12.42
CA VAL B 67 22.16 51.04 13.79
C VAL B 67 23.63 51.29 14.14
N VAL B 68 23.86 52.09 15.17
CA VAL B 68 25.20 52.44 15.60
C VAL B 68 25.56 51.85 16.96
N GLU B 69 24.61 51.17 17.62
CA GLU B 69 24.85 50.60 18.94
C GLU B 69 23.74 49.61 19.24
N VAL B 70 24.10 48.43 19.73
CA VAL B 70 23.15 47.42 20.16
C VAL B 70 23.46 47.04 21.60
N ALA B 71 22.42 46.93 22.43
CA ALA B 71 22.59 46.39 23.77
C ALA B 71 23.11 44.97 23.68
N LYS B 72 23.72 44.53 24.78
CA LYS B 72 24.23 43.15 24.87
C LYS B 72 23.06 42.20 24.60
N GLY B 73 23.34 41.01 24.11
CA GLY B 73 22.30 40.04 23.83
C GLY B 73 21.53 40.28 22.56
N VAL B 74 21.72 41.42 21.90
CA VAL B 74 21.14 41.66 20.59
C VAL B 74 22.04 40.99 19.56
N LYS B 75 21.53 39.93 18.93
CA LYS B 75 22.31 39.20 17.96
C LYS B 75 21.74 39.25 16.55
N SER B 76 20.43 39.46 16.38
CA SER B 76 19.82 39.46 15.05
C SER B 76 20.05 40.79 14.33
N ILE B 77 19.94 41.90 15.05
CA ILE B 77 20.29 43.21 14.52
C ILE B 77 21.77 43.44 14.74
N LYS B 78 22.48 43.86 13.69
CA LYS B 78 23.91 44.08 13.74
C LYS B 78 24.22 45.55 13.51
N VAL B 79 25.29 46.02 14.16
CA VAL B 79 25.71 47.41 14.00
C VAL B 79 26.05 47.67 12.55
N GLY B 80 25.35 48.63 11.94
CA GLY B 80 25.52 48.97 10.54
C GLY B 80 24.30 48.74 9.69
N ASP B 81 23.36 47.91 10.13
CA ASP B 81 22.14 47.67 9.38
C ASP B 81 21.31 48.95 9.27
N ARG B 82 20.57 49.06 8.17
CA ARG B 82 19.60 50.14 8.00
C ARG B 82 18.23 49.61 8.40
N VAL B 83 17.68 50.16 9.48
CA VAL B 83 16.44 49.66 10.05
C VAL B 83 15.40 50.78 10.03
N GLY B 84 14.15 50.39 10.27
CA GLY B 84 13.05 51.32 10.38
C GLY B 84 12.39 51.21 11.74
N ILE B 85 11.91 52.33 12.25
CA ILE B 85 11.20 52.37 13.53
C ILE B 85 9.75 52.73 13.25
N PRO B 86 8.86 51.76 13.11
CA PRO B 86 7.50 52.06 12.64
C PRO B 86 6.55 52.47 13.75
N TRP B 87 5.26 52.58 13.40
CA TRP B 87 4.25 52.94 14.39
C TRP B 87 4.12 51.86 15.46
N LEU B 88 4.28 50.59 15.08
CA LEU B 88 4.26 49.49 16.04
C LEU B 88 5.65 49.37 16.66
N TYR B 89 5.86 50.14 17.73
CA TYR B 89 7.18 50.21 18.35
C TYR B 89 7.49 48.94 19.13
N SER B 90 6.51 48.40 19.86
CA SER B 90 6.73 47.18 20.63
C SER B 90 5.38 46.56 20.95
N ALA B 91 5.39 45.24 21.11
CA ALA B 91 4.23 44.47 21.52
C ALA B 91 4.63 43.53 22.66
N CYS B 92 3.62 42.99 23.35
CA CYS B 92 3.89 42.19 24.54
C CYS B 92 4.41 40.79 24.22
N GLY B 93 3.99 40.21 23.10
CA GLY B 93 4.50 38.93 22.67
C GLY B 93 3.84 37.71 23.28
N GLU B 94 2.83 37.89 24.14
CA GLU B 94 2.16 36.77 24.80
C GLU B 94 0.64 36.83 24.74
N CYS B 95 0.05 37.97 24.39
CA CYS B 95 -1.39 38.10 24.44
C CYS B 95 -2.06 37.31 23.30
N GLU B 96 -3.40 37.27 23.37
CA GLU B 96 -4.24 36.69 22.33
C GLU B 96 -3.76 37.03 20.92
N TYR B 97 -3.47 38.31 20.70
CA TYR B 97 -3.20 38.78 19.34
C TYR B 97 -1.74 38.58 18.95
N CYS B 98 -0.81 38.75 19.90
CA CYS B 98 0.59 38.52 19.58
C CYS B 98 0.86 37.05 19.27
N LEU B 99 0.16 36.13 19.94
CA LEU B 99 0.34 34.71 19.68
C LEU B 99 -0.15 34.29 18.31
N THR B 100 -1.08 35.04 17.71
CA THR B 100 -1.67 34.68 16.42
C THR B 100 -1.23 35.60 15.29
N GLY B 101 -0.07 36.26 15.43
CA GLY B 101 0.43 37.12 14.37
C GLY B 101 -0.45 38.31 14.07
N GLN B 102 -1.15 38.83 15.08
CA GLN B 102 -1.94 40.05 14.96
C GLN B 102 -1.46 41.10 15.95
N GLU B 103 -0.13 41.25 16.07
CA GLU B 103 0.45 42.11 17.09
C GLU B 103 0.00 43.56 16.95
N THR B 104 -0.59 43.94 15.82
CA THR B 104 -1.16 45.28 15.68
C THR B 104 -2.24 45.56 16.70
N LEU B 105 -2.90 44.52 17.19
CA LEU B 105 -4.01 44.67 18.13
C LEU B 105 -3.60 44.47 19.59
N CYS B 106 -2.31 44.29 19.85
CA CYS B 106 -1.83 44.05 21.21
C CYS B 106 -2.21 45.23 22.10
N PRO B 107 -2.97 45.00 23.18
CA PRO B 107 -3.41 46.12 24.02
C PRO B 107 -2.28 46.80 24.78
N HIS B 108 -1.13 46.16 24.93
CA HIS B 108 0.01 46.74 25.63
C HIS B 108 1.05 47.31 24.68
N GLN B 109 0.68 47.55 23.43
CA GLN B 109 1.65 48.03 22.46
C GLN B 109 2.07 49.46 22.77
N LEU B 110 3.32 49.77 22.42
CA LEU B 110 3.84 51.13 22.45
C LEU B 110 3.96 51.62 21.01
N ASN B 111 3.68 52.90 20.79
CA ASN B 111 3.65 53.47 19.45
C ASN B 111 4.79 54.45 19.27
N GLY B 112 5.55 54.29 18.19
CA GLY B 112 6.67 55.16 17.91
C GLY B 112 6.23 56.58 17.63
N GLY B 113 6.85 57.55 18.29
CA GLY B 113 6.47 58.93 18.11
C GLY B 113 5.16 59.33 18.76
N TYR B 114 4.62 58.50 19.64
CA TYR B 114 3.38 58.81 20.34
C TYR B 114 3.45 58.40 21.81
N SER B 115 3.52 57.10 22.06
CA SER B 115 3.73 56.59 23.41
C SER B 115 5.20 56.60 23.83
N VAL B 116 6.11 56.79 22.88
CA VAL B 116 7.54 56.80 23.15
C VAL B 116 8.20 57.67 22.08
N ASP B 117 9.35 58.25 22.42
CA ASP B 117 10.02 59.17 21.51
C ASP B 117 10.31 58.49 20.17
N GLY B 118 10.01 59.20 19.09
CA GLY B 118 10.16 58.64 17.75
C GLY B 118 11.33 59.19 16.95
N GLY B 119 11.13 59.36 15.65
CA GLY B 119 12.22 59.67 14.73
C GLY B 119 12.43 61.12 14.36
N TYR B 120 11.85 62.08 15.09
CA TYR B 120 12.12 63.50 14.84
C TYR B 120 13.38 63.93 15.60
N ALA B 121 14.47 63.21 15.34
CA ALA B 121 15.71 63.41 16.07
C ALA B 121 16.84 62.77 15.30
N GLU B 122 18.07 63.09 15.73
CA GLU B 122 19.26 62.50 15.12
C GLU B 122 19.46 61.04 15.55
N TYR B 123 19.00 60.68 16.74
CA TYR B 123 19.11 59.32 17.25
C TYR B 123 17.78 58.90 17.84
N CYS B 124 17.33 57.70 17.48
CA CYS B 124 16.13 57.12 18.06
C CYS B 124 16.38 55.68 18.47
N LYS B 125 15.81 55.31 19.62
CA LYS B 125 15.93 53.97 20.18
C LYS B 125 14.72 53.14 19.78
N ALA B 126 14.91 51.82 19.69
CA ALA B 126 13.84 50.92 19.30
C ALA B 126 14.20 49.51 19.73
N PRO B 127 13.21 48.65 19.97
CA PRO B 127 13.51 47.24 20.26
C PRO B 127 13.91 46.49 19.00
N ALA B 128 14.98 45.71 19.10
CA ALA B 128 15.46 44.95 17.94
C ALA B 128 14.37 44.04 17.38
N ASP B 129 13.57 43.44 18.26
CA ASP B 129 12.55 42.49 17.84
C ASP B 129 11.50 43.12 16.95
N TYR B 130 11.40 44.44 16.91
CA TYR B 130 10.30 45.09 16.21
C TYR B 130 10.73 46.14 15.20
N VAL B 131 12.03 46.35 14.99
CA VAL B 131 12.45 47.23 13.91
C VAL B 131 12.18 46.56 12.57
N ALA B 132 12.05 47.39 11.54
CA ALA B 132 11.90 46.90 10.17
C ALA B 132 13.27 46.88 9.50
N LYS B 133 13.54 45.80 8.78
CA LYS B 133 14.80 45.66 8.03
C LYS B 133 14.59 46.28 6.65
N ILE B 134 15.28 47.39 6.39
CA ILE B 134 15.15 48.06 5.10
C ILE B 134 15.95 47.30 4.06
N PRO B 135 15.38 47.01 2.89
CA PRO B 135 16.14 46.30 1.85
C PRO B 135 17.30 47.14 1.34
N ASP B 136 18.30 46.43 0.80
CA ASP B 136 19.49 47.11 0.29
C ASP B 136 19.21 47.95 -0.93
N ASN B 137 18.10 47.71 -1.64
CA ASN B 137 17.86 48.38 -2.91
C ASN B 137 17.57 49.86 -2.73
N LEU B 138 16.99 50.25 -1.60
CA LEU B 138 16.30 51.52 -1.49
C LEU B 138 16.98 52.47 -0.51
N ASP B 139 16.87 53.77 -0.83
CA ASP B 139 17.37 54.93 -0.13
C ASP B 139 16.43 55.30 1.02
N PRO B 140 16.97 55.63 2.20
CA PRO B 140 16.11 55.91 3.37
C PRO B 140 14.99 56.91 3.14
N VAL B 141 15.17 57.89 2.25
CA VAL B 141 14.15 58.93 2.07
C VAL B 141 12.91 58.38 1.39
N GLU B 142 13.11 57.68 0.26
CA GLU B 142 11.97 57.15 -0.48
C GLU B 142 11.35 55.92 0.17
N VAL B 143 12.02 55.31 1.15
CA VAL B 143 11.47 54.13 1.81
C VAL B 143 10.70 54.46 3.07
N ALA B 144 10.83 55.67 3.60
CA ALA B 144 10.15 56.03 4.85
C ALA B 144 8.62 55.91 4.76
N PRO B 145 7.95 56.39 3.70
CA PRO B 145 6.48 56.26 3.66
C PRO B 145 5.99 54.82 3.58
N ILE B 146 6.84 53.86 3.25
CA ILE B 146 6.43 52.46 3.27
C ILE B 146 6.15 52.02 4.70
N LEU B 147 6.91 52.55 5.66
CA LEU B 147 6.72 52.20 7.06
C LEU B 147 5.31 52.50 7.54
N CYS B 148 4.66 53.50 6.94
CA CYS B 148 3.33 53.89 7.38
C CYS B 148 2.31 53.65 6.28
N ALA B 149 2.28 54.54 5.28
CA ALA B 149 1.32 54.44 4.20
C ALA B 149 1.43 53.10 3.47
N GLY B 150 2.66 52.63 3.24
CA GLY B 150 2.85 51.40 2.50
C GLY B 150 2.25 50.19 3.19
N VAL B 151 2.60 49.99 4.46
CA VAL B 151 2.15 48.79 5.18
C VAL B 151 0.66 48.88 5.48
N THR B 152 0.13 50.08 5.71
CA THR B 152 -1.29 50.23 5.99
C THR B 152 -2.13 49.82 4.77
N THR B 153 -1.85 50.43 3.62
CA THR B 153 -2.66 50.18 2.44
C THR B 153 -2.46 48.77 1.90
N TYR B 154 -1.26 48.23 2.00
CA TYR B 154 -1.03 46.86 1.54
C TYR B 154 -1.83 45.87 2.38
N LYS B 155 -1.80 46.03 3.71
CA LYS B 155 -2.59 45.16 4.57
C LYS B 155 -4.08 45.30 4.30
N ALA B 156 -4.55 46.54 4.07
CA ALA B 156 -5.97 46.77 3.84
C ALA B 156 -6.46 46.09 2.58
N LEU B 157 -5.62 46.03 1.54
CA LEU B 157 -6.00 45.32 0.33
C LEU B 157 -5.97 43.81 0.53
N LYS B 158 -5.07 43.32 1.39
CA LYS B 158 -5.12 41.91 1.77
C LYS B 158 -6.39 41.60 2.56
N VAL B 159 -6.76 42.50 3.46
CA VAL B 159 -7.99 42.33 4.25
C VAL B 159 -9.23 42.45 3.37
N SER B 160 -9.14 43.16 2.25
CA SER B 160 -10.29 43.39 1.38
C SER B 160 -10.79 42.12 0.69
N GLY B 161 -9.99 41.06 0.66
CA GLY B 161 -10.37 39.85 -0.07
C GLY B 161 -10.36 39.99 -1.57
N ALA B 162 -9.97 41.15 -2.10
CA ALA B 162 -9.91 41.33 -3.54
C ALA B 162 -8.82 40.44 -4.14
N ARG B 163 -9.19 39.71 -5.18
CA ARG B 163 -8.32 38.75 -5.84
C ARG B 163 -7.96 39.24 -7.24
N PRO B 164 -6.83 38.77 -7.77
CA PRO B 164 -6.38 39.24 -9.09
C PRO B 164 -7.46 39.11 -10.16
N GLY B 165 -7.56 40.14 -11.01
CA GLY B 165 -8.60 40.23 -11.99
C GLY B 165 -9.83 40.99 -11.52
N GLU B 166 -10.03 41.12 -10.22
CA GLU B 166 -11.17 41.84 -9.69
C GLU B 166 -10.88 43.33 -9.64
N TRP B 167 -11.93 44.11 -9.42
CA TRP B 167 -11.85 45.57 -9.45
C TRP B 167 -11.84 46.14 -8.03
N VAL B 168 -10.92 47.06 -7.81
CA VAL B 168 -10.82 47.77 -6.53
C VAL B 168 -11.13 49.24 -6.77
N ALA B 169 -11.61 49.90 -5.72
CA ALA B 169 -11.90 51.33 -5.74
C ALA B 169 -11.17 51.98 -4.58
N ILE B 170 -10.40 53.03 -4.88
CA ILE B 170 -9.60 53.73 -3.88
C ILE B 170 -10.09 55.17 -3.84
N TYR B 171 -10.66 55.55 -2.71
CA TYR B 171 -11.29 56.87 -2.54
C TYR B 171 -10.31 57.77 -1.80
N GLY B 172 -9.80 58.78 -2.49
CA GLY B 172 -8.76 59.62 -1.94
C GLY B 172 -7.39 59.16 -2.41
N ILE B 173 -6.79 59.90 -3.33
CA ILE B 173 -5.48 59.56 -3.89
C ILE B 173 -4.44 60.49 -3.30
N GLY B 174 -4.56 60.77 -2.01
CA GLY B 174 -3.62 61.64 -1.33
C GLY B 174 -2.41 60.90 -0.80
N GLY B 175 -2.09 61.10 0.47
CA GLY B 175 -0.95 60.44 1.09
C GLY B 175 -1.01 58.94 0.98
N LEU B 176 -2.07 58.33 1.49
CA LEU B 176 -2.15 56.87 1.46
C LEU B 176 -2.67 56.36 0.12
N GLY B 177 -3.54 57.13 -0.53
CA GLY B 177 -4.17 56.65 -1.75
C GLY B 177 -3.19 56.47 -2.89
N HIS B 178 -2.18 57.35 -2.99
CA HIS B 178 -1.21 57.26 -4.07
C HIS B 178 -0.19 56.16 -3.85
N ILE B 179 -0.14 55.59 -2.66
CA ILE B 179 0.62 54.36 -2.47
C ILE B 179 -0.30 53.14 -2.58
N ALA B 180 -1.58 53.31 -2.24
CA ALA B 180 -2.52 52.20 -2.28
C ALA B 180 -2.70 51.65 -3.69
N LEU B 181 -2.84 52.54 -4.68
CA LEU B 181 -3.13 52.08 -6.03
C LEU B 181 -1.97 51.33 -6.65
N GLN B 182 -0.74 51.69 -6.27
CA GLN B 182 0.42 50.94 -6.76
C GLN B 182 0.42 49.51 -6.23
N TYR B 183 0.16 49.35 -4.92
CA TYR B 183 0.04 48.03 -4.34
C TYR B 183 -1.05 47.23 -5.02
N ALA B 184 -2.21 47.85 -5.23
CA ALA B 184 -3.34 47.16 -5.85
C ALA B 184 -2.97 46.67 -7.25
N LYS B 185 -2.34 47.52 -8.05
CA LYS B 185 -1.90 47.11 -9.37
C LYS B 185 -0.88 45.97 -9.30
N ALA B 186 0.00 46.01 -8.30
CA ALA B 186 0.99 44.96 -8.12
C ALA B 186 0.37 43.66 -7.65
N MET B 187 -0.85 43.69 -7.12
CA MET B 187 -1.56 42.51 -6.68
C MET B 187 -2.56 42.00 -7.72
N GLY B 188 -2.41 42.44 -8.97
CA GLY B 188 -3.26 41.95 -10.04
C GLY B 188 -4.66 42.54 -10.06
N LEU B 189 -4.89 43.67 -9.41
CA LEU B 189 -6.19 44.30 -9.33
C LEU B 189 -6.32 45.40 -10.36
N ASN B 190 -7.56 45.66 -10.78
CA ASN B 190 -7.91 46.80 -11.62
C ASN B 190 -8.49 47.89 -10.74
N VAL B 191 -7.95 49.10 -10.87
CA VAL B 191 -8.13 50.16 -9.88
C VAL B 191 -8.99 51.26 -10.47
N VAL B 192 -10.07 51.60 -9.76
CA VAL B 192 -10.78 52.86 -9.97
C VAL B 192 -10.33 53.81 -8.87
N ALA B 193 -9.74 54.93 -9.25
CA ALA B 193 -9.25 55.92 -8.30
C ALA B 193 -10.17 57.13 -8.31
N VAL B 194 -10.60 57.56 -7.13
CA VAL B 194 -11.56 58.64 -6.98
C VAL B 194 -10.95 59.74 -6.12
N ASP B 195 -11.05 60.98 -6.60
CA ASP B 195 -10.65 62.14 -5.83
C ASP B 195 -11.50 63.33 -6.31
N ILE B 196 -11.11 64.54 -5.89
CA ILE B 196 -11.89 65.74 -6.16
C ILE B 196 -11.11 66.74 -7.00
N SER B 197 -10.05 66.29 -7.68
CA SER B 197 -9.18 67.15 -8.46
C SER B 197 -8.86 66.47 -9.77
N ASP B 198 -8.86 67.25 -10.86
CA ASP B 198 -8.45 66.70 -12.14
C ASP B 198 -6.94 66.49 -12.20
N GLU B 199 -6.20 67.21 -11.36
CA GLU B 199 -4.77 66.99 -11.24
C GLU B 199 -4.44 65.69 -10.52
N LYS B 200 -5.26 65.31 -9.52
CA LYS B 200 -5.04 64.04 -8.84
C LYS B 200 -5.55 62.88 -9.69
N SER B 201 -6.64 63.08 -10.42
CA SER B 201 -7.12 62.07 -11.36
C SER B 201 -6.02 61.67 -12.33
N LYS B 202 -5.31 62.64 -12.87
CA LYS B 202 -4.21 62.36 -13.79
C LYS B 202 -3.01 61.78 -13.06
N LEU B 203 -2.76 62.23 -11.84
CA LEU B 203 -1.70 61.62 -11.02
C LEU B 203 -1.96 60.14 -10.82
N ALA B 204 -3.19 59.77 -10.47
CA ALA B 204 -3.56 58.37 -10.34
C ALA B 204 -3.39 57.64 -11.66
N LYS B 205 -3.87 58.24 -12.75
CA LYS B 205 -3.72 57.64 -14.07
C LYS B 205 -2.26 57.41 -14.41
N ASP B 206 -1.38 58.31 -13.96
CA ASP B 206 0.05 58.12 -14.18
C ASP B 206 0.61 57.01 -13.31
N LEU B 207 0.07 56.81 -12.12
CA LEU B 207 0.57 55.80 -11.21
C LEU B 207 0.02 54.40 -11.49
N GLY B 208 -0.91 54.26 -12.43
CA GLY B 208 -1.33 52.95 -12.86
C GLY B 208 -2.84 52.72 -12.90
N ALA B 209 -3.61 53.66 -12.35
CA ALA B 209 -5.05 53.46 -12.22
C ALA B 209 -5.70 53.23 -13.59
N ASP B 210 -6.59 52.25 -13.65
CA ASP B 210 -7.30 51.97 -14.89
C ASP B 210 -8.34 53.02 -15.23
N ILE B 211 -9.04 53.56 -14.23
CA ILE B 211 -9.98 54.67 -14.44
C ILE B 211 -9.83 55.64 -13.28
N ALA B 212 -9.70 56.93 -13.60
CA ALA B 212 -9.62 58.00 -12.61
C ALA B 212 -10.87 58.87 -12.71
N ILE B 213 -11.42 59.23 -11.55
CA ILE B 213 -12.66 60.00 -11.48
C ILE B 213 -12.42 61.25 -10.66
N ASN B 214 -12.83 62.40 -11.19
CA ASN B 214 -12.99 63.62 -10.42
C ASN B 214 -14.40 63.61 -9.85
N GLY B 215 -14.51 63.37 -8.54
CA GLY B 215 -15.82 63.26 -7.92
C GLY B 215 -16.67 64.51 -8.01
N LEU B 216 -16.03 65.67 -8.20
CA LEU B 216 -16.75 66.94 -8.29
C LEU B 216 -17.21 67.25 -9.71
N LYS B 217 -17.13 66.30 -10.63
CA LYS B 217 -17.59 66.50 -12.00
C LYS B 217 -18.43 65.32 -12.46
N GLU B 218 -18.11 64.13 -11.98
CA GLU B 218 -18.91 62.93 -12.20
C GLU B 218 -19.39 62.42 -10.85
N ASP B 219 -20.63 61.93 -10.81
CA ASP B 219 -21.06 61.19 -9.63
C ASP B 219 -20.29 59.88 -9.60
N PRO B 220 -19.32 59.71 -8.71
CA PRO B 220 -18.43 58.54 -8.81
C PRO B 220 -19.13 57.22 -8.56
N VAL B 221 -20.26 57.21 -7.86
CA VAL B 221 -20.96 55.96 -7.62
C VAL B 221 -21.64 55.47 -8.89
N LYS B 222 -22.27 56.37 -9.64
CA LYS B 222 -22.92 56.01 -10.90
C LYS B 222 -21.89 55.70 -11.98
N ALA B 223 -20.74 56.36 -11.94
CA ALA B 223 -19.67 56.06 -12.87
C ALA B 223 -19.13 54.65 -12.65
N ILE B 224 -18.90 54.28 -11.39
CA ILE B 224 -18.37 52.96 -11.08
C ILE B 224 -19.39 51.87 -11.44
N HIS B 225 -20.65 52.09 -11.06
CA HIS B 225 -21.67 51.09 -11.36
C HIS B 225 -21.91 50.96 -12.86
N ASP B 226 -21.80 52.06 -13.60
CA ASP B 226 -22.07 51.98 -15.03
C ASP B 226 -20.88 51.49 -15.83
N GLN B 227 -19.66 51.74 -15.33
CA GLN B 227 -18.49 51.31 -16.08
C GLN B 227 -18.08 49.88 -15.72
N VAL B 228 -18.16 49.50 -14.45
CA VAL B 228 -17.70 48.20 -14.01
C VAL B 228 -18.74 47.44 -13.20
N GLY B 229 -19.90 48.04 -12.93
CA GLY B 229 -20.92 47.35 -12.16
C GLY B 229 -20.61 47.23 -10.69
N GLY B 230 -19.96 48.22 -10.10
CA GLY B 230 -19.56 48.15 -8.71
C GLY B 230 -18.30 47.33 -8.52
N VAL B 231 -17.64 47.58 -7.40
CA VAL B 231 -16.36 46.95 -7.10
C VAL B 231 -16.55 45.91 -6.01
N HIS B 232 -15.72 44.87 -6.07
CA HIS B 232 -15.75 43.84 -5.04
C HIS B 232 -15.17 44.36 -3.72
N ALA B 233 -14.28 45.36 -3.79
CA ALA B 233 -13.67 45.94 -2.61
C ALA B 233 -13.43 47.43 -2.84
N ALA B 234 -13.44 48.17 -1.74
CA ALA B 234 -13.18 49.61 -1.78
C ALA B 234 -12.36 50.01 -0.57
N ILE B 235 -11.25 50.69 -0.83
CA ILE B 235 -10.42 51.25 0.24
C ILE B 235 -10.84 52.70 0.45
N SER B 236 -11.22 53.02 1.68
CA SER B 236 -11.67 54.36 2.04
C SER B 236 -10.53 55.08 2.77
N VAL B 237 -9.84 55.95 2.06
CA VAL B 237 -8.78 56.78 2.63
C VAL B 237 -9.32 58.14 3.06
N ALA B 238 -10.05 58.81 2.17
CA ALA B 238 -10.76 60.02 2.55
C ALA B 238 -12.01 59.63 3.34
N VAL B 239 -12.06 60.01 4.61
CA VAL B 239 -13.12 59.57 5.51
C VAL B 239 -14.07 60.71 5.86
N ASN B 240 -14.14 61.75 5.03
CA ASN B 240 -15.20 62.74 5.20
C ASN B 240 -16.55 62.10 4.85
N LYS B 241 -17.62 62.64 5.43
CA LYS B 241 -18.93 62.00 5.36
C LYS B 241 -19.32 61.68 3.92
N LYS B 242 -19.04 62.59 2.99
CA LYS B 242 -19.49 62.40 1.61
C LYS B 242 -18.72 61.27 0.92
N ALA B 243 -17.39 61.30 1.02
CA ALA B 243 -16.60 60.26 0.35
C ALA B 243 -16.76 58.91 1.02
N PHE B 244 -17.08 58.88 2.32
CA PHE B 244 -17.33 57.61 2.98
C PHE B 244 -18.60 56.95 2.46
N GLU B 245 -19.67 57.74 2.29
CA GLU B 245 -20.90 57.19 1.72
C GLU B 245 -20.69 56.77 0.27
N GLN B 246 -19.94 57.57 -0.50
CA GLN B 246 -19.68 57.22 -1.89
C GLN B 246 -18.88 55.93 -1.98
N ALA B 247 -17.84 55.80 -1.17
CA ALA B 247 -17.05 54.57 -1.15
C ALA B 247 -17.91 53.36 -0.80
N TYR B 248 -18.79 53.52 0.20
CA TYR B 248 -19.66 52.41 0.58
C TYR B 248 -20.55 51.99 -0.58
N GLN B 249 -21.35 52.93 -1.11
CA GLN B 249 -22.30 52.56 -2.15
C GLN B 249 -21.63 52.18 -3.46
N SER B 250 -20.30 52.32 -3.57
CA SER B 250 -19.58 51.78 -4.71
C SER B 250 -19.41 50.28 -4.61
N VAL B 251 -19.52 49.71 -3.41
CA VAL B 251 -19.29 48.29 -3.20
C VAL B 251 -20.55 47.52 -3.62
N LYS B 252 -20.37 46.50 -4.44
CA LYS B 252 -21.51 45.68 -4.84
C LYS B 252 -21.82 44.66 -3.75
N ARG B 253 -22.89 43.90 -3.96
CA ARG B 253 -23.34 42.92 -2.98
C ARG B 253 -22.24 41.91 -2.69
N GLY B 254 -22.15 41.47 -1.43
CA GLY B 254 -21.11 40.56 -1.01
C GLY B 254 -19.73 41.17 -0.91
N GLY B 255 -19.56 42.44 -1.27
CA GLY B 255 -18.25 43.05 -1.25
C GLY B 255 -17.89 43.62 0.11
N THR B 256 -16.66 44.13 0.20
CA THR B 256 -16.08 44.61 1.44
C THR B 256 -15.58 46.04 1.27
N LEU B 257 -15.85 46.87 2.27
CA LEU B 257 -15.31 48.23 2.32
C LEU B 257 -14.32 48.29 3.48
N VAL B 258 -13.04 48.44 3.16
CA VAL B 258 -12.00 48.59 4.17
C VAL B 258 -11.71 50.07 4.38
N VAL B 259 -11.78 50.51 5.63
CA VAL B 259 -11.54 51.90 5.98
C VAL B 259 -10.17 51.99 6.63
N VAL B 260 -9.31 52.86 6.09
CA VAL B 260 -7.98 53.09 6.65
C VAL B 260 -7.83 54.49 7.22
N GLY B 261 -8.80 55.38 7.02
CA GLY B 261 -8.74 56.70 7.61
C GLY B 261 -9.35 56.74 8.99
N LEU B 262 -8.92 57.74 9.77
CA LEU B 262 -9.36 57.90 11.16
C LEU B 262 -10.25 59.13 11.28
N PRO B 263 -11.56 58.99 11.14
CA PRO B 263 -12.45 60.16 11.15
C PRO B 263 -12.60 60.75 12.55
N ASN B 264 -13.09 61.98 12.58
CA ASN B 264 -13.19 62.72 13.83
C ASN B 264 -14.40 62.31 14.66
N ALA B 265 -15.46 61.83 14.02
CA ALA B 265 -16.68 61.45 14.71
C ALA B 265 -17.19 60.15 14.13
N ASP B 266 -18.30 59.65 14.70
CA ASP B 266 -18.93 58.46 14.17
C ASP B 266 -19.47 58.72 12.78
N LEU B 267 -19.54 57.65 11.98
CA LEU B 267 -20.03 57.77 10.62
C LEU B 267 -21.28 56.92 10.43
N PRO B 268 -22.28 57.44 9.71
CA PRO B 268 -23.50 56.66 9.48
C PRO B 268 -23.30 55.64 8.38
N ILE B 269 -23.90 54.47 8.56
CA ILE B 269 -23.89 53.45 7.51
C ILE B 269 -25.31 52.92 7.34
N PRO B 270 -25.82 52.84 6.11
CA PRO B 270 -27.15 52.27 5.88
C PRO B 270 -27.15 50.78 6.18
N ILE B 271 -27.23 50.45 7.48
CA ILE B 271 -27.19 49.06 7.91
C ILE B 271 -28.30 48.25 7.24
N PHE B 272 -29.43 48.90 6.93
CA PHE B 272 -30.51 48.24 6.21
C PHE B 272 -30.02 47.60 4.92
N ASP B 273 -29.35 48.39 4.07
CA ASP B 273 -28.80 47.85 2.83
C ASP B 273 -27.61 46.95 3.09
N THR B 274 -26.87 47.19 4.17
CA THR B 274 -25.73 46.35 4.51
C THR B 274 -26.18 44.91 4.76
N VAL B 275 -27.34 44.74 5.39
CA VAL B 275 -27.84 43.40 5.66
C VAL B 275 -28.30 42.73 4.38
N LEU B 276 -29.07 43.45 3.55
CA LEU B 276 -29.70 42.85 2.39
C LEU B 276 -28.72 42.53 1.27
N ASN B 277 -27.56 43.18 1.25
CA ASN B 277 -26.57 42.92 0.21
C ASN B 277 -25.36 42.14 0.73
N GLY B 278 -25.34 41.79 2.01
CA GLY B 278 -24.24 41.03 2.57
C GLY B 278 -22.90 41.72 2.41
N VAL B 279 -22.87 43.03 2.67
CA VAL B 279 -21.66 43.83 2.54
C VAL B 279 -20.98 43.90 3.91
N SER B 280 -19.65 43.90 3.90
CA SER B 280 -18.86 44.00 5.11
C SER B 280 -18.13 45.34 5.14
N VAL B 281 -18.07 45.93 6.33
CA VAL B 281 -17.25 47.10 6.58
C VAL B 281 -16.18 46.69 7.58
N LYS B 282 -14.92 46.66 7.13
CA LYS B 282 -13.80 46.27 7.94
C LYS B 282 -12.89 47.47 8.20
N GLY B 283 -12.24 47.47 9.35
CA GLY B 283 -11.28 48.50 9.72
C GLY B 283 -9.87 47.93 9.75
N SER B 284 -8.92 48.70 9.23
CA SER B 284 -7.56 48.22 9.08
C SER B 284 -6.62 49.40 8.99
N ILE B 285 -5.58 49.40 9.84
CA ILE B 285 -4.54 50.41 9.80
C ILE B 285 -3.23 49.76 10.21
N VAL B 286 -2.13 50.28 9.68
CA VAL B 286 -0.77 49.76 9.83
C VAL B 286 -0.76 48.26 9.52
N GLY B 287 0.28 47.54 9.95
CA GLY B 287 0.35 46.13 9.65
C GLY B 287 1.25 45.38 10.61
N THR B 288 1.29 44.06 10.42
CA THR B 288 2.10 43.15 11.21
C THR B 288 3.55 43.19 10.72
N ARG B 289 4.47 42.80 11.60
CA ARG B 289 5.87 42.67 11.21
C ARG B 289 6.02 41.89 9.91
N LYS B 290 5.27 40.80 9.76
CA LYS B 290 5.27 40.06 8.50
C LYS B 290 4.69 40.92 7.38
N ASP B 291 3.59 41.63 7.64
CA ASP B 291 3.06 42.56 6.66
C ASP B 291 4.11 43.58 6.25
N MET B 292 4.88 44.09 7.22
CA MET B 292 5.90 45.08 6.92
C MET B 292 6.94 44.53 5.95
N GLN B 293 7.35 43.27 6.15
CA GLN B 293 8.33 42.67 5.25
C GLN B 293 7.80 42.55 3.84
N GLU B 294 6.55 42.13 3.69
CA GLU B 294 5.97 42.00 2.36
C GLU B 294 5.76 43.36 1.71
N ALA B 295 5.31 44.35 2.49
CA ALA B 295 5.17 45.70 1.97
C ALA B 295 6.50 46.24 1.48
N LEU B 296 7.56 46.04 2.27
CA LEU B 296 8.88 46.53 1.89
C LEU B 296 9.42 45.81 0.66
N ASP B 297 9.05 44.54 0.48
CA ASP B 297 9.55 43.79 -0.67
C ASP B 297 8.99 44.34 -1.97
N PHE B 298 7.71 44.73 -1.99
CA PHE B 298 7.12 45.33 -3.19
C PHE B 298 7.89 46.58 -3.60
N ALA B 299 8.25 47.42 -2.63
CA ALA B 299 9.08 48.58 -2.93
C ALA B 299 10.44 48.17 -3.46
N ALA B 300 11.05 47.14 -2.86
CA ALA B 300 12.36 46.68 -3.29
C ALA B 300 12.32 46.22 -4.75
N ARG B 301 11.28 45.49 -5.14
CA ARG B 301 11.14 45.07 -6.53
C ARG B 301 10.72 46.20 -7.46
N GLY B 302 10.55 47.42 -6.94
CA GLY B 302 10.27 48.56 -7.76
C GLY B 302 8.81 48.73 -8.18
N LYS B 303 7.89 48.00 -7.55
CA LYS B 303 6.48 48.08 -7.93
C LYS B 303 5.71 49.13 -7.14
N VAL B 304 6.29 49.70 -6.09
CA VAL B 304 5.66 50.76 -5.32
C VAL B 304 6.71 51.84 -5.06
N ARG B 305 6.48 53.04 -5.59
CA ARG B 305 7.40 54.16 -5.41
C ARG B 305 6.65 55.35 -4.84
N PRO B 306 6.90 55.75 -3.59
CA PRO B 306 6.20 56.89 -3.03
C PRO B 306 6.66 58.21 -3.63
N ILE B 307 5.73 59.15 -3.73
CA ILE B 307 6.04 60.50 -4.19
C ILE B 307 6.49 61.30 -2.98
N VAL B 308 7.75 61.73 -2.99
CA VAL B 308 8.44 62.21 -1.79
C VAL B 308 9.04 63.59 -2.05
N GLU B 309 8.90 64.47 -1.08
CA GLU B 309 9.62 65.74 -1.05
C GLU B 309 10.35 65.87 0.28
N THR B 310 11.60 66.33 0.23
CA THR B 310 12.43 66.40 1.41
C THR B 310 12.30 67.76 2.09
N ALA B 311 12.36 67.75 3.43
CA ALA B 311 12.47 68.96 4.22
C ALA B 311 13.46 68.71 5.35
N GLU B 312 13.90 69.79 5.97
CA GLU B 312 14.84 69.72 7.08
C GLU B 312 14.09 69.79 8.40
N LEU B 313 14.76 69.28 9.44
CA LEU B 313 14.14 69.16 10.76
C LEU B 313 13.59 70.50 11.25
N GLU B 314 14.29 71.60 10.93
CA GLU B 314 13.89 72.91 11.41
C GLU B 314 12.58 73.38 10.78
N GLU B 315 12.21 72.87 9.60
CA GLU B 315 10.99 73.27 8.92
C GLU B 315 9.78 72.45 9.37
N ILE B 316 9.82 71.85 10.56
CA ILE B 316 8.79 70.90 10.96
C ILE B 316 7.44 71.60 11.15
N ASN B 317 7.45 72.83 11.66
CA ASN B 317 6.20 73.55 11.83
C ASN B 317 5.66 74.08 10.51
N GLU B 318 6.52 74.20 9.50
CA GLU B 318 6.13 74.74 8.20
C GLU B 318 5.57 73.66 7.29
N VAL B 319 6.01 72.41 7.45
CA VAL B 319 5.35 71.31 6.76
C VAL B 319 4.01 71.02 7.41
N PHE B 320 3.91 71.20 8.74
CA PHE B 320 2.63 71.00 9.41
C PHE B 320 1.58 71.97 8.91
N GLU B 321 1.93 73.26 8.84
CA GLU B 321 0.98 74.23 8.31
C GLU B 321 0.77 74.03 6.80
N ARG B 322 1.77 73.50 6.11
CA ARG B 322 1.56 73.06 4.73
C ARG B 322 0.56 71.92 4.68
N MET B 323 0.59 71.05 5.70
CA MET B 323 -0.28 69.88 5.73
C MET B 323 -1.72 70.26 6.00
N GLU B 324 -1.95 71.22 6.91
CA GLU B 324 -3.31 71.62 7.25
C GLU B 324 -3.97 72.37 6.09
N LYS B 325 -3.16 73.02 5.23
CA LYS B 325 -3.70 73.68 4.05
C LYS B 325 -3.89 72.72 2.88
N GLY B 326 -3.45 71.47 3.01
CA GLY B 326 -3.65 70.49 1.95
C GLY B 326 -2.80 70.70 0.73
N LYS B 327 -1.64 71.33 0.87
CA LYS B 327 -0.74 71.56 -0.25
C LYS B 327 0.21 70.40 -0.50
N ILE B 328 0.08 69.30 0.25
CA ILE B 328 1.02 68.19 0.18
C ILE B 328 0.52 67.20 -0.87
N ASN B 329 1.23 67.12 -1.99
CA ASN B 329 0.93 66.15 -3.05
C ASN B 329 1.78 64.92 -2.79
N GLY B 330 1.27 64.02 -1.97
CA GLY B 330 2.00 62.82 -1.60
C GLY B 330 2.41 62.84 -0.15
N ARG B 331 3.72 62.75 0.09
CA ARG B 331 4.26 62.70 1.44
C ARG B 331 5.58 63.45 1.47
N ILE B 332 5.89 63.99 2.65
CA ILE B 332 7.11 64.76 2.87
C ILE B 332 7.92 64.07 3.95
N VAL B 333 9.21 63.87 3.68
CA VAL B 333 10.10 63.14 4.56
C VAL B 333 11.18 64.08 5.06
N LEU B 334 11.36 64.12 6.38
CA LEU B 334 12.44 64.90 6.96
C LEU B 334 13.78 64.24 6.67
N LYS B 335 14.81 65.05 6.48
CA LYS B 335 16.13 64.58 6.12
C LYS B 335 17.15 65.04 7.16
N LEU B 336 18.05 64.15 7.54
CA LEU B 336 19.10 64.46 8.50
C LEU B 336 20.43 63.83 8.08
N MET C 1 -30.65 -13.22 -20.29
CA MET C 1 -30.06 -13.46 -18.98
C MET C 1 -28.66 -12.88 -18.87
N LYS C 2 -28.49 -12.05 -17.83
CA LYS C 2 -27.22 -11.38 -17.50
C LYS C 2 -26.28 -12.41 -16.88
N ALA C 3 -24.99 -12.35 -17.20
CA ALA C 3 -24.14 -13.43 -16.73
C ALA C 3 -22.68 -13.11 -16.96
N ALA C 4 -21.86 -13.29 -15.93
CA ALA C 4 -20.42 -13.12 -16.01
C ALA C 4 -19.81 -14.40 -16.57
N VAL C 5 -19.10 -14.27 -17.69
CA VAL C 5 -18.63 -15.43 -18.46
C VAL C 5 -17.11 -15.43 -18.53
N VAL C 6 -16.52 -16.60 -18.34
CA VAL C 6 -15.11 -16.83 -18.66
C VAL C 6 -15.04 -17.22 -20.13
N ASN C 7 -14.43 -16.37 -20.95
CA ASN C 7 -14.24 -16.71 -22.36
C ASN C 7 -12.88 -17.34 -22.59
N GLU C 8 -11.84 -16.80 -21.97
CA GLU C 8 -10.51 -17.36 -22.07
C GLU C 8 -9.86 -17.29 -20.69
N PHE C 9 -9.08 -18.31 -20.36
CA PHE C 9 -8.30 -18.26 -19.13
C PHE C 9 -7.36 -17.07 -19.13
N LYS C 10 -6.96 -16.68 -17.93
CA LYS C 10 -6.00 -15.61 -17.62
C LYS C 10 -6.53 -14.21 -17.91
N LYS C 11 -7.70 -14.06 -18.50
CA LYS C 11 -8.15 -12.77 -19.02
C LYS C 11 -9.59 -12.49 -18.58
N ALA C 12 -9.90 -11.20 -18.49
CA ALA C 12 -11.05 -10.72 -17.74
C ALA C 12 -12.35 -11.35 -18.19
N LEU C 13 -13.25 -11.58 -17.21
CA LEU C 13 -14.57 -12.11 -17.51
C LEU C 13 -15.47 -11.02 -18.07
N GLU C 14 -16.31 -11.38 -19.04
CA GLU C 14 -17.18 -10.42 -19.71
C GLU C 14 -18.61 -10.61 -19.23
N ILE C 15 -19.13 -9.60 -18.56
CA ILE C 15 -20.54 -9.59 -18.16
C ILE C 15 -21.36 -9.37 -19.42
N LYS C 16 -22.14 -10.37 -19.83
CA LYS C 16 -22.82 -10.33 -21.11
C LYS C 16 -24.13 -11.09 -21.05
N GLU C 17 -25.01 -10.78 -22.01
CA GLU C 17 -26.29 -11.46 -22.11
C GLU C 17 -26.10 -12.85 -22.70
N VAL C 18 -26.75 -13.83 -22.08
CA VAL C 18 -26.64 -15.23 -22.47
C VAL C 18 -28.04 -15.85 -22.42
N GLU C 19 -28.17 -17.01 -23.05
CA GLU C 19 -29.46 -17.69 -23.13
C GLU C 19 -29.76 -18.42 -21.83
N ARG C 20 -31.01 -18.28 -21.38
CA ARG C 20 -31.60 -18.92 -20.20
C ARG C 20 -31.29 -20.42 -20.16
N PRO C 21 -31.13 -21.01 -18.98
CA PRO C 21 -30.93 -22.45 -18.91
C PRO C 21 -32.20 -23.20 -19.29
N LYS C 22 -31.98 -24.35 -19.93
CA LYS C 22 -33.07 -25.25 -20.32
C LYS C 22 -33.06 -26.44 -19.38
N LEU C 23 -34.20 -26.63 -18.73
CA LEU C 23 -34.37 -27.64 -17.66
C LEU C 23 -34.78 -28.99 -18.20
N GLU C 24 -33.92 -29.97 -18.01
CA GLU C 24 -34.29 -31.37 -18.24
C GLU C 24 -34.94 -31.92 -16.96
N GLU C 25 -35.30 -33.21 -16.95
CA GLU C 25 -36.09 -33.73 -15.84
C GLU C 25 -35.25 -33.94 -14.59
N GLY C 26 -35.79 -33.58 -13.44
CA GLY C 26 -35.10 -33.73 -12.17
C GLY C 26 -34.48 -32.47 -11.61
N GLU C 27 -34.19 -31.49 -12.46
CA GLU C 27 -33.52 -30.27 -12.04
C GLU C 27 -34.52 -29.15 -11.81
N VAL C 28 -34.03 -28.00 -11.33
CA VAL C 28 -34.88 -26.86 -11.03
C VAL C 28 -34.21 -25.59 -11.56
N LEU C 29 -35.02 -24.54 -11.70
CA LEU C 29 -34.54 -23.23 -12.10
C LEU C 29 -34.53 -22.29 -10.90
N VAL C 30 -33.40 -21.66 -10.66
CA VAL C 30 -33.19 -20.80 -9.50
C VAL C 30 -32.84 -19.40 -9.99
N LYS C 31 -33.67 -18.42 -9.64
CA LYS C 31 -33.34 -17.02 -9.87
C LYS C 31 -32.40 -16.56 -8.77
N ILE C 32 -31.15 -16.25 -9.14
CA ILE C 32 -30.10 -16.04 -8.15
C ILE C 32 -30.30 -14.72 -7.44
N GLU C 33 -30.33 -14.77 -6.10
CA GLU C 33 -30.29 -13.57 -5.27
C GLU C 33 -28.87 -13.14 -4.96
N ALA C 34 -28.01 -14.09 -4.63
CA ALA C 34 -26.62 -13.81 -4.29
C ALA C 34 -25.77 -15.01 -4.67
N CYS C 35 -24.47 -14.76 -4.84
CA CYS C 35 -23.53 -15.83 -5.10
C CYS C 35 -22.17 -15.44 -4.55
N GLY C 36 -21.67 -16.21 -3.60
CA GLY C 36 -20.39 -15.90 -2.98
C GLY C 36 -19.21 -16.22 -3.88
N VAL C 37 -18.09 -15.59 -3.56
CA VAL C 37 -16.85 -15.70 -4.33
C VAL C 37 -15.72 -16.12 -3.41
N CYS C 38 -15.04 -17.20 -3.77
CA CYS C 38 -13.84 -17.63 -3.06
C CYS C 38 -12.73 -17.93 -4.06
N HIS C 39 -11.62 -18.48 -3.59
CA HIS C 39 -10.45 -18.66 -4.45
C HIS C 39 -10.64 -19.76 -5.48
N THR C 40 -11.64 -20.63 -5.31
CA THR C 40 -11.87 -21.68 -6.30
C THR C 40 -12.41 -21.09 -7.60
N ASP C 41 -13.20 -20.02 -7.52
CA ASP C 41 -13.62 -19.31 -8.72
C ASP C 41 -12.42 -18.69 -9.44
N LEU C 42 -11.44 -18.20 -8.66
CA LEU C 42 -10.23 -17.64 -9.25
C LEU C 42 -9.46 -18.70 -10.03
N HIS C 43 -9.24 -19.87 -9.40
CA HIS C 43 -8.56 -20.95 -10.08
C HIS C 43 -9.37 -21.50 -11.25
N ALA C 44 -10.70 -21.35 -11.21
CA ALA C 44 -11.51 -21.71 -12.38
C ALA C 44 -11.33 -20.71 -13.50
N ALA C 45 -11.35 -19.41 -13.17
CA ALA C 45 -11.22 -18.38 -14.20
C ALA C 45 -9.84 -18.39 -14.83
N HIS C 46 -8.80 -18.64 -14.03
CA HIS C 46 -7.46 -18.75 -14.58
C HIS C 46 -7.18 -20.11 -15.17
N GLY C 47 -7.91 -21.13 -14.75
CA GLY C 47 -7.49 -22.49 -15.00
C GLY C 47 -6.07 -22.65 -14.53
N ASP C 48 -5.88 -22.89 -13.23
CA ASP C 48 -4.55 -23.20 -12.72
C ASP C 48 -4.43 -24.65 -12.27
N TRP C 49 -5.51 -25.39 -12.28
CA TRP C 49 -5.59 -26.69 -11.65
C TRP C 49 -5.34 -27.81 -12.64
N PRO C 50 -5.00 -29.02 -12.15
CA PRO C 50 -4.73 -30.14 -13.06
C PRO C 50 -5.81 -30.37 -14.12
N ILE C 51 -7.06 -30.54 -13.70
CA ILE C 51 -8.18 -30.70 -14.61
C ILE C 51 -8.90 -29.35 -14.71
N LYS C 52 -9.02 -28.84 -15.93
CA LYS C 52 -9.49 -27.48 -16.11
C LYS C 52 -10.96 -27.44 -16.49
N PRO C 53 -11.64 -26.34 -16.18
CA PRO C 53 -13.05 -26.21 -16.58
C PRO C 53 -13.20 -26.05 -18.08
N LYS C 54 -14.34 -26.52 -18.58
CA LYS C 54 -14.66 -26.41 -19.99
C LYS C 54 -15.24 -25.02 -20.28
N LEU C 55 -14.60 -24.29 -21.23
CA LEU C 55 -15.02 -22.93 -21.53
C LEU C 55 -15.96 -22.91 -22.74
N PRO C 56 -16.89 -21.94 -22.82
CA PRO C 56 -17.11 -20.86 -21.85
C PRO C 56 -17.77 -21.34 -20.57
N LEU C 57 -17.52 -20.64 -19.46
CA LEU C 57 -18.00 -21.07 -18.17
C LEU C 57 -18.57 -19.90 -17.38
N ILE C 58 -19.70 -20.16 -16.74
CA ILE C 58 -20.26 -19.26 -15.72
C ILE C 58 -19.81 -19.78 -14.35
N PRO C 59 -18.89 -19.10 -13.69
CA PRO C 59 -18.41 -19.62 -12.40
C PRO C 59 -19.43 -19.48 -11.29
N GLY C 60 -19.01 -19.74 -10.06
CA GLY C 60 -19.90 -19.61 -8.93
C GLY C 60 -20.48 -20.92 -8.45
N HIS C 61 -20.10 -21.32 -7.22
CA HIS C 61 -20.67 -22.48 -6.57
C HIS C 61 -21.33 -22.13 -5.24
N GLU C 62 -21.53 -20.85 -4.98
CA GLU C 62 -22.19 -20.37 -3.76
C GLU C 62 -23.46 -19.59 -4.12
N GLY C 63 -24.20 -20.08 -5.09
CA GLY C 63 -25.38 -19.37 -5.56
C GLY C 63 -26.59 -19.63 -4.68
N VAL C 64 -27.24 -18.55 -4.24
CA VAL C 64 -28.46 -18.61 -3.46
C VAL C 64 -29.54 -17.87 -4.23
N GLY C 65 -30.73 -18.45 -4.28
CA GLY C 65 -31.81 -17.81 -4.99
C GLY C 65 -33.14 -18.48 -4.74
N ILE C 66 -34.12 -18.10 -5.54
CA ILE C 66 -35.50 -18.55 -5.39
C ILE C 66 -35.85 -19.45 -6.56
N VAL C 67 -36.47 -20.59 -6.26
CA VAL C 67 -36.90 -21.53 -7.29
C VAL C 67 -38.05 -20.90 -8.06
N VAL C 68 -37.82 -20.63 -9.35
CA VAL C 68 -38.85 -20.03 -10.20
C VAL C 68 -39.54 -21.03 -11.11
N GLU C 69 -39.00 -22.24 -11.24
CA GLU C 69 -39.45 -23.19 -12.25
C GLU C 69 -38.97 -24.58 -11.88
N VAL C 70 -39.78 -25.58 -12.20
CA VAL C 70 -39.54 -26.96 -11.78
C VAL C 70 -39.91 -27.90 -12.92
N ALA C 71 -39.02 -28.82 -13.23
CA ALA C 71 -39.33 -29.88 -14.17
C ALA C 71 -40.37 -30.82 -13.58
N LYS C 72 -41.15 -31.42 -14.47
CA LYS C 72 -42.18 -32.39 -14.05
C LYS C 72 -41.44 -33.54 -13.41
N GLY C 73 -42.05 -34.15 -12.39
CA GLY C 73 -41.39 -35.24 -11.69
C GLY C 73 -40.73 -34.83 -10.38
N VAL C 74 -40.47 -33.55 -10.19
CA VAL C 74 -39.88 -33.06 -8.96
C VAL C 74 -40.99 -32.57 -8.04
N LYS C 75 -41.12 -33.21 -6.88
CA LYS C 75 -42.05 -32.74 -5.86
C LYS C 75 -41.38 -32.49 -4.51
N SER C 76 -40.09 -32.77 -4.38
CA SER C 76 -39.39 -32.40 -3.16
C SER C 76 -39.20 -30.89 -3.09
N ILE C 77 -38.72 -30.28 -4.16
CA ILE C 77 -38.51 -28.84 -4.23
C ILE C 77 -39.74 -28.21 -4.86
N LYS C 78 -40.25 -27.15 -4.22
CA LYS C 78 -41.41 -26.42 -4.70
C LYS C 78 -40.99 -25.07 -5.27
N VAL C 79 -41.83 -24.54 -6.17
CA VAL C 79 -41.63 -23.19 -6.66
C VAL C 79 -41.82 -22.21 -5.51
N GLY C 80 -40.82 -21.35 -5.29
CA GLY C 80 -40.83 -20.40 -4.21
C GLY C 80 -39.83 -20.71 -3.11
N ASP C 81 -39.34 -21.93 -3.03
CA ASP C 81 -38.32 -22.28 -2.05
C ASP C 81 -37.03 -21.53 -2.35
N ARG C 82 -36.33 -21.15 -1.28
CA ARG C 82 -34.99 -20.60 -1.40
C ARG C 82 -33.98 -21.74 -1.23
N VAL C 83 -33.10 -21.89 -2.22
CA VAL C 83 -32.17 -23.01 -2.26
C VAL C 83 -30.77 -22.50 -2.56
N GLY C 84 -29.81 -23.40 -2.47
CA GLY C 84 -28.42 -23.08 -2.77
C GLY C 84 -27.81 -24.11 -3.68
N ILE C 85 -26.98 -23.63 -4.61
CA ILE C 85 -26.36 -24.50 -5.60
C ILE C 85 -24.88 -24.65 -5.28
N PRO C 86 -24.48 -25.69 -4.54
CA PRO C 86 -23.11 -25.75 -4.02
C PRO C 86 -22.10 -26.33 -4.99
N TRP C 87 -20.87 -26.55 -4.49
CA TRP C 87 -19.81 -27.13 -5.30
C TRP C 87 -20.15 -28.55 -5.72
N LEU C 88 -20.90 -29.29 -4.90
CA LEU C 88 -21.36 -30.62 -5.26
C LEU C 88 -22.68 -30.46 -6.02
N TYR C 89 -22.56 -30.34 -7.34
CA TYR C 89 -23.73 -30.07 -8.18
C TYR C 89 -24.57 -31.32 -8.41
N SER C 90 -23.93 -32.46 -8.58
CA SER C 90 -24.64 -33.71 -8.80
C SER C 90 -23.69 -34.87 -8.59
N ALA C 91 -24.25 -36.03 -8.25
CA ALA C 91 -23.50 -37.26 -8.10
C ALA C 91 -24.27 -38.38 -8.79
N CYS C 92 -23.61 -39.52 -8.96
CA CYS C 92 -24.23 -40.62 -9.70
C CYS C 92 -25.33 -41.29 -8.88
N GLY C 93 -25.11 -41.44 -7.58
CA GLY C 93 -26.08 -42.10 -6.72
C GLY C 93 -25.98 -43.61 -6.69
N GLU C 94 -25.02 -44.20 -7.42
CA GLU C 94 -24.89 -45.64 -7.52
C GLU C 94 -23.55 -46.18 -7.04
N CYS C 95 -22.54 -45.33 -6.90
CA CYS C 95 -21.16 -45.78 -6.80
C CYS C 95 -20.80 -46.17 -5.36
N GLU C 96 -19.55 -46.61 -5.21
CA GLU C 96 -18.95 -46.95 -3.92
C GLU C 96 -19.26 -45.90 -2.85
N TYR C 97 -19.11 -44.63 -3.19
CA TYR C 97 -19.20 -43.56 -2.21
C TYR C 97 -20.61 -42.98 -2.08
N CYS C 98 -21.40 -43.01 -3.16
CA CYS C 98 -22.77 -42.54 -3.08
C CYS C 98 -23.63 -43.45 -2.21
N LEU C 99 -23.35 -44.76 -2.22
CA LEU C 99 -24.11 -45.70 -1.41
C LEU C 99 -23.80 -45.55 0.08
N THR C 100 -22.65 -44.99 0.43
CA THR C 100 -22.22 -44.89 1.83
C THR C 100 -22.24 -43.46 2.33
N GLY C 101 -23.04 -42.58 1.72
CA GLY C 101 -23.15 -41.21 2.18
C GLY C 101 -21.90 -40.39 2.04
N GLN C 102 -21.02 -40.74 1.10
CA GLN C 102 -19.80 -39.98 0.85
C GLN C 102 -19.85 -39.37 -0.54
N GLU C 103 -20.94 -38.68 -0.86
CA GLU C 103 -21.16 -38.15 -2.21
C GLU C 103 -20.07 -37.20 -2.67
N THR C 104 -19.27 -36.66 -1.75
CA THR C 104 -18.19 -35.76 -2.14
C THR C 104 -17.08 -36.45 -2.92
N LEU C 105 -17.02 -37.79 -2.86
CA LEU C 105 -15.96 -38.55 -3.51
C LEU C 105 -16.44 -39.26 -4.78
N CYS C 106 -17.64 -38.97 -5.25
CA CYS C 106 -18.17 -39.62 -6.43
C CYS C 106 -17.30 -39.28 -7.64
N PRO C 107 -16.74 -40.28 -8.34
CA PRO C 107 -15.88 -39.97 -9.50
C PRO C 107 -16.63 -39.36 -10.66
N HIS C 108 -17.96 -39.51 -10.70
CA HIS C 108 -18.78 -38.98 -11.78
C HIS C 108 -19.48 -37.69 -11.39
N GLN C 109 -19.03 -37.04 -10.31
CA GLN C 109 -19.64 -35.81 -9.86
C GLN C 109 -19.37 -34.68 -10.86
N LEU C 110 -20.28 -33.72 -10.89
CA LEU C 110 -20.09 -32.47 -11.60
C LEU C 110 -20.12 -31.35 -10.58
N ASN C 111 -19.36 -30.29 -10.87
CA ASN C 111 -19.09 -29.24 -9.89
C ASN C 111 -19.63 -27.91 -10.39
N GLY C 112 -20.51 -27.30 -9.60
CA GLY C 112 -21.10 -26.02 -9.94
C GLY C 112 -20.08 -24.93 -10.14
N GLY C 113 -20.20 -24.19 -11.24
CA GLY C 113 -19.22 -23.17 -11.59
C GLY C 113 -17.88 -23.70 -12.03
N TYR C 114 -17.79 -24.99 -12.37
CA TYR C 114 -16.52 -25.57 -12.82
C TYR C 114 -16.75 -26.57 -13.94
N SER C 115 -17.49 -27.65 -13.66
CA SER C 115 -17.88 -28.60 -14.68
C SER C 115 -19.23 -28.27 -15.30
N VAL C 116 -19.91 -27.25 -14.80
CA VAL C 116 -21.21 -26.83 -15.32
C VAL C 116 -21.41 -25.38 -14.93
N ASP C 117 -22.29 -24.69 -15.66
CA ASP C 117 -22.52 -23.27 -15.41
C ASP C 117 -23.05 -23.05 -14.00
N GLY C 118 -22.48 -22.07 -13.31
CA GLY C 118 -22.75 -21.81 -11.92
C GLY C 118 -23.64 -20.60 -11.69
N GLY C 119 -23.43 -19.93 -10.56
CA GLY C 119 -24.33 -18.89 -10.11
C GLY C 119 -23.90 -17.45 -10.34
N TYR C 120 -22.93 -17.23 -11.22
CA TYR C 120 -22.59 -15.88 -11.65
C TYR C 120 -23.57 -15.33 -12.68
N ALA C 121 -24.86 -15.55 -12.49
CA ALA C 121 -25.83 -15.22 -13.52
C ALA C 121 -27.19 -14.95 -12.89
N GLU C 122 -28.07 -14.33 -13.67
CA GLU C 122 -29.44 -14.06 -13.23
C GLU C 122 -30.12 -15.33 -12.76
N TYR C 123 -30.00 -16.40 -13.55
CA TYR C 123 -30.65 -17.68 -13.28
C TYR C 123 -29.62 -18.79 -13.34
N CYS C 124 -29.82 -19.83 -12.54
CA CYS C 124 -28.97 -21.01 -12.60
C CYS C 124 -29.81 -22.27 -12.43
N LYS C 125 -29.39 -23.32 -13.13
CA LYS C 125 -30.06 -24.62 -13.13
C LYS C 125 -29.28 -25.59 -12.27
N ALA C 126 -30.00 -26.48 -11.57
CA ALA C 126 -29.36 -27.43 -10.67
C ALA C 126 -30.30 -28.60 -10.46
N PRO C 127 -29.78 -29.80 -10.20
CA PRO C 127 -30.65 -30.93 -9.88
C PRO C 127 -31.26 -30.76 -8.50
N ALA C 128 -32.54 -31.14 -8.38
CA ALA C 128 -33.26 -30.87 -7.14
C ALA C 128 -32.77 -31.74 -6.00
N ASP C 129 -32.33 -32.97 -6.28
CA ASP C 129 -31.87 -33.86 -5.22
C ASP C 129 -30.53 -33.45 -4.63
N TYR C 130 -29.89 -32.41 -5.15
CA TYR C 130 -28.57 -32.02 -4.67
C TYR C 130 -28.46 -30.55 -4.29
N VAL C 131 -29.51 -29.75 -4.49
CA VAL C 131 -29.49 -28.38 -3.99
C VAL C 131 -29.54 -28.39 -2.47
N ALA C 132 -29.09 -27.28 -1.88
CA ALA C 132 -29.16 -27.06 -0.44
C ALA C 132 -30.38 -26.22 -0.13
N LYS C 133 -31.18 -26.67 0.84
CA LYS C 133 -32.35 -25.90 1.28
C LYS C 133 -31.90 -24.88 2.32
N ILE C 134 -32.15 -23.60 2.04
CA ILE C 134 -31.73 -22.51 2.92
C ILE C 134 -32.78 -22.32 4.01
N PRO C 135 -32.39 -22.30 5.29
CA PRO C 135 -33.36 -22.09 6.36
C PRO C 135 -34.03 -20.72 6.24
N ASP C 136 -35.22 -20.62 6.83
CA ASP C 136 -36.01 -19.40 6.75
C ASP C 136 -35.36 -18.24 7.51
N ASN C 137 -34.47 -18.52 8.45
CA ASN C 137 -33.91 -17.46 9.28
C ASN C 137 -32.99 -16.54 8.49
N LEU C 138 -32.29 -17.07 7.50
CA LEU C 138 -31.11 -16.42 6.93
C LEU C 138 -31.44 -15.70 5.63
N ASP C 139 -30.77 -14.56 5.41
CA ASP C 139 -30.94 -13.93 4.11
C ASP C 139 -29.86 -14.40 3.14
N PRO C 140 -30.07 -14.24 1.83
CA PRO C 140 -29.21 -14.92 0.86
C PRO C 140 -27.74 -14.52 0.90
N VAL C 141 -27.40 -13.27 1.20
CA VAL C 141 -26.02 -12.83 1.04
C VAL C 141 -25.13 -13.33 2.18
N GLU C 142 -25.66 -13.37 3.40
CA GLU C 142 -24.88 -13.86 4.53
C GLU C 142 -24.79 -15.38 4.57
N VAL C 143 -25.72 -16.08 3.94
CA VAL C 143 -25.71 -17.55 3.96
C VAL C 143 -24.88 -18.16 2.85
N ALA C 144 -24.56 -17.40 1.81
CA ALA C 144 -23.79 -17.93 0.68
C ALA C 144 -22.48 -18.59 1.08
N PRO C 145 -21.62 -17.98 1.91
CA PRO C 145 -20.33 -18.63 2.22
C PRO C 145 -20.46 -19.96 2.95
N ILE C 146 -21.58 -20.24 3.61
CA ILE C 146 -21.74 -21.54 4.25
C ILE C 146 -21.77 -22.65 3.21
N LEU C 147 -22.23 -22.34 1.99
CA LEU C 147 -22.26 -23.33 0.93
C LEU C 147 -20.86 -23.85 0.61
N CYS C 148 -19.83 -23.04 0.85
CA CYS C 148 -18.45 -23.45 0.61
C CYS C 148 -17.64 -23.45 1.90
N ALA C 149 -17.31 -22.28 2.45
CA ALA C 149 -16.46 -22.22 3.63
C ALA C 149 -17.11 -22.91 4.82
N GLY C 150 -18.42 -22.75 4.98
CA GLY C 150 -19.14 -23.36 6.07
C GLY C 150 -19.05 -24.87 6.10
N VAL C 151 -19.51 -25.52 5.03
CA VAL C 151 -19.58 -26.97 5.01
C VAL C 151 -18.19 -27.59 4.97
N THR C 152 -17.22 -26.90 4.38
CA THR C 152 -15.85 -27.42 4.34
C THR C 152 -15.26 -27.51 5.74
N THR C 153 -15.23 -26.37 6.45
CA THR C 153 -14.58 -26.34 7.76
C THR C 153 -15.36 -27.14 8.80
N TYR C 154 -16.68 -27.16 8.69
CA TYR C 154 -17.49 -27.94 9.63
C TYR C 154 -17.18 -29.42 9.49
N LYS C 155 -17.19 -29.95 8.26
CA LYS C 155 -16.87 -31.35 8.02
C LYS C 155 -15.45 -31.66 8.45
N ALA C 156 -14.52 -30.72 8.21
CA ALA C 156 -13.13 -30.94 8.60
C ALA C 156 -13.00 -31.14 10.11
N LEU C 157 -13.69 -30.30 10.89
CA LEU C 157 -13.66 -30.46 12.34
C LEU C 157 -14.31 -31.76 12.77
N LYS C 158 -15.31 -32.23 12.02
CA LYS C 158 -15.87 -33.56 12.28
C LYS C 158 -14.85 -34.64 11.97
N VAL C 159 -14.13 -34.50 10.86
CA VAL C 159 -13.11 -35.49 10.48
C VAL C 159 -11.97 -35.50 11.48
N SER C 160 -11.69 -34.35 12.11
CA SER C 160 -10.54 -34.25 13.01
C SER C 160 -10.68 -35.16 14.21
N GLY C 161 -11.90 -35.51 14.60
CA GLY C 161 -12.14 -36.28 15.79
C GLY C 161 -12.07 -35.51 17.09
N ALA C 162 -11.82 -34.20 17.03
CA ALA C 162 -11.75 -33.40 18.24
C ALA C 162 -13.10 -33.38 18.95
N ARG C 163 -13.09 -33.76 20.22
CA ARG C 163 -14.30 -33.85 21.02
C ARG C 163 -14.41 -32.64 21.93
N PRO C 164 -15.63 -32.32 22.39
CA PRO C 164 -15.82 -31.15 23.27
C PRO C 164 -14.89 -31.19 24.47
N GLY C 165 -14.29 -30.03 24.77
CA GLY C 165 -13.30 -29.90 25.81
C GLY C 165 -11.87 -29.92 25.33
N GLU C 166 -11.62 -30.48 24.16
CA GLU C 166 -10.27 -30.61 23.62
C GLU C 166 -9.88 -29.35 22.86
N TRP C 167 -8.59 -29.22 22.58
CA TRP C 167 -8.02 -28.03 21.97
C TRP C 167 -7.80 -28.26 20.47
N VAL C 168 -8.20 -27.28 19.67
CA VAL C 168 -8.00 -27.32 18.23
C VAL C 168 -7.21 -26.08 17.82
N ALA C 169 -6.40 -26.24 16.78
CA ALA C 169 -5.61 -25.15 16.21
C ALA C 169 -6.08 -24.90 14.78
N ILE C 170 -6.30 -23.63 14.45
CA ILE C 170 -6.76 -23.23 13.13
C ILE C 170 -5.72 -22.29 12.56
N TYR C 171 -4.97 -22.78 11.57
CA TYR C 171 -3.91 -21.99 10.94
C TYR C 171 -4.46 -21.29 9.71
N GLY C 172 -4.63 -19.97 9.82
CA GLY C 172 -5.24 -19.18 8.77
C GLY C 172 -6.62 -18.69 9.15
N ILE C 173 -6.72 -17.43 9.54
CA ILE C 173 -7.99 -16.83 9.93
C ILE C 173 -8.52 -16.03 8.74
N GLY C 174 -8.39 -16.60 7.54
CA GLY C 174 -8.80 -15.91 6.33
C GLY C 174 -10.25 -16.13 5.99
N GLY C 175 -10.52 -16.50 4.74
CA GLY C 175 -11.88 -16.76 4.31
C GLY C 175 -12.49 -17.94 5.03
N LEU C 176 -11.83 -19.09 4.97
CA LEU C 176 -12.34 -20.28 5.64
C LEU C 176 -12.13 -20.20 7.14
N GLY C 177 -10.96 -19.70 7.56
CA GLY C 177 -10.59 -19.82 8.97
C GLY C 177 -11.48 -19.03 9.91
N HIS C 178 -11.86 -17.81 9.52
CA HIS C 178 -12.75 -17.02 10.36
C HIS C 178 -14.11 -17.68 10.52
N ILE C 179 -14.50 -18.55 9.60
CA ILE C 179 -15.72 -19.33 9.76
C ILE C 179 -15.45 -20.58 10.59
N ALA C 180 -14.35 -21.28 10.28
CA ALA C 180 -13.92 -22.47 11.02
C ALA C 180 -13.88 -22.21 12.52
N LEU C 181 -13.43 -21.01 12.89
CA LEU C 181 -13.40 -20.59 14.28
C LEU C 181 -14.76 -20.82 14.96
N GLN C 182 -15.81 -20.22 14.38
CA GLN C 182 -17.12 -20.25 15.02
C GLN C 182 -17.69 -21.65 15.08
N TYR C 183 -17.47 -22.46 14.04
CA TYR C 183 -17.91 -23.85 14.09
C TYR C 183 -17.22 -24.60 15.23
N ALA C 184 -15.91 -24.43 15.36
CA ALA C 184 -15.17 -25.09 16.43
C ALA C 184 -15.71 -24.70 17.80
N LYS C 185 -15.93 -23.40 18.03
CA LYS C 185 -16.47 -22.96 19.31
C LYS C 185 -17.90 -23.46 19.52
N ALA C 186 -18.67 -23.60 18.44
CA ALA C 186 -20.01 -24.15 18.54
C ALA C 186 -20.00 -25.65 18.82
N MET C 187 -18.86 -26.32 18.64
CA MET C 187 -18.74 -27.75 18.87
C MET C 187 -18.08 -28.08 20.20
N GLY C 188 -18.07 -27.13 21.13
CA GLY C 188 -17.51 -27.33 22.45
C GLY C 188 -15.99 -27.29 22.52
N LEU C 189 -15.33 -26.78 21.49
CA LEU C 189 -13.88 -26.86 21.39
C LEU C 189 -13.21 -25.58 21.89
N ASN C 190 -11.98 -25.73 22.38
CA ASN C 190 -11.11 -24.61 22.68
C ASN C 190 -10.20 -24.37 21.49
N VAL C 191 -10.13 -23.14 21.03
CA VAL C 191 -9.51 -22.81 19.75
C VAL C 191 -8.26 -21.97 19.98
N VAL C 192 -7.17 -22.37 19.35
CA VAL C 192 -5.99 -21.53 19.16
C VAL C 192 -5.99 -21.08 17.71
N ALA C 193 -6.04 -19.78 17.50
CA ALA C 193 -6.03 -19.21 16.15
C ALA C 193 -4.64 -18.68 15.86
N VAL C 194 -4.10 -19.04 14.69
CA VAL C 194 -2.76 -18.66 14.28
C VAL C 194 -2.83 -17.98 12.92
N ASP C 195 -2.34 -16.75 12.85
CA ASP C 195 -2.22 -16.04 11.58
C ASP C 195 -0.91 -15.27 11.62
N ILE C 196 -0.77 -14.31 10.71
CA ILE C 196 0.46 -13.54 10.56
C ILE C 196 0.25 -12.05 10.79
N SER C 197 -0.87 -11.66 11.40
CA SER C 197 -1.19 -10.25 11.58
C SER C 197 -1.73 -10.01 12.97
N ASP C 198 -1.43 -8.83 13.51
CA ASP C 198 -2.01 -8.42 14.78
C ASP C 198 -3.51 -8.20 14.64
N GLU C 199 -3.97 -7.78 13.47
CA GLU C 199 -5.40 -7.55 13.26
C GLU C 199 -6.16 -8.87 13.22
N LYS C 200 -5.67 -9.83 12.42
CA LYS C 200 -6.34 -11.12 12.33
C LYS C 200 -6.35 -11.84 13.68
N SER C 201 -5.37 -11.56 14.54
CA SER C 201 -5.40 -12.08 15.90
C SER C 201 -6.57 -11.50 16.68
N LYS C 202 -6.77 -10.20 16.57
CA LYS C 202 -7.88 -9.54 17.28
C LYS C 202 -9.19 -10.00 16.66
N LEU C 203 -9.23 -10.12 15.35
CA LEU C 203 -10.43 -10.62 14.68
C LEU C 203 -10.78 -12.01 15.19
N ALA C 204 -9.78 -12.90 15.27
CA ALA C 204 -10.01 -14.24 15.79
C ALA C 204 -10.47 -14.19 17.24
N LYS C 205 -9.84 -13.33 18.05
CA LYS C 205 -10.27 -13.16 19.44
C LYS C 205 -11.70 -12.65 19.50
N ASP C 206 -12.06 -11.71 18.62
CA ASP C 206 -13.42 -11.19 18.58
C ASP C 206 -14.42 -12.26 18.14
N LEU C 207 -13.97 -13.21 17.32
CA LEU C 207 -14.87 -14.26 16.82
C LEU C 207 -14.97 -15.44 17.77
N GLY C 208 -14.17 -15.49 18.83
CA GLY C 208 -14.37 -16.48 19.87
C GLY C 208 -13.15 -17.31 20.23
N ALA C 209 -12.02 -17.04 19.60
CA ALA C 209 -10.82 -17.83 19.85
C ALA C 209 -10.35 -17.64 21.29
N ASP C 210 -9.89 -18.75 21.90
CA ASP C 210 -9.35 -18.67 23.25
C ASP C 210 -7.92 -18.16 23.27
N ILE C 211 -7.15 -18.47 22.23
CA ILE C 211 -5.77 -18.00 22.08
C ILE C 211 -5.56 -17.56 20.64
N ALA C 212 -5.07 -16.34 20.46
CA ALA C 212 -4.74 -15.81 19.14
C ALA C 212 -3.24 -15.54 19.08
N ILE C 213 -2.61 -15.93 17.98
CA ILE C 213 -1.16 -15.87 17.85
C ILE C 213 -0.80 -15.22 16.53
N ASN C 214 -0.08 -14.10 16.60
CA ASN C 214 0.62 -13.57 15.45
C ASN C 214 1.84 -14.46 15.18
N GLY C 215 1.81 -15.17 14.05
CA GLY C 215 2.83 -16.18 13.79
C GLY C 215 4.23 -15.64 13.58
N LEU C 216 4.36 -14.38 13.15
CA LEU C 216 5.65 -13.78 12.85
C LEU C 216 6.14 -12.87 13.96
N LYS C 217 5.59 -12.99 15.15
CA LYS C 217 6.14 -12.32 16.32
C LYS C 217 6.40 -13.26 17.48
N GLU C 218 5.74 -14.41 17.53
CA GLU C 218 6.07 -15.49 18.45
C GLU C 218 5.93 -16.81 17.71
N ASP C 219 6.83 -17.74 18.00
CA ASP C 219 6.82 -19.06 17.39
C ASP C 219 5.55 -19.80 17.79
N PRO C 220 4.64 -20.07 16.86
CA PRO C 220 3.34 -20.64 17.25
C PRO C 220 3.43 -22.06 17.75
N VAL C 221 4.36 -22.85 17.21
CA VAL C 221 4.52 -24.23 17.68
C VAL C 221 4.94 -24.25 19.14
N LYS C 222 5.89 -23.40 19.51
CA LYS C 222 6.34 -23.36 20.90
C LYS C 222 5.28 -22.78 21.83
N ALA C 223 4.56 -21.75 21.35
CA ALA C 223 3.52 -21.16 22.18
C ALA C 223 2.38 -22.14 22.42
N ILE C 224 2.00 -22.92 21.41
CA ILE C 224 0.94 -23.90 21.58
C ILE C 224 1.38 -25.02 22.52
N HIS C 225 2.65 -25.42 22.43
CA HIS C 225 3.15 -26.47 23.30
C HIS C 225 3.32 -25.97 24.73
N ASP C 226 3.77 -24.73 24.90
CA ASP C 226 3.95 -24.19 26.24
C ASP C 226 2.62 -23.92 26.94
N GLN C 227 1.61 -23.52 26.17
CA GLN C 227 0.37 -23.06 26.78
C GLN C 227 -0.68 -24.15 26.95
N VAL C 228 -0.89 -24.99 25.93
CA VAL C 228 -1.86 -26.07 26.02
C VAL C 228 -1.24 -27.44 25.79
N GLY C 229 0.07 -27.53 25.62
CA GLY C 229 0.73 -28.81 25.50
C GLY C 229 0.46 -29.54 24.19
N GLY C 230 0.25 -28.80 23.12
CA GLY C 230 -0.13 -29.42 21.86
C GLY C 230 -1.64 -29.59 21.74
N VAL C 231 -2.10 -29.57 20.50
CA VAL C 231 -3.53 -29.68 20.20
C VAL C 231 -3.81 -31.09 19.71
N HIS C 232 -5.01 -31.58 20.02
CA HIS C 232 -5.42 -32.88 19.50
C HIS C 232 -5.69 -32.82 18.01
N ALA C 233 -6.16 -31.67 17.51
CA ALA C 233 -6.48 -31.52 16.10
C ALA C 233 -6.04 -30.14 15.64
N ALA C 234 -5.63 -30.07 14.37
CA ALA C 234 -5.24 -28.81 13.74
C ALA C 234 -5.85 -28.76 12.35
N ILE C 235 -6.54 -27.65 12.05
CA ILE C 235 -7.10 -27.40 10.73
C ILE C 235 -6.14 -26.52 9.96
N SER C 236 -5.60 -27.04 8.86
CA SER C 236 -4.62 -26.32 8.05
C SER C 236 -5.35 -25.65 6.89
N VAL C 237 -5.62 -24.36 7.04
CA VAL C 237 -6.22 -23.58 5.96
C VAL C 237 -5.10 -22.97 5.12
N ALA C 238 -4.25 -22.18 5.75
CA ALA C 238 -3.10 -21.60 5.06
C ALA C 238 -2.09 -22.69 4.74
N VAL C 239 -1.89 -22.96 3.46
CA VAL C 239 -1.18 -24.15 3.03
C VAL C 239 0.17 -23.83 2.37
N ASN C 240 0.65 -22.60 2.51
CA ASN C 240 2.08 -22.39 2.35
C ASN C 240 2.82 -23.22 3.39
N LYS C 241 4.01 -23.71 3.03
CA LYS C 241 4.66 -24.73 3.84
C LYS C 241 4.99 -24.23 5.24
N LYS C 242 5.45 -22.99 5.34
CA LYS C 242 5.79 -22.48 6.67
C LYS C 242 4.61 -22.57 7.64
N ALA C 243 3.39 -22.42 7.12
CA ALA C 243 2.20 -22.65 7.94
C ALA C 243 1.77 -24.11 7.96
N PHE C 244 2.07 -24.87 6.90
CA PHE C 244 1.81 -26.30 6.92
C PHE C 244 2.75 -27.01 7.88
N GLU C 245 4.00 -26.55 7.96
CA GLU C 245 4.95 -27.11 8.91
C GLU C 245 4.52 -26.81 10.34
N GLN C 246 4.16 -25.56 10.62
CA GLN C 246 3.78 -25.17 11.97
C GLN C 246 2.50 -25.87 12.40
N ALA C 247 1.54 -26.01 11.49
CA ALA C 247 0.30 -26.71 11.82
C ALA C 247 0.57 -28.16 12.18
N TYR C 248 1.44 -28.83 11.41
CA TYR C 248 1.73 -30.24 11.70
C TYR C 248 2.40 -30.40 13.05
N GLN C 249 3.41 -29.56 13.34
CA GLN C 249 4.16 -29.71 14.57
C GLN C 249 3.38 -29.28 15.80
N SER C 250 2.26 -28.58 15.62
CA SER C 250 1.41 -28.22 16.74
C SER C 250 0.58 -29.40 17.23
N VAL C 251 0.49 -30.47 16.44
CA VAL C 251 -0.37 -31.60 16.79
C VAL C 251 0.38 -32.52 17.75
N LYS C 252 -0.25 -32.83 18.87
CA LYS C 252 0.32 -33.74 19.85
C LYS C 252 0.26 -35.19 19.33
N ARG C 253 0.91 -36.08 20.07
CA ARG C 253 0.92 -37.50 19.71
C ARG C 253 -0.51 -38.03 19.67
N GLY C 254 -0.74 -38.97 18.74
CA GLY C 254 -2.06 -39.51 18.52
C GLY C 254 -3.06 -38.53 17.92
N GLY C 255 -2.62 -37.31 17.57
CA GLY C 255 -3.52 -36.31 17.05
C GLY C 255 -3.66 -36.38 15.54
N THR C 256 -4.52 -35.49 15.02
CA THR C 256 -4.86 -35.47 13.61
C THR C 256 -4.69 -34.06 13.07
N LEU C 257 -3.98 -33.96 11.94
CA LEU C 257 -3.93 -32.72 11.17
C LEU C 257 -4.86 -32.86 9.97
N VAL C 258 -5.84 -31.96 9.87
CA VAL C 258 -6.78 -31.95 8.76
C VAL C 258 -6.43 -30.77 7.87
N VAL C 259 -6.15 -31.06 6.60
CA VAL C 259 -5.82 -30.03 5.62
C VAL C 259 -7.07 -29.72 4.81
N VAL C 260 -7.44 -28.45 4.76
CA VAL C 260 -8.56 -27.99 3.96
C VAL C 260 -8.14 -27.16 2.76
N GLY C 261 -6.92 -26.63 2.76
CA GLY C 261 -6.44 -25.85 1.62
C GLY C 261 -5.88 -26.73 0.51
N LEU C 262 -5.75 -26.12 -0.67
CA LEU C 262 -5.22 -26.80 -1.85
C LEU C 262 -3.89 -26.16 -2.24
N PRO C 263 -2.75 -26.76 -1.92
CA PRO C 263 -1.46 -26.17 -2.29
C PRO C 263 -1.19 -26.31 -3.78
N ASN C 264 -0.19 -25.56 -4.25
CA ASN C 264 0.17 -25.58 -5.66
C ASN C 264 1.13 -26.69 -6.01
N ALA C 265 1.80 -27.30 -5.02
CA ALA C 265 2.77 -28.35 -5.26
C ALA C 265 2.69 -29.36 -4.12
N ASP C 266 3.53 -30.39 -4.20
CA ASP C 266 3.65 -31.32 -3.09
C ASP C 266 4.24 -30.61 -1.87
N LEU C 267 3.95 -31.17 -0.69
CA LEU C 267 4.41 -30.60 0.55
C LEU C 267 5.10 -31.67 1.37
N PRO C 268 6.28 -31.40 1.94
CA PRO C 268 6.97 -32.42 2.73
C PRO C 268 6.41 -32.51 4.13
N ILE C 269 6.37 -33.73 4.67
CA ILE C 269 6.07 -33.93 6.08
C ILE C 269 7.11 -34.88 6.66
N PRO C 270 7.49 -34.70 7.92
CA PRO C 270 8.38 -35.67 8.56
C PRO C 270 7.65 -36.96 8.88
N ILE C 271 7.61 -37.87 7.90
CA ILE C 271 6.98 -39.18 8.11
C ILE C 271 7.64 -39.89 9.29
N PHE C 272 8.95 -39.69 9.47
CA PHE C 272 9.65 -40.27 10.62
C PHE C 272 8.93 -39.95 11.94
N ASP C 273 8.64 -38.67 12.17
CA ASP C 273 7.95 -38.29 13.40
C ASP C 273 6.47 -38.65 13.35
N THR C 274 5.89 -38.73 12.15
CA THR C 274 4.50 -39.15 12.03
C THR C 274 4.32 -40.58 12.53
N VAL C 275 5.27 -41.45 12.24
CA VAL C 275 5.14 -42.85 12.61
C VAL C 275 5.33 -43.04 14.10
N LEU C 276 6.33 -42.39 14.68
CA LEU C 276 6.62 -42.61 16.09
C LEU C 276 5.60 -41.95 17.00
N ASN C 277 4.95 -40.89 16.54
CA ASN C 277 3.97 -40.17 17.36
C ASN C 277 2.53 -40.54 17.03
N GLY C 278 2.31 -41.48 16.11
CA GLY C 278 0.97 -41.91 15.79
C GLY C 278 0.04 -40.81 15.30
N VAL C 279 0.59 -39.83 14.60
CA VAL C 279 -0.18 -38.70 14.09
C VAL C 279 -0.78 -39.07 12.75
N SER C 280 -1.95 -38.49 12.44
CA SER C 280 -2.62 -38.71 11.17
C SER C 280 -2.74 -37.39 10.42
N VAL C 281 -2.57 -37.45 9.10
CA VAL C 281 -2.77 -36.29 8.22
C VAL C 281 -3.92 -36.64 7.29
N LYS C 282 -5.06 -35.98 7.49
CA LYS C 282 -6.25 -36.23 6.70
C LYS C 282 -6.55 -35.03 5.81
N GLY C 283 -7.12 -35.31 4.64
CA GLY C 283 -7.58 -34.27 3.73
C GLY C 283 -9.10 -34.24 3.73
N SER C 284 -9.65 -33.03 3.60
CA SER C 284 -11.10 -32.85 3.60
C SER C 284 -11.45 -31.50 3.01
N ILE C 285 -12.23 -31.52 1.95
CA ILE C 285 -12.82 -30.28 1.38
C ILE C 285 -14.30 -30.53 1.18
N VAL C 286 -15.11 -29.49 1.30
CA VAL C 286 -16.60 -29.51 1.16
C VAL C 286 -17.28 -30.56 2.03
N GLY C 287 -18.43 -31.06 1.65
CA GLY C 287 -19.05 -32.05 2.51
C GLY C 287 -20.29 -32.63 1.92
N THR C 288 -20.79 -33.64 2.60
CA THR C 288 -21.99 -34.40 2.25
C THR C 288 -23.21 -33.49 2.30
N ARG C 289 -24.24 -33.86 1.53
CA ARG C 289 -25.52 -33.16 1.61
C ARG C 289 -26.02 -33.09 3.05
N LYS C 290 -25.91 -34.19 3.80
CA LYS C 290 -26.21 -34.17 5.22
C LYS C 290 -25.30 -33.21 5.96
N ASP C 291 -24.00 -33.23 5.64
CA ASP C 291 -23.09 -32.22 6.19
C ASP C 291 -23.59 -30.81 5.89
N MET C 292 -24.14 -30.60 4.70
CA MET C 292 -24.57 -29.26 4.30
C MET C 292 -25.75 -28.78 5.15
N GLN C 293 -26.72 -29.66 5.40
CA GLN C 293 -27.84 -29.31 6.27
C GLN C 293 -27.36 -28.99 7.68
N GLU C 294 -26.47 -29.83 8.22
CA GLU C 294 -25.95 -29.58 9.56
C GLU C 294 -25.18 -28.27 9.62
N ALA C 295 -24.40 -27.98 8.58
CA ALA C 295 -23.66 -26.72 8.54
C ALA C 295 -24.59 -25.53 8.46
N LEU C 296 -25.65 -25.62 7.66
CA LEU C 296 -26.61 -24.52 7.57
C LEU C 296 -27.38 -24.34 8.87
N ASP C 297 -27.64 -25.43 9.60
CA ASP C 297 -28.39 -25.32 10.84
C ASP C 297 -27.64 -24.48 11.87
N PHE C 298 -26.32 -24.69 11.99
CA PHE C 298 -25.52 -23.89 12.90
C PHE C 298 -25.67 -22.40 12.60
N ALA C 299 -25.67 -22.04 11.31
CA ALA C 299 -25.85 -20.64 10.95
C ALA C 299 -27.27 -20.17 11.22
N ALA C 300 -28.27 -21.05 11.09
CA ALA C 300 -29.64 -20.66 11.40
C ALA C 300 -29.84 -20.45 12.90
N ARG C 301 -29.12 -21.21 13.73
CA ARG C 301 -29.18 -21.02 15.17
C ARG C 301 -28.31 -19.85 15.65
N GLY C 302 -27.62 -19.17 14.74
CA GLY C 302 -26.86 -17.98 15.06
C GLY C 302 -25.44 -18.22 15.53
N LYS C 303 -24.94 -19.45 15.45
CA LYS C 303 -23.62 -19.78 15.98
C LYS C 303 -22.48 -19.55 15.00
N VAL C 304 -22.79 -19.25 13.73
CA VAL C 304 -21.77 -18.94 12.73
C VAL C 304 -22.28 -17.79 11.86
N ARG C 305 -21.59 -16.66 11.91
CA ARG C 305 -21.97 -15.47 11.16
C ARG C 305 -20.83 -15.05 10.24
N PRO C 306 -20.90 -15.38 8.95
CA PRO C 306 -19.80 -15.03 8.05
C PRO C 306 -19.63 -13.53 7.92
N ILE C 307 -18.38 -13.10 7.78
CA ILE C 307 -18.03 -11.70 7.57
C ILE C 307 -18.00 -11.46 6.06
N VAL C 308 -19.01 -10.75 5.56
CA VAL C 308 -19.22 -10.61 4.12
C VAL C 308 -19.50 -9.15 3.78
N GLU C 309 -19.12 -8.76 2.57
CA GLU C 309 -19.53 -7.48 2.01
C GLU C 309 -19.83 -7.63 0.54
N THR C 310 -20.84 -6.89 0.08
CA THR C 310 -21.45 -7.14 -1.22
C THR C 310 -20.69 -6.44 -2.34
N ALA C 311 -20.86 -6.99 -3.55
CA ALA C 311 -20.37 -6.38 -4.77
C ALA C 311 -21.35 -6.72 -5.88
N GLU C 312 -21.32 -5.92 -6.94
CA GLU C 312 -22.18 -6.15 -8.09
C GLU C 312 -21.52 -7.13 -9.06
N LEU C 313 -22.36 -7.74 -9.90
CA LEU C 313 -21.86 -8.71 -10.86
C LEU C 313 -20.91 -8.06 -11.87
N GLU C 314 -21.13 -6.77 -12.16
CA GLU C 314 -20.19 -6.06 -13.02
C GLU C 314 -18.84 -5.92 -12.36
N GLU C 315 -18.81 -5.90 -11.04
CA GLU C 315 -17.57 -5.77 -10.28
C GLU C 315 -16.83 -7.09 -10.11
N ILE C 316 -17.03 -8.06 -10.99
CA ILE C 316 -16.48 -9.39 -10.75
C ILE C 316 -14.96 -9.39 -10.87
N ASN C 317 -14.44 -8.69 -11.88
CA ASN C 317 -12.98 -8.57 -12.00
C ASN C 317 -12.40 -7.64 -10.94
N GLU C 318 -13.19 -6.68 -10.43
CA GLU C 318 -12.72 -5.89 -9.30
C GLU C 318 -12.39 -6.79 -8.13
N VAL C 319 -13.22 -7.80 -7.90
CA VAL C 319 -13.06 -8.65 -6.72
C VAL C 319 -11.87 -9.58 -6.90
N PHE C 320 -11.66 -10.05 -8.13
CA PHE C 320 -10.53 -10.93 -8.41
C PHE C 320 -9.22 -10.18 -8.29
N GLU C 321 -9.20 -8.90 -8.64
CA GLU C 321 -8.05 -8.05 -8.35
C GLU C 321 -7.81 -7.97 -6.86
N ARG C 322 -8.85 -7.60 -6.09
CA ARG C 322 -8.72 -7.48 -4.65
C ARG C 322 -8.28 -8.80 -4.02
N MET C 323 -8.75 -9.92 -4.57
CA MET C 323 -8.44 -11.22 -3.99
C MET C 323 -6.99 -11.61 -4.21
N GLU C 324 -6.40 -11.19 -5.34
CA GLU C 324 -5.01 -11.54 -5.61
C GLU C 324 -4.04 -10.74 -4.75
N LYS C 325 -4.44 -9.54 -4.32
CA LYS C 325 -3.63 -8.74 -3.39
C LYS C 325 -4.11 -8.84 -1.95
N GLY C 326 -4.78 -9.96 -1.62
CA GLY C 326 -5.13 -10.29 -0.25
C GLY C 326 -5.87 -9.24 0.56
N LYS C 327 -6.55 -8.31 -0.11
CA LYS C 327 -7.27 -7.24 0.57
C LYS C 327 -8.71 -7.62 0.92
N ILE C 328 -9.03 -8.90 0.94
CA ILE C 328 -10.37 -9.37 1.29
C ILE C 328 -10.31 -9.93 2.70
N ASN C 329 -10.84 -9.16 3.66
CA ASN C 329 -11.00 -9.62 5.04
C ASN C 329 -12.34 -10.34 5.14
N GLY C 330 -12.32 -11.66 4.99
CA GLY C 330 -13.54 -12.44 4.96
C GLY C 330 -13.84 -12.98 3.58
N ARG C 331 -15.09 -12.87 3.14
CA ARG C 331 -15.50 -13.32 1.82
C ARG C 331 -16.41 -12.26 1.20
N ILE C 332 -16.41 -12.20 -0.13
CA ILE C 332 -17.17 -11.22 -0.89
C ILE C 332 -18.29 -11.94 -1.65
N VAL C 333 -19.51 -11.45 -1.50
CA VAL C 333 -20.70 -12.06 -2.10
C VAL C 333 -21.26 -11.13 -3.16
N LEU C 334 -21.49 -11.67 -4.36
CA LEU C 334 -22.16 -10.92 -5.42
C LEU C 334 -23.66 -10.88 -5.14
N LYS C 335 -24.26 -9.70 -5.30
CA LYS C 335 -25.67 -9.49 -5.00
C LYS C 335 -26.43 -9.21 -6.29
N LEU C 336 -27.57 -9.87 -6.45
CA LEU C 336 -28.38 -9.75 -7.66
C LEU C 336 -29.83 -9.42 -7.31
N MET D 1 -60.32 29.27 -3.21
CA MET D 1 -59.22 29.25 -2.25
C MET D 1 -59.28 30.45 -1.31
N LYS D 2 -59.30 30.19 -0.01
CA LYS D 2 -59.28 31.25 0.99
C LYS D 2 -57.86 31.78 1.15
N ALA D 3 -57.75 33.10 1.32
CA ALA D 3 -56.45 33.74 1.41
C ALA D 3 -56.59 35.06 2.16
N ALA D 4 -55.57 35.40 2.94
CA ALA D 4 -55.47 36.70 3.57
C ALA D 4 -54.72 37.63 2.62
N VAL D 5 -55.39 38.69 2.18
CA VAL D 5 -54.90 39.54 1.10
C VAL D 5 -54.69 40.95 1.64
N VAL D 6 -53.60 41.59 1.19
CA VAL D 6 -53.34 43.00 1.44
C VAL D 6 -53.88 43.77 0.23
N ASN D 7 -54.96 44.52 0.43
CA ASN D 7 -55.53 45.29 -0.67
C ASN D 7 -54.80 46.61 -0.86
N GLU D 8 -54.54 47.33 0.22
CA GLU D 8 -53.58 48.43 0.21
C GLU D 8 -52.99 48.59 1.60
N PHE D 9 -51.98 49.44 1.69
CA PHE D 9 -51.09 49.46 2.84
C PHE D 9 -51.76 50.11 4.06
N LYS D 10 -51.34 49.64 5.24
CA LYS D 10 -51.68 50.23 6.53
C LYS D 10 -53.13 50.01 6.92
N LYS D 11 -53.95 49.46 6.01
CA LYS D 11 -55.30 49.04 6.36
C LYS D 11 -55.36 47.53 6.44
N ALA D 12 -56.38 47.04 7.15
CA ALA D 12 -56.44 45.64 7.56
C ALA D 12 -56.45 44.69 6.36
N LEU D 13 -55.86 43.52 6.56
CA LEU D 13 -55.93 42.46 5.57
C LEU D 13 -57.32 41.86 5.53
N GLU D 14 -57.76 41.48 4.35
CA GLU D 14 -59.08 40.91 4.13
C GLU D 14 -58.93 39.42 3.83
N ILE D 15 -59.60 38.59 4.62
CA ILE D 15 -59.70 37.17 4.31
C ILE D 15 -60.77 37.02 3.24
N LYS D 16 -60.43 36.35 2.14
CA LYS D 16 -61.27 36.38 0.96
C LYS D 16 -60.92 35.24 0.02
N GLU D 17 -61.93 34.78 -0.72
CA GLU D 17 -61.75 33.71 -1.68
C GLU D 17 -61.10 34.27 -2.94
N VAL D 18 -60.04 33.60 -3.41
CA VAL D 18 -59.32 33.99 -4.60
C VAL D 18 -59.08 32.75 -5.45
N GLU D 19 -58.44 32.95 -6.60
CA GLU D 19 -58.17 31.86 -7.53
C GLU D 19 -57.01 31.00 -7.05
N ARG D 20 -57.10 29.70 -7.29
CA ARG D 20 -55.99 28.82 -7.02
C ARG D 20 -54.87 29.11 -8.01
N PRO D 21 -53.60 29.03 -7.58
CA PRO D 21 -52.49 29.37 -8.48
C PRO D 21 -52.41 28.43 -9.66
N LYS D 22 -52.06 28.99 -10.83
CA LYS D 22 -51.84 28.23 -12.05
C LYS D 22 -50.35 27.91 -12.16
N LEU D 23 -50.04 26.64 -12.46
CA LEU D 23 -48.65 26.18 -12.50
C LEU D 23 -48.10 26.29 -13.92
N GLU D 24 -47.04 27.06 -14.09
CA GLU D 24 -46.23 27.01 -15.30
C GLU D 24 -45.09 26.01 -15.08
N GLU D 25 -44.25 25.82 -16.10
CA GLU D 25 -43.29 24.73 -16.08
C GLU D 25 -42.23 24.96 -15.01
N GLY D 26 -41.87 23.88 -14.32
CA GLY D 26 -40.91 23.92 -13.24
C GLY D 26 -41.48 24.25 -11.89
N GLU D 27 -42.73 24.69 -11.83
CA GLU D 27 -43.35 25.10 -10.58
C GLU D 27 -44.06 23.92 -9.92
N VAL D 28 -44.53 24.15 -8.70
CA VAL D 28 -45.27 23.15 -7.95
C VAL D 28 -46.30 23.87 -7.10
N LEU D 29 -47.47 23.25 -6.94
CA LEU D 29 -48.52 23.79 -6.07
C LEU D 29 -48.47 23.05 -4.74
N VAL D 30 -48.55 23.82 -3.65
CA VAL D 30 -48.45 23.28 -2.30
C VAL D 30 -49.69 23.69 -1.52
N LYS D 31 -50.36 22.69 -0.93
CA LYS D 31 -51.45 22.92 0.00
C LYS D 31 -50.85 23.22 1.37
N ILE D 32 -50.96 24.47 1.81
CA ILE D 32 -50.24 24.93 2.99
C ILE D 32 -50.87 24.36 4.24
N GLU D 33 -50.04 23.75 5.10
CA GLU D 33 -50.45 23.34 6.43
C GLU D 33 -50.26 24.45 7.45
N ALA D 34 -49.12 25.14 7.39
CA ALA D 34 -48.81 26.21 8.31
C ALA D 34 -47.91 27.23 7.61
N CYS D 35 -48.01 28.49 8.04
CA CYS D 35 -47.15 29.54 7.53
C CYS D 35 -46.76 30.46 8.66
N GLY D 36 -45.46 30.68 8.84
CA GLY D 36 -44.97 31.51 9.90
C GLY D 36 -45.23 32.99 9.67
N VAL D 37 -45.15 33.74 10.76
CA VAL D 37 -45.38 35.19 10.75
C VAL D 37 -44.22 35.87 11.45
N CYS D 38 -43.64 36.87 10.79
CA CYS D 38 -42.57 37.67 11.36
C CYS D 38 -42.79 39.12 10.97
N HIS D 39 -41.87 39.99 11.39
CA HIS D 39 -42.01 41.43 11.14
C HIS D 39 -41.91 41.78 9.67
N THR D 40 -41.29 40.93 8.84
CA THR D 40 -41.21 41.22 7.41
C THR D 40 -42.60 41.24 6.79
N ASP D 41 -43.48 40.34 7.21
CA ASP D 41 -44.86 40.36 6.75
C ASP D 41 -45.55 41.67 7.11
N LEU D 42 -45.24 42.22 8.28
CA LEU D 42 -45.82 43.50 8.68
C LEU D 42 -45.31 44.63 7.80
N HIS D 43 -43.99 44.71 7.60
CA HIS D 43 -43.43 45.71 6.70
C HIS D 43 -43.96 45.53 5.28
N ALA D 44 -44.30 44.30 4.90
CA ALA D 44 -44.95 44.08 3.61
C ALA D 44 -46.39 44.56 3.61
N ALA D 45 -47.09 44.41 4.74
CA ALA D 45 -48.47 44.90 4.83
C ALA D 45 -48.52 46.42 4.92
N HIS D 46 -47.53 47.04 5.56
CA HIS D 46 -47.50 48.48 5.72
C HIS D 46 -46.81 49.21 4.57
N GLY D 47 -46.01 48.49 3.78
CA GLY D 47 -45.35 49.11 2.64
C GLY D 47 -44.39 50.21 2.99
N ASP D 48 -43.74 50.12 4.16
CA ASP D 48 -42.86 51.17 4.65
C ASP D 48 -41.39 50.89 4.37
N TRP D 49 -41.09 49.95 3.47
CA TRP D 49 -39.73 49.64 3.09
C TRP D 49 -39.36 50.37 1.79
N PRO D 50 -38.07 50.53 1.50
CA PRO D 50 -37.66 51.30 0.30
C PRO D 50 -38.35 50.85 -0.98
N ILE D 51 -38.25 49.57 -1.34
CA ILE D 51 -38.97 49.02 -2.48
C ILE D 51 -40.17 48.25 -1.94
N LYS D 52 -41.35 48.70 -2.33
CA LYS D 52 -42.62 48.14 -1.80
C LYS D 52 -43.11 46.96 -2.62
N PRO D 53 -43.94 46.10 -2.05
CA PRO D 53 -44.59 45.03 -2.82
C PRO D 53 -45.75 45.60 -3.63
N LYS D 54 -45.96 45.02 -4.83
CA LYS D 54 -47.07 45.40 -5.67
C LYS D 54 -48.32 44.64 -5.26
N LEU D 55 -49.45 45.35 -5.16
CA LEU D 55 -50.73 44.96 -4.60
C LEU D 55 -51.72 44.59 -5.69
N PRO D 56 -52.68 43.68 -5.40
CA PRO D 56 -52.88 42.99 -4.11
C PRO D 56 -51.83 41.91 -3.85
N LEU D 57 -51.57 41.62 -2.57
CA LEU D 57 -50.48 40.73 -2.20
C LEU D 57 -50.95 39.73 -1.14
N ILE D 58 -50.60 38.47 -1.33
CA ILE D 58 -50.76 37.43 -0.30
C ILE D 58 -49.41 37.26 0.37
N PRO D 59 -49.22 37.77 1.59
CA PRO D 59 -47.90 37.69 2.22
C PRO D 59 -47.54 36.28 2.66
N GLY D 60 -46.51 36.16 3.50
CA GLY D 60 -46.09 34.88 4.02
C GLY D 60 -44.95 34.26 3.25
N HIS D 61 -43.80 34.10 3.91
CA HIS D 61 -42.62 33.48 3.33
C HIS D 61 -42.12 32.30 4.16
N GLU D 62 -42.94 31.81 5.08
CA GLU D 62 -42.62 30.67 5.92
C GLU D 62 -43.67 29.57 5.76
N GLY D 63 -44.15 29.39 4.54
CA GLY D 63 -45.24 28.46 4.30
C GLY D 63 -44.75 27.04 4.18
N VAL D 64 -45.37 26.13 4.92
CA VAL D 64 -45.07 24.71 4.90
C VAL D 64 -46.34 23.96 4.52
N GLY D 65 -46.20 22.97 3.64
CA GLY D 65 -47.36 22.22 3.21
C GLY D 65 -46.98 21.01 2.36
N ILE D 66 -48.01 20.47 1.70
CA ILE D 66 -47.89 19.25 0.90
C ILE D 66 -48.03 19.62 -0.57
N VAL D 67 -47.10 19.16 -1.40
CA VAL D 67 -47.23 19.40 -2.83
C VAL D 67 -48.36 18.51 -3.35
N VAL D 68 -49.34 19.13 -4.00
CA VAL D 68 -50.52 18.41 -4.50
C VAL D 68 -50.48 18.26 -6.01
N GLU D 69 -49.50 18.84 -6.69
CA GLU D 69 -49.49 18.95 -8.14
C GLU D 69 -48.14 19.48 -8.61
N VAL D 70 -47.51 18.81 -9.57
CA VAL D 70 -46.25 19.26 -10.14
C VAL D 70 -46.46 19.52 -11.63
N ALA D 71 -45.77 20.53 -12.15
CA ALA D 71 -45.89 20.89 -13.55
C ALA D 71 -45.04 19.94 -14.39
N LYS D 72 -44.94 20.22 -15.69
CA LYS D 72 -44.16 19.37 -16.58
C LYS D 72 -42.69 19.38 -16.17
N GLY D 73 -42.03 18.22 -16.34
CA GLY D 73 -40.61 18.12 -16.15
C GLY D 73 -40.09 18.46 -14.77
N VAL D 74 -40.95 18.41 -13.75
CA VAL D 74 -40.49 18.66 -12.39
C VAL D 74 -39.62 17.46 -11.99
N LYS D 75 -38.33 17.74 -11.76
CA LYS D 75 -37.34 16.67 -11.75
C LYS D 75 -37.27 15.98 -10.41
N SER D 76 -37.37 16.73 -9.32
CA SER D 76 -36.95 16.27 -7.99
C SER D 76 -38.09 16.08 -7.01
N ILE D 77 -39.06 16.99 -6.96
CA ILE D 77 -40.11 16.96 -5.97
C ILE D 77 -41.31 16.23 -6.55
N LYS D 78 -41.76 15.19 -5.84
CA LYS D 78 -42.87 14.34 -6.28
C LYS D 78 -44.08 14.66 -5.41
N VAL D 79 -45.27 14.49 -5.96
CA VAL D 79 -46.50 14.79 -5.24
C VAL D 79 -46.54 13.98 -3.94
N GLY D 80 -46.80 14.67 -2.84
CA GLY D 80 -46.85 14.05 -1.53
C GLY D 80 -45.76 14.52 -0.57
N ASP D 81 -44.67 15.07 -1.11
CA ASP D 81 -43.61 15.59 -0.25
C ASP D 81 -44.12 16.76 0.58
N ARG D 82 -43.43 17.01 1.68
CA ARG D 82 -43.64 18.21 2.49
C ARG D 82 -42.50 19.18 2.21
N VAL D 83 -42.84 20.40 1.80
CA VAL D 83 -41.86 21.39 1.41
C VAL D 83 -42.18 22.71 2.09
N GLY D 84 -41.23 23.64 1.98
CA GLY D 84 -41.43 24.99 2.49
C GLY D 84 -41.05 26.00 1.43
N ILE D 85 -41.81 27.09 1.38
CA ILE D 85 -41.57 28.13 0.38
C ILE D 85 -41.00 29.36 1.08
N PRO D 86 -39.68 29.54 1.05
CA PRO D 86 -39.05 30.55 1.91
C PRO D 86 -39.10 31.96 1.36
N TRP D 87 -38.25 32.84 1.92
CA TRP D 87 -38.18 34.21 1.45
C TRP D 87 -37.54 34.29 0.07
N LEU D 88 -36.46 33.54 -0.16
CA LEU D 88 -35.88 33.51 -1.50
C LEU D 88 -36.70 32.56 -2.36
N TYR D 89 -37.69 33.14 -3.03
CA TYR D 89 -38.63 32.35 -3.82
C TYR D 89 -37.97 31.80 -5.09
N SER D 90 -37.15 32.61 -5.76
CA SER D 90 -36.45 32.15 -6.96
C SER D 90 -35.24 33.05 -7.21
N ALA D 91 -34.34 32.55 -8.05
CA ALA D 91 -33.16 33.29 -8.48
C ALA D 91 -32.89 32.96 -9.94
N CYS D 92 -32.09 33.82 -10.58
CA CYS D 92 -31.86 33.68 -12.02
C CYS D 92 -31.08 32.40 -12.34
N GLY D 93 -30.10 32.05 -11.51
CA GLY D 93 -29.26 30.91 -11.79
C GLY D 93 -28.14 31.15 -12.77
N GLU D 94 -27.91 32.40 -13.18
CA GLU D 94 -26.86 32.72 -14.15
C GLU D 94 -25.85 33.74 -13.68
N CYS D 95 -26.17 34.58 -12.69
CA CYS D 95 -25.41 35.78 -12.44
C CYS D 95 -24.17 35.49 -11.58
N GLU D 96 -23.47 36.55 -11.20
CA GLU D 96 -22.24 36.42 -10.42
C GLU D 96 -22.49 35.68 -9.11
N TYR D 97 -23.62 35.94 -8.47
CA TYR D 97 -23.91 35.38 -7.15
C TYR D 97 -24.55 34.00 -7.22
N CYS D 98 -25.33 33.72 -8.26
CA CYS D 98 -25.91 32.40 -8.41
C CYS D 98 -24.86 31.35 -8.74
N LEU D 99 -23.83 31.71 -9.51
CA LEU D 99 -22.82 30.75 -9.91
C LEU D 99 -21.91 30.34 -8.75
N THR D 100 -21.82 31.16 -7.71
CA THR D 100 -20.90 30.93 -6.60
C THR D 100 -21.63 30.53 -5.32
N GLY D 101 -22.87 30.06 -5.44
CA GLY D 101 -23.62 29.66 -4.26
C GLY D 101 -24.03 30.79 -3.35
N GLN D 102 -24.14 32.00 -3.88
CA GLN D 102 -24.61 33.14 -3.09
C GLN D 102 -25.96 33.60 -3.61
N GLU D 103 -26.90 32.65 -3.78
CA GLU D 103 -28.18 32.93 -4.41
C GLU D 103 -28.95 34.03 -3.69
N THR D 104 -28.64 34.27 -2.41
CA THR D 104 -29.34 35.30 -1.65
C THR D 104 -29.12 36.69 -2.22
N LEU D 105 -28.04 36.91 -2.95
CA LEU D 105 -27.67 38.22 -3.46
C LEU D 105 -28.07 38.43 -4.92
N CYS D 106 -28.81 37.49 -5.50
CA CYS D 106 -29.20 37.58 -6.90
C CYS D 106 -30.07 38.82 -7.15
N PRO D 107 -29.64 39.74 -8.01
CA PRO D 107 -30.43 40.96 -8.24
C PRO D 107 -31.77 40.72 -8.93
N HIS D 108 -31.99 39.54 -9.53
CA HIS D 108 -33.24 39.20 -10.17
C HIS D 108 -34.11 38.28 -9.32
N GLN D 109 -33.88 38.26 -8.01
CA GLN D 109 -34.58 37.34 -7.13
C GLN D 109 -36.01 37.79 -6.90
N LEU D 110 -36.90 36.81 -6.74
CA LEU D 110 -38.27 37.02 -6.33
C LEU D 110 -38.41 36.57 -4.87
N ASN D 111 -39.22 37.30 -4.11
CA ASN D 111 -39.35 37.07 -2.67
C ASN D 111 -40.76 36.61 -2.36
N GLY D 112 -40.87 35.44 -1.73
CA GLY D 112 -42.15 34.89 -1.34
C GLY D 112 -42.90 35.81 -0.39
N GLY D 113 -44.17 36.07 -0.67
CA GLY D 113 -44.95 36.95 0.16
C GLY D 113 -44.75 38.43 -0.09
N TYR D 114 -43.81 38.80 -0.96
CA TYR D 114 -43.53 40.20 -1.25
C TYR D 114 -43.60 40.55 -2.74
N SER D 115 -42.65 40.02 -3.53
CA SER D 115 -42.70 40.17 -4.98
C SER D 115 -43.62 39.17 -5.64
N VAL D 116 -44.13 38.20 -4.89
CA VAL D 116 -44.98 37.14 -5.42
C VAL D 116 -45.87 36.66 -4.28
N ASP D 117 -47.03 36.09 -4.65
CA ASP D 117 -47.99 35.65 -3.64
C ASP D 117 -47.40 34.54 -2.78
N GLY D 118 -47.57 34.68 -1.47
CA GLY D 118 -46.96 33.75 -0.53
C GLY D 118 -47.94 32.78 0.13
N GLY D 119 -47.62 32.37 1.35
CA GLY D 119 -48.34 31.30 2.00
C GLY D 119 -49.42 31.70 3.00
N TYR D 120 -49.96 32.91 2.87
CA TYR D 120 -51.11 33.30 3.67
C TYR D 120 -52.39 32.80 3.01
N ALA D 121 -52.40 31.54 2.60
CA ALA D 121 -53.51 30.99 1.82
C ALA D 121 -53.52 29.47 2.00
N GLU D 122 -54.55 28.84 1.43
CA GLU D 122 -54.67 27.38 1.48
C GLU D 122 -53.73 26.71 0.50
N TYR D 123 -53.47 27.33 -0.64
CA TYR D 123 -52.54 26.81 -1.64
C TYR D 123 -51.55 27.90 -2.01
N CYS D 124 -50.31 27.49 -2.27
CA CYS D 124 -49.28 28.40 -2.75
C CYS D 124 -48.42 27.70 -3.79
N LYS D 125 -47.96 28.48 -4.76
CA LYS D 125 -47.14 28.01 -5.86
C LYS D 125 -45.70 28.44 -5.64
N ALA D 126 -44.76 27.62 -6.12
CA ALA D 126 -43.35 27.90 -5.94
C ALA D 126 -42.54 27.06 -6.91
N PRO D 127 -41.40 27.55 -7.37
CA PRO D 127 -40.56 26.75 -8.27
C PRO D 127 -39.94 25.58 -7.51
N ALA D 128 -39.89 24.42 -8.18
CA ALA D 128 -39.36 23.22 -7.55
C ALA D 128 -37.90 23.38 -7.16
N ASP D 129 -37.13 24.13 -7.97
CA ASP D 129 -35.70 24.26 -7.74
C ASP D 129 -35.36 25.06 -6.48
N TYR D 130 -36.33 25.69 -5.82
CA TYR D 130 -36.02 26.62 -4.75
C TYR D 130 -36.85 26.44 -3.48
N VAL D 131 -37.74 25.44 -3.41
CA VAL D 131 -38.44 25.19 -2.15
C VAL D 131 -37.57 24.32 -1.26
N ALA D 132 -37.70 24.51 0.05
CA ALA D 132 -36.98 23.71 1.02
C ALA D 132 -37.73 22.40 1.27
N LYS D 133 -37.00 21.29 1.30
CA LYS D 133 -37.58 20.00 1.60
C LYS D 133 -37.53 19.78 3.12
N ILE D 134 -38.69 19.79 3.75
CA ILE D 134 -38.76 19.63 5.21
C ILE D 134 -38.39 18.19 5.57
N PRO D 135 -37.58 17.98 6.60
CA PRO D 135 -37.26 16.61 7.01
C PRO D 135 -38.47 15.91 7.60
N ASP D 136 -38.40 14.57 7.60
CA ASP D 136 -39.54 13.77 8.02
C ASP D 136 -39.82 13.90 9.52
N ASN D 137 -38.79 14.23 10.31
CA ASN D 137 -38.97 14.26 11.77
C ASN D 137 -39.94 15.35 12.20
N LEU D 138 -40.01 16.44 11.45
CA LEU D 138 -40.57 17.69 11.94
C LEU D 138 -42.01 17.89 11.47
N ASP D 139 -42.84 18.44 12.37
CA ASP D 139 -44.22 18.81 12.13
C ASP D 139 -44.30 20.23 11.56
N PRO D 140 -45.18 20.44 10.58
CA PRO D 140 -45.10 21.67 9.78
C PRO D 140 -45.21 22.97 10.57
N VAL D 141 -45.91 22.95 11.70
CA VAL D 141 -46.14 24.20 12.43
C VAL D 141 -44.91 24.62 13.22
N GLU D 142 -44.13 23.66 13.73
CA GLU D 142 -42.95 23.98 14.52
C GLU D 142 -41.72 24.30 13.66
N VAL D 143 -41.71 23.84 12.41
CA VAL D 143 -40.55 24.05 11.53
C VAL D 143 -40.70 25.31 10.67
N ALA D 144 -41.89 25.89 10.62
CA ALA D 144 -42.09 27.11 9.84
C ALA D 144 -41.12 28.24 10.19
N PRO D 145 -40.80 28.54 11.46
CA PRO D 145 -39.83 29.62 11.73
C PRO D 145 -38.42 29.31 11.26
N ILE D 146 -38.07 28.04 11.03
CA ILE D 146 -36.73 27.72 10.54
C ILE D 146 -36.53 28.29 9.13
N LEU D 147 -37.61 28.39 8.36
CA LEU D 147 -37.50 28.93 7.00
C LEU D 147 -37.03 30.39 7.02
N CYS D 148 -37.30 31.11 8.11
CA CYS D 148 -36.87 32.51 8.20
C CYS D 148 -35.84 32.69 9.30
N ALA D 149 -36.29 32.69 10.56
CA ALA D 149 -35.39 32.95 11.67
C ALA D 149 -34.31 31.88 11.79
N GLY D 150 -34.62 30.64 11.39
CA GLY D 150 -33.64 29.58 11.51
C GLY D 150 -32.48 29.74 10.55
N VAL D 151 -32.78 29.92 9.26
CA VAL D 151 -31.72 30.01 8.27
C VAL D 151 -30.97 31.34 8.39
N THR D 152 -31.66 32.40 8.81
CA THR D 152 -31.00 33.70 8.94
C THR D 152 -29.92 33.65 10.03
N THR D 153 -30.30 33.27 11.25
CA THR D 153 -29.37 33.31 12.36
C THR D 153 -28.26 32.28 12.20
N TYR D 154 -28.58 31.12 11.64
CA TYR D 154 -27.56 30.09 11.43
C TYR D 154 -26.49 30.57 10.47
N LYS D 155 -26.91 31.11 9.32
CA LYS D 155 -25.96 31.68 8.37
C LYS D 155 -25.18 32.83 9.01
N ALA D 156 -25.84 33.61 9.87
CA ALA D 156 -25.17 34.73 10.51
C ALA D 156 -24.03 34.27 11.41
N LEU D 157 -24.22 33.16 12.12
CA LEU D 157 -23.17 32.64 12.98
C LEU D 157 -22.05 32.00 12.16
N LYS D 158 -22.36 31.50 10.96
CA LYS D 158 -21.32 31.04 10.05
C LYS D 158 -20.53 32.21 9.50
N VAL D 159 -21.22 33.30 9.15
CA VAL D 159 -20.54 34.50 8.65
C VAL D 159 -19.67 35.12 9.74
N SER D 160 -20.09 34.99 11.00
CA SER D 160 -19.36 35.63 12.10
C SER D 160 -17.94 35.11 12.27
N GLY D 161 -17.65 33.91 11.76
CA GLY D 161 -16.33 33.33 11.93
C GLY D 161 -16.06 32.76 13.32
N ALA D 162 -17.06 32.74 14.19
CA ALA D 162 -16.88 32.20 15.53
C ALA D 162 -16.67 30.68 15.46
N ARG D 163 -15.59 30.21 16.07
CA ARG D 163 -15.20 28.81 16.08
C ARG D 163 -15.52 28.17 17.42
N PRO D 164 -15.74 26.85 17.45
CA PRO D 164 -16.10 26.18 18.71
C PRO D 164 -15.14 26.52 19.84
N GLY D 165 -15.71 26.72 21.04
CA GLY D 165 -14.98 27.12 22.22
C GLY D 165 -15.01 28.61 22.48
N GLU D 166 -15.23 29.42 21.46
CA GLU D 166 -15.21 30.86 21.60
C GLU D 166 -16.56 31.39 22.08
N TRP D 167 -16.56 32.65 22.50
CA TRP D 167 -17.73 33.31 23.05
C TRP D 167 -18.41 34.19 22.00
N VAL D 168 -19.73 34.16 22.00
CA VAL D 168 -20.54 35.01 21.12
C VAL D 168 -21.60 35.70 21.97
N ALA D 169 -21.96 36.91 21.55
CA ALA D 169 -22.99 37.69 22.21
C ALA D 169 -24.18 37.84 21.26
N ILE D 170 -25.38 37.63 21.78
CA ILE D 170 -26.61 37.69 21.00
C ILE D 170 -27.48 38.78 21.61
N TYR D 171 -27.58 39.91 20.92
CA TYR D 171 -28.33 41.07 21.40
C TYR D 171 -29.75 41.00 20.86
N GLY D 172 -30.70 40.72 21.74
CA GLY D 172 -32.08 40.55 21.33
C GLY D 172 -32.52 39.11 21.35
N ILE D 173 -33.22 38.69 22.40
CA ILE D 173 -33.68 37.32 22.54
C ILE D 173 -35.14 37.25 22.12
N GLY D 174 -35.48 37.97 21.06
CA GLY D 174 -36.84 37.97 20.55
C GLY D 174 -37.09 36.84 19.57
N GLY D 175 -37.76 37.17 18.46
CA GLY D 175 -38.06 36.19 17.44
C GLY D 175 -36.85 35.45 16.92
N LEU D 176 -35.86 36.19 16.42
CA LEU D 176 -34.66 35.56 15.88
C LEU D 176 -33.66 35.17 16.95
N GLY D 177 -33.61 35.92 18.06
CA GLY D 177 -32.58 35.67 19.05
C GLY D 177 -32.76 34.34 19.76
N HIS D 178 -33.98 34.04 20.20
CA HIS D 178 -34.22 32.77 20.89
C HIS D 178 -33.89 31.58 19.99
N ILE D 179 -33.98 31.76 18.67
CA ILE D 179 -33.53 30.73 17.75
C ILE D 179 -32.02 30.80 17.55
N ALA D 180 -31.47 32.02 17.50
CA ALA D 180 -30.03 32.18 17.36
C ALA D 180 -29.29 31.49 18.49
N LEU D 181 -29.81 31.60 19.72
CA LEU D 181 -29.25 30.95 20.89
C LEU D 181 -28.90 29.49 20.63
N GLN D 182 -29.91 28.72 20.21
CA GLN D 182 -29.76 27.27 20.09
C GLN D 182 -28.77 26.90 18.98
N TYR D 183 -28.79 27.64 17.87
CA TYR D 183 -27.85 27.35 16.79
C TYR D 183 -26.41 27.56 17.26
N ALA D 184 -26.16 28.67 17.97
CA ALA D 184 -24.83 28.92 18.50
C ALA D 184 -24.38 27.81 19.44
N LYS D 185 -25.26 27.40 20.36
CA LYS D 185 -24.93 26.32 21.28
C LYS D 185 -24.61 25.03 20.52
N ALA D 186 -25.40 24.73 19.49
CA ALA D 186 -25.16 23.54 18.68
C ALA D 186 -23.85 23.62 17.90
N MET D 187 -23.29 24.82 17.74
CA MET D 187 -22.06 25.02 17.00
C MET D 187 -20.83 25.07 17.89
N GLY D 188 -20.95 24.63 19.15
CA GLY D 188 -19.83 24.63 20.06
C GLY D 188 -19.52 25.96 20.71
N LEU D 189 -20.39 26.95 20.58
CA LEU D 189 -20.11 28.29 21.09
C LEU D 189 -20.70 28.49 22.48
N ASN D 190 -20.01 29.29 23.27
CA ASN D 190 -20.56 29.83 24.51
C ASN D 190 -21.28 31.14 24.18
N VAL D 191 -22.43 31.36 24.83
CA VAL D 191 -23.35 32.41 24.43
C VAL D 191 -23.61 33.33 25.61
N VAL D 192 -23.50 34.64 25.36
CA VAL D 192 -24.02 35.67 26.27
C VAL D 192 -25.24 36.27 25.59
N ALA D 193 -26.40 36.09 26.21
CA ALA D 193 -27.66 36.61 25.69
C ALA D 193 -28.02 37.90 26.41
N VAL D 194 -28.33 38.94 25.65
CA VAL D 194 -28.62 40.27 26.19
C VAL D 194 -30.00 40.70 25.72
N ASP D 195 -30.82 41.16 26.66
CA ASP D 195 -32.13 41.73 26.37
C ASP D 195 -32.48 42.71 27.48
N ILE D 196 -33.76 43.11 27.53
CA ILE D 196 -34.19 44.21 28.37
C ILE D 196 -35.14 43.77 29.46
N SER D 197 -35.25 42.47 29.74
CA SER D 197 -36.24 42.00 30.69
C SER D 197 -35.70 40.80 31.46
N ASP D 198 -36.07 40.72 32.75
CA ASP D 198 -35.73 39.55 33.56
C ASP D 198 -36.39 38.29 33.03
N GLU D 199 -37.54 38.44 32.36
CA GLU D 199 -38.25 37.28 31.84
C GLU D 199 -37.50 36.66 30.67
N LYS D 200 -37.03 37.50 29.74
CA LYS D 200 -36.28 36.98 28.60
C LYS D 200 -34.90 36.48 29.02
N SER D 201 -34.35 37.02 30.12
CA SER D 201 -33.10 36.49 30.65
C SER D 201 -33.25 35.02 31.03
N LYS D 202 -34.26 34.70 31.84
CA LYS D 202 -34.54 33.31 32.15
C LYS D 202 -34.86 32.51 30.88
N LEU D 203 -35.59 33.13 29.95
CA LEU D 203 -35.91 32.45 28.69
C LEU D 203 -34.65 31.99 27.98
N ALA D 204 -33.66 32.88 27.89
CA ALA D 204 -32.41 32.52 27.23
C ALA D 204 -31.66 31.44 28.01
N LYS D 205 -31.46 31.67 29.32
CA LYS D 205 -30.82 30.66 30.15
C LYS D 205 -31.56 29.32 30.08
N ASP D 206 -32.88 29.36 29.88
CA ASP D 206 -33.66 28.14 29.79
C ASP D 206 -33.31 27.32 28.54
N LEU D 207 -33.00 27.99 27.43
CA LEU D 207 -32.72 27.31 26.16
C LEU D 207 -31.23 27.14 25.88
N GLY D 208 -30.34 27.52 26.80
CA GLY D 208 -28.95 27.13 26.69
C GLY D 208 -27.91 28.19 26.95
N ALA D 209 -28.34 29.44 27.14
CA ALA D 209 -27.39 30.54 27.32
C ALA D 209 -26.50 30.30 28.55
N ASP D 210 -25.18 30.48 28.36
CA ASP D 210 -24.27 30.39 29.50
C ASP D 210 -24.38 31.60 30.40
N ILE D 211 -24.72 32.75 29.83
CA ILE D 211 -24.86 34.00 30.59
C ILE D 211 -26.04 34.76 30.00
N ALA D 212 -26.91 35.26 30.88
CA ALA D 212 -28.04 36.10 30.48
C ALA D 212 -27.97 37.42 31.24
N ILE D 213 -28.23 38.51 30.53
CA ILE D 213 -28.05 39.86 31.07
C ILE D 213 -29.31 40.68 30.79
N ASN D 214 -29.85 41.29 31.84
CA ASN D 214 -30.93 42.27 31.71
C ASN D 214 -30.28 43.62 31.46
N GLY D 215 -30.33 44.09 30.21
CA GLY D 215 -29.62 45.30 29.82
C GLY D 215 -30.04 46.55 30.56
N LEU D 216 -31.22 46.54 31.19
CA LEU D 216 -31.68 47.68 31.97
C LEU D 216 -31.33 47.57 33.44
N LYS D 217 -30.48 46.60 33.81
CA LYS D 217 -30.06 46.43 35.20
C LYS D 217 -28.54 46.39 35.33
N GLU D 218 -27.86 45.82 34.33
CA GLU D 218 -26.41 45.88 34.24
C GLU D 218 -26.02 46.56 32.93
N ASP D 219 -24.86 47.21 32.95
CA ASP D 219 -24.22 47.61 31.71
C ASP D 219 -23.74 46.36 30.99
N PRO D 220 -24.35 45.97 29.86
CA PRO D 220 -23.98 44.68 29.26
C PRO D 220 -22.59 44.67 28.65
N VAL D 221 -22.09 45.81 28.20
CA VAL D 221 -20.74 45.85 27.63
C VAL D 221 -19.71 45.67 28.74
N LYS D 222 -19.89 46.33 29.88
CA LYS D 222 -18.98 46.14 31.01
C LYS D 222 -19.13 44.74 31.60
N ALA D 223 -20.35 44.20 31.60
CA ALA D 223 -20.54 42.82 32.04
C ALA D 223 -19.80 41.84 31.15
N ILE D 224 -19.97 41.97 29.83
CA ILE D 224 -19.31 41.08 28.89
C ILE D 224 -17.80 41.22 29.00
N HIS D 225 -17.30 42.44 29.17
CA HIS D 225 -15.86 42.65 29.25
C HIS D 225 -15.31 42.14 30.57
N ASP D 226 -16.06 42.29 31.66
CA ASP D 226 -15.55 41.87 32.97
C ASP D 226 -15.62 40.36 33.13
N GLN D 227 -16.52 39.68 32.43
CA GLN D 227 -16.74 38.26 32.63
C GLN D 227 -16.03 37.38 31.60
N VAL D 228 -16.07 37.75 30.33
CA VAL D 228 -15.44 36.95 29.27
C VAL D 228 -14.40 37.73 28.48
N GLY D 229 -14.21 39.02 28.78
CA GLY D 229 -13.20 39.80 28.10
C GLY D 229 -13.55 40.21 26.68
N GLY D 230 -14.83 40.39 26.39
CA GLY D 230 -15.26 40.66 25.04
C GLY D 230 -15.45 39.38 24.23
N VAL D 231 -16.28 39.48 23.20
CA VAL D 231 -16.70 38.32 22.42
C VAL D 231 -16.11 38.41 21.02
N HIS D 232 -15.63 37.27 20.51
CA HIS D 232 -15.11 37.22 19.15
C HIS D 232 -16.15 37.69 18.14
N ALA D 233 -17.40 37.26 18.32
CA ALA D 233 -18.49 37.65 17.44
C ALA D 233 -19.66 38.11 18.27
N ALA D 234 -20.50 38.95 17.66
CA ALA D 234 -21.76 39.37 18.25
C ALA D 234 -22.82 39.41 17.15
N ILE D 235 -24.01 38.90 17.47
CA ILE D 235 -25.14 38.89 16.56
C ILE D 235 -26.09 40.00 17.01
N SER D 236 -26.30 40.98 16.14
CA SER D 236 -27.18 42.12 16.45
C SER D 236 -28.55 41.85 15.85
N VAL D 237 -29.48 41.42 16.70
CA VAL D 237 -30.87 41.25 16.29
C VAL D 237 -31.68 42.51 16.56
N ALA D 238 -31.60 43.03 17.79
CA ALA D 238 -32.23 44.30 18.13
C ALA D 238 -31.39 45.43 17.54
N VAL D 239 -31.94 46.13 16.57
CA VAL D 239 -31.21 47.17 15.87
C VAL D 239 -31.69 48.57 16.24
N ASN D 240 -32.30 48.73 17.41
CA ASN D 240 -32.44 50.07 17.95
C ASN D 240 -31.06 50.59 18.31
N LYS D 241 -30.91 51.91 18.29
CA LYS D 241 -29.57 52.49 18.32
C LYS D 241 -28.79 52.11 19.58
N LYS D 242 -29.45 52.03 20.73
CA LYS D 242 -28.71 51.71 21.95
C LYS D 242 -28.25 50.25 22.00
N ALA D 243 -29.01 49.33 21.42
CA ALA D 243 -28.58 47.93 21.42
C ALA D 243 -27.52 47.68 20.36
N PHE D 244 -27.68 48.30 19.19
CA PHE D 244 -26.61 48.27 18.19
C PHE D 244 -25.29 48.80 18.76
N GLU D 245 -25.34 49.94 19.46
CA GLU D 245 -24.12 50.47 20.04
C GLU D 245 -23.52 49.51 21.05
N GLN D 246 -24.35 48.92 21.92
CA GLN D 246 -23.84 48.01 22.93
C GLN D 246 -23.27 46.75 22.28
N ALA D 247 -23.98 46.21 21.29
CA ALA D 247 -23.50 45.03 20.59
C ALA D 247 -22.11 45.28 19.98
N TYR D 248 -21.95 46.39 19.28
CA TYR D 248 -20.65 46.72 18.69
C TYR D 248 -19.56 46.73 19.74
N GLN D 249 -19.74 47.51 20.80
CA GLN D 249 -18.69 47.74 21.78
C GLN D 249 -18.48 46.55 22.70
N SER D 250 -19.23 45.46 22.52
CA SER D 250 -18.95 44.21 23.20
C SER D 250 -18.00 43.31 22.41
N VAL D 251 -17.73 43.65 21.15
CA VAL D 251 -16.82 42.86 20.32
C VAL D 251 -15.38 43.26 20.66
N LYS D 252 -14.54 42.26 20.87
CA LYS D 252 -13.12 42.50 21.13
C LYS D 252 -12.40 42.88 19.83
N ARG D 253 -11.10 43.19 19.97
CA ARG D 253 -10.30 43.52 18.81
C ARG D 253 -10.23 42.35 17.84
N GLY D 254 -10.20 42.66 16.55
CA GLY D 254 -10.19 41.65 15.51
C GLY D 254 -11.50 40.89 15.34
N GLY D 255 -12.55 41.27 16.06
CA GLY D 255 -13.80 40.54 16.03
C GLY D 255 -14.73 41.00 14.93
N THR D 256 -15.93 40.43 14.94
CA THR D 256 -16.91 40.66 13.90
C THR D 256 -18.29 40.87 14.53
N LEU D 257 -18.97 41.93 14.10
CA LEU D 257 -20.37 42.17 14.47
C LEU D 257 -21.23 41.87 13.25
N VAL D 258 -22.03 40.81 13.34
CA VAL D 258 -22.99 40.45 12.30
C VAL D 258 -24.33 41.04 12.68
N VAL D 259 -24.91 41.82 11.77
CA VAL D 259 -26.22 42.41 11.97
C VAL D 259 -27.24 41.65 11.13
N VAL D 260 -28.30 41.18 11.77
CA VAL D 260 -29.38 40.51 11.06
C VAL D 260 -30.66 41.32 11.05
N GLY D 261 -30.76 42.35 11.89
CA GLY D 261 -31.96 43.18 11.90
C GLY D 261 -31.93 44.26 10.84
N LEU D 262 -33.12 44.73 10.49
CA LEU D 262 -33.29 45.76 9.48
C LEU D 262 -33.76 47.06 10.11
N PRO D 263 -32.86 48.01 10.38
CA PRO D 263 -33.25 49.22 11.10
C PRO D 263 -34.03 50.19 10.22
N ASN D 264 -34.53 51.25 10.88
CA ASN D 264 -35.34 52.24 10.19
C ASN D 264 -34.49 53.21 9.38
N ALA D 265 -33.33 53.60 9.89
CA ALA D 265 -32.49 54.60 9.25
C ALA D 265 -31.04 54.16 9.33
N ASP D 266 -30.14 55.07 8.98
CA ASP D 266 -28.72 54.81 9.16
C ASP D 266 -28.40 54.66 10.64
N LEU D 267 -27.27 54.00 10.92
CA LEU D 267 -26.81 53.81 12.27
C LEU D 267 -25.36 54.28 12.38
N PRO D 268 -24.99 54.97 13.45
CA PRO D 268 -23.62 55.46 13.58
C PRO D 268 -22.68 54.39 14.14
N ILE D 269 -21.46 54.42 13.63
CA ILE D 269 -20.43 53.48 14.07
C ILE D 269 -19.14 54.25 14.37
N PRO D 270 -18.45 53.93 15.46
CA PRO D 270 -17.14 54.56 15.74
C PRO D 270 -16.06 53.99 14.82
N ILE D 271 -16.10 54.40 13.55
CA ILE D 271 -15.14 53.93 12.57
C ILE D 271 -13.72 54.17 13.06
N PHE D 272 -13.51 55.23 13.83
CA PHE D 272 -12.20 55.49 14.43
C PHE D 272 -11.71 54.29 15.23
N ASP D 273 -12.59 53.73 16.08
CA ASP D 273 -12.22 52.53 16.82
C ASP D 273 -12.28 51.28 15.96
N THR D 274 -13.17 51.25 14.96
CA THR D 274 -13.21 50.13 14.02
C THR D 274 -11.87 49.95 13.33
N VAL D 275 -11.20 51.05 12.98
CA VAL D 275 -9.93 50.96 12.26
C VAL D 275 -8.82 50.47 13.18
N LEU D 276 -8.69 51.09 14.37
CA LEU D 276 -7.60 50.77 15.28
C LEU D 276 -7.79 49.45 16.02
N ASN D 277 -8.98 48.86 15.96
CA ASN D 277 -9.22 47.57 16.62
C ASN D 277 -9.41 46.43 15.63
N GLY D 278 -9.37 46.70 14.33
CA GLY D 278 -9.50 45.66 13.34
C GLY D 278 -10.83 44.95 13.38
N VAL D 279 -11.90 45.67 13.68
CA VAL D 279 -13.24 45.09 13.82
C VAL D 279 -13.93 45.11 12.46
N SER D 280 -14.75 44.09 12.22
CA SER D 280 -15.57 44.01 11.02
C SER D 280 -17.04 44.13 11.39
N VAL D 281 -17.79 44.82 10.55
CA VAL D 281 -19.24 44.90 10.67
C VAL D 281 -19.83 44.28 9.41
N LYS D 282 -20.38 43.08 9.54
CA LYS D 282 -20.95 42.35 8.42
C LYS D 282 -22.46 42.30 8.53
N GLY D 283 -23.14 42.40 7.39
CA GLY D 283 -24.58 42.23 7.31
C GLY D 283 -24.92 40.88 6.71
N SER D 284 -25.99 40.27 7.21
CA SER D 284 -26.40 38.95 6.74
C SER D 284 -27.86 38.73 7.10
N ILE D 285 -28.63 38.35 6.11
CA ILE D 285 -30.03 37.93 6.34
C ILE D 285 -30.32 36.74 5.45
N VAL D 286 -31.35 35.96 5.77
CA VAL D 286 -31.79 34.74 5.03
C VAL D 286 -30.63 33.75 4.88
N GLY D 287 -30.60 33.02 3.79
CA GLY D 287 -29.55 32.04 3.59
C GLY D 287 -29.73 31.39 2.25
N THR D 288 -28.69 30.78 1.75
CA THR D 288 -28.80 30.09 0.47
C THR D 288 -29.40 28.71 0.66
N ARG D 289 -29.76 28.07 -0.46
CA ARG D 289 -30.45 26.78 -0.40
C ARG D 289 -29.65 25.76 0.37
N LYS D 290 -28.32 25.81 0.28
CA LYS D 290 -27.49 24.93 1.09
C LYS D 290 -27.61 25.30 2.57
N ASP D 291 -27.49 26.59 2.88
CA ASP D 291 -27.73 27.06 4.25
C ASP D 291 -29.07 26.59 4.78
N MET D 292 -30.07 26.49 3.91
CA MET D 292 -31.40 26.07 4.35
C MET D 292 -31.43 24.60 4.74
N GLN D 293 -30.76 23.75 3.96
CA GLN D 293 -30.71 22.33 4.30
C GLN D 293 -30.00 22.11 5.63
N GLU D 294 -28.89 22.82 5.86
CA GLU D 294 -28.14 22.67 7.10
C GLU D 294 -28.95 23.15 8.29
N ALA D 295 -29.58 24.32 8.15
CA ALA D 295 -30.40 24.86 9.25
C ALA D 295 -31.56 23.93 9.56
N LEU D 296 -32.14 23.30 8.53
CA LEU D 296 -33.22 22.35 8.75
C LEU D 296 -32.73 21.08 9.43
N ASP D 297 -31.47 20.69 9.19
CA ASP D 297 -30.96 19.46 9.79
C ASP D 297 -30.76 19.63 11.29
N PHE D 298 -30.33 20.81 11.74
CA PHE D 298 -30.18 21.06 13.16
C PHE D 298 -31.50 20.92 13.90
N ALA D 299 -32.59 21.36 13.28
CA ALA D 299 -33.91 21.18 13.87
C ALA D 299 -34.36 19.73 13.76
N ALA D 300 -33.98 19.03 12.68
CA ALA D 300 -34.32 17.62 12.56
C ALA D 300 -33.69 16.80 13.67
N ARG D 301 -32.47 17.15 14.08
CA ARG D 301 -31.77 16.45 15.15
C ARG D 301 -32.07 17.05 16.52
N GLY D 302 -33.16 17.79 16.65
CA GLY D 302 -33.62 18.27 17.94
C GLY D 302 -32.73 19.29 18.62
N LYS D 303 -31.82 19.92 17.88
CA LYS D 303 -30.91 20.90 18.48
C LYS D 303 -31.48 22.31 18.48
N VAL D 304 -32.49 22.59 17.66
CA VAL D 304 -33.14 23.91 17.61
C VAL D 304 -34.65 23.69 17.67
N ARG D 305 -35.28 24.18 18.73
CA ARG D 305 -36.73 24.07 18.89
C ARG D 305 -37.35 25.45 18.96
N PRO D 306 -38.05 25.91 17.92
CA PRO D 306 -38.69 27.23 17.99
C PRO D 306 -39.80 27.27 19.02
N ILE D 307 -39.91 28.42 19.69
CA ILE D 307 -41.03 28.68 20.60
C ILE D 307 -42.16 29.28 19.78
N VAL D 308 -43.29 28.58 19.75
CA VAL D 308 -44.26 28.73 18.68
C VAL D 308 -45.67 28.83 19.26
N GLU D 309 -46.46 29.75 18.72
CA GLU D 309 -47.88 29.86 19.02
C GLU D 309 -48.69 29.79 17.73
N THR D 310 -49.80 29.06 17.77
CA THR D 310 -50.65 28.90 16.60
C THR D 310 -51.79 29.93 16.62
N ALA D 311 -52.22 30.31 15.43
CA ALA D 311 -53.35 31.20 15.25
C ALA D 311 -54.00 30.88 13.92
N GLU D 312 -55.30 31.18 13.83
CA GLU D 312 -56.03 30.97 12.59
C GLU D 312 -55.78 32.11 11.63
N LEU D 313 -55.88 31.81 10.32
CA LEU D 313 -55.60 32.81 9.29
C LEU D 313 -56.50 34.03 9.43
N GLU D 314 -57.68 33.86 9.99
CA GLU D 314 -58.59 34.98 10.19
C GLU D 314 -58.15 35.92 11.30
N GLU D 315 -57.29 35.46 12.22
CA GLU D 315 -56.79 36.32 13.29
C GLU D 315 -55.58 37.14 12.86
N ILE D 316 -55.24 37.16 11.56
CA ILE D 316 -53.94 37.66 11.13
C ILE D 316 -53.72 39.11 11.57
N ASN D 317 -54.75 39.95 11.44
CA ASN D 317 -54.60 41.35 11.84
C ASN D 317 -54.55 41.51 13.35
N GLU D 318 -55.19 40.60 14.08
CA GLU D 318 -55.00 40.58 15.53
C GLU D 318 -53.57 40.22 15.89
N VAL D 319 -52.96 39.31 15.13
CA VAL D 319 -51.55 38.97 15.36
C VAL D 319 -50.64 40.14 15.03
N PHE D 320 -51.07 41.00 14.10
CA PHE D 320 -50.18 42.06 13.63
C PHE D 320 -50.04 43.17 14.68
N GLU D 321 -51.17 43.72 15.15
CA GLU D 321 -51.08 44.73 16.20
C GLU D 321 -50.63 44.10 17.52
N ARG D 322 -50.90 42.82 17.70
CA ARG D 322 -50.23 42.04 18.75
C ARG D 322 -48.71 42.17 18.63
N MET D 323 -48.21 42.13 17.39
CA MET D 323 -46.78 42.18 17.14
C MET D 323 -46.22 43.58 17.30
N GLU D 324 -47.04 44.60 17.04
CA GLU D 324 -46.56 45.98 16.99
C GLU D 324 -46.27 46.56 18.37
N LYS D 325 -46.79 45.85 19.39
CA LYS D 325 -46.69 46.24 20.81
C LYS D 325 -45.81 45.26 21.59
N GLY D 326 -45.15 44.35 20.91
CA GLY D 326 -44.20 43.44 21.52
C GLY D 326 -44.76 42.36 22.41
N LYS D 327 -46.02 41.98 22.25
CA LYS D 327 -46.61 40.91 23.04
C LYS D 327 -46.03 39.54 22.71
N ILE D 328 -45.41 39.37 21.55
CA ILE D 328 -45.08 38.06 21.01
C ILE D 328 -43.77 37.57 21.65
N ASN D 329 -43.86 36.53 22.48
CA ASN D 329 -42.69 35.87 23.05
C ASN D 329 -42.31 34.72 22.13
N GLY D 330 -41.46 35.03 21.15
CA GLY D 330 -41.06 34.04 20.16
C GLY D 330 -41.63 34.33 18.79
N ARG D 331 -42.35 33.35 18.24
CA ARG D 331 -42.96 33.50 16.91
C ARG D 331 -44.37 32.95 16.93
N ILE D 332 -45.17 33.42 15.99
CA ILE D 332 -46.54 32.98 15.80
C ILE D 332 -46.69 32.47 14.37
N VAL D 333 -47.38 31.35 14.21
CA VAL D 333 -47.50 30.68 12.93
C VAL D 333 -48.98 30.45 12.65
N LEU D 334 -49.41 30.73 11.43
CA LEU D 334 -50.79 30.49 11.04
C LEU D 334 -51.01 29.00 10.76
N LYS D 335 -52.18 28.50 11.15
CA LYS D 335 -52.51 27.09 11.02
C LYS D 335 -53.61 26.90 10.00
N LEU D 336 -53.47 25.88 9.17
CA LEU D 336 -54.46 25.58 8.14
C LEU D 336 -54.80 24.10 8.12
N MET E 1 41.64 -12.91 25.39
CA MET E 1 41.06 -11.93 24.47
C MET E 1 39.60 -12.25 24.14
N LYS E 2 38.77 -11.20 24.08
CA LYS E 2 37.33 -11.33 23.90
C LYS E 2 36.97 -11.94 22.54
N ALA E 3 35.91 -12.74 22.53
CA ALA E 3 35.48 -13.42 21.31
C ALA E 3 34.04 -13.93 21.50
N ALA E 4 33.30 -13.95 20.40
CA ALA E 4 31.96 -14.55 20.35
C ALA E 4 32.07 -15.94 19.75
N VAL E 5 31.62 -16.96 20.50
CA VAL E 5 31.98 -18.35 20.24
C VAL E 5 30.72 -19.20 20.13
N VAL E 6 30.73 -20.16 19.21
CA VAL E 6 29.64 -21.12 19.09
C VAL E 6 29.93 -22.28 20.03
N ASN E 7 29.14 -22.42 21.10
CA ASN E 7 29.25 -23.61 21.96
C ASN E 7 28.36 -24.74 21.44
N GLU E 8 27.10 -24.39 21.18
CA GLU E 8 26.12 -25.39 20.70
C GLU E 8 25.25 -24.74 19.64
N PHE E 9 24.93 -25.52 18.62
CA PHE E 9 24.28 -25.08 17.38
C PHE E 9 23.21 -24.01 17.54
N LYS E 10 22.02 -24.28 18.05
CA LYS E 10 21.09 -23.12 18.03
C LYS E 10 21.16 -22.34 19.33
N LYS E 11 21.99 -22.76 20.27
CA LYS E 11 22.13 -22.02 21.55
C LYS E 11 22.86 -20.70 21.28
N ALA E 12 22.34 -19.62 21.84
CA ALA E 12 22.94 -18.29 21.61
C ALA E 12 24.47 -18.31 21.80
N LEU E 13 25.14 -17.33 21.19
CA LEU E 13 26.59 -17.35 21.30
C LEU E 13 27.07 -16.53 22.49
N GLU E 14 27.98 -17.09 23.27
CA GLU E 14 28.58 -16.35 24.38
C GLU E 14 29.71 -15.47 23.88
N ILE E 15 29.79 -14.26 24.40
CA ILE E 15 30.93 -13.40 24.17
C ILE E 15 31.84 -13.57 25.39
N LYS E 16 32.94 -14.31 25.19
CA LYS E 16 33.72 -14.88 26.27
C LYS E 16 35.18 -14.47 26.08
N GLU E 17 35.99 -14.70 27.12
CA GLU E 17 37.43 -14.55 27.03
C GLU E 17 38.07 -15.88 26.64
N VAL E 18 38.78 -15.87 25.51
CA VAL E 18 39.56 -17.01 25.04
C VAL E 18 41.03 -16.59 24.99
N GLU E 19 41.91 -17.56 24.75
CA GLU E 19 43.32 -17.31 24.58
C GLU E 19 43.62 -16.91 23.14
N ARG E 20 44.64 -16.09 22.95
CA ARG E 20 44.98 -15.61 21.62
C ARG E 20 45.43 -16.77 20.73
N PRO E 21 45.35 -16.59 19.42
CA PRO E 21 45.83 -17.63 18.49
C PRO E 21 47.35 -17.74 18.50
N LYS E 22 47.83 -18.96 18.34
CA LYS E 22 49.27 -19.25 18.24
C LYS E 22 49.67 -19.36 16.78
N LEU E 23 50.80 -18.74 16.43
CA LEU E 23 51.25 -18.69 15.04
C LEU E 23 52.14 -19.88 14.72
N GLU E 24 51.75 -20.64 13.70
CA GLU E 24 52.63 -21.63 13.08
C GLU E 24 53.27 -20.98 11.85
N GLU E 25 53.99 -21.78 11.05
CA GLU E 25 54.74 -21.22 9.94
C GLU E 25 53.81 -20.64 8.88
N GLY E 26 54.20 -19.50 8.32
CA GLY E 26 53.47 -18.87 7.24
C GLY E 26 52.23 -18.11 7.65
N GLU E 27 51.88 -18.10 8.92
CA GLU E 27 50.66 -17.45 9.39
C GLU E 27 50.95 -16.06 9.93
N VAL E 28 49.88 -15.33 10.21
CA VAL E 28 49.93 -13.93 10.59
C VAL E 28 48.90 -13.65 11.66
N LEU E 29 49.28 -12.84 12.65
CA LEU E 29 48.37 -12.42 13.71
C LEU E 29 47.77 -11.07 13.34
N VAL E 30 46.45 -11.01 13.24
CA VAL E 30 45.72 -9.81 12.85
C VAL E 30 44.85 -9.39 14.03
N LYS E 31 45.07 -8.17 14.52
CA LYS E 31 44.14 -7.58 15.49
C LYS E 31 42.97 -6.97 14.73
N ILE E 32 41.77 -7.49 14.96
CA ILE E 32 40.63 -7.15 14.13
C ILE E 32 40.16 -5.73 14.46
N GLU E 33 39.93 -4.94 13.42
CA GLU E 33 39.25 -3.66 13.57
C GLU E 33 37.76 -3.80 13.32
N ALA E 34 37.37 -4.64 12.35
CA ALA E 34 35.97 -4.83 12.00
C ALA E 34 35.79 -6.21 11.41
N CYS E 35 34.53 -6.66 11.36
CA CYS E 35 34.22 -7.97 10.79
C CYS E 35 32.74 -7.98 10.42
N GLY E 36 32.45 -7.95 9.13
CA GLY E 36 31.07 -7.97 8.68
C GLY E 36 30.38 -9.29 9.00
N VAL E 37 29.05 -9.25 8.94
CA VAL E 37 28.22 -10.43 9.16
C VAL E 37 27.28 -10.61 7.97
N CYS E 38 26.94 -11.87 7.70
CA CYS E 38 25.99 -12.21 6.66
C CYS E 38 25.33 -13.52 7.04
N HIS E 39 24.44 -13.99 6.15
CA HIS E 39 23.67 -15.20 6.43
C HIS E 39 24.55 -16.43 6.56
N THR E 40 25.76 -16.42 5.99
CA THR E 40 26.65 -17.56 6.15
C THR E 40 27.08 -17.74 7.60
N ASP E 41 27.27 -16.64 8.33
CA ASP E 41 27.52 -16.75 9.76
C ASP E 41 26.32 -17.35 10.49
N LEU E 42 25.11 -17.06 10.02
CA LEU E 42 23.90 -17.63 10.63
C LEU E 42 23.87 -19.14 10.45
N HIS E 43 24.03 -19.61 9.20
CA HIS E 43 24.03 -21.05 8.93
C HIS E 43 25.19 -21.76 9.62
N ALA E 44 26.26 -21.04 9.95
CA ALA E 44 27.33 -21.62 10.74
C ALA E 44 26.93 -21.69 12.22
N ALA E 45 26.17 -20.71 12.70
CA ALA E 45 25.72 -20.74 14.08
C ALA E 45 24.63 -21.79 14.27
N HIS E 46 23.72 -21.92 13.31
CA HIS E 46 22.64 -22.89 13.42
C HIS E 46 23.07 -24.30 13.02
N GLY E 47 24.10 -24.42 12.18
CA GLY E 47 24.54 -25.73 11.72
C GLY E 47 23.48 -26.48 10.93
N ASP E 48 22.77 -25.78 10.04
CA ASP E 48 21.74 -26.37 9.22
C ASP E 48 22.21 -26.62 7.79
N TRP E 49 23.51 -26.59 7.55
CA TRP E 49 24.06 -26.91 6.24
C TRP E 49 24.52 -28.35 6.18
N PRO E 50 24.65 -28.93 4.97
CA PRO E 50 25.06 -30.34 4.86
C PRO E 50 26.27 -30.70 5.69
N ILE E 51 27.40 -30.04 5.44
CA ILE E 51 28.61 -30.24 6.23
C ILE E 51 28.68 -29.14 7.27
N LYS E 52 28.71 -29.52 8.55
CA LYS E 52 28.54 -28.58 9.64
C LYS E 52 29.88 -28.23 10.28
N PRO E 53 29.99 -27.05 10.89
CA PRO E 53 31.27 -26.66 11.50
C PRO E 53 31.49 -27.32 12.86
N LYS E 54 32.76 -27.58 13.13
CA LYS E 54 33.23 -28.02 14.45
C LYS E 54 32.89 -26.99 15.51
N LEU E 55 32.71 -27.44 16.76
CA LEU E 55 32.44 -26.56 17.90
C LEU E 55 33.39 -26.88 19.04
N PRO E 56 33.86 -25.86 19.77
CA PRO E 56 33.44 -24.46 19.60
C PRO E 56 34.00 -23.74 18.37
N LEU E 57 33.29 -22.70 17.92
CA LEU E 57 33.64 -21.99 16.69
C LEU E 57 33.52 -20.48 16.89
N ILE E 58 34.53 -19.76 16.45
CA ILE E 58 34.45 -18.30 16.38
C ILE E 58 34.14 -17.91 14.94
N PRO E 59 32.91 -17.52 14.63
CA PRO E 59 32.56 -17.25 13.23
C PRO E 59 33.23 -16.01 12.66
N GLY E 60 32.83 -15.61 11.46
CA GLY E 60 33.34 -14.39 10.87
C GLY E 60 34.35 -14.60 9.76
N HIS E 61 33.92 -14.38 8.52
CA HIS E 61 34.78 -14.52 7.35
C HIS E 61 35.00 -13.20 6.62
N GLU E 62 34.67 -12.08 7.24
CA GLU E 62 34.89 -10.76 6.67
C GLU E 62 35.67 -9.89 7.63
N GLY E 63 36.63 -10.49 8.32
CA GLY E 63 37.45 -9.76 9.26
C GLY E 63 38.39 -8.80 8.55
N VAL E 64 38.52 -7.60 9.10
CA VAL E 64 39.49 -6.62 8.67
C VAL E 64 40.25 -6.15 9.90
N GLY E 65 41.57 -6.17 9.84
CA GLY E 65 42.36 -5.76 10.98
C GLY E 65 43.78 -5.41 10.57
N ILE E 66 44.62 -5.23 11.59
CA ILE E 66 46.00 -4.81 11.40
C ILE E 66 46.92 -5.94 11.84
N VAL E 67 47.84 -6.31 10.95
CA VAL E 67 48.84 -7.33 11.28
C VAL E 67 49.70 -6.82 12.44
N VAL E 68 49.75 -7.61 13.53
CA VAL E 68 50.52 -7.25 14.70
C VAL E 68 51.71 -8.18 14.93
N GLU E 69 51.75 -9.33 14.25
CA GLU E 69 52.85 -10.27 14.39
C GLU E 69 52.82 -11.21 13.20
N VAL E 70 54.00 -11.53 12.66
CA VAL E 70 54.13 -12.46 11.55
C VAL E 70 55.06 -13.60 11.97
N ALA E 71 54.72 -14.80 11.54
CA ALA E 71 55.59 -15.94 11.81
C ALA E 71 56.89 -15.81 11.01
N LYS E 72 57.89 -16.59 11.41
CA LYS E 72 59.15 -16.57 10.71
C LYS E 72 58.99 -17.12 9.30
N GLY E 73 59.62 -16.45 8.34
CA GLY E 73 59.55 -16.85 6.95
C GLY E 73 58.51 -16.09 6.13
N VAL E 74 57.74 -15.21 6.76
CA VAL E 74 56.73 -14.42 6.05
C VAL E 74 57.33 -13.07 5.70
N LYS E 75 57.66 -12.88 4.43
CA LYS E 75 58.23 -11.63 3.96
C LYS E 75 57.25 -10.76 3.19
N SER E 76 56.23 -11.36 2.58
CA SER E 76 55.27 -10.60 1.79
C SER E 76 54.42 -9.69 2.70
N ILE E 77 53.91 -10.24 3.79
CA ILE E 77 53.14 -9.48 4.76
C ILE E 77 54.07 -9.02 5.88
N LYS E 78 53.92 -7.76 6.27
CA LYS E 78 54.72 -7.17 7.33
C LYS E 78 53.80 -6.58 8.39
N VAL E 79 54.31 -6.49 9.61
CA VAL E 79 53.53 -5.95 10.72
C VAL E 79 53.12 -4.52 10.40
N GLY E 80 51.84 -4.20 10.66
CA GLY E 80 51.27 -2.91 10.36
C GLY E 80 50.31 -2.93 9.19
N ASP E 81 50.45 -3.91 8.29
CA ASP E 81 49.56 -4.00 7.15
C ASP E 81 48.13 -4.26 7.58
N ARG E 82 47.19 -3.57 6.94
CA ARG E 82 45.77 -3.83 7.15
C ARG E 82 45.31 -4.86 6.12
N VAL E 83 44.88 -6.03 6.60
CA VAL E 83 44.57 -7.16 5.76
C VAL E 83 43.15 -7.63 6.04
N GLY E 84 42.68 -8.55 5.19
CA GLY E 84 41.36 -9.12 5.33
C GLY E 84 41.43 -10.64 5.35
N ILE E 85 40.60 -11.25 6.19
CA ILE E 85 40.58 -12.70 6.32
C ILE E 85 39.27 -13.21 5.74
N PRO E 86 39.26 -13.61 4.47
CA PRO E 86 38.00 -13.90 3.78
C PRO E 86 37.54 -15.34 4.03
N TRP E 87 36.45 -15.70 3.34
CA TRP E 87 35.94 -17.07 3.39
C TRP E 87 37.01 -18.06 2.97
N LEU E 88 37.69 -17.79 1.85
CA LEU E 88 38.79 -18.64 1.44
C LEU E 88 39.98 -18.46 2.38
N TYR E 89 39.99 -19.24 3.47
CA TYR E 89 41.03 -19.09 4.49
C TYR E 89 42.36 -19.66 4.02
N SER E 90 42.32 -20.77 3.28
CA SER E 90 43.54 -21.38 2.76
C SER E 90 43.17 -22.39 1.69
N ALA E 91 44.18 -22.83 0.95
CA ALA E 91 44.03 -23.84 -0.08
C ALA E 91 45.32 -24.64 -0.18
N CYS E 92 45.24 -25.80 -0.83
CA CYS E 92 46.38 -26.72 -0.85
C CYS E 92 47.54 -26.15 -1.66
N GLY E 93 47.25 -25.60 -2.84
CA GLY E 93 48.26 -24.98 -3.67
C GLY E 93 48.84 -25.85 -4.75
N GLU E 94 48.39 -27.10 -4.87
CA GLU E 94 48.92 -28.00 -5.90
C GLU E 94 47.86 -28.87 -6.57
N CYS E 95 46.58 -28.72 -6.23
CA CYS E 95 45.54 -29.55 -6.81
C CYS E 95 45.22 -29.08 -8.23
N GLU E 96 44.31 -29.79 -8.89
CA GLU E 96 43.92 -29.43 -10.25
C GLU E 96 43.31 -28.04 -10.30
N TYR E 97 42.66 -27.59 -9.21
CA TYR E 97 42.04 -26.27 -9.22
C TYR E 97 43.02 -25.19 -8.77
N CYS E 98 43.92 -25.52 -7.84
CA CYS E 98 44.87 -24.54 -7.33
C CYS E 98 45.88 -24.12 -8.40
N LEU E 99 46.25 -25.05 -9.29
CA LEU E 99 47.20 -24.71 -10.35
C LEU E 99 46.53 -24.00 -11.52
N THR E 100 45.21 -23.99 -11.59
CA THR E 100 44.49 -23.29 -12.65
C THR E 100 43.92 -21.96 -12.19
N GLY E 101 44.31 -21.48 -11.01
CA GLY E 101 43.73 -20.25 -10.49
C GLY E 101 42.25 -20.36 -10.20
N GLN E 102 41.80 -21.54 -9.79
CA GLN E 102 40.43 -21.79 -9.35
C GLN E 102 40.43 -22.21 -7.89
N GLU E 103 41.20 -21.49 -7.09
CA GLU E 103 41.43 -21.82 -5.69
C GLU E 103 40.14 -21.96 -4.88
N THR E 104 39.04 -21.36 -5.35
CA THR E 104 37.77 -21.50 -4.67
C THR E 104 37.24 -22.93 -4.69
N LEU E 105 37.76 -23.77 -5.59
CA LEU E 105 37.29 -25.14 -5.75
C LEU E 105 38.24 -26.17 -5.15
N CYS E 106 39.23 -25.73 -4.39
CA CYS E 106 40.17 -26.65 -3.75
C CYS E 106 39.42 -27.55 -2.78
N PRO E 107 39.46 -28.87 -2.96
CA PRO E 107 38.74 -29.76 -2.04
C PRO E 107 39.34 -29.82 -0.65
N HIS E 108 40.57 -29.32 -0.46
CA HIS E 108 41.21 -29.25 0.84
C HIS E 108 41.19 -27.84 1.42
N GLN E 109 40.25 -27.01 0.98
CA GLN E 109 40.20 -25.63 1.45
C GLN E 109 39.66 -25.55 2.86
N LEU E 110 40.22 -24.64 3.65
CA LEU E 110 39.66 -24.27 4.94
C LEU E 110 38.91 -22.96 4.79
N ASN E 111 37.86 -22.79 5.58
CA ASN E 111 36.97 -21.66 5.46
C ASN E 111 36.96 -20.89 6.77
N GLY E 112 37.28 -19.60 6.70
CA GLY E 112 37.32 -18.80 7.91
C GLY E 112 35.94 -18.66 8.53
N GLY E 113 35.89 -18.75 9.86
CA GLY E 113 34.64 -18.70 10.56
C GLY E 113 33.76 -19.93 10.41
N TYR E 114 34.28 -21.00 9.84
CA TYR E 114 33.53 -22.24 9.64
C TYR E 114 34.38 -23.45 9.92
N SER E 115 35.40 -23.68 9.10
CA SER E 115 36.36 -24.75 9.33
C SER E 115 37.51 -24.32 10.23
N VAL E 116 37.51 -23.06 10.68
CA VAL E 116 38.59 -22.53 11.51
C VAL E 116 38.08 -21.23 12.13
N ASP E 117 38.68 -20.83 13.25
CA ASP E 117 38.22 -19.66 13.98
C ASP E 117 38.36 -18.40 13.14
N GLY E 118 37.27 -17.66 13.01
CA GLY E 118 37.18 -16.47 12.18
C GLY E 118 37.38 -15.18 12.94
N GLY E 119 36.72 -14.13 12.47
CA GLY E 119 37.01 -12.78 12.94
C GLY E 119 36.01 -12.17 13.91
N TYR E 120 35.22 -12.99 14.59
CA TYR E 120 34.35 -12.49 15.65
C TYR E 120 35.12 -12.35 16.95
N ALA E 121 36.28 -11.71 16.92
CA ALA E 121 37.20 -11.80 18.04
C ALA E 121 38.20 -10.66 17.97
N GLU E 122 38.88 -10.40 19.09
CA GLU E 122 39.90 -9.37 19.13
C GLU E 122 40.98 -9.61 18.10
N TYR E 123 41.47 -10.84 18.03
CA TYR E 123 42.57 -11.22 17.15
C TYR E 123 42.15 -12.46 16.35
N CYS E 124 42.69 -12.57 15.14
CA CYS E 124 42.48 -13.76 14.34
C CYS E 124 43.74 -14.07 13.53
N LYS E 125 43.98 -15.36 13.35
CA LYS E 125 45.15 -15.87 12.65
C LYS E 125 44.72 -16.35 11.27
N ALA E 126 45.57 -16.13 10.28
CA ALA E 126 45.29 -16.52 8.90
C ALA E 126 46.61 -16.78 8.19
N PRO E 127 46.61 -17.61 7.15
CA PRO E 127 47.84 -17.81 6.38
C PRO E 127 48.16 -16.57 5.57
N ALA E 128 49.44 -16.18 5.59
CA ALA E 128 49.87 -15.00 4.87
C ALA E 128 49.52 -15.08 3.39
N ASP E 129 49.65 -16.28 2.81
CA ASP E 129 49.47 -16.45 1.37
C ASP E 129 48.05 -16.23 0.91
N TYR E 130 47.07 -16.12 1.82
CA TYR E 130 45.68 -16.09 1.42
C TYR E 130 44.89 -14.91 1.97
N VAL E 131 45.51 -14.04 2.77
CA VAL E 131 44.76 -12.86 3.23
C VAL E 131 44.64 -11.85 2.09
N ALA E 132 43.67 -10.96 2.23
CA ALA E 132 43.47 -9.87 1.29
C ALA E 132 44.21 -8.64 1.77
N LYS E 133 44.83 -7.92 0.83
CA LYS E 133 45.46 -6.64 1.12
C LYS E 133 44.44 -5.53 0.91
N ILE E 134 44.15 -4.81 1.98
CA ILE E 134 43.10 -3.77 1.93
C ILE E 134 43.72 -2.49 1.36
N PRO E 135 43.10 -1.88 0.35
CA PRO E 135 43.66 -0.66 -0.24
C PRO E 135 43.70 0.48 0.78
N ASP E 136 44.69 1.35 0.60
CA ASP E 136 44.94 2.44 1.56
C ASP E 136 43.77 3.40 1.68
N ASN E 137 42.92 3.49 0.65
CA ASN E 137 41.87 4.50 0.62
C ASN E 137 40.73 4.19 1.58
N LEU E 138 40.56 2.93 1.96
CA LEU E 138 39.30 2.45 2.51
C LEU E 138 39.38 2.29 4.02
N ASP E 139 38.22 2.44 4.66
CA ASP E 139 37.89 2.29 6.07
C ASP E 139 37.56 0.82 6.35
N PRO E 140 38.08 0.26 7.45
CA PRO E 140 37.85 -1.17 7.71
C PRO E 140 36.39 -1.55 7.80
N VAL E 141 35.53 -0.65 8.29
CA VAL E 141 34.11 -0.97 8.41
C VAL E 141 33.46 -0.97 7.04
N GLU E 142 33.78 0.02 6.20
CA GLU E 142 33.16 0.10 4.88
C GLU E 142 33.63 -1.03 3.96
N VAL E 143 34.84 -1.55 4.17
CA VAL E 143 35.42 -2.47 3.20
C VAL E 143 35.11 -3.94 3.49
N ALA E 144 34.71 -4.27 4.71
CA ALA E 144 34.47 -5.67 5.07
C ALA E 144 33.49 -6.38 4.13
N PRO E 145 32.33 -5.82 3.78
CA PRO E 145 31.42 -6.55 2.87
C PRO E 145 32.02 -6.87 1.52
N ILE E 146 33.08 -6.17 1.09
CA ILE E 146 33.74 -6.53 -0.16
C ILE E 146 34.37 -7.91 -0.06
N LEU E 147 34.79 -8.31 1.14
CA LEU E 147 35.41 -9.61 1.33
C LEU E 147 34.47 -10.75 1.00
N CYS E 148 33.16 -10.55 1.16
CA CYS E 148 32.18 -11.59 0.86
C CYS E 148 31.23 -11.13 -0.24
N ALA E 149 30.33 -10.17 0.05
CA ALA E 149 29.37 -9.73 -0.95
C ALA E 149 30.07 -9.17 -2.18
N GLY E 150 31.15 -8.42 -1.98
CA GLY E 150 31.90 -7.86 -3.08
C GLY E 150 32.45 -8.88 -4.07
N VAL E 151 33.29 -9.80 -3.57
CA VAL E 151 33.98 -10.74 -4.45
C VAL E 151 33.01 -11.75 -5.07
N THR E 152 32.03 -12.20 -4.28
CA THR E 152 30.99 -13.07 -4.82
C THR E 152 30.26 -12.39 -5.95
N THR E 153 29.85 -11.15 -5.71
CA THR E 153 29.08 -10.40 -6.68
C THR E 153 29.87 -10.16 -7.95
N TYR E 154 31.10 -9.69 -7.81
CA TYR E 154 31.90 -9.31 -8.97
C TYR E 154 32.23 -10.53 -9.83
N LYS E 155 32.72 -11.59 -9.20
CA LYS E 155 33.06 -12.82 -9.92
C LYS E 155 31.85 -13.36 -10.69
N ALA E 156 30.67 -13.32 -10.08
CA ALA E 156 29.48 -13.84 -10.74
C ALA E 156 29.19 -13.09 -12.03
N LEU E 157 29.30 -11.75 -12.01
CA LEU E 157 29.08 -11.00 -13.23
C LEU E 157 30.14 -11.30 -14.28
N LYS E 158 31.36 -11.64 -13.85
CA LYS E 158 32.39 -12.07 -14.79
C LYS E 158 32.02 -13.39 -15.44
N VAL E 159 31.66 -14.41 -14.64
CA VAL E 159 31.27 -15.68 -15.22
C VAL E 159 29.97 -15.57 -16.01
N SER E 160 29.20 -14.51 -15.78
CA SER E 160 27.96 -14.35 -16.54
C SER E 160 28.22 -14.11 -18.02
N GLY E 161 29.42 -13.66 -18.39
CA GLY E 161 29.72 -13.37 -19.77
C GLY E 161 29.06 -12.12 -20.31
N ALA E 162 28.40 -11.34 -19.44
CA ALA E 162 27.77 -10.11 -19.89
C ALA E 162 28.84 -9.07 -20.22
N ARG E 163 28.72 -8.47 -21.40
CA ARG E 163 29.74 -7.52 -21.88
C ARG E 163 29.19 -6.12 -21.83
N PRO E 164 30.04 -5.09 -21.81
CA PRO E 164 29.56 -3.70 -21.78
C PRO E 164 28.53 -3.39 -22.85
N GLY E 165 27.45 -2.74 -22.44
CA GLY E 165 26.35 -2.41 -23.31
C GLY E 165 25.16 -3.36 -23.20
N GLU E 166 25.38 -4.55 -22.65
CA GLU E 166 24.30 -5.53 -22.54
C GLU E 166 23.52 -5.31 -21.23
N TRP E 167 22.37 -5.97 -21.15
CA TRP E 167 21.44 -5.81 -20.03
C TRP E 167 21.56 -6.99 -19.07
N VAL E 168 21.53 -6.70 -17.77
CA VAL E 168 21.65 -7.71 -16.73
C VAL E 168 20.55 -7.49 -15.71
N ALA E 169 19.86 -8.56 -15.33
CA ALA E 169 18.86 -8.52 -14.28
C ALA E 169 19.44 -9.03 -12.99
N ILE E 170 19.15 -8.35 -11.88
CA ILE E 170 19.64 -8.73 -10.56
C ILE E 170 18.43 -8.91 -9.67
N TYR E 171 18.08 -10.16 -9.37
CA TYR E 171 16.92 -10.49 -8.57
C TYR E 171 17.33 -10.57 -7.10
N GLY E 172 16.94 -9.55 -6.33
CA GLY E 172 17.30 -9.48 -4.93
C GLY E 172 18.20 -8.30 -4.62
N ILE E 173 17.62 -7.21 -4.11
CA ILE E 173 18.38 -6.01 -3.76
C ILE E 173 18.76 -6.14 -2.29
N GLY E 174 19.08 -7.36 -1.87
CA GLY E 174 19.44 -7.62 -0.48
C GLY E 174 20.86 -7.22 -0.14
N GLY E 175 21.50 -7.98 0.74
CA GLY E 175 22.88 -7.70 1.07
C GLY E 175 23.80 -7.82 -0.12
N LEU E 176 23.65 -8.89 -0.89
CA LEU E 176 24.52 -9.11 -2.05
C LEU E 176 24.06 -8.30 -3.26
N GLY E 177 22.74 -8.14 -3.43
CA GLY E 177 22.23 -7.50 -4.62
C GLY E 177 22.52 -6.02 -4.70
N HIS E 178 22.41 -5.32 -3.57
CA HIS E 178 22.69 -3.88 -3.58
C HIS E 178 24.16 -3.61 -3.92
N ILE E 179 25.05 -4.50 -3.49
CA ILE E 179 26.43 -4.45 -3.95
C ILE E 179 26.50 -4.92 -5.40
N ALA E 180 25.55 -5.76 -5.83
CA ALA E 180 25.57 -6.30 -7.18
C ALA E 180 25.38 -5.23 -8.22
N LEU E 181 24.47 -4.30 -7.97
CA LEU E 181 24.19 -3.23 -8.94
C LEU E 181 25.45 -2.41 -9.22
N GLN E 182 26.23 -2.12 -8.18
CA GLN E 182 27.35 -1.20 -8.35
C GLN E 182 28.46 -1.80 -9.20
N TYR E 183 28.77 -3.08 -9.00
CA TYR E 183 29.75 -3.74 -9.85
C TYR E 183 29.26 -3.82 -11.29
N ALA E 184 27.99 -4.18 -11.49
CA ALA E 184 27.44 -4.26 -12.84
C ALA E 184 27.54 -2.93 -13.57
N LYS E 185 27.16 -1.83 -12.89
CA LYS E 185 27.26 -0.52 -13.50
C LYS E 185 28.71 -0.13 -13.77
N ALA E 186 29.61 -0.49 -12.85
CA ALA E 186 31.02 -0.19 -13.05
C ALA E 186 31.63 -1.02 -14.18
N MET E 187 30.98 -2.11 -14.58
CA MET E 187 31.42 -2.91 -15.71
C MET E 187 30.70 -2.54 -17.01
N GLY E 188 30.04 -1.38 -17.03
CA GLY E 188 29.43 -0.89 -18.25
C GLY E 188 28.12 -1.55 -18.63
N LEU E 189 27.44 -2.17 -17.68
CA LEU E 189 26.21 -2.90 -17.97
C LEU E 189 24.99 -2.08 -17.56
N ASN E 190 23.90 -2.28 -18.30
CA ASN E 190 22.60 -1.75 -17.92
C ASN E 190 21.90 -2.77 -17.03
N VAL E 191 21.30 -2.29 -15.95
CA VAL E 191 20.84 -3.15 -14.86
C VAL E 191 19.33 -3.04 -14.73
N VAL E 192 18.66 -4.19 -14.62
CA VAL E 192 17.29 -4.29 -14.15
C VAL E 192 17.34 -4.90 -12.76
N ALA E 193 16.89 -4.14 -11.77
CA ALA E 193 16.86 -4.60 -10.39
C ALA E 193 15.43 -4.98 -10.04
N VAL E 194 15.26 -6.17 -9.44
CA VAL E 194 13.93 -6.70 -9.12
C VAL E 194 13.93 -7.15 -7.67
N ASP E 195 12.95 -6.67 -6.91
CA ASP E 195 12.80 -7.04 -5.50
C ASP E 195 11.31 -7.06 -5.15
N ILE E 196 11.01 -7.11 -3.85
CA ILE E 196 9.66 -7.32 -3.37
C ILE E 196 9.06 -6.06 -2.76
N SER E 197 9.77 -4.94 -2.81
CA SER E 197 9.40 -3.77 -2.02
C SER E 197 9.54 -2.50 -2.84
N ASP E 198 8.71 -1.51 -2.50
CA ASP E 198 8.79 -0.22 -3.18
C ASP E 198 10.01 0.56 -2.76
N GLU E 199 10.49 0.34 -1.53
CA GLU E 199 11.66 1.05 -1.02
C GLU E 199 12.97 0.42 -1.45
N LYS E 200 12.99 -0.89 -1.71
CA LYS E 200 14.18 -1.48 -2.30
C LYS E 200 14.29 -1.13 -3.77
N SER E 201 13.15 -1.01 -4.45
CA SER E 201 13.14 -0.43 -5.80
C SER E 201 13.63 1.01 -5.76
N LYS E 202 13.29 1.75 -4.70
CA LYS E 202 13.87 3.08 -4.50
C LYS E 202 15.36 2.98 -4.20
N LEU E 203 15.76 2.00 -3.38
CA LEU E 203 17.18 1.84 -3.06
C LEU E 203 17.98 1.53 -4.31
N ALA E 204 17.49 0.58 -5.13
CA ALA E 204 18.22 0.19 -6.33
C ALA E 204 18.41 1.37 -7.27
N LYS E 205 17.32 2.11 -7.54
CA LYS E 205 17.40 3.26 -8.44
C LYS E 205 18.42 4.27 -7.94
N ASP E 206 18.50 4.48 -6.62
CA ASP E 206 19.49 5.41 -6.09
C ASP E 206 20.91 4.90 -6.28
N LEU E 207 21.10 3.58 -6.28
CA LEU E 207 22.43 3.00 -6.42
C LEU E 207 22.86 2.83 -7.87
N GLY E 208 21.99 3.14 -8.83
CA GLY E 208 22.40 3.19 -10.23
C GLY E 208 21.60 2.34 -11.19
N ALA E 209 20.62 1.60 -10.68
CA ALA E 209 19.82 0.72 -11.54
C ALA E 209 19.06 1.55 -12.57
N ASP E 210 19.06 1.09 -13.82
CA ASP E 210 18.33 1.77 -14.88
C ASP E 210 16.84 1.46 -14.82
N ILE E 211 16.47 0.29 -14.29
CA ILE E 211 15.09 -0.14 -14.19
C ILE E 211 14.93 -0.88 -12.86
N ALA E 212 14.00 -0.43 -12.03
CA ALA E 212 13.70 -1.07 -10.75
C ALA E 212 12.26 -1.57 -10.78
N ILE E 213 12.06 -2.82 -10.35
CA ILE E 213 10.75 -3.47 -10.45
C ILE E 213 10.33 -3.97 -9.08
N ASN E 214 9.17 -3.52 -8.61
CA ASN E 214 8.50 -4.13 -7.48
C ASN E 214 7.88 -5.44 -7.95
N GLY E 215 8.45 -6.57 -7.52
CA GLY E 215 8.07 -7.87 -8.06
C GLY E 215 6.62 -8.25 -7.82
N LEU E 216 5.99 -7.71 -6.78
CA LEU E 216 4.63 -8.09 -6.43
C LEU E 216 3.60 -7.06 -6.87
N LYS E 217 3.97 -6.12 -7.74
CA LYS E 217 3.01 -5.25 -8.42
C LYS E 217 3.11 -5.34 -9.94
N GLU E 218 4.30 -5.58 -10.47
CA GLU E 218 4.50 -5.92 -11.87
C GLU E 218 4.98 -7.36 -11.97
N ASP E 219 4.55 -8.04 -13.01
CA ASP E 219 5.18 -9.32 -13.32
C ASP E 219 6.57 -9.04 -13.87
N PRO E 220 7.64 -9.39 -13.17
CA PRO E 220 8.98 -8.96 -13.63
C PRO E 220 9.36 -9.52 -14.99
N VAL E 221 9.06 -10.80 -15.25
CA VAL E 221 9.49 -11.39 -16.51
C VAL E 221 8.75 -10.77 -17.70
N LYS E 222 7.49 -10.36 -17.51
CA LYS E 222 6.80 -9.66 -18.59
C LYS E 222 7.31 -8.24 -18.73
N ALA E 223 7.68 -7.60 -17.63
CA ALA E 223 8.26 -6.26 -17.71
C ALA E 223 9.63 -6.30 -18.36
N ILE E 224 10.46 -7.30 -18.01
CA ILE E 224 11.80 -7.39 -18.58
C ILE E 224 11.72 -7.67 -20.08
N HIS E 225 10.77 -8.50 -20.50
CA HIS E 225 10.68 -8.87 -21.91
C HIS E 225 10.08 -7.75 -22.74
N ASP E 226 9.08 -7.04 -22.21
CA ASP E 226 8.50 -5.93 -22.96
C ASP E 226 9.47 -4.77 -23.05
N GLN E 227 10.24 -4.50 -22.00
CA GLN E 227 11.03 -3.28 -21.96
C GLN E 227 12.37 -3.44 -22.66
N VAL E 228 13.12 -4.48 -22.34
CA VAL E 228 14.45 -4.68 -22.91
C VAL E 228 14.56 -5.98 -23.71
N GLY E 229 13.48 -6.76 -23.82
CA GLY E 229 13.52 -7.97 -24.63
C GLY E 229 14.31 -9.09 -24.03
N GLY E 230 14.31 -9.22 -22.71
CA GLY E 230 15.11 -10.22 -22.05
C GLY E 230 16.55 -9.76 -21.85
N VAL E 231 17.18 -10.33 -20.83
CA VAL E 231 18.52 -9.94 -20.40
C VAL E 231 19.52 -10.98 -20.89
N HIS E 232 20.69 -10.50 -21.33
CA HIS E 232 21.76 -11.39 -21.74
C HIS E 232 22.22 -12.27 -20.58
N ALA E 233 22.15 -11.76 -19.35
CA ALA E 233 22.47 -12.53 -18.17
C ALA E 233 21.60 -12.07 -17.02
N ALA E 234 21.53 -12.90 -15.99
CA ALA E 234 20.78 -12.56 -14.79
C ALA E 234 21.46 -13.17 -13.57
N ILE E 235 21.61 -12.38 -12.52
CA ILE E 235 22.18 -12.83 -11.27
C ILE E 235 21.04 -13.13 -10.31
N SER E 236 20.99 -14.36 -9.79
CA SER E 236 19.93 -14.79 -8.89
C SER E 236 20.47 -14.74 -7.46
N VAL E 237 20.12 -13.69 -6.74
CA VAL E 237 20.50 -13.54 -5.34
C VAL E 237 19.47 -14.22 -4.46
N ALA E 238 18.22 -13.75 -4.56
CA ALA E 238 17.11 -14.40 -3.84
C ALA E 238 16.85 -15.76 -4.47
N VAL E 239 17.08 -16.82 -3.70
CA VAL E 239 16.94 -18.18 -4.21
C VAL E 239 15.69 -18.85 -3.67
N ASN E 240 14.70 -18.07 -3.25
CA ASN E 240 13.36 -18.62 -3.12
C ASN E 240 12.90 -19.10 -4.50
N LYS E 241 12.24 -20.25 -4.53
CA LYS E 241 11.89 -20.83 -5.82
C LYS E 241 10.89 -20.00 -6.62
N LYS E 242 10.36 -18.91 -6.07
CA LYS E 242 9.54 -18.01 -6.87
C LYS E 242 10.41 -17.15 -7.78
N ALA E 243 11.35 -16.40 -7.20
CA ALA E 243 12.24 -15.55 -7.98
C ALA E 243 13.29 -16.33 -8.75
N PHE E 244 13.58 -17.57 -8.35
CA PHE E 244 14.50 -18.39 -9.12
C PHE E 244 13.93 -18.70 -10.49
N GLU E 245 12.64 -19.04 -10.57
CA GLU E 245 12.01 -19.23 -11.86
C GLU E 245 11.81 -17.90 -12.58
N GLN E 246 11.55 -16.82 -11.83
CA GLN E 246 11.41 -15.51 -12.46
C GLN E 246 12.73 -15.04 -13.04
N ALA E 247 13.83 -15.20 -12.29
CA ALA E 247 15.15 -14.85 -12.82
C ALA E 247 15.46 -15.66 -14.07
N TYR E 248 15.17 -16.97 -14.04
CA TYR E 248 15.48 -17.83 -15.17
C TYR E 248 14.74 -17.37 -16.43
N GLN E 249 13.42 -17.23 -16.33
CA GLN E 249 12.60 -16.89 -17.50
C GLN E 249 12.80 -15.46 -17.97
N SER E 250 13.66 -14.69 -17.31
CA SER E 250 14.02 -13.35 -17.79
C SER E 250 15.21 -13.39 -18.73
N VAL E 251 15.99 -14.46 -18.71
CA VAL E 251 17.15 -14.60 -19.59
C VAL E 251 16.67 -15.00 -20.97
N LYS E 252 17.12 -14.30 -22.00
CA LYS E 252 16.75 -14.65 -23.36
C LYS E 252 17.63 -15.79 -23.87
N ARG E 253 17.31 -16.27 -25.07
CA ARG E 253 18.02 -17.40 -25.65
C ARG E 253 19.51 -17.11 -25.75
N GLY E 254 20.32 -18.15 -25.53
CA GLY E 254 21.76 -17.98 -25.51
C GLY E 254 22.31 -17.31 -24.28
N GLY E 255 21.46 -16.85 -23.36
CA GLY E 255 21.93 -16.17 -22.17
C GLY E 255 22.24 -17.13 -21.03
N THR E 256 22.80 -16.56 -19.97
CA THR E 256 23.26 -17.31 -18.82
C THR E 256 22.59 -16.80 -17.55
N LEU E 257 22.21 -17.72 -16.67
CA LEU E 257 21.69 -17.39 -15.34
C LEU E 257 22.72 -17.83 -14.32
N VAL E 258 23.32 -16.85 -13.63
CA VAL E 258 24.27 -17.12 -12.56
C VAL E 258 23.53 -17.05 -11.24
N VAL E 259 23.74 -18.07 -10.39
CA VAL E 259 23.10 -18.15 -9.09
C VAL E 259 24.17 -17.99 -8.01
N VAL E 260 23.97 -17.02 -7.13
CA VAL E 260 24.89 -16.77 -6.03
C VAL E 260 24.32 -17.13 -4.67
N GLY E 261 23.00 -17.27 -4.55
CA GLY E 261 22.41 -17.72 -3.31
C GLY E 261 22.47 -19.21 -3.15
N LEU E 262 22.19 -19.67 -1.91
CA LEU E 262 22.28 -21.07 -1.53
C LEU E 262 20.95 -21.55 -0.98
N PRO E 263 20.09 -22.11 -1.82
CA PRO E 263 18.77 -22.55 -1.36
C PRO E 263 18.88 -23.71 -0.39
N ASN E 264 17.75 -24.00 0.27
CA ASN E 264 17.70 -25.08 1.24
C ASN E 264 17.44 -26.44 0.60
N ALA E 265 16.90 -26.49 -0.61
CA ALA E 265 16.57 -27.74 -1.26
C ALA E 265 16.86 -27.64 -2.75
N ASP E 266 16.68 -28.75 -3.46
CA ASP E 266 16.81 -28.74 -4.91
C ASP E 266 15.69 -27.90 -5.52
N LEU E 267 16.02 -27.14 -6.57
CA LEU E 267 15.04 -26.29 -7.22
C LEU E 267 14.74 -26.80 -8.63
N PRO E 268 13.50 -26.71 -9.08
CA PRO E 268 13.17 -27.21 -10.42
C PRO E 268 13.49 -26.17 -11.48
N ILE E 269 13.85 -26.65 -12.67
CA ILE E 269 14.11 -25.77 -13.81
C ILE E 269 13.60 -26.44 -15.08
N PRO E 270 13.17 -25.64 -16.03
CA PRO E 270 12.57 -26.24 -17.25
C PRO E 270 13.63 -26.58 -18.30
N ILE E 271 14.32 -27.71 -18.11
CA ILE E 271 15.41 -28.11 -19.01
C ILE E 271 14.88 -28.15 -20.41
N PHE E 272 13.60 -28.54 -20.58
CA PHE E 272 13.01 -28.54 -21.91
C PHE E 272 13.22 -27.20 -22.57
N ASP E 273 12.90 -26.10 -21.88
CA ASP E 273 13.17 -24.80 -22.48
C ASP E 273 14.65 -24.44 -22.43
N THR E 274 15.40 -25.01 -21.47
CA THR E 274 16.82 -24.71 -21.35
C THR E 274 17.60 -25.15 -22.59
N VAL E 275 17.19 -26.24 -23.22
CA VAL E 275 17.96 -26.83 -24.31
C VAL E 275 17.57 -26.25 -25.65
N LEU E 276 16.27 -25.97 -25.85
CA LEU E 276 15.83 -25.39 -27.12
C LEU E 276 16.18 -23.91 -27.21
N ASN E 277 16.54 -23.28 -26.11
CA ASN E 277 16.92 -21.87 -26.11
C ASN E 277 18.40 -21.65 -25.84
N GLY E 278 19.18 -22.71 -25.68
CA GLY E 278 20.61 -22.56 -25.45
C GLY E 278 20.95 -21.72 -24.24
N VAL E 279 20.23 -21.91 -23.14
CA VAL E 279 20.45 -21.16 -21.91
C VAL E 279 21.37 -21.97 -20.99
N SER E 280 22.27 -21.27 -20.31
CA SER E 280 23.15 -21.88 -19.32
C SER E 280 22.74 -21.43 -17.93
N VAL E 281 23.00 -22.29 -16.94
CA VAL E 281 22.73 -21.98 -15.54
C VAL E 281 23.99 -22.33 -14.76
N LYS E 282 24.72 -21.30 -14.35
CA LYS E 282 26.02 -21.47 -13.70
C LYS E 282 25.95 -21.03 -12.25
N GLY E 283 26.64 -21.77 -11.38
CA GLY E 283 26.74 -21.43 -9.98
C GLY E 283 28.08 -20.79 -9.67
N SER E 284 28.04 -19.77 -8.81
CA SER E 284 29.25 -19.05 -8.44
C SER E 284 29.06 -18.41 -7.08
N ILE E 285 30.00 -18.65 -6.17
CA ILE E 285 30.06 -17.98 -4.89
C ILE E 285 31.51 -17.67 -4.57
N VAL E 286 31.73 -16.58 -3.84
CA VAL E 286 33.04 -16.05 -3.45
C VAL E 286 33.91 -15.89 -4.69
N GLY E 287 35.21 -15.74 -4.52
CA GLY E 287 36.06 -15.55 -5.69
C GLY E 287 37.51 -15.88 -5.38
N THR E 288 38.31 -15.89 -6.44
CA THR E 288 39.71 -16.24 -6.32
C THR E 288 40.51 -15.09 -5.72
N ARG E 289 41.75 -15.40 -5.31
CA ARG E 289 42.60 -14.38 -4.70
C ARG E 289 42.79 -13.18 -5.63
N LYS E 290 42.86 -13.43 -6.93
CA LYS E 290 42.96 -12.32 -7.88
C LYS E 290 41.61 -11.62 -8.04
N ASP E 291 40.52 -12.38 -8.07
CA ASP E 291 39.18 -11.78 -8.04
C ASP E 291 39.07 -10.82 -6.85
N MET E 292 39.59 -11.23 -5.69
CA MET E 292 39.53 -10.38 -4.51
C MET E 292 40.24 -9.06 -4.75
N GLN E 293 41.47 -9.11 -5.30
CA GLN E 293 42.19 -7.87 -5.60
C GLN E 293 41.38 -6.98 -6.55
N GLU E 294 40.76 -7.58 -7.56
CA GLU E 294 40.00 -6.80 -8.53
C GLU E 294 38.75 -6.20 -7.91
N ALA E 295 38.03 -6.99 -7.11
CA ALA E 295 36.83 -6.47 -6.45
C ALA E 295 37.18 -5.37 -5.45
N LEU E 296 38.29 -5.54 -4.74
CA LEU E 296 38.74 -4.50 -3.81
C LEU E 296 39.17 -3.24 -4.55
N ASP E 297 39.64 -3.38 -5.80
CA ASP E 297 40.05 -2.20 -6.56
C ASP E 297 38.86 -1.36 -7.00
N PHE E 298 37.73 -2.00 -7.30
CA PHE E 298 36.53 -1.24 -7.64
C PHE E 298 36.07 -0.41 -6.45
N ALA E 299 36.17 -0.96 -5.25
CA ALA E 299 35.85 -0.18 -4.06
C ALA E 299 36.86 0.94 -3.85
N ALA E 300 38.15 0.66 -4.07
CA ALA E 300 39.18 1.67 -3.90
C ALA E 300 38.95 2.86 -4.82
N ARG E 301 38.49 2.60 -6.05
CA ARG E 301 38.18 3.65 -7.00
C ARG E 301 36.80 4.27 -6.80
N GLY E 302 36.14 3.96 -5.69
CA GLY E 302 34.87 4.57 -5.36
C GLY E 302 33.70 4.13 -6.22
N LYS E 303 33.84 3.06 -6.99
CA LYS E 303 32.74 2.60 -7.83
C LYS E 303 31.78 1.67 -7.10
N VAL E 304 32.15 1.17 -5.92
CA VAL E 304 31.30 0.26 -5.15
C VAL E 304 31.35 0.70 -3.69
N ARG E 305 30.24 1.23 -3.18
CA ARG E 305 30.13 1.62 -1.78
C ARG E 305 29.08 0.76 -1.10
N PRO E 306 29.46 -0.12 -0.16
CA PRO E 306 28.44 -0.89 0.55
C PRO E 306 27.65 -0.03 1.52
N ILE E 307 26.40 -0.41 1.72
CA ILE E 307 25.54 0.20 2.73
C ILE E 307 25.74 -0.58 4.03
N VAL E 308 26.26 0.10 5.05
CA VAL E 308 26.79 -0.58 6.24
C VAL E 308 26.28 0.13 7.50
N GLU E 309 25.87 -0.66 8.49
CA GLU E 309 25.54 -0.19 9.82
C GLU E 309 26.36 -0.96 10.84
N THR E 310 26.88 -0.26 11.84
CA THR E 310 27.81 -0.86 12.79
C THR E 310 27.10 -1.45 14.00
N ALA E 311 27.74 -2.46 14.59
CA ALA E 311 27.28 -3.05 15.84
C ALA E 311 28.52 -3.49 16.62
N GLU E 312 28.36 -3.69 17.92
CA GLU E 312 29.46 -4.18 18.74
C GLU E 312 29.33 -5.68 18.94
N LEU E 313 30.45 -6.30 19.32
CA LEU E 313 30.51 -7.76 19.40
C LEU E 313 29.44 -8.33 20.33
N GLU E 314 29.03 -7.57 21.34
CA GLU E 314 28.07 -8.08 22.31
C GLU E 314 26.67 -8.22 21.71
N GLU E 315 26.32 -7.38 20.73
CA GLU E 315 25.02 -7.43 20.09
C GLU E 315 24.91 -8.50 19.02
N ILE E 316 25.79 -9.52 19.04
CA ILE E 316 25.88 -10.45 17.92
C ILE E 316 24.60 -11.27 17.79
N ASN E 317 23.94 -11.58 18.91
CA ASN E 317 22.71 -12.35 18.82
C ASN E 317 21.53 -11.45 18.46
N GLU E 318 21.60 -10.17 18.78
CA GLU E 318 20.51 -9.26 18.42
C GLU E 318 20.51 -8.99 16.93
N VAL E 319 21.68 -8.88 16.31
CA VAL E 319 21.73 -8.71 14.86
C VAL E 319 21.36 -10.00 14.14
N PHE E 320 21.48 -11.15 14.79
CA PHE E 320 21.19 -12.42 14.13
C PHE E 320 19.70 -12.61 13.89
N GLU E 321 18.89 -12.47 14.94
CA GLU E 321 17.44 -12.52 14.75
C GLU E 321 16.91 -11.26 14.10
N ARG E 322 17.61 -10.13 14.24
CA ARG E 322 17.40 -8.99 13.37
C ARG E 322 17.55 -9.38 11.91
N MET E 323 18.41 -10.35 11.62
CA MET E 323 18.64 -10.81 10.25
C MET E 323 17.60 -11.85 9.84
N GLU E 324 17.21 -12.72 10.76
CA GLU E 324 16.12 -13.66 10.49
C GLU E 324 14.78 -12.96 10.36
N LYS E 325 14.61 -11.80 10.98
CA LYS E 325 13.42 -10.99 10.78
C LYS E 325 13.38 -10.35 9.40
N GLY E 326 14.53 -10.09 8.80
CA GLY E 326 14.60 -9.50 7.48
C GLY E 326 14.68 -7.99 7.45
N LYS E 327 14.90 -7.35 8.59
CA LYS E 327 15.03 -5.89 8.65
C LYS E 327 16.47 -5.44 8.80
N ILE E 328 17.31 -5.93 7.88
CA ILE E 328 18.63 -5.36 7.61
C ILE E 328 18.72 -5.14 6.11
N ASN E 329 18.52 -3.90 5.66
CA ASN E 329 18.75 -3.58 4.26
C ASN E 329 20.20 -3.14 4.12
N GLY E 330 20.96 -3.86 3.31
CA GLY E 330 22.40 -3.72 3.34
C GLY E 330 23.03 -4.80 4.18
N ARG E 331 24.08 -4.47 4.93
CA ARG E 331 24.79 -5.43 5.76
C ARG E 331 25.19 -4.79 7.07
N ILE E 332 25.43 -5.64 8.07
CA ILE E 332 25.90 -5.22 9.39
C ILE E 332 27.36 -5.60 9.52
N VAL E 333 28.15 -4.70 10.10
CA VAL E 333 29.56 -4.91 10.36
C VAL E 333 29.79 -4.65 11.85
N LEU E 334 30.33 -5.64 12.56
CA LEU E 334 30.68 -5.39 13.95
C LEU E 334 32.05 -4.74 14.06
N LYS E 335 32.17 -3.84 15.01
CA LYS E 335 33.33 -2.97 15.16
C LYS E 335 34.03 -3.29 16.48
N LEU E 336 35.35 -3.24 16.46
CA LEU E 336 36.13 -3.57 17.65
C LEU E 336 37.10 -2.44 17.99
N MET F 1 -22.79 16.04 -41.87
CA MET F 1 -21.82 16.64 -40.98
C MET F 1 -20.55 15.81 -40.88
N LYS F 2 -19.43 16.44 -41.21
CA LYS F 2 -18.13 15.77 -41.07
C LYS F 2 -17.74 15.68 -39.60
N ALA F 3 -17.10 14.58 -39.23
CA ALA F 3 -16.72 14.36 -37.84
C ALA F 3 -15.64 13.29 -37.77
N ALA F 4 -14.69 13.46 -36.85
CA ALA F 4 -13.71 12.44 -36.52
C ALA F 4 -14.26 11.60 -35.38
N VAL F 5 -14.41 10.30 -35.62
CA VAL F 5 -15.15 9.43 -34.70
C VAL F 5 -14.25 8.32 -34.21
N VAL F 6 -14.34 8.03 -32.91
CA VAL F 6 -13.72 6.85 -32.34
C VAL F 6 -14.74 5.73 -32.45
N ASN F 7 -14.42 4.70 -33.25
CA ASN F 7 -15.27 3.53 -33.32
C ASN F 7 -14.83 2.44 -32.35
N GLU F 8 -13.52 2.30 -32.13
CA GLU F 8 -12.97 1.33 -31.20
C GLU F 8 -11.68 1.88 -30.64
N PHE F 9 -11.36 1.47 -29.42
CA PHE F 9 -10.22 2.05 -28.71
C PHE F 9 -8.90 1.67 -29.36
N LYS F 10 -7.96 2.62 -29.36
CA LYS F 10 -6.58 2.51 -29.84
C LYS F 10 -6.50 2.34 -31.35
N LYS F 11 -7.62 2.27 -32.08
CA LYS F 11 -7.57 2.24 -33.52
C LYS F 11 -7.87 3.62 -34.07
N ALA F 12 -7.31 3.91 -35.25
CA ALA F 12 -7.28 5.27 -35.76
C ALA F 12 -8.70 5.84 -35.91
N LEU F 13 -8.81 7.15 -35.68
CA LEU F 13 -10.09 7.82 -35.79
C LEU F 13 -10.51 7.89 -37.25
N GLU F 14 -11.81 7.72 -37.50
CA GLU F 14 -12.35 7.74 -38.85
C GLU F 14 -13.03 9.09 -39.08
N ILE F 15 -12.52 9.84 -40.06
CA ILE F 15 -13.18 11.06 -40.50
C ILE F 15 -14.29 10.65 -41.45
N LYS F 16 -15.53 10.90 -41.05
CA LYS F 16 -16.68 10.44 -41.82
C LYS F 16 -17.87 11.35 -41.53
N GLU F 17 -18.93 11.14 -42.29
CA GLU F 17 -20.14 11.94 -42.20
C GLU F 17 -21.16 11.25 -41.29
N VAL F 18 -21.88 12.05 -40.51
CA VAL F 18 -22.89 11.52 -39.61
C VAL F 18 -23.93 12.58 -39.29
N GLU F 19 -25.01 12.17 -38.62
CA GLU F 19 -26.15 13.02 -38.32
C GLU F 19 -25.74 14.32 -37.64
N ARG F 20 -26.38 15.41 -38.04
CA ARG F 20 -26.28 16.63 -37.26
C ARG F 20 -27.01 16.44 -35.94
N PRO F 21 -26.48 16.98 -34.84
CA PRO F 21 -27.21 16.92 -33.57
C PRO F 21 -28.47 17.77 -33.65
N LYS F 22 -29.55 17.28 -33.06
CA LYS F 22 -30.80 18.01 -32.97
C LYS F 22 -31.14 18.24 -31.50
N LEU F 23 -31.61 19.44 -31.20
CA LEU F 23 -31.62 19.94 -29.84
C LEU F 23 -32.91 19.60 -29.11
N GLU F 24 -32.77 19.17 -27.86
CA GLU F 24 -33.85 19.16 -26.89
C GLU F 24 -33.78 20.47 -26.09
N GLU F 25 -34.79 20.71 -25.27
CA GLU F 25 -34.94 22.03 -24.64
C GLU F 25 -33.72 22.37 -23.78
N GLY F 26 -33.32 23.64 -23.83
CA GLY F 26 -32.19 24.10 -23.03
C GLY F 26 -30.84 23.98 -23.69
N GLU F 27 -30.76 23.33 -24.85
CA GLU F 27 -29.51 23.12 -25.56
C GLU F 27 -29.39 24.10 -26.73
N VAL F 28 -28.15 24.27 -27.19
CA VAL F 28 -27.86 25.12 -28.33
C VAL F 28 -27.02 24.33 -29.32
N LEU F 29 -27.19 24.65 -30.61
CA LEU F 29 -26.38 24.09 -31.67
C LEU F 29 -25.35 25.12 -32.09
N VAL F 30 -24.07 24.75 -32.03
CA VAL F 30 -22.98 25.61 -32.45
C VAL F 30 -22.26 24.95 -33.61
N LYS F 31 -21.92 25.74 -34.62
CA LYS F 31 -21.06 25.28 -35.69
C LYS F 31 -19.63 25.66 -35.32
N ILE F 32 -18.75 24.68 -35.28
CA ILE F 32 -17.47 24.80 -34.58
C ILE F 32 -16.45 25.42 -35.51
N GLU F 33 -15.84 26.53 -35.06
CA GLU F 33 -14.74 27.14 -35.82
C GLU F 33 -13.41 26.48 -35.47
N ALA F 34 -13.24 26.05 -34.22
CA ALA F 34 -11.98 25.45 -33.81
C ALA F 34 -12.21 24.62 -32.55
N CYS F 35 -11.32 23.63 -32.37
CA CYS F 35 -11.39 22.73 -31.24
C CYS F 35 -9.98 22.29 -30.89
N GLY F 36 -9.52 22.62 -29.68
CA GLY F 36 -8.19 22.25 -29.25
C GLY F 36 -8.08 20.77 -28.94
N VAL F 37 -6.84 20.29 -28.85
CA VAL F 37 -6.55 18.90 -28.56
C VAL F 37 -5.51 18.82 -27.46
N CYS F 38 -5.81 18.04 -26.43
CA CYS F 38 -4.88 17.76 -25.35
C CYS F 38 -4.87 16.26 -25.10
N HIS F 39 -4.07 15.84 -24.11
CA HIS F 39 -3.88 14.42 -23.83
C HIS F 39 -5.16 13.73 -23.38
N THR F 40 -6.12 14.50 -22.82
CA THR F 40 -7.38 13.89 -22.41
C THR F 40 -8.15 13.31 -23.59
N ASP F 41 -8.05 13.94 -24.77
CA ASP F 41 -8.68 13.40 -25.95
C ASP F 41 -8.05 12.06 -26.35
N LEU F 42 -6.74 11.93 -26.16
CA LEU F 42 -6.08 10.67 -26.48
C LEU F 42 -6.45 9.58 -25.50
N HIS F 43 -6.52 9.92 -24.21
CA HIS F 43 -6.98 8.95 -23.21
C HIS F 43 -8.44 8.57 -23.42
N ALA F 44 -9.21 9.42 -24.10
CA ALA F 44 -10.55 9.02 -24.52
C ALA F 44 -10.50 8.11 -25.74
N ALA F 45 -9.54 8.35 -26.64
CA ALA F 45 -9.44 7.53 -27.85
C ALA F 45 -8.85 6.16 -27.54
N HIS F 46 -7.90 6.10 -26.60
CA HIS F 46 -7.32 4.82 -26.21
C HIS F 46 -8.17 4.10 -25.18
N GLY F 47 -9.01 4.83 -24.46
CA GLY F 47 -9.75 4.27 -23.35
C GLY F 47 -8.85 3.50 -22.42
N ASP F 48 -7.89 4.19 -21.81
CA ASP F 48 -7.03 3.57 -20.82
C ASP F 48 -7.25 4.12 -19.42
N TRP F 49 -8.38 4.84 -19.19
CA TRP F 49 -8.76 5.44 -17.93
C TRP F 49 -9.78 4.56 -17.20
N PRO F 50 -9.85 4.67 -15.88
CA PRO F 50 -10.73 3.78 -15.10
C PRO F 50 -12.16 3.70 -15.60
N ILE F 51 -12.82 4.83 -15.85
CA ILE F 51 -14.15 4.85 -16.44
C ILE F 51 -14.01 5.28 -17.89
N LYS F 52 -14.40 4.40 -18.81
CA LYS F 52 -14.12 4.60 -20.23
C LYS F 52 -15.31 5.23 -20.94
N PRO F 53 -15.03 5.96 -22.03
CA PRO F 53 -16.12 6.53 -22.82
C PRO F 53 -16.78 5.49 -23.70
N LYS F 54 -18.11 5.52 -23.74
CA LYS F 54 -18.87 4.59 -24.55
C LYS F 54 -18.86 5.02 -26.02
N LEU F 55 -18.67 4.04 -26.92
CA LEU F 55 -18.41 4.20 -28.34
C LEU F 55 -19.68 3.98 -29.16
N PRO F 56 -19.80 4.63 -30.33
CA PRO F 56 -18.83 5.55 -30.92
C PRO F 56 -18.79 6.92 -30.23
N LEU F 57 -17.67 7.62 -30.33
CA LEU F 57 -17.47 8.87 -29.61
C LEU F 57 -16.83 9.90 -30.50
N ILE F 58 -17.41 11.10 -30.52
CA ILE F 58 -16.78 12.27 -31.14
C ILE F 58 -16.06 13.04 -30.03
N PRO F 59 -14.72 12.99 -29.97
CA PRO F 59 -14.01 13.65 -28.86
C PRO F 59 -14.01 15.15 -28.97
N GLY F 60 -13.20 15.81 -28.15
CA GLY F 60 -13.08 17.26 -28.19
C GLY F 60 -13.86 17.96 -27.09
N HIS F 61 -13.14 18.61 -26.17
CA HIS F 61 -13.74 19.39 -25.11
C HIS F 61 -13.28 20.84 -25.11
N GLU F 62 -12.59 21.26 -26.18
CA GLU F 62 -12.12 22.63 -26.34
C GLU F 62 -12.70 23.23 -27.61
N GLY F 63 -13.99 22.99 -27.86
CA GLY F 63 -14.62 23.47 -29.08
C GLY F 63 -15.10 24.89 -28.91
N VAL F 64 -14.81 25.73 -29.90
CA VAL F 64 -15.29 27.10 -29.97
C VAL F 64 -16.01 27.28 -31.31
N GLY F 65 -17.25 27.74 -31.26
CA GLY F 65 -18.02 27.93 -32.48
C GLY F 65 -19.02 29.06 -32.41
N ILE F 66 -19.95 29.09 -33.36
CA ILE F 66 -20.98 30.12 -33.45
C ILE F 66 -22.34 29.44 -33.27
N VAL F 67 -23.14 29.98 -32.36
CA VAL F 67 -24.49 29.45 -32.12
C VAL F 67 -25.34 29.76 -33.35
N VAL F 68 -25.86 28.71 -34.00
CA VAL F 68 -26.70 28.85 -35.18
C VAL F 68 -28.14 28.43 -34.91
N GLU F 69 -28.44 27.93 -33.71
CA GLU F 69 -29.78 27.46 -33.39
C GLU F 69 -29.90 27.32 -31.89
N VAL F 70 -31.02 27.80 -31.34
CA VAL F 70 -31.31 27.69 -29.92
C VAL F 70 -32.62 26.93 -29.75
N ALA F 71 -32.64 26.01 -28.79
CA ALA F 71 -33.87 25.29 -28.46
C ALA F 71 -34.87 26.24 -27.81
N LYS F 72 -36.04 25.71 -27.47
CA LYS F 72 -37.11 26.53 -26.93
C LYS F 72 -36.85 26.85 -25.45
N GLY F 73 -36.98 28.12 -25.10
CA GLY F 73 -36.78 28.56 -23.73
C GLY F 73 -35.39 29.03 -23.39
N VAL F 74 -34.44 28.97 -24.33
CA VAL F 74 -33.08 29.42 -24.08
C VAL F 74 -33.09 30.94 -23.92
N LYS F 75 -33.02 31.40 -22.68
CA LYS F 75 -33.09 32.84 -22.40
C LYS F 75 -31.76 33.54 -22.62
N SER F 76 -30.65 32.85 -22.42
CA SER F 76 -29.34 33.49 -22.30
C SER F 76 -28.61 33.58 -23.63
N ILE F 77 -28.28 32.43 -24.21
CA ILE F 77 -27.51 32.39 -25.45
C ILE F 77 -28.43 32.70 -26.62
N LYS F 78 -27.97 33.59 -27.50
CA LYS F 78 -28.70 33.96 -28.70
C LYS F 78 -27.94 33.50 -29.93
N VAL F 79 -28.68 33.37 -31.04
CA VAL F 79 -28.06 32.95 -32.30
C VAL F 79 -27.05 34.00 -32.74
N GLY F 80 -25.82 33.57 -33.00
CA GLY F 80 -24.75 34.44 -33.45
C GLY F 80 -23.64 34.61 -32.44
N ASP F 81 -23.87 34.24 -31.18
CA ASP F 81 -22.84 34.39 -30.16
C ASP F 81 -21.75 33.35 -30.36
N ARG F 82 -20.52 33.71 -29.96
CA ARG F 82 -19.40 32.79 -29.95
C ARG F 82 -19.29 32.18 -28.55
N VAL F 83 -19.39 30.86 -28.48
CA VAL F 83 -19.40 30.15 -27.20
C VAL F 83 -18.37 29.02 -27.25
N GLY F 84 -18.07 28.48 -26.09
CA GLY F 84 -17.18 27.34 -25.96
C GLY F 84 -17.86 26.21 -25.24
N ILE F 85 -17.56 24.99 -25.68
CA ILE F 85 -18.04 23.77 -25.01
C ILE F 85 -16.86 23.19 -24.23
N PRO F 86 -16.89 23.24 -22.91
CA PRO F 86 -15.72 22.80 -22.15
C PRO F 86 -15.83 21.36 -21.69
N TRP F 87 -14.88 20.94 -20.85
CA TRP F 87 -14.90 19.58 -20.31
C TRP F 87 -16.12 19.35 -19.44
N LEU F 88 -16.55 20.38 -18.70
CA LEU F 88 -17.75 20.27 -17.86
C LEU F 88 -18.97 20.60 -18.70
N TYR F 89 -19.48 19.56 -19.37
CA TYR F 89 -20.57 19.73 -20.32
C TYR F 89 -21.88 20.08 -19.63
N SER F 90 -22.17 19.46 -18.50
CA SER F 90 -23.42 19.73 -17.78
C SER F 90 -23.30 19.26 -16.34
N ALA F 91 -24.23 19.71 -15.52
CA ALA F 91 -24.27 19.33 -14.11
C ALA F 91 -25.72 19.35 -13.63
N CYS F 92 -25.96 18.61 -12.55
CA CYS F 92 -27.33 18.40 -12.08
C CYS F 92 -27.98 19.69 -11.62
N GLY F 93 -27.22 20.54 -10.94
CA GLY F 93 -27.76 21.80 -10.46
C GLY F 93 -28.39 21.76 -9.09
N GLU F 94 -28.47 20.59 -8.44
CA GLU F 94 -29.08 20.54 -7.11
C GLU F 94 -28.28 19.77 -6.08
N CYS F 95 -27.15 19.15 -6.44
CA CYS F 95 -26.44 18.31 -5.49
C CYS F 95 -25.65 19.17 -4.51
N GLU F 96 -24.96 18.47 -3.61
CA GLU F 96 -24.04 19.07 -2.65
C GLU F 96 -23.14 20.12 -3.28
N TYR F 97 -22.49 19.75 -4.39
CA TYR F 97 -21.47 20.57 -5.00
C TYR F 97 -22.03 21.61 -5.96
N CYS F 98 -23.21 21.35 -6.53
CA CYS F 98 -23.80 22.33 -7.46
C CYS F 98 -24.35 23.53 -6.70
N LEU F 99 -24.90 23.31 -5.50
CA LEU F 99 -25.44 24.41 -4.72
C LEU F 99 -24.36 25.33 -4.17
N THR F 100 -23.12 24.85 -4.05
CA THR F 100 -22.04 25.61 -3.43
C THR F 100 -20.99 26.06 -4.45
N GLY F 101 -21.38 26.21 -5.71
CA GLY F 101 -20.46 26.68 -6.72
C GLY F 101 -19.30 25.75 -7.00
N GLN F 102 -19.48 24.45 -6.79
CA GLN F 102 -18.42 23.49 -7.04
C GLN F 102 -18.87 22.51 -8.11
N GLU F 103 -19.31 23.04 -9.26
CA GLU F 103 -19.95 22.22 -10.27
C GLU F 103 -19.01 21.17 -10.84
N THR F 104 -17.69 21.38 -10.72
CA THR F 104 -16.71 20.42 -11.22
C THR F 104 -16.81 19.07 -10.51
N LEU F 105 -17.46 19.01 -9.36
CA LEU F 105 -17.52 17.80 -8.55
C LEU F 105 -18.87 17.11 -8.61
N CYS F 106 -19.77 17.58 -9.47
CA CYS F 106 -21.12 17.02 -9.56
C CYS F 106 -21.05 15.56 -9.97
N PRO F 107 -21.57 14.63 -9.16
CA PRO F 107 -21.45 13.20 -9.50
C PRO F 107 -22.27 12.78 -10.70
N HIS F 108 -23.23 13.59 -11.14
CA HIS F 108 -24.01 13.31 -12.34
C HIS F 108 -23.53 14.12 -13.55
N GLN F 109 -22.30 14.64 -13.51
CA GLN F 109 -21.82 15.50 -14.56
C GLN F 109 -21.58 14.68 -15.84
N LEU F 110 -21.81 15.34 -16.97
CA LEU F 110 -21.44 14.82 -18.28
C LEU F 110 -20.24 15.62 -18.78
N ASN F 111 -19.33 14.94 -19.48
CA ASN F 111 -18.06 15.51 -19.88
C ASN F 111 -17.98 15.59 -21.39
N GLY F 112 -17.71 16.79 -21.91
CA GLY F 112 -17.63 17.01 -23.34
C GLY F 112 -16.56 16.20 -24.03
N GLY F 113 -16.95 15.47 -25.07
CA GLY F 113 -15.99 14.62 -25.77
C GLY F 113 -15.61 13.34 -25.06
N TYR F 114 -16.40 12.93 -24.07
CA TYR F 114 -16.13 11.70 -23.34
C TYR F 114 -17.39 10.91 -23.03
N SER F 115 -18.28 11.51 -22.25
CA SER F 115 -19.59 10.91 -22.00
C SER F 115 -20.65 11.44 -22.97
N VAL F 116 -20.28 12.35 -23.86
CA VAL F 116 -21.20 12.92 -24.84
C VAL F 116 -20.36 13.43 -25.99
N ASP F 117 -20.98 13.51 -27.17
CA ASP F 117 -20.24 13.89 -28.37
C ASP F 117 -19.69 15.31 -28.25
N GLY F 118 -18.41 15.48 -28.61
CA GLY F 118 -17.73 16.73 -28.42
C GLY F 118 -17.49 17.54 -29.68
N GLY F 119 -16.35 18.23 -29.73
CA GLY F 119 -16.10 19.22 -30.77
C GLY F 119 -15.20 18.81 -31.92
N TYR F 120 -15.03 17.50 -32.14
CA TYR F 120 -14.32 17.02 -33.32
C TYR F 120 -15.23 16.94 -34.55
N ALA F 121 -16.12 17.92 -34.73
CA ALA F 121 -17.06 17.94 -35.84
C ALA F 121 -17.31 19.38 -36.22
N GLU F 122 -18.07 19.59 -37.29
CA GLU F 122 -18.43 20.95 -37.67
C GLU F 122 -19.58 21.50 -36.84
N TYR F 123 -20.37 20.64 -36.22
CA TYR F 123 -21.47 21.06 -35.36
C TYR F 123 -21.43 20.24 -34.08
N CYS F 124 -21.56 20.92 -32.94
CA CYS F 124 -21.72 20.26 -31.65
C CYS F 124 -22.91 20.84 -30.91
N LYS F 125 -23.41 20.05 -29.96
CA LYS F 125 -24.55 20.41 -29.14
C LYS F 125 -24.10 20.52 -27.69
N ALA F 126 -24.68 21.45 -26.96
CA ALA F 126 -24.31 21.68 -25.57
C ALA F 126 -25.46 22.42 -24.89
N PRO F 127 -25.58 22.26 -23.56
CA PRO F 127 -26.61 23.01 -22.83
C PRO F 127 -26.23 24.48 -22.70
N ALA F 128 -27.24 25.35 -22.84
CA ALA F 128 -26.99 26.78 -22.79
C ALA F 128 -26.46 27.21 -21.42
N ASP F 129 -26.87 26.54 -20.35
CA ASP F 129 -26.48 26.95 -19.00
C ASP F 129 -25.02 26.67 -18.69
N TYR F 130 -24.32 25.90 -19.53
CA TYR F 130 -22.96 25.49 -19.21
C TYR F 130 -21.93 25.81 -20.29
N VAL F 131 -22.34 26.43 -21.40
CA VAL F 131 -21.37 26.87 -22.39
C VAL F 131 -20.64 28.11 -21.88
N ALA F 132 -19.39 28.25 -22.29
CA ALA F 132 -18.59 29.42 -21.95
C ALA F 132 -18.78 30.50 -23.00
N LYS F 133 -18.97 31.73 -22.56
CA LYS F 133 -19.15 32.86 -23.47
C LYS F 133 -17.77 33.43 -23.80
N ILE F 134 -17.33 33.20 -25.03
CA ILE F 134 -16.00 33.67 -25.45
C ILE F 134 -16.03 35.19 -25.59
N PRO F 135 -15.08 35.92 -25.02
CA PRO F 135 -15.09 37.38 -25.16
C PRO F 135 -14.91 37.80 -26.60
N ASP F 136 -15.36 39.03 -26.89
CA ASP F 136 -15.28 39.55 -28.25
C ASP F 136 -13.84 39.77 -28.70
N ASN F 137 -12.90 39.91 -27.77
CA ASN F 137 -11.54 40.27 -28.12
C ASN F 137 -10.79 39.17 -28.85
N LEU F 138 -11.18 37.91 -28.65
CA LEU F 138 -10.33 36.78 -28.99
C LEU F 138 -10.87 35.97 -30.16
N ASP F 139 -9.93 35.34 -30.83
CA ASP F 139 -9.93 34.49 -32.01
C ASP F 139 -10.14 33.04 -31.58
N PRO F 140 -11.11 32.35 -32.15
CA PRO F 140 -11.41 30.97 -31.72
C PRO F 140 -10.22 30.03 -31.72
N VAL F 141 -9.20 30.27 -32.56
CA VAL F 141 -8.01 29.44 -32.50
C VAL F 141 -7.21 29.75 -31.24
N GLU F 142 -7.20 31.01 -30.83
CA GLU F 142 -6.34 31.53 -29.78
C GLU F 142 -6.85 31.20 -28.39
N VAL F 143 -8.14 30.92 -28.26
CA VAL F 143 -8.81 30.82 -26.96
C VAL F 143 -9.25 29.41 -26.63
N ALA F 144 -9.19 28.48 -27.58
CA ALA F 144 -9.59 27.10 -27.29
C ALA F 144 -8.78 26.46 -26.16
N PRO F 145 -7.46 26.63 -26.06
CA PRO F 145 -6.75 26.04 -24.91
C PRO F 145 -7.16 26.63 -23.56
N ILE F 146 -7.74 27.83 -23.53
CA ILE F 146 -8.22 28.40 -22.27
C ILE F 146 -9.33 27.54 -21.70
N LEU F 147 -10.16 26.95 -22.56
CA LEU F 147 -11.25 26.09 -22.10
C LEU F 147 -10.75 24.89 -21.32
N CYS F 148 -9.49 24.51 -21.50
CA CYS F 148 -8.93 23.36 -20.77
C CYS F 148 -7.75 23.79 -19.92
N ALA F 149 -6.59 23.97 -20.56
CA ALA F 149 -5.37 24.31 -19.84
C ALA F 149 -5.52 25.62 -19.08
N GLY F 150 -6.20 26.60 -19.68
CA GLY F 150 -6.40 27.89 -19.04
C GLY F 150 -7.13 27.83 -17.72
N VAL F 151 -8.35 27.29 -17.72
CA VAL F 151 -9.16 27.26 -16.50
C VAL F 151 -8.56 26.31 -15.48
N THR F 152 -7.98 25.20 -15.92
CA THR F 152 -7.38 24.23 -15.01
C THR F 152 -6.25 24.86 -14.21
N THR F 153 -5.31 25.49 -14.90
CA THR F 153 -4.13 26.03 -14.23
C THR F 153 -4.47 27.27 -13.42
N TYR F 154 -5.40 28.09 -13.90
CA TYR F 154 -5.81 29.28 -13.15
C TYR F 154 -6.48 28.89 -11.85
N LYS F 155 -7.44 27.95 -11.91
CA LYS F 155 -8.10 27.48 -10.70
C LYS F 155 -7.12 26.78 -9.76
N ALA F 156 -6.11 26.11 -10.31
CA ALA F 156 -5.11 25.45 -9.47
C ALA F 156 -4.31 26.46 -8.67
N LEU F 157 -3.93 27.56 -9.29
CA LEU F 157 -3.19 28.60 -8.57
C LEU F 157 -4.07 29.28 -7.53
N LYS F 158 -5.38 29.38 -7.80
CA LYS F 158 -6.30 29.94 -6.81
C LYS F 158 -6.34 29.09 -5.56
N VAL F 159 -6.53 27.78 -5.72
CA VAL F 159 -6.57 26.88 -4.57
C VAL F 159 -5.21 26.62 -3.98
N SER F 160 -4.12 27.06 -4.65
CA SER F 160 -2.79 26.94 -4.07
C SER F 160 -2.58 27.91 -2.92
N GLY F 161 -3.41 28.95 -2.80
CA GLY F 161 -3.25 29.91 -1.74
C GLY F 161 -2.08 30.85 -1.90
N ALA F 162 -1.35 30.77 -3.01
CA ALA F 162 -0.22 31.67 -3.22
C ALA F 162 -0.72 33.09 -3.40
N ARG F 163 -0.11 34.02 -2.68
CA ARG F 163 -0.53 35.41 -2.70
C ARG F 163 0.47 36.26 -3.48
N PRO F 164 0.03 37.40 -4.04
CA PRO F 164 0.96 38.27 -4.75
C PRO F 164 2.21 38.57 -3.95
N GLY F 165 3.36 38.48 -4.62
CA GLY F 165 4.65 38.63 -3.98
C GLY F 165 5.30 37.33 -3.55
N GLU F 166 4.53 36.25 -3.44
CA GLU F 166 5.07 34.96 -3.06
C GLU F 166 5.62 34.23 -4.28
N TRP F 167 6.34 33.14 -4.03
CA TRP F 167 7.03 32.40 -5.08
C TRP F 167 6.28 31.11 -5.39
N VAL F 168 6.12 30.83 -6.68
CA VAL F 168 5.42 29.65 -7.18
C VAL F 168 6.39 28.83 -8.02
N ALA F 169 6.29 27.51 -7.92
CA ALA F 169 7.06 26.60 -8.74
C ALA F 169 6.10 25.84 -9.66
N ILE F 170 6.42 25.81 -10.94
CA ILE F 170 5.60 25.11 -11.94
C ILE F 170 6.46 24.04 -12.58
N TYR F 171 6.17 22.78 -12.25
CA TYR F 171 6.91 21.65 -12.78
C TYR F 171 6.23 21.15 -14.04
N GLY F 172 6.91 21.27 -15.17
CA GLY F 172 6.33 20.91 -16.46
C GLY F 172 5.89 22.12 -17.25
N ILE F 173 6.71 22.56 -18.21
CA ILE F 173 6.42 23.75 -19.00
C ILE F 173 5.78 23.27 -20.31
N GLY F 174 4.91 22.27 -20.20
CA GLY F 174 4.31 21.67 -21.38
C GLY F 174 3.03 22.35 -21.83
N GLY F 175 2.03 21.54 -22.19
CA GLY F 175 0.76 22.10 -22.60
C GLY F 175 0.15 23.00 -21.55
N LEU F 176 0.06 22.51 -20.32
CA LEU F 176 -0.56 23.29 -19.25
C LEU F 176 0.42 24.27 -18.63
N GLY F 177 1.69 23.87 -18.52
CA GLY F 177 2.64 24.67 -17.76
C GLY F 177 2.92 26.03 -18.38
N HIS F 178 3.08 26.08 -19.71
CA HIS F 178 3.33 27.35 -20.37
C HIS F 178 2.15 28.30 -20.26
N ILE F 179 0.94 27.78 -20.04
CA ILE F 179 -0.20 28.64 -19.78
C ILE F 179 -0.29 28.97 -18.30
N ALA F 180 0.04 28.00 -17.44
CA ALA F 180 0.02 28.24 -15.99
C ALA F 180 0.96 29.36 -15.61
N LEU F 181 2.12 29.44 -16.27
CA LEU F 181 3.13 30.44 -15.91
C LEU F 181 2.63 31.85 -16.17
N GLN F 182 1.90 32.05 -17.26
CA GLN F 182 1.36 33.37 -17.55
C GLN F 182 0.30 33.78 -16.53
N TYR F 183 -0.55 32.83 -16.12
CA TYR F 183 -1.56 33.14 -15.11
C TYR F 183 -0.93 33.51 -13.79
N ALA F 184 0.13 32.80 -13.39
CA ALA F 184 0.82 33.11 -12.15
C ALA F 184 1.37 34.54 -12.15
N LYS F 185 2.07 34.90 -13.23
CA LYS F 185 2.58 36.27 -13.34
C LYS F 185 1.46 37.29 -13.28
N ALA F 186 0.33 37.01 -13.94
CA ALA F 186 -0.79 37.93 -13.91
C ALA F 186 -1.42 38.03 -12.54
N MET F 187 -1.16 37.08 -11.65
CA MET F 187 -1.64 37.12 -10.28
C MET F 187 -0.57 37.64 -9.31
N GLY F 188 0.44 38.33 -9.83
CA GLY F 188 1.47 38.94 -9.00
C GLY F 188 2.50 37.99 -8.43
N LEU F 189 2.61 36.77 -8.96
CA LEU F 189 3.48 35.76 -8.39
C LEU F 189 4.85 35.78 -9.06
N ASN F 190 5.86 35.41 -8.29
CA ASN F 190 7.19 35.12 -8.83
C ASN F 190 7.28 33.63 -9.11
N VAL F 191 7.75 33.28 -10.31
CA VAL F 191 7.64 31.92 -10.81
C VAL F 191 9.01 31.29 -10.97
N VAL F 192 9.14 30.04 -10.53
CA VAL F 192 10.25 29.18 -10.88
C VAL F 192 9.71 28.11 -11.82
N ALA F 193 10.21 28.10 -13.04
CA ALA F 193 9.78 27.14 -14.05
C ALA F 193 10.79 26.00 -14.12
N VAL F 194 10.29 24.76 -14.11
CA VAL F 194 11.13 23.58 -14.08
C VAL F 194 10.73 22.67 -15.24
N ASP F 195 11.72 22.19 -15.98
CA ASP F 195 11.44 21.25 -17.05
C ASP F 195 12.70 20.47 -17.38
N ILE F 196 12.66 19.75 -18.50
CA ILE F 196 13.72 18.84 -18.90
C ILE F 196 14.48 19.31 -20.13
N SER F 197 14.38 20.58 -20.49
CA SER F 197 15.01 20.98 -21.73
C SER F 197 15.56 22.39 -21.63
N ASP F 198 16.70 22.60 -22.29
CA ASP F 198 17.23 23.95 -22.43
C ASP F 198 16.29 24.82 -23.26
N GLU F 199 15.57 24.21 -24.21
CA GLU F 199 14.65 24.97 -25.04
C GLU F 199 13.41 25.38 -24.26
N LYS F 200 12.88 24.48 -23.43
CA LYS F 200 11.72 24.81 -22.62
C LYS F 200 12.06 25.81 -21.53
N SER F 201 13.28 25.73 -20.98
CA SER F 201 13.71 26.75 -20.04
C SER F 201 13.83 28.11 -20.71
N LYS F 202 14.32 28.14 -21.95
CA LYS F 202 14.34 29.37 -22.73
C LYS F 202 12.97 29.75 -23.26
N LEU F 203 11.99 28.85 -23.18
CA LEU F 203 10.61 29.23 -23.49
C LEU F 203 9.93 29.85 -22.27
N ALA F 204 10.09 29.24 -21.09
CA ALA F 204 9.48 29.78 -19.89
C ALA F 204 10.05 31.16 -19.56
N LYS F 205 11.35 31.35 -19.71
CA LYS F 205 11.96 32.65 -19.49
C LYS F 205 11.33 33.71 -20.40
N ASP F 206 11.08 33.35 -21.66
CA ASP F 206 10.45 34.28 -22.59
C ASP F 206 9.02 34.59 -22.19
N LEU F 207 8.30 33.62 -21.63
CA LEU F 207 6.92 33.81 -21.26
C LEU F 207 6.74 34.58 -19.95
N GLY F 208 7.82 34.78 -19.19
CA GLY F 208 7.74 35.63 -18.01
C GLY F 208 8.32 35.04 -16.75
N ALA F 209 8.83 33.82 -16.82
CA ALA F 209 9.35 33.15 -15.63
C ALA F 209 10.57 33.88 -15.08
N ASP F 210 10.57 34.13 -13.76
CA ASP F 210 11.70 34.80 -13.14
C ASP F 210 12.91 33.89 -13.01
N ILE F 211 12.69 32.58 -12.91
CA ILE F 211 13.75 31.59 -12.85
C ILE F 211 13.32 30.39 -13.69
N ALA F 212 14.21 29.93 -14.57
CA ALA F 212 13.98 28.74 -15.38
C ALA F 212 15.09 27.74 -15.12
N ILE F 213 14.72 26.48 -14.92
CA ILE F 213 15.64 25.45 -14.48
C ILE F 213 15.57 24.27 -15.44
N ASN F 214 16.72 23.86 -15.96
CA ASN F 214 16.83 22.58 -16.66
C ASN F 214 17.06 21.50 -15.62
N GLY F 215 16.03 20.67 -15.39
CA GLY F 215 16.08 19.65 -14.36
C GLY F 215 17.14 18.58 -14.57
N LEU F 216 17.61 18.35 -15.79
CA LEU F 216 18.68 17.36 -15.96
C LEU F 216 20.07 17.99 -15.93
N LYS F 217 20.18 19.23 -15.51
CA LYS F 217 21.48 19.83 -15.35
C LYS F 217 21.70 20.37 -13.94
N GLU F 218 20.67 20.94 -13.32
CA GLU F 218 20.69 21.29 -11.91
C GLU F 218 19.68 20.44 -11.16
N ASP F 219 20.01 20.07 -9.94
CA ASP F 219 18.99 19.53 -9.04
C ASP F 219 17.99 20.64 -8.76
N PRO F 220 16.75 20.54 -9.24
CA PRO F 220 15.83 21.69 -9.09
C PRO F 220 15.47 21.99 -7.64
N VAL F 221 15.32 20.96 -6.80
CA VAL F 221 15.03 21.23 -5.40
C VAL F 221 16.23 21.87 -4.71
N LYS F 222 17.44 21.56 -5.16
CA LYS F 222 18.62 22.24 -4.64
C LYS F 222 18.61 23.72 -5.01
N ALA F 223 18.27 24.02 -6.27
CA ALA F 223 18.29 25.39 -6.74
C ALA F 223 17.18 26.22 -6.10
N ILE F 224 15.99 25.64 -5.94
CA ILE F 224 14.86 26.39 -5.41
C ILE F 224 15.10 26.76 -3.95
N HIS F 225 15.64 25.83 -3.17
CA HIS F 225 15.94 26.11 -1.77
C HIS F 225 17.11 27.08 -1.64
N ASP F 226 18.10 26.97 -2.53
CA ASP F 226 19.28 27.81 -2.42
C ASP F 226 19.01 29.23 -2.88
N GLN F 227 18.12 29.42 -3.84
CA GLN F 227 17.87 30.73 -4.42
C GLN F 227 16.61 31.40 -3.87
N VAL F 228 15.58 30.64 -3.56
CA VAL F 228 14.32 31.20 -3.11
C VAL F 228 13.98 30.80 -1.68
N GLY F 229 14.50 29.69 -1.18
CA GLY F 229 14.17 29.24 0.16
C GLY F 229 12.93 28.36 0.21
N GLY F 230 12.65 27.62 -0.86
CA GLY F 230 11.42 26.87 -0.97
C GLY F 230 10.28 27.77 -1.43
N VAL F 231 9.36 27.21 -2.17
CA VAL F 231 8.22 27.96 -2.69
C VAL F 231 7.05 27.80 -1.74
N HIS F 232 6.18 28.82 -1.70
CA HIS F 232 4.96 28.72 -0.91
C HIS F 232 3.95 27.77 -1.54
N ALA F 233 3.97 27.65 -2.86
CA ALA F 233 3.10 26.73 -3.57
C ALA F 233 3.85 26.16 -4.77
N ALA F 234 3.40 25.01 -5.22
CA ALA F 234 3.96 24.38 -6.41
C ALA F 234 2.83 23.74 -7.21
N ILE F 235 2.84 23.97 -8.53
CA ILE F 235 1.88 23.36 -9.43
C ILE F 235 2.57 22.19 -10.12
N SER F 236 2.01 21.00 -9.95
CA SER F 236 2.57 19.77 -10.51
C SER F 236 1.80 19.41 -11.78
N VAL F 237 2.40 19.70 -12.93
CA VAL F 237 1.82 19.34 -14.22
C VAL F 237 2.42 18.02 -14.66
N ALA F 238 3.74 17.98 -14.82
CA ALA F 238 4.45 16.73 -15.09
C ALA F 238 4.33 15.80 -13.88
N VAL F 239 3.61 14.70 -14.03
CA VAL F 239 3.33 13.84 -12.90
C VAL F 239 4.08 12.51 -13.01
N ASN F 240 5.25 12.54 -13.65
CA ASN F 240 6.12 11.37 -13.54
C ASN F 240 6.68 11.29 -12.12
N LYS F 241 7.16 10.10 -11.77
CA LYS F 241 7.53 9.83 -10.38
C LYS F 241 8.57 10.83 -9.87
N LYS F 242 9.60 11.12 -10.68
CA LYS F 242 10.67 11.99 -10.22
C LYS F 242 10.26 13.46 -10.22
N ALA F 243 9.43 13.89 -11.17
CA ALA F 243 8.97 15.27 -11.17
C ALA F 243 8.01 15.54 -10.01
N PHE F 244 7.10 14.58 -9.75
CA PHE F 244 6.25 14.67 -8.57
C PHE F 244 7.08 14.66 -7.30
N GLU F 245 8.13 13.84 -7.26
CA GLU F 245 9.03 13.81 -6.12
C GLU F 245 9.70 15.16 -5.91
N GLN F 246 10.17 15.79 -6.99
CA GLN F 246 10.89 17.05 -6.86
C GLN F 246 9.94 18.20 -6.55
N ALA F 247 8.75 18.21 -7.16
CA ALA F 247 7.78 19.27 -6.88
C ALA F 247 7.42 19.31 -5.41
N TYR F 248 7.14 18.13 -4.82
CA TYR F 248 6.82 18.08 -3.40
C TYR F 248 7.96 18.64 -2.56
N GLN F 249 9.18 18.16 -2.79
CA GLN F 249 10.33 18.59 -2.00
C GLN F 249 10.65 20.07 -2.16
N SER F 250 10.09 20.74 -3.16
CA SER F 250 10.32 22.17 -3.34
C SER F 250 9.40 23.03 -2.50
N VAL F 251 8.34 22.45 -1.92
CA VAL F 251 7.40 23.21 -1.10
C VAL F 251 7.97 23.33 0.31
N LYS F 252 8.06 24.55 0.83
CA LYS F 252 8.55 24.73 2.18
C LYS F 252 7.43 24.42 3.18
N ARG F 253 7.76 24.57 4.47
CA ARG F 253 6.81 24.22 5.52
C ARG F 253 5.55 25.08 5.43
N GLY F 254 4.41 24.45 5.71
CA GLY F 254 3.13 25.13 5.64
C GLY F 254 2.61 25.38 4.25
N GLY F 255 3.36 25.01 3.20
CA GLY F 255 2.96 25.28 1.84
C GLY F 255 2.05 24.21 1.27
N THR F 256 1.62 24.43 0.03
CA THR F 256 0.69 23.56 -0.66
C THR F 256 1.27 23.12 -1.99
N LEU F 257 1.11 21.85 -2.31
CA LEU F 257 1.39 21.31 -3.62
C LEU F 257 0.06 20.99 -4.30
N VAL F 258 -0.23 21.68 -5.40
CA VAL F 258 -1.42 21.42 -6.21
C VAL F 258 -1.00 20.56 -7.39
N VAL F 259 -1.67 19.42 -7.55
CA VAL F 259 -1.40 18.50 -8.65
C VAL F 259 -2.51 18.64 -9.68
N VAL F 260 -2.12 18.89 -10.93
CA VAL F 260 -3.08 19.03 -12.02
C VAL F 260 -2.95 17.91 -13.05
N GLY F 261 -1.82 17.21 -13.10
CA GLY F 261 -1.70 16.09 -14.01
C GLY F 261 -2.38 14.84 -13.49
N LEU F 262 -2.71 13.95 -14.43
CA LEU F 262 -3.40 12.70 -14.11
C LEU F 262 -2.43 11.53 -14.30
N PRO F 263 -1.82 11.01 -13.24
CA PRO F 263 -0.88 9.91 -13.37
C PRO F 263 -1.60 8.58 -13.60
N ASN F 264 -0.82 7.58 -14.01
CA ASN F 264 -1.38 6.28 -14.37
C ASN F 264 -1.45 5.32 -13.20
N ALA F 265 -0.74 5.59 -12.11
CA ALA F 265 -0.77 4.73 -10.94
C ALA F 265 -0.63 5.61 -9.69
N ASP F 266 -0.69 4.97 -8.53
CA ASP F 266 -0.50 5.68 -7.27
C ASP F 266 0.85 6.38 -7.25
N LEU F 267 0.95 7.39 -6.39
CA LEU F 267 2.20 8.11 -6.24
C LEU F 267 2.61 8.13 -4.77
N PRO F 268 3.90 8.00 -4.48
CA PRO F 268 4.35 7.98 -3.09
C PRO F 268 4.69 9.37 -2.58
N ILE F 269 4.28 9.63 -1.34
CA ILE F 269 4.56 10.91 -0.69
C ILE F 269 5.11 10.64 0.71
N PRO F 270 6.20 11.31 1.10
CA PRO F 270 6.67 11.16 2.49
C PRO F 270 5.71 11.78 3.48
N ILE F 271 4.64 11.05 3.80
CA ILE F 271 3.64 11.54 4.74
C ILE F 271 4.27 11.87 6.09
N PHE F 272 5.37 11.21 6.43
CA PHE F 272 6.11 11.55 7.65
C PHE F 272 6.52 13.02 7.64
N ASP F 273 7.20 13.45 6.58
CA ASP F 273 7.60 14.86 6.50
C ASP F 273 6.40 15.77 6.24
N THR F 274 5.35 15.26 5.60
CA THR F 274 4.15 16.06 5.39
C THR F 274 3.54 16.51 6.71
N VAL F 275 3.52 15.62 7.70
CA VAL F 275 2.90 15.93 8.98
C VAL F 275 3.73 16.96 9.74
N LEU F 276 5.04 16.75 9.81
CA LEU F 276 5.89 17.60 10.63
C LEU F 276 6.11 18.98 10.03
N ASN F 277 5.86 19.14 8.73
CA ASN F 277 6.06 20.42 8.06
C ASN F 277 4.75 21.11 7.67
N GLY F 278 3.61 20.56 8.08
CA GLY F 278 2.33 21.20 7.81
C GLY F 278 2.04 21.42 6.34
N VAL F 279 2.43 20.47 5.50
CA VAL F 279 2.32 20.59 4.05
C VAL F 279 0.97 20.04 3.59
N SER F 280 0.40 20.66 2.56
CA SER F 280 -0.86 20.24 1.97
C SER F 280 -0.64 19.77 0.54
N VAL F 281 -1.31 18.69 0.17
CA VAL F 281 -1.32 18.16 -1.19
C VAL F 281 -2.76 18.17 -1.68
N LYS F 282 -3.08 19.09 -2.58
CA LYS F 282 -4.44 19.28 -3.08
C LYS F 282 -4.51 18.90 -4.55
N GLY F 283 -5.59 18.25 -4.94
CA GLY F 283 -5.85 17.94 -6.34
C GLY F 283 -6.81 18.95 -6.94
N SER F 284 -6.60 19.27 -8.20
CA SER F 284 -7.43 20.27 -8.87
C SER F 284 -7.37 20.06 -10.37
N ILE F 285 -8.54 19.99 -10.99
CA ILE F 285 -8.67 19.83 -12.43
C ILE F 285 -9.80 20.73 -12.90
N VAL F 286 -9.60 21.37 -14.06
CA VAL F 286 -10.66 22.12 -14.72
C VAL F 286 -11.10 23.23 -13.75
N GLY F 287 -12.24 23.88 -14.01
CA GLY F 287 -12.76 24.88 -13.09
C GLY F 287 -14.26 25.04 -13.27
N THR F 288 -14.85 25.76 -12.32
CA THR F 288 -16.27 26.03 -12.35
C THR F 288 -16.57 27.10 -13.40
N ARG F 289 -17.86 27.26 -13.72
CA ARG F 289 -18.25 28.22 -14.75
C ARG F 289 -17.77 29.62 -14.40
N LYS F 290 -17.85 30.00 -13.12
CA LYS F 290 -17.28 31.26 -12.69
C LYS F 290 -15.77 31.29 -12.94
N ASP F 291 -15.07 30.20 -12.58
CA ASP F 291 -13.65 30.08 -12.90
C ASP F 291 -13.40 30.29 -14.39
N MET F 292 -14.27 29.74 -15.23
CA MET F 292 -14.09 29.86 -16.67
C MET F 292 -14.18 31.32 -17.12
N GLN F 293 -15.14 32.06 -16.56
CA GLN F 293 -15.26 33.48 -16.90
C GLN F 293 -14.00 34.25 -16.54
N GLU F 294 -13.50 34.03 -15.32
CA GLU F 294 -12.32 34.76 -14.87
C GLU F 294 -11.08 34.38 -15.69
N ALA F 295 -10.95 33.09 -16.05
CA ALA F 295 -9.82 32.66 -16.85
C ALA F 295 -9.85 33.29 -18.23
N LEU F 296 -11.04 33.34 -18.85
CA LEU F 296 -11.16 33.94 -20.18
C LEU F 296 -10.86 35.43 -20.15
N ASP F 297 -11.16 36.10 -19.03
CA ASP F 297 -10.95 37.54 -18.95
C ASP F 297 -9.46 37.88 -18.94
N PHE F 298 -8.66 37.06 -18.27
CA PHE F 298 -7.20 37.25 -18.30
C PHE F 298 -6.69 37.17 -19.74
N ALA F 299 -7.21 36.23 -20.52
CA ALA F 299 -6.83 36.14 -21.93
C ALA F 299 -7.41 37.31 -22.72
N ALA F 300 -8.62 37.75 -22.37
CA ALA F 300 -9.21 38.90 -23.06
C ALA F 300 -8.45 40.19 -22.75
N ARG F 301 -7.79 40.25 -21.59
CA ARG F 301 -6.95 41.38 -21.24
C ARG F 301 -5.53 41.23 -21.75
N GLY F 302 -5.24 40.18 -22.51
CA GLY F 302 -3.92 39.98 -23.07
C GLY F 302 -2.88 39.44 -22.12
N LYS F 303 -3.26 39.02 -20.91
CA LYS F 303 -2.28 38.57 -19.93
C LYS F 303 -1.89 37.11 -20.12
N VAL F 304 -2.66 36.34 -20.90
CA VAL F 304 -2.35 34.94 -21.16
C VAL F 304 -2.50 34.69 -22.65
N ARG F 305 -1.43 34.23 -23.30
CA ARG F 305 -1.43 33.96 -24.74
C ARG F 305 -0.98 32.52 -24.98
N PRO F 306 -1.87 31.62 -25.35
CA PRO F 306 -1.45 30.23 -25.60
C PRO F 306 -0.63 30.12 -26.87
N ILE F 307 0.40 29.28 -26.81
CA ILE F 307 1.20 28.94 -27.98
C ILE F 307 0.44 27.88 -28.77
N VAL F 308 0.02 28.21 -29.98
CA VAL F 308 -0.95 27.41 -30.72
C VAL F 308 -0.42 27.14 -32.12
N GLU F 309 -0.61 25.91 -32.59
CA GLU F 309 -0.42 25.55 -33.98
C GLU F 309 -1.72 24.92 -34.48
N THR F 310 -2.03 25.17 -35.74
CA THR F 310 -3.27 24.67 -36.31
C THR F 310 -3.05 23.37 -37.08
N ALA F 311 -4.14 22.61 -37.17
CA ALA F 311 -4.23 21.40 -37.97
C ALA F 311 -5.68 21.26 -38.37
N GLU F 312 -5.95 20.45 -39.39
CA GLU F 312 -7.33 20.28 -39.79
C GLU F 312 -7.82 18.87 -39.44
N LEU F 313 -9.14 18.74 -39.39
CA LEU F 313 -9.79 17.59 -38.76
C LEU F 313 -9.27 16.25 -39.28
N GLU F 314 -8.79 16.20 -40.52
CA GLU F 314 -8.43 14.92 -41.12
C GLU F 314 -7.10 14.38 -40.61
N GLU F 315 -6.17 15.24 -40.21
CA GLU F 315 -4.89 14.80 -39.67
C GLU F 315 -4.91 14.61 -38.15
N ILE F 316 -6.07 14.25 -37.60
CA ILE F 316 -6.21 14.13 -36.15
C ILE F 316 -5.39 12.95 -35.62
N ASN F 317 -5.21 11.91 -36.42
CA ASN F 317 -4.40 10.78 -35.97
C ASN F 317 -2.91 11.10 -36.08
N GLU F 318 -2.53 12.03 -36.96
CA GLU F 318 -1.14 12.43 -37.05
C GLU F 318 -0.72 13.31 -35.88
N VAL F 319 -1.64 14.14 -35.38
CA VAL F 319 -1.33 14.94 -34.20
C VAL F 319 -1.34 14.08 -32.94
N PHE F 320 -2.03 12.94 -32.95
CA PHE F 320 -2.09 12.10 -31.77
C PHE F 320 -0.75 11.42 -31.51
N GLU F 321 -0.22 10.72 -32.50
CA GLU F 321 1.08 10.08 -32.32
C GLU F 321 2.25 11.05 -32.47
N ARG F 322 2.00 12.28 -32.92
CA ARG F 322 2.96 13.36 -32.68
C ARG F 322 2.95 13.76 -31.23
N MET F 323 1.79 13.65 -30.58
CA MET F 323 1.67 13.98 -29.16
C MET F 323 2.25 12.88 -28.28
N GLU F 324 2.14 11.62 -28.71
CA GLU F 324 2.69 10.51 -27.96
C GLU F 324 4.20 10.44 -28.06
N LYS F 325 4.79 11.03 -29.10
CA LYS F 325 6.24 11.15 -29.19
C LYS F 325 6.75 12.45 -28.57
N GLY F 326 5.87 13.38 -28.22
CA GLY F 326 6.16 14.41 -27.26
C GLY F 326 6.89 15.63 -27.76
N LYS F 327 6.77 15.97 -29.04
CA LYS F 327 7.35 17.20 -29.60
C LYS F 327 6.27 18.13 -30.14
N ILE F 328 5.16 18.23 -29.42
CA ILE F 328 4.19 19.30 -29.56
C ILE F 328 4.58 20.35 -28.53
N ASN F 329 5.20 21.43 -28.99
CA ASN F 329 5.63 22.51 -28.11
C ASN F 329 4.44 23.44 -27.91
N GLY F 330 3.68 23.19 -26.84
CA GLY F 330 2.46 23.92 -26.58
C GLY F 330 1.22 23.08 -26.76
N ARG F 331 0.26 23.57 -27.53
CA ARG F 331 -0.91 22.79 -27.90
C ARG F 331 -1.21 22.99 -29.37
N ILE F 332 -2.02 22.10 -29.92
CA ILE F 332 -2.50 22.19 -31.29
C ILE F 332 -4.00 22.38 -31.24
N VAL F 333 -4.55 23.11 -32.20
CA VAL F 333 -5.98 23.35 -32.27
C VAL F 333 -6.47 22.97 -33.66
N LEU F 334 -7.57 22.22 -33.70
CA LEU F 334 -8.14 21.80 -34.98
C LEU F 334 -8.88 22.95 -35.65
N LYS F 335 -8.68 23.08 -36.96
CA LYS F 335 -9.19 24.19 -37.74
C LYS F 335 -10.37 23.72 -38.59
N LEU F 336 -11.43 24.50 -38.61
CA LEU F 336 -12.63 24.12 -39.34
C LEU F 336 -13.28 25.33 -40.01
N MET G 1 28.37 -62.31 32.79
CA MET G 1 27.37 -62.56 31.77
C MET G 1 27.88 -62.10 30.41
N LYS G 2 27.64 -62.90 29.37
CA LYS G 2 28.09 -62.58 28.03
C LYS G 2 27.10 -61.64 27.35
N ALA G 3 27.63 -60.67 26.60
CA ALA G 3 26.75 -59.74 25.91
C ALA G 3 27.48 -59.06 24.75
N ALA G 4 26.71 -58.71 23.72
CA ALA G 4 27.18 -57.88 22.62
C ALA G 4 26.92 -56.42 22.98
N VAL G 5 27.98 -55.68 23.26
CA VAL G 5 27.88 -54.29 23.69
C VAL G 5 28.39 -53.39 22.57
N VAL G 6 27.68 -52.29 22.32
CA VAL G 6 28.18 -51.23 21.46
C VAL G 6 28.79 -50.17 22.36
N ASN G 7 30.06 -49.85 22.13
CA ASN G 7 30.72 -48.80 22.90
C ASN G 7 30.96 -47.54 22.12
N GLU G 8 31.12 -47.63 20.80
CA GLU G 8 31.27 -46.44 19.97
C GLU G 8 30.37 -46.58 18.75
N PHE G 9 29.75 -45.46 18.35
CA PHE G 9 28.76 -45.48 17.29
C PHE G 9 29.41 -45.79 15.94
N LYS G 10 28.63 -46.44 15.07
CA LYS G 10 29.04 -46.86 13.73
C LYS G 10 30.14 -47.91 13.77
N LYS G 11 30.76 -48.11 14.93
CA LYS G 11 31.86 -49.04 15.08
C LYS G 11 31.33 -50.46 15.24
N ALA G 12 32.21 -51.38 15.64
CA ALA G 12 31.89 -52.79 15.76
C ALA G 12 31.46 -53.14 17.17
N LEU G 13 30.47 -54.00 17.28
CA LEU G 13 30.01 -54.51 18.57
C LEU G 13 31.07 -55.42 19.18
N GLU G 14 31.21 -55.34 20.49
CA GLU G 14 32.14 -56.17 21.24
C GLU G 14 31.36 -57.22 22.01
N ILE G 15 31.64 -58.49 21.75
CA ILE G 15 31.12 -59.58 22.57
C ILE G 15 31.99 -59.65 23.83
N LYS G 16 31.40 -59.32 24.97
CA LYS G 16 32.17 -59.11 26.19
C LYS G 16 31.38 -59.66 27.37
N GLU G 17 32.09 -60.05 28.43
CA GLU G 17 31.46 -60.53 29.64
C GLU G 17 31.08 -59.35 30.52
N VAL G 18 29.87 -59.38 31.06
CA VAL G 18 29.34 -58.18 31.70
C VAL G 18 28.94 -58.46 33.15
N GLU G 19 28.26 -57.50 33.76
CA GLU G 19 27.58 -57.70 35.03
C GLU G 19 26.14 -58.11 34.78
N ARG G 20 25.64 -59.02 35.62
CA ARG G 20 24.24 -59.42 35.49
C ARG G 20 23.34 -58.31 36.01
N PRO G 21 22.16 -58.13 35.41
CA PRO G 21 21.23 -57.12 35.90
C PRO G 21 20.72 -57.50 37.29
N LYS G 22 20.66 -56.51 38.18
CA LYS G 22 20.23 -56.72 39.56
C LYS G 22 18.92 -55.96 39.78
N LEU G 23 17.94 -56.66 40.34
CA LEU G 23 16.56 -56.18 40.31
C LEU G 23 16.29 -55.15 41.39
N GLU G 24 15.46 -54.17 41.05
CA GLU G 24 14.75 -53.33 41.99
C GLU G 24 13.27 -53.73 41.94
N GLU G 25 12.43 -52.97 42.64
CA GLU G 25 11.03 -53.36 42.79
C GLU G 25 10.32 -53.41 41.45
N GLY G 26 9.44 -54.40 41.28
CA GLY G 26 8.64 -54.54 40.09
C GLY G 26 9.31 -55.18 38.90
N GLU G 27 10.62 -55.43 38.97
CA GLU G 27 11.37 -55.96 37.85
C GLU G 27 11.49 -57.48 37.93
N VAL G 28 11.87 -58.09 36.82
CA VAL G 28 12.14 -59.53 36.76
C VAL G 28 13.46 -59.74 36.03
N LEU G 29 14.08 -60.87 36.32
CA LEU G 29 15.30 -61.30 35.63
C LEU G 29 14.94 -62.39 34.65
N VAL G 30 15.31 -62.20 33.38
CA VAL G 30 15.01 -63.17 32.33
C VAL G 30 16.33 -63.69 31.77
N LYS G 31 16.49 -65.01 31.77
CA LYS G 31 17.59 -65.67 31.05
C LYS G 31 17.09 -65.92 29.64
N ILE G 32 17.48 -65.09 28.69
CA ILE G 32 16.82 -65.13 27.39
C ILE G 32 17.39 -66.25 26.55
N GLU G 33 16.50 -66.92 25.82
CA GLU G 33 16.86 -67.99 24.90
C GLU G 33 17.12 -67.47 23.49
N ALA G 34 16.43 -66.40 23.08
CA ALA G 34 16.58 -65.85 21.75
C ALA G 34 16.27 -64.36 21.79
N CYS G 35 16.65 -63.67 20.71
CA CYS G 35 16.42 -62.23 20.62
C CYS G 35 16.52 -61.83 19.14
N GLY G 36 15.41 -61.39 18.57
CA GLY G 36 15.40 -61.02 17.16
C GLY G 36 16.28 -59.83 16.86
N VAL G 37 16.55 -59.67 15.56
CA VAL G 37 17.35 -58.57 15.05
C VAL G 37 16.53 -57.85 13.98
N CYS G 38 16.46 -56.53 14.07
CA CYS G 38 15.81 -55.73 13.05
C CYS G 38 16.59 -54.44 12.85
N HIS G 39 16.15 -53.64 11.88
CA HIS G 39 16.88 -52.44 11.48
C HIS G 39 16.97 -51.41 12.58
N THR G 40 16.11 -51.50 13.62
CA THR G 40 16.21 -50.58 14.73
C THR G 40 17.50 -50.78 15.50
N ASP G 41 17.91 -52.04 15.70
CA ASP G 41 19.19 -52.33 16.36
C ASP G 41 20.35 -51.73 15.58
N LEU G 42 20.23 -51.70 14.25
CA LEU G 42 21.27 -51.08 13.43
C LEU G 42 21.34 -49.58 13.70
N HIS G 43 20.19 -48.90 13.65
CA HIS G 43 20.18 -47.47 13.92
C HIS G 43 20.58 -47.16 15.35
N ALA G 44 20.34 -48.09 16.28
CA ALA G 44 20.86 -47.92 17.63
C ALA G 44 22.38 -48.04 17.65
N ALA G 45 22.92 -49.03 16.93
CA ALA G 45 24.37 -49.20 16.88
C ALA G 45 25.05 -48.04 16.16
N HIS G 46 24.41 -47.50 15.12
CA HIS G 46 25.02 -46.41 14.37
C HIS G 46 24.75 -45.06 15.01
N GLY G 47 23.67 -44.93 15.77
CA GLY G 47 23.33 -43.66 16.38
C GLY G 47 22.98 -42.56 15.41
N ASP G 48 22.34 -42.91 14.29
CA ASP G 48 22.02 -41.96 13.24
C ASP G 48 20.58 -41.46 13.32
N TRP G 49 19.91 -41.68 14.43
CA TRP G 49 18.55 -41.21 14.67
C TRP G 49 18.57 -39.91 15.46
N PRO G 50 17.48 -39.13 15.42
CA PRO G 50 17.50 -37.82 16.10
C PRO G 50 17.87 -37.89 17.57
N ILE G 51 17.23 -38.76 18.34
CA ILE G 51 17.53 -38.92 19.76
C ILE G 51 18.36 -40.18 19.91
N LYS G 52 19.62 -40.01 20.31
CA LYS G 52 20.58 -41.10 20.36
C LYS G 52 20.41 -41.94 21.62
N PRO G 53 20.68 -43.23 21.55
CA PRO G 53 20.80 -44.03 22.76
C PRO G 53 22.14 -43.77 23.42
N LYS G 54 22.17 -43.92 24.75
CA LYS G 54 23.43 -43.67 25.44
C LYS G 54 24.24 -44.96 25.56
N LEU G 55 25.55 -44.79 25.58
CA LEU G 55 26.60 -45.80 25.53
C LEU G 55 27.32 -45.90 26.87
N PRO G 56 27.75 -47.10 27.28
CA PRO G 56 27.60 -48.36 26.53
C PRO G 56 26.17 -48.86 26.44
N LEU G 57 25.89 -49.67 25.42
CA LEU G 57 24.55 -50.12 25.11
C LEU G 57 24.60 -51.60 24.77
N ILE G 58 23.67 -52.39 25.31
CA ILE G 58 23.43 -53.74 24.83
C ILE G 58 22.06 -53.72 24.12
N PRO G 59 22.05 -53.84 22.81
CA PRO G 59 20.79 -53.66 22.06
C PRO G 59 19.84 -54.84 22.18
N GLY G 60 18.82 -54.87 21.34
CA GLY G 60 17.88 -55.97 21.31
C GLY G 60 16.57 -55.69 22.02
N HIS G 61 15.49 -55.56 21.25
CA HIS G 61 14.14 -55.37 21.79
C HIS G 61 13.22 -56.52 21.42
N GLU G 62 13.78 -57.66 21.00
CA GLU G 62 13.01 -58.85 20.67
C GLU G 62 13.46 -60.05 21.50
N GLY G 63 13.90 -59.80 22.74
CA GLY G 63 14.43 -60.86 23.57
C GLY G 63 13.32 -61.73 24.14
N VAL G 64 13.47 -63.04 24.00
CA VAL G 64 12.57 -64.03 24.58
C VAL G 64 13.39 -64.94 25.49
N GLY G 65 12.82 -65.31 26.63
CA GLY G 65 13.53 -66.18 27.54
C GLY G 65 12.66 -66.61 28.70
N ILE G 66 13.31 -67.12 29.73
CA ILE G 66 12.66 -67.66 30.92
C ILE G 66 13.05 -66.79 32.11
N VAL G 67 12.07 -66.44 32.93
CA VAL G 67 12.32 -65.61 34.10
C VAL G 67 12.91 -66.47 35.21
N VAL G 68 14.09 -66.09 35.69
CA VAL G 68 14.81 -66.89 36.67
C VAL G 68 14.67 -66.35 38.09
N GLU G 69 14.38 -65.07 38.26
CA GLU G 69 14.28 -64.47 39.59
C GLU G 69 13.35 -63.28 39.49
N VAL G 70 12.55 -63.09 40.54
CA VAL G 70 11.51 -62.05 40.56
C VAL G 70 11.76 -61.15 41.77
N ALA G 71 11.61 -59.85 41.56
CA ALA G 71 11.76 -58.91 42.67
C ALA G 71 10.57 -59.04 43.62
N LYS G 72 10.71 -58.39 44.78
CA LYS G 72 9.65 -58.42 45.77
C LYS G 72 8.41 -57.69 45.26
N GLY G 73 7.24 -58.18 45.67
CA GLY G 73 5.99 -57.56 45.31
C GLY G 73 5.43 -57.94 43.96
N VAL G 74 6.22 -58.56 43.09
CA VAL G 74 5.68 -59.03 41.82
C VAL G 74 4.95 -60.34 42.06
N LYS G 75 3.71 -60.42 41.60
CA LYS G 75 2.88 -61.60 41.77
C LYS G 75 2.09 -61.96 40.53
N SER G 76 2.09 -61.12 39.49
CA SER G 76 1.56 -61.50 38.20
C SER G 76 2.53 -62.44 37.48
N ILE G 77 3.80 -62.05 37.41
CA ILE G 77 4.86 -62.87 36.82
C ILE G 77 5.63 -63.54 37.95
N LYS G 78 5.85 -64.85 37.84
CA LYS G 78 6.68 -65.58 38.76
C LYS G 78 7.68 -66.43 37.98
N VAL G 79 8.59 -67.07 38.72
CA VAL G 79 9.74 -67.73 38.12
C VAL G 79 9.28 -68.93 37.29
N GLY G 80 9.86 -69.07 36.10
CA GLY G 80 9.60 -70.18 35.19
C GLY G 80 8.88 -69.76 33.94
N ASP G 81 8.24 -68.60 33.94
CA ASP G 81 7.37 -68.21 32.85
C ASP G 81 8.16 -67.84 31.60
N ARG G 82 7.53 -68.04 30.46
CA ARG G 82 8.04 -67.59 29.18
C ARG G 82 7.60 -66.16 28.96
N VAL G 83 8.57 -65.23 28.85
CA VAL G 83 8.26 -63.81 28.69
C VAL G 83 9.09 -63.23 27.56
N GLY G 84 8.64 -62.08 27.09
CA GLY G 84 9.39 -61.31 26.12
C GLY G 84 9.45 -59.86 26.53
N ILE G 85 10.54 -59.20 26.12
CA ILE G 85 10.80 -57.82 26.48
C ILE G 85 10.83 -56.99 25.21
N PRO G 86 9.74 -56.26 24.91
CA PRO G 86 9.61 -55.63 23.60
C PRO G 86 10.23 -54.24 23.54
N TRP G 87 9.90 -53.50 22.46
CA TRP G 87 10.41 -52.15 22.30
C TRP G 87 9.88 -51.23 23.39
N LEU G 88 8.61 -51.38 23.76
CA LEU G 88 8.03 -50.60 24.86
C LEU G 88 8.39 -51.30 26.17
N TYR G 89 9.48 -50.84 26.77
CA TYR G 89 10.02 -51.50 27.96
C TYR G 89 9.28 -51.06 29.22
N SER G 90 8.89 -49.80 29.30
CA SER G 90 8.11 -49.31 30.44
C SER G 90 7.40 -48.02 30.04
N ALA G 91 6.32 -47.72 30.76
CA ALA G 91 5.57 -46.49 30.58
C ALA G 91 5.23 -45.93 31.95
N CYS G 92 4.88 -44.64 31.98
CA CYS G 92 4.69 -43.96 33.25
C CYS G 92 3.39 -44.34 33.94
N GLY G 93 2.36 -44.74 33.19
CA GLY G 93 1.13 -45.23 33.77
C GLY G 93 0.11 -44.18 34.19
N GLU G 94 0.46 -42.89 34.11
CA GLU G 94 -0.43 -41.84 34.58
C GLU G 94 -0.74 -40.76 33.55
N CYS G 95 0.00 -40.70 32.44
CA CYS G 95 -0.18 -39.64 31.47
C CYS G 95 -1.52 -39.78 30.74
N GLU G 96 -1.77 -38.83 29.84
CA GLU G 96 -2.97 -38.88 29.02
C GLU G 96 -3.00 -40.14 28.15
N TYR G 97 -1.84 -40.57 27.69
CA TYR G 97 -1.79 -41.74 26.81
C TYR G 97 -1.82 -43.04 27.60
N CYS G 98 -1.20 -43.07 28.77
CA CYS G 98 -1.22 -44.28 29.58
C CYS G 98 -2.63 -44.60 30.07
N LEU G 99 -3.43 -43.56 30.35
CA LEU G 99 -4.77 -43.76 30.89
C LEU G 99 -5.78 -44.23 29.84
N THR G 100 -5.47 -44.06 28.55
CA THR G 100 -6.41 -44.41 27.48
C THR G 100 -5.96 -45.62 26.67
N GLY G 101 -5.02 -46.41 27.20
CA GLY G 101 -4.55 -47.56 26.46
C GLY G 101 -3.74 -47.22 25.24
N GLN G 102 -3.00 -46.12 25.27
CA GLN G 102 -2.13 -45.69 24.19
C GLN G 102 -0.68 -45.55 24.66
N GLU G 103 -0.24 -46.46 25.52
CA GLU G 103 1.07 -46.31 26.18
C GLU G 103 2.22 -46.28 25.19
N THR G 104 2.00 -46.70 23.94
CA THR G 104 3.02 -46.53 22.91
C THR G 104 3.39 -45.07 22.71
N LEU G 105 2.56 -44.14 23.18
CA LEU G 105 2.79 -42.71 23.00
C LEU G 105 3.25 -42.02 24.27
N CYS G 106 3.51 -42.76 25.35
CA CYS G 106 3.90 -42.16 26.61
C CYS G 106 5.22 -41.39 26.45
N PRO G 107 5.25 -40.10 26.79
CA PRO G 107 6.48 -39.32 26.60
C PRO G 107 7.61 -39.69 27.55
N HIS G 108 7.32 -40.47 28.59
CA HIS G 108 8.34 -40.91 29.54
C HIS G 108 8.74 -42.36 29.35
N GLN G 109 8.32 -42.98 28.26
CA GLN G 109 8.67 -44.37 28.01
C GLN G 109 10.19 -44.54 27.88
N LEU G 110 10.64 -45.75 28.17
CA LEU G 110 12.01 -46.16 27.91
C LEU G 110 11.97 -47.42 27.07
N ASN G 111 12.89 -47.54 26.12
CA ASN G 111 12.80 -48.54 25.07
C ASN G 111 13.88 -49.58 25.21
N GLY G 112 13.48 -50.84 25.16
CA GLY G 112 14.41 -51.97 25.31
C GLY G 112 15.48 -51.98 24.24
N GLY G 113 16.74 -51.92 24.64
CA GLY G 113 17.82 -51.92 23.67
C GLY G 113 18.11 -50.55 23.13
N TYR G 114 17.45 -49.52 23.65
CA TYR G 114 17.72 -48.15 23.17
C TYR G 114 17.96 -47.20 24.36
N SER G 115 16.92 -46.95 25.16
CA SER G 115 17.06 -46.21 26.40
C SER G 115 17.28 -47.11 27.61
N VAL G 116 17.58 -48.39 27.37
CA VAL G 116 17.73 -49.38 28.43
C VAL G 116 18.49 -50.53 27.78
N ASP G 117 19.19 -51.30 28.61
CA ASP G 117 19.95 -52.45 28.12
C ASP G 117 19.00 -53.59 27.79
N GLY G 118 19.09 -54.09 26.56
CA GLY G 118 18.12 -55.02 26.01
C GLY G 118 18.61 -56.46 25.99
N GLY G 119 18.26 -57.16 24.92
CA GLY G 119 18.41 -58.61 24.89
C GLY G 119 19.57 -59.16 24.08
N TYR G 120 20.66 -58.41 23.98
CA TYR G 120 21.90 -58.93 23.38
C TYR G 120 22.85 -59.48 24.44
N ALA G 121 22.34 -60.25 25.39
CA ALA G 121 23.05 -60.75 26.56
C ALA G 121 22.25 -61.92 27.12
N GLU G 122 22.93 -62.82 27.82
CA GLU G 122 22.20 -64.01 28.25
C GLU G 122 21.15 -63.72 29.32
N TYR G 123 21.27 -62.61 30.05
CA TYR G 123 20.22 -62.18 30.97
C TYR G 123 19.81 -60.75 30.68
N CYS G 124 18.51 -60.50 30.75
CA CYS G 124 17.97 -59.14 30.66
C CYS G 124 17.11 -58.85 31.87
N LYS G 125 16.80 -57.58 32.07
CA LYS G 125 15.98 -57.12 33.17
C LYS G 125 14.82 -56.30 32.62
N ALA G 126 13.64 -56.44 33.24
CA ALA G 126 12.46 -55.78 32.71
C ALA G 126 11.40 -55.69 33.79
N PRO G 127 10.54 -54.68 33.75
CA PRO G 127 9.45 -54.58 34.71
C PRO G 127 8.35 -55.57 34.39
N ALA G 128 7.79 -56.19 35.43
CA ALA G 128 6.80 -57.23 35.25
C ALA G 128 5.55 -56.72 34.53
N ASP G 129 5.21 -55.44 34.72
CA ASP G 129 3.96 -54.92 34.19
C ASP G 129 3.98 -54.78 32.66
N TYR G 130 5.14 -54.83 32.03
CA TYR G 130 5.25 -54.53 30.60
C TYR G 130 5.86 -55.64 29.77
N VAL G 131 6.24 -56.76 30.39
CA VAL G 131 6.79 -57.88 29.63
C VAL G 131 5.67 -58.61 28.92
N ALA G 132 5.96 -59.12 27.72
CA ALA G 132 4.99 -59.87 26.94
C ALA G 132 5.01 -61.33 27.36
N LYS G 133 3.86 -61.85 27.77
CA LYS G 133 3.73 -63.27 28.05
C LYS G 133 3.69 -64.06 26.74
N ILE G 134 4.56 -65.05 26.61
CA ILE G 134 4.56 -65.84 25.38
C ILE G 134 3.63 -67.03 25.56
N PRO G 135 2.82 -67.35 24.55
CA PRO G 135 1.95 -68.53 24.64
C PRO G 135 2.75 -69.82 24.62
N ASP G 136 2.17 -70.85 25.24
CA ASP G 136 2.86 -72.14 25.39
C ASP G 136 3.16 -72.80 24.05
N ASN G 137 2.48 -72.39 22.98
CA ASN G 137 2.58 -73.11 21.71
C ASN G 137 3.96 -72.93 21.07
N LEU G 138 4.49 -71.71 21.08
CA LEU G 138 5.61 -71.34 20.23
C LEU G 138 6.94 -71.44 20.96
N ASP G 139 8.01 -71.68 20.17
CA ASP G 139 9.38 -71.68 20.66
C ASP G 139 9.95 -70.26 20.62
N PRO G 140 10.99 -69.98 21.41
CA PRO G 140 11.43 -68.59 21.58
C PRO G 140 12.04 -67.96 20.33
N VAL G 141 12.54 -68.75 19.38
CA VAL G 141 13.29 -68.17 18.26
C VAL G 141 12.34 -67.66 17.18
N GLU G 142 11.33 -68.45 16.81
CA GLU G 142 10.36 -68.00 15.82
C GLU G 142 9.35 -67.02 16.40
N VAL G 143 9.28 -66.88 17.74
CA VAL G 143 8.39 -65.92 18.37
C VAL G 143 9.10 -64.60 18.68
N ALA G 144 10.35 -64.45 18.31
CA ALA G 144 11.04 -63.20 18.57
C ALA G 144 10.56 -62.07 17.65
N PRO G 145 10.39 -62.29 16.35
CA PRO G 145 10.00 -61.17 15.47
C PRO G 145 8.60 -60.64 15.71
N ILE G 146 7.73 -61.38 16.38
CA ILE G 146 6.36 -60.90 16.57
C ILE G 146 6.35 -59.73 17.55
N LEU G 147 7.29 -59.68 18.49
CA LEU G 147 7.35 -58.59 19.45
C LEU G 147 7.75 -57.27 18.81
N CYS G 148 8.23 -57.29 17.56
CA CYS G 148 8.55 -56.07 16.84
C CYS G 148 7.80 -56.00 15.51
N ALA G 149 8.22 -56.78 14.51
CA ALA G 149 7.61 -56.69 13.19
C ALA G 149 6.15 -57.11 13.22
N GLY G 150 5.78 -58.02 14.13
CA GLY G 150 4.42 -58.52 14.16
C GLY G 150 3.40 -57.54 14.72
N VAL G 151 3.62 -57.05 15.94
CA VAL G 151 2.64 -56.15 16.55
C VAL G 151 2.61 -54.82 15.81
N THR G 152 3.75 -54.37 15.29
CA THR G 152 3.76 -53.15 14.49
C THR G 152 2.85 -53.28 13.27
N THR G 153 2.95 -54.40 12.56
CA THR G 153 2.14 -54.59 11.36
C THR G 153 0.69 -54.93 11.71
N TYR G 154 0.48 -55.69 12.79
CA TYR G 154 -0.89 -56.02 13.19
C TYR G 154 -1.64 -54.76 13.61
N LYS G 155 -1.02 -53.94 14.47
CA LYS G 155 -1.65 -52.70 14.89
C LYS G 155 -1.92 -51.78 13.70
N ALA G 156 -0.98 -51.72 12.76
CA ALA G 156 -1.15 -50.85 11.60
C ALA G 156 -2.34 -51.29 10.74
N LEU G 157 -2.64 -52.59 10.71
CA LEU G 157 -3.78 -53.07 9.94
C LEU G 157 -5.10 -52.75 10.64
N LYS G 158 -5.09 -52.69 11.98
CA LYS G 158 -6.28 -52.26 12.71
C LYS G 158 -6.46 -50.75 12.61
N VAL G 159 -5.35 -50.01 12.65
CA VAL G 159 -5.40 -48.56 12.44
C VAL G 159 -5.88 -48.25 11.03
N SER G 160 -5.56 -49.10 10.06
CA SER G 160 -5.92 -48.83 8.67
C SER G 160 -7.43 -48.77 8.47
N GLY G 161 -8.20 -49.40 9.34
CA GLY G 161 -9.65 -49.42 9.17
C GLY G 161 -10.16 -50.35 8.10
N ALA G 162 -9.32 -51.25 7.61
CA ALA G 162 -9.76 -52.20 6.59
C ALA G 162 -10.65 -53.27 7.20
N ARG G 163 -11.86 -53.42 6.64
CA ARG G 163 -12.87 -54.40 7.02
C ARG G 163 -12.62 -55.73 6.30
N PRO G 164 -13.06 -56.84 6.88
CA PRO G 164 -13.01 -58.11 6.15
C PRO G 164 -13.72 -58.00 4.80
N GLY G 165 -13.08 -58.54 3.77
CA GLY G 165 -13.55 -58.42 2.40
C GLY G 165 -12.92 -57.29 1.62
N GLU G 166 -12.26 -56.34 2.30
CA GLU G 166 -11.64 -55.21 1.63
C GLU G 166 -10.24 -55.55 1.14
N TRP G 167 -9.73 -54.72 0.23
CA TRP G 167 -8.46 -54.95 -0.41
C TRP G 167 -7.37 -54.08 0.21
N VAL G 168 -6.21 -54.69 0.45
CA VAL G 168 -5.12 -54.05 1.19
C VAL G 168 -3.81 -54.26 0.42
N ALA G 169 -2.99 -53.22 0.38
CA ALA G 169 -1.73 -53.24 -0.37
C ALA G 169 -0.56 -53.17 0.60
N ILE G 170 0.37 -54.12 0.47
CA ILE G 170 1.58 -54.15 1.27
C ILE G 170 2.73 -53.79 0.34
N TYR G 171 3.35 -52.64 0.59
CA TYR G 171 4.50 -52.18 -0.18
C TYR G 171 5.76 -52.53 0.59
N GLY G 172 6.47 -53.54 0.12
CA GLY G 172 7.62 -54.06 0.84
C GLY G 172 7.32 -55.40 1.47
N ILE G 173 7.72 -56.48 0.80
CA ILE G 173 7.60 -57.83 1.34
C ILE G 173 8.96 -58.16 1.95
N GLY G 174 9.48 -57.24 2.76
CA GLY G 174 10.74 -57.44 3.45
C GLY G 174 10.54 -58.10 4.80
N GLY G 175 11.22 -57.57 5.82
CA GLY G 175 11.08 -58.14 7.15
C GLY G 175 9.70 -57.94 7.72
N LEU G 176 9.20 -56.70 7.72
CA LEU G 176 7.89 -56.43 8.28
C LEU G 176 6.77 -56.85 7.34
N GLY G 177 6.97 -56.70 6.04
CA GLY G 177 5.90 -56.97 5.09
C GLY G 177 5.53 -58.44 5.01
N HIS G 178 6.51 -59.33 5.14
CA HIS G 178 6.21 -60.76 5.09
C HIS G 178 5.41 -61.21 6.31
N ILE G 179 5.48 -60.47 7.41
CA ILE G 179 4.62 -60.72 8.56
C ILE G 179 3.30 -59.99 8.43
N ALA G 180 3.32 -58.76 7.90
CA ALA G 180 2.09 -58.02 7.64
C ALA G 180 1.18 -58.80 6.69
N LEU G 181 1.77 -59.50 5.73
CA LEU G 181 1.02 -60.32 4.78
C LEU G 181 0.07 -61.28 5.50
N GLN G 182 0.63 -62.17 6.32
CA GLN G 182 -0.15 -63.18 7.01
C GLN G 182 -1.13 -62.56 8.01
N TYR G 183 -0.86 -61.35 8.49
CA TYR G 183 -1.78 -60.71 9.42
C TYR G 183 -3.01 -60.19 8.70
N ALA G 184 -2.82 -59.54 7.54
CA ALA G 184 -3.94 -59.02 6.78
C ALA G 184 -4.91 -60.14 6.40
N LYS G 185 -4.37 -61.27 5.92
CA LYS G 185 -5.23 -62.38 5.50
C LYS G 185 -5.93 -63.04 6.69
N ALA G 186 -5.24 -63.11 7.83
CA ALA G 186 -5.89 -63.59 9.05
C ALA G 186 -7.05 -62.70 9.45
N MET G 187 -7.03 -61.44 9.03
CA MET G 187 -8.11 -60.49 9.31
C MET G 187 -9.11 -60.41 8.16
N GLY G 188 -9.14 -61.41 7.28
CA GLY G 188 -10.15 -61.46 6.24
C GLY G 188 -9.96 -60.49 5.10
N LEU G 189 -8.72 -60.05 4.86
CA LEU G 189 -8.42 -59.06 3.84
C LEU G 189 -7.84 -59.74 2.60
N ASN G 190 -8.00 -59.07 1.45
CA ASN G 190 -7.37 -59.47 0.20
C ASN G 190 -6.16 -58.57 -0.04
N VAL G 191 -5.00 -59.17 -0.27
CA VAL G 191 -3.74 -58.46 -0.24
C VAL G 191 -3.15 -58.37 -1.65
N VAL G 192 -2.62 -57.19 -1.97
CA VAL G 192 -1.74 -56.97 -3.12
C VAL G 192 -0.37 -56.66 -2.56
N ALA G 193 0.59 -57.56 -2.78
CA ALA G 193 1.94 -57.39 -2.26
C ALA G 193 2.85 -56.86 -3.36
N VAL G 194 3.60 -55.80 -3.06
CA VAL G 194 4.40 -55.08 -4.05
C VAL G 194 5.84 -55.00 -3.55
N ASP G 195 6.79 -55.38 -4.41
CA ASP G 195 8.20 -55.23 -4.11
C ASP G 195 8.96 -55.04 -5.42
N ILE G 196 10.25 -55.35 -5.40
CA ILE G 196 11.15 -55.01 -6.50
C ILE G 196 11.80 -56.23 -7.12
N SER G 197 11.42 -57.44 -6.73
CA SER G 197 12.03 -58.62 -7.30
C SER G 197 11.04 -59.78 -7.32
N ASP G 198 11.18 -60.64 -8.34
CA ASP G 198 10.27 -61.77 -8.50
C ASP G 198 10.54 -62.88 -7.49
N GLU G 199 11.71 -62.91 -6.87
CA GLU G 199 11.92 -63.83 -5.76
C GLU G 199 11.12 -63.40 -4.54
N LYS G 200 10.79 -62.11 -4.45
CA LYS G 200 9.91 -61.61 -3.41
C LYS G 200 8.45 -61.71 -3.80
N SER G 201 8.14 -61.64 -5.09
CA SER G 201 6.77 -61.82 -5.55
C SER G 201 6.28 -63.24 -5.29
N LYS G 202 7.11 -64.24 -5.58
CA LYS G 202 6.73 -65.62 -5.27
C LYS G 202 6.66 -65.84 -3.76
N LEU G 203 7.56 -65.18 -3.01
CA LEU G 203 7.55 -65.30 -1.55
C LEU G 203 6.25 -64.76 -0.97
N ALA G 204 5.75 -63.65 -1.52
CA ALA G 204 4.49 -63.10 -1.04
C ALA G 204 3.33 -64.02 -1.35
N LYS G 205 3.24 -64.49 -2.60
CA LYS G 205 2.14 -65.36 -3.00
C LYS G 205 2.20 -66.70 -2.28
N ASP G 206 3.40 -67.19 -1.96
CA ASP G 206 3.51 -68.45 -1.24
C ASP G 206 2.98 -68.30 0.19
N LEU G 207 3.11 -67.12 0.79
CA LEU G 207 2.67 -66.90 2.15
C LEU G 207 1.22 -66.45 2.25
N GLY G 208 0.55 -66.20 1.12
CA GLY G 208 -0.87 -65.95 1.15
C GLY G 208 -1.39 -64.84 0.25
N ALA G 209 -0.50 -63.97 -0.22
CA ALA G 209 -0.93 -62.86 -1.08
C ALA G 209 -1.61 -63.38 -2.33
N ASP G 210 -2.77 -62.80 -2.66
CA ASP G 210 -3.47 -63.17 -3.88
C ASP G 210 -2.89 -62.51 -5.12
N ILE G 211 -2.29 -61.33 -4.97
CA ILE G 211 -1.64 -60.63 -6.07
C ILE G 211 -0.28 -60.15 -5.60
N ALA G 212 0.76 -60.53 -6.33
CA ALA G 212 2.11 -60.06 -6.10
C ALA G 212 2.61 -59.35 -7.35
N ILE G 213 3.35 -58.26 -7.14
CA ILE G 213 3.77 -57.39 -8.23
C ILE G 213 5.25 -57.09 -8.06
N ASN G 214 6.05 -57.47 -9.05
CA ASN G 214 7.39 -56.89 -9.18
C ASN G 214 7.22 -55.47 -9.69
N GLY G 215 7.47 -54.49 -8.81
CA GLY G 215 7.22 -53.10 -9.14
C GLY G 215 8.08 -52.55 -10.25
N LEU G 216 9.10 -53.30 -10.70
CA LEU G 216 10.07 -52.81 -11.67
C LEU G 216 9.92 -53.46 -13.03
N LYS G 217 8.81 -54.18 -13.26
CA LYS G 217 8.38 -54.55 -14.60
C LYS G 217 6.91 -54.22 -14.86
N GLU G 218 6.08 -54.07 -13.83
CA GLU G 218 4.76 -53.47 -13.95
C GLU G 218 4.71 -52.20 -13.10
N ASP G 219 4.00 -51.20 -13.60
CA ASP G 219 3.63 -50.07 -12.76
C ASP G 219 2.63 -50.58 -11.71
N PRO G 220 2.99 -50.60 -10.42
CA PRO G 220 2.06 -51.18 -9.44
C PRO G 220 0.85 -50.30 -9.20
N VAL G 221 0.96 -48.99 -9.40
CA VAL G 221 -0.20 -48.12 -9.28
C VAL G 221 -1.20 -48.42 -10.40
N LYS G 222 -0.71 -48.52 -11.64
CA LYS G 222 -1.60 -48.82 -12.76
C LYS G 222 -2.11 -50.26 -12.67
N ALA G 223 -1.28 -51.18 -12.18
CA ALA G 223 -1.72 -52.56 -12.04
C ALA G 223 -2.79 -52.70 -10.97
N ILE G 224 -2.63 -52.00 -9.85
CA ILE G 224 -3.59 -52.09 -8.77
C ILE G 224 -4.93 -51.50 -9.19
N HIS G 225 -4.91 -50.30 -9.77
CA HIS G 225 -6.15 -49.64 -10.13
C HIS G 225 -6.90 -50.40 -11.23
N ASP G 226 -6.16 -50.99 -12.16
CA ASP G 226 -6.79 -51.74 -13.25
C ASP G 226 -7.29 -53.11 -12.82
N GLN G 227 -6.79 -53.64 -11.69
CA GLN G 227 -7.16 -54.98 -11.24
C GLN G 227 -8.18 -54.98 -10.12
N VAL G 228 -7.98 -54.17 -9.09
CA VAL G 228 -8.88 -54.12 -7.94
C VAL G 228 -9.52 -52.75 -7.77
N GLY G 229 -9.29 -51.81 -8.68
CA GLY G 229 -9.91 -50.51 -8.56
C GLY G 229 -9.40 -49.66 -7.42
N GLY G 230 -8.21 -49.95 -6.93
CA GLY G 230 -7.64 -49.24 -5.80
C GLY G 230 -7.82 -50.00 -4.51
N VAL G 231 -6.92 -49.75 -3.55
CA VAL G 231 -7.03 -50.29 -2.20
C VAL G 231 -7.63 -49.23 -1.32
N HIS G 232 -8.36 -49.66 -0.29
CA HIS G 232 -8.80 -48.72 0.73
C HIS G 232 -7.69 -48.47 1.75
N ALA G 233 -6.94 -49.51 2.09
CA ALA G 233 -5.83 -49.42 3.02
C ALA G 233 -4.55 -49.84 2.32
N ALA G 234 -3.45 -49.14 2.63
CA ALA G 234 -2.16 -49.47 2.05
C ALA G 234 -1.10 -49.39 3.14
N ILE G 235 -0.34 -50.47 3.28
CA ILE G 235 0.78 -50.54 4.21
C ILE G 235 2.03 -50.06 3.50
N SER G 236 2.78 -49.16 4.14
CA SER G 236 4.00 -48.62 3.57
C SER G 236 5.18 -49.03 4.46
N VAL G 237 5.80 -50.15 4.12
CA VAL G 237 6.98 -50.63 4.83
C VAL G 237 8.23 -50.05 4.16
N ALA G 238 8.37 -50.30 2.86
CA ALA G 238 9.43 -49.69 2.08
C ALA G 238 9.19 -48.18 2.01
N VAL G 239 10.14 -47.42 2.54
CA VAL G 239 9.93 -46.00 2.79
C VAL G 239 10.76 -45.13 1.85
N ASN G 240 11.45 -45.73 0.88
CA ASN G 240 12.15 -44.93 -0.12
C ASN G 240 11.13 -44.10 -0.92
N LYS G 241 11.60 -42.93 -1.39
CA LYS G 241 10.68 -41.91 -1.91
C LYS G 241 9.81 -42.40 -3.05
N LYS G 242 10.25 -43.43 -3.80
CA LYS G 242 9.41 -43.93 -4.88
C LYS G 242 8.29 -44.81 -4.34
N ALA G 243 8.62 -45.79 -3.51
CA ALA G 243 7.61 -46.70 -2.98
C ALA G 243 6.61 -45.97 -2.10
N PHE G 244 7.03 -44.90 -1.43
CA PHE G 244 6.06 -44.10 -0.68
C PHE G 244 5.10 -43.40 -1.62
N GLU G 245 5.59 -42.93 -2.76
CA GLU G 245 4.72 -42.22 -3.70
C GLU G 245 3.71 -43.16 -4.34
N GLN G 246 4.13 -44.37 -4.71
CA GLN G 246 3.21 -45.30 -5.36
C GLN G 246 2.27 -45.96 -4.36
N ALA G 247 2.73 -46.19 -3.14
CA ALA G 247 1.84 -46.70 -2.09
C ALA G 247 0.71 -45.72 -1.82
N TYR G 248 1.02 -44.42 -1.81
CA TYR G 248 -0.01 -43.42 -1.61
C TYR G 248 -1.01 -43.41 -2.76
N GLN G 249 -0.51 -43.33 -3.99
CA GLN G 249 -1.38 -43.22 -5.16
C GLN G 249 -2.09 -44.53 -5.49
N SER G 250 -1.80 -45.61 -4.77
CA SER G 250 -2.57 -46.84 -4.92
C SER G 250 -3.86 -46.82 -4.12
N VAL G 251 -4.00 -45.91 -3.16
CA VAL G 251 -5.13 -45.92 -2.24
C VAL G 251 -6.31 -45.19 -2.86
N LYS G 252 -7.48 -45.80 -2.75
CA LYS G 252 -8.73 -45.25 -3.27
C LYS G 252 -9.07 -43.91 -2.60
N ARG G 253 -10.10 -43.26 -3.13
CA ARG G 253 -10.68 -42.12 -2.44
C ARG G 253 -11.31 -42.57 -1.13
N GLY G 254 -11.20 -41.71 -0.11
CA GLY G 254 -11.64 -42.09 1.22
C GLY G 254 -10.76 -43.12 1.90
N GLY G 255 -9.56 -43.36 1.39
CA GLY G 255 -8.69 -44.41 1.87
C GLY G 255 -7.68 -43.93 2.91
N THR G 256 -7.02 -44.91 3.51
CA THR G 256 -5.98 -44.64 4.50
C THR G 256 -4.69 -45.35 4.10
N LEU G 257 -3.60 -44.60 4.08
CA LEU G 257 -2.25 -45.15 3.91
C LEU G 257 -1.56 -45.07 5.26
N VAL G 258 -1.28 -46.21 5.87
CA VAL G 258 -0.55 -46.25 7.13
C VAL G 258 0.91 -46.54 6.82
N VAL G 259 1.80 -45.83 7.51
CA VAL G 259 3.24 -45.93 7.29
C VAL G 259 3.87 -46.51 8.54
N VAL G 260 4.57 -47.62 8.38
CA VAL G 260 5.28 -48.27 9.49
C VAL G 260 6.79 -48.10 9.40
N GLY G 261 7.32 -47.67 8.25
CA GLY G 261 8.74 -47.49 8.10
C GLY G 261 9.19 -46.09 8.51
N LEU G 262 10.47 -46.00 8.88
CA LEU G 262 11.05 -44.76 9.37
C LEU G 262 12.02 -44.19 8.34
N PRO G 263 11.64 -43.16 7.60
CA PRO G 263 12.53 -42.61 6.57
C PRO G 263 13.66 -41.79 7.18
N ASN G 264 14.62 -41.45 6.32
CA ASN G 264 15.78 -40.66 6.72
C ASN G 264 15.54 -39.15 6.62
N ALA G 265 14.48 -38.73 5.92
CA ALA G 265 14.19 -37.30 5.77
C ALA G 265 12.70 -37.14 5.50
N ASP G 266 12.29 -35.90 5.24
CA ASP G 266 10.89 -35.61 4.96
C ASP G 266 10.47 -36.27 3.66
N LEU G 267 9.17 -36.56 3.55
CA LEU G 267 8.61 -37.14 2.35
C LEU G 267 7.55 -36.22 1.77
N PRO G 268 7.53 -36.03 0.45
CA PRO G 268 6.52 -35.15 -0.15
C PRO G 268 5.21 -35.87 -0.38
N ILE G 269 4.11 -35.16 -0.16
CA ILE G 269 2.77 -35.70 -0.34
C ILE G 269 1.99 -34.79 -1.27
N PRO G 270 1.25 -35.33 -2.24
CA PRO G 270 0.32 -34.49 -3.01
C PRO G 270 -0.88 -34.10 -2.17
N ILE G 271 -0.68 -33.14 -1.25
CA ILE G 271 -1.75 -32.71 -0.36
C ILE G 271 -2.95 -32.22 -1.17
N PHE G 272 -2.70 -31.61 -2.32
CA PHE G 272 -3.79 -31.21 -3.22
C PHE G 272 -4.70 -32.39 -3.53
N ASP G 273 -4.11 -33.54 -3.88
CA ASP G 273 -4.90 -34.74 -4.12
C ASP G 273 -5.45 -35.32 -2.82
N THR G 274 -4.72 -35.13 -1.71
CA THR G 274 -5.18 -35.64 -0.42
C THR G 274 -6.49 -34.98 0.00
N VAL G 275 -6.63 -33.69 -0.26
CA VAL G 275 -7.82 -32.96 0.21
C VAL G 275 -9.04 -33.35 -0.60
N LEU G 276 -8.90 -33.43 -1.93
CA LEU G 276 -10.04 -33.68 -2.79
C LEU G 276 -10.45 -35.14 -2.82
N ASN G 277 -9.58 -36.06 -2.41
CA ASN G 277 -9.91 -37.47 -2.38
C ASN G 277 -10.20 -37.98 -0.98
N GLY G 278 -10.12 -37.12 0.04
CA GLY G 278 -10.44 -37.52 1.40
C GLY G 278 -9.64 -38.69 1.92
N VAL G 279 -8.37 -38.76 1.55
CA VAL G 279 -7.51 -39.86 1.97
C VAL G 279 -6.71 -39.44 3.20
N SER G 280 -6.31 -40.42 4.00
CA SER G 280 -5.62 -40.17 5.26
C SER G 280 -4.27 -40.87 5.25
N VAL G 281 -3.27 -40.19 5.81
CA VAL G 281 -1.93 -40.75 5.98
C VAL G 281 -1.67 -40.84 7.48
N LYS G 282 -1.73 -42.06 8.01
CA LYS G 282 -1.54 -42.31 9.43
C LYS G 282 -0.19 -42.97 9.66
N GLY G 283 0.45 -42.60 10.77
CA GLY G 283 1.70 -43.22 11.18
C GLY G 283 1.45 -44.17 12.34
N SER G 284 2.06 -45.35 12.28
CA SER G 284 1.88 -46.35 13.32
C SER G 284 3.10 -47.25 13.38
N ILE G 285 3.56 -47.52 14.61
CA ILE G 285 4.67 -48.44 14.84
C ILE G 285 4.54 -48.96 16.27
N VAL G 286 4.89 -50.24 16.46
CA VAL G 286 4.75 -50.95 17.73
C VAL G 286 3.26 -50.95 18.10
N GLY G 287 2.89 -51.67 19.16
CA GLY G 287 1.50 -51.69 19.59
C GLY G 287 1.42 -51.65 21.10
N THR G 288 0.21 -51.46 21.60
CA THR G 288 -0.03 -51.46 23.04
C THR G 288 0.16 -52.85 23.61
N ARG G 289 0.10 -52.95 24.94
CA ARG G 289 0.23 -54.25 25.59
C ARG G 289 -0.89 -55.20 25.18
N LYS G 290 -2.09 -54.67 24.96
CA LYS G 290 -3.19 -55.51 24.48
C LYS G 290 -2.98 -55.91 23.02
N ASP G 291 -2.43 -55.00 22.20
CA ASP G 291 -2.05 -55.37 20.84
C ASP G 291 -1.02 -56.48 20.85
N MET G 292 -0.11 -56.46 21.83
CA MET G 292 0.88 -57.52 21.94
C MET G 292 0.21 -58.85 22.23
N GLN G 293 -0.78 -58.86 23.11
CA GLN G 293 -1.52 -60.09 23.41
C GLN G 293 -2.21 -60.62 22.16
N GLU G 294 -2.92 -59.74 21.45
CA GLU G 294 -3.69 -60.18 20.28
C GLU G 294 -2.77 -60.68 19.17
N ALA G 295 -1.70 -59.96 18.88
CA ALA G 295 -0.76 -60.40 17.84
C ALA G 295 -0.06 -61.68 18.24
N LEU G 296 0.20 -61.88 19.53
CA LEU G 296 0.80 -63.12 19.98
C LEU G 296 -0.14 -64.29 19.78
N ASP G 297 -1.45 -64.04 19.84
CA ASP G 297 -2.43 -65.11 19.70
C ASP G 297 -2.57 -65.56 18.24
N PHE G 298 -2.41 -64.64 17.28
CA PHE G 298 -2.44 -65.02 15.87
C PHE G 298 -1.30 -65.96 15.53
N ALA G 299 -0.13 -65.74 16.13
CA ALA G 299 0.96 -66.70 15.98
C ALA G 299 0.65 -67.99 16.73
N ALA G 300 0.02 -67.88 17.91
CA ALA G 300 -0.19 -69.03 18.77
C ALA G 300 -1.14 -70.04 18.15
N ARG G 301 -2.12 -69.57 17.36
CA ARG G 301 -3.03 -70.45 16.64
C ARG G 301 -2.64 -70.61 15.17
N GLY G 302 -1.42 -70.22 14.82
CA GLY G 302 -0.79 -70.66 13.58
C GLY G 302 -1.11 -69.87 12.34
N LYS G 303 -1.65 -68.66 12.47
CA LYS G 303 -1.98 -67.85 11.30
C LYS G 303 -0.83 -66.95 10.86
N VAL G 304 0.22 -66.83 11.66
CA VAL G 304 1.38 -66.01 11.31
C VAL G 304 2.64 -66.81 11.65
N ARG G 305 3.46 -67.11 10.64
CA ARG G 305 4.74 -67.78 10.83
C ARG G 305 5.85 -66.85 10.34
N PRO G 306 6.76 -66.42 11.20
CA PRO G 306 7.89 -65.61 10.73
C PRO G 306 8.95 -66.46 10.04
N ILE G 307 9.45 -65.94 8.92
CA ILE G 307 10.57 -66.56 8.23
C ILE G 307 11.85 -66.06 8.90
N VAL G 308 12.57 -66.97 9.56
CA VAL G 308 13.68 -66.57 10.41
C VAL G 308 14.85 -67.52 10.24
N GLU G 309 16.05 -66.98 10.45
CA GLU G 309 17.29 -67.74 10.44
C GLU G 309 18.06 -67.43 11.71
N THR G 310 18.66 -68.46 12.30
CA THR G 310 19.37 -68.29 13.56
C THR G 310 20.82 -67.91 13.33
N ALA G 311 21.34 -67.09 14.25
CA ALA G 311 22.76 -66.81 14.37
C ALA G 311 23.07 -66.75 15.86
N GLU G 312 24.35 -66.79 16.20
CA GLU G 312 24.75 -66.63 17.59
C GLU G 312 25.41 -65.27 17.80
N LEU G 313 25.37 -64.83 19.05
CA LEU G 313 25.70 -63.47 19.45
C LEU G 313 27.03 -62.98 18.88
N GLU G 314 28.01 -63.86 18.68
CA GLU G 314 29.32 -63.40 18.24
C GLU G 314 29.31 -62.95 16.78
N GLU G 315 28.38 -63.48 15.97
CA GLU G 315 28.27 -63.07 14.58
C GLU G 315 27.35 -61.86 14.39
N ILE G 316 27.13 -61.08 15.45
CA ILE G 316 26.14 -60.01 15.38
C ILE G 316 26.58 -58.92 14.39
N ASN G 317 27.89 -58.66 14.30
CA ASN G 317 28.38 -57.71 13.31
C ASN G 317 28.24 -58.26 11.89
N GLU G 318 28.44 -59.57 11.72
CA GLU G 318 28.25 -60.18 10.41
C GLU G 318 26.78 -60.15 10.00
N VAL G 319 25.87 -60.12 10.97
CA VAL G 319 24.45 -59.96 10.64
C VAL G 319 24.16 -58.52 10.24
N PHE G 320 24.78 -57.55 10.93
CA PHE G 320 24.64 -56.16 10.54
C PHE G 320 25.26 -55.90 9.17
N GLU G 321 26.46 -56.42 8.95
CA GLU G 321 27.11 -56.32 7.65
C GLU G 321 26.28 -57.02 6.57
N ARG G 322 25.54 -58.06 6.95
CA ARG G 322 24.65 -58.76 6.04
C ARG G 322 23.33 -58.02 5.84
N MET G 323 22.95 -57.15 6.77
CA MET G 323 21.66 -56.48 6.72
C MET G 323 21.70 -55.21 5.89
N GLU G 324 22.82 -54.48 5.92
CA GLU G 324 22.88 -53.20 5.22
C GLU G 324 22.95 -53.38 3.71
N LYS G 325 23.52 -54.49 3.23
CA LYS G 325 23.53 -54.76 1.79
C LYS G 325 22.30 -55.54 1.33
N GLY G 326 21.45 -55.98 2.25
CA GLY G 326 20.05 -56.21 1.95
C GLY G 326 19.63 -57.55 1.42
N LYS G 327 20.36 -58.63 1.73
CA LYS G 327 19.94 -59.97 1.37
C LYS G 327 19.60 -60.80 2.60
N ILE G 328 18.93 -60.18 3.57
CA ILE G 328 18.29 -60.88 4.67
C ILE G 328 16.84 -61.11 4.26
N ASN G 329 16.51 -62.37 3.94
CA ASN G 329 15.17 -62.74 3.49
C ASN G 329 14.37 -63.09 4.74
N GLY G 330 13.62 -62.11 5.24
CA GLY G 330 12.94 -62.24 6.53
C GLY G 330 13.66 -61.44 7.59
N ARG G 331 13.86 -62.04 8.78
CA ARG G 331 14.67 -61.43 9.81
C ARG G 331 15.55 -62.49 10.44
N ILE G 332 16.55 -62.05 11.20
CA ILE G 332 17.50 -62.94 11.87
C ILE G 332 17.25 -62.86 13.37
N VAL G 333 17.34 -64.00 14.05
CA VAL G 333 17.19 -64.08 15.50
C VAL G 333 18.47 -64.66 16.10
N LEU G 334 19.00 -63.97 17.10
CA LEU G 334 20.15 -64.50 17.84
C LEU G 334 19.71 -65.62 18.78
N LYS G 335 20.52 -66.68 18.84
CA LYS G 335 20.22 -67.88 19.61
C LYS G 335 21.14 -67.93 20.83
N LEU G 336 20.60 -68.31 21.99
CA LEU G 336 21.39 -68.32 23.22
C LEU G 336 21.19 -69.57 24.09
N MET H 1 2.76 -37.72 -55.93
CA MET H 1 3.87 -37.83 -54.99
C MET H 1 3.48 -38.63 -53.75
N LYS H 2 4.27 -39.66 -53.44
CA LYS H 2 4.06 -40.41 -52.21
C LYS H 2 4.37 -39.56 -51.00
N ALA H 3 3.70 -39.85 -49.88
CA ALA H 3 3.92 -39.10 -48.66
C ALA H 3 3.26 -39.75 -47.45
N ALA H 4 4.01 -39.92 -46.36
CA ALA H 4 3.42 -40.21 -45.07
C ALA H 4 2.89 -38.91 -44.48
N VAL H 5 1.59 -38.85 -44.24
CA VAL H 5 0.92 -37.64 -43.77
C VAL H 5 0.36 -37.90 -42.38
N VAL H 6 0.58 -36.96 -41.46
CA VAL H 6 -0.10 -36.96 -40.18
C VAL H 6 -1.38 -36.17 -40.35
N ASN H 7 -2.52 -36.85 -40.39
CA ASN H 7 -3.78 -36.15 -40.56
C ASN H 7 -4.27 -35.54 -39.25
N GLU H 8 -3.97 -36.23 -38.15
CA GLU H 8 -4.34 -35.76 -36.80
C GLU H 8 -3.57 -36.58 -35.74
N PHE H 9 -3.29 -35.95 -34.59
CA PHE H 9 -2.40 -36.48 -33.52
C PHE H 9 -2.72 -37.89 -33.04
N LYS H 10 -1.69 -38.73 -33.01
CA LYS H 10 -1.69 -40.17 -32.62
C LYS H 10 -2.24 -41.07 -33.74
N LYS H 11 -3.43 -40.77 -34.25
CA LYS H 11 -4.09 -41.49 -35.37
C LYS H 11 -3.08 -41.69 -36.51
N ALA H 12 -2.78 -42.95 -36.77
CA ALA H 12 -1.79 -43.52 -37.66
C ALA H 12 -1.58 -42.65 -38.90
N LEU H 13 -0.32 -42.40 -39.23
CA LEU H 13 0.03 -41.74 -40.48
C LEU H 13 -0.51 -42.51 -41.67
N GLU H 14 -0.99 -41.77 -42.67
CA GLU H 14 -1.56 -42.34 -43.88
C GLU H 14 -0.58 -42.14 -45.03
N ILE H 15 -0.11 -43.25 -45.60
CA ILE H 15 0.71 -43.16 -46.81
C ILE H 15 -0.21 -42.78 -47.96
N LYS H 16 0.02 -41.60 -48.53
CA LYS H 16 -0.96 -40.96 -49.38
C LYS H 16 -0.30 -40.30 -50.58
N GLU H 17 -1.13 -39.95 -51.56
CA GLU H 17 -0.72 -39.22 -52.75
C GLU H 17 -1.14 -37.77 -52.61
N VAL H 18 -0.17 -36.86 -52.74
CA VAL H 18 -0.42 -35.42 -52.69
C VAL H 18 0.43 -34.77 -53.76
N GLU H 19 -0.01 -33.59 -54.21
CA GLU H 19 0.69 -32.85 -55.25
C GLU H 19 2.08 -32.43 -54.79
N ARG H 20 3.05 -32.47 -55.71
CA ARG H 20 4.43 -32.08 -55.50
C ARG H 20 4.55 -30.67 -54.92
N PRO H 21 5.60 -30.39 -54.14
CA PRO H 21 5.84 -29.00 -53.73
C PRO H 21 6.21 -28.14 -54.91
N LYS H 22 5.68 -26.93 -54.95
CA LYS H 22 6.03 -25.94 -55.97
C LYS H 22 6.89 -24.85 -55.33
N LEU H 23 7.87 -24.38 -56.09
CA LEU H 23 8.97 -23.59 -55.55
C LEU H 23 8.75 -22.11 -55.81
N GLU H 24 8.99 -21.30 -54.78
CA GLU H 24 9.07 -19.86 -54.92
C GLU H 24 10.53 -19.43 -54.86
N GLU H 25 10.78 -18.14 -54.69
CA GLU H 25 12.13 -17.61 -54.77
C GLU H 25 13.05 -18.24 -53.73
N GLY H 26 14.24 -18.64 -54.17
CA GLY H 26 15.31 -19.03 -53.27
C GLY H 26 15.32 -20.48 -52.81
N GLU H 27 14.29 -21.25 -53.09
CA GLU H 27 14.21 -22.63 -52.62
C GLU H 27 14.41 -23.61 -53.78
N VAL H 28 14.81 -24.83 -53.41
CA VAL H 28 15.04 -25.90 -54.38
C VAL H 28 14.21 -27.12 -53.98
N LEU H 29 13.94 -27.96 -54.98
CA LEU H 29 13.20 -29.20 -54.78
C LEU H 29 14.16 -30.38 -54.82
N VAL H 30 14.14 -31.19 -53.77
CA VAL H 30 15.04 -32.32 -53.61
C VAL H 30 14.22 -33.60 -53.74
N LYS H 31 14.73 -34.54 -54.54
CA LYS H 31 14.13 -35.87 -54.68
C LYS H 31 14.71 -36.76 -53.58
N ILE H 32 13.92 -37.00 -52.54
CA ILE H 32 14.44 -37.65 -51.34
C ILE H 32 14.87 -39.07 -51.69
N GLU H 33 16.14 -39.37 -51.42
CA GLU H 33 16.62 -40.74 -51.48
C GLU H 33 16.47 -41.46 -50.14
N ALA H 34 16.58 -40.73 -49.04
CA ALA H 34 16.46 -41.31 -47.70
C ALA H 34 16.02 -40.22 -46.73
N CYS H 35 15.54 -40.65 -45.57
CA CYS H 35 15.10 -39.72 -44.53
C CYS H 35 15.06 -40.49 -43.21
N GLY H 36 16.02 -40.19 -42.32
CA GLY H 36 16.04 -40.83 -41.02
C GLY H 36 14.87 -40.38 -40.16
N VAL H 37 14.64 -41.14 -39.11
CA VAL H 37 13.53 -40.88 -38.20
C VAL H 37 14.04 -40.94 -36.77
N CYS H 38 13.49 -40.07 -35.92
CA CYS H 38 13.83 -40.01 -34.51
C CYS H 38 12.55 -39.77 -33.72
N HIS H 39 12.72 -39.67 -32.39
CA HIS H 39 11.58 -39.42 -31.51
C HIS H 39 11.01 -38.01 -31.66
N THR H 40 11.77 -37.07 -32.23
CA THR H 40 11.19 -35.77 -32.57
C THR H 40 10.06 -35.95 -33.58
N ASP H 41 10.25 -36.85 -34.56
CA ASP H 41 9.17 -37.17 -35.49
C ASP H 41 7.98 -37.76 -34.76
N LEU H 42 8.25 -38.61 -33.77
CA LEU H 42 7.20 -39.16 -32.92
C LEU H 42 6.44 -38.05 -32.21
N HIS H 43 7.16 -37.18 -31.51
CA HIS H 43 6.54 -36.07 -30.82
C HIS H 43 5.84 -35.12 -31.78
N ALA H 44 6.30 -35.09 -33.04
CA ALA H 44 5.58 -34.33 -34.05
C ALA H 44 4.31 -35.03 -34.50
N ALA H 45 4.29 -36.37 -34.45
CA ALA H 45 3.11 -37.11 -34.83
C ALA H 45 2.10 -37.24 -33.69
N HIS H 46 2.53 -37.03 -32.45
CA HIS H 46 1.64 -37.13 -31.30
C HIS H 46 1.16 -35.79 -30.80
N GLY H 47 1.79 -34.68 -31.20
CA GLY H 47 1.38 -33.37 -30.74
C GLY H 47 1.51 -33.18 -29.25
N ASP H 48 2.46 -33.87 -28.63
CA ASP H 48 2.62 -33.85 -27.18
C ASP H 48 3.55 -32.77 -26.69
N TRP H 49 4.01 -31.88 -27.57
CA TRP H 49 4.96 -30.84 -27.21
C TRP H 49 4.24 -29.52 -26.98
N PRO H 50 4.87 -28.58 -26.24
CA PRO H 50 4.20 -27.30 -25.94
C PRO H 50 3.59 -26.61 -27.15
N ILE H 51 4.37 -26.37 -28.20
CA ILE H 51 3.88 -25.77 -29.43
C ILE H 51 3.64 -26.88 -30.45
N LYS H 52 2.40 -27.02 -30.88
CA LYS H 52 2.00 -28.12 -31.76
C LYS H 52 2.30 -27.78 -33.22
N PRO H 53 2.60 -28.79 -34.04
CA PRO H 53 2.76 -28.55 -35.47
C PRO H 53 1.41 -28.51 -36.18
N LYS H 54 1.41 -27.83 -37.33
CA LYS H 54 0.20 -27.66 -38.12
C LYS H 54 -0.10 -28.91 -38.93
N LEU H 55 -1.39 -29.28 -38.98
CA LEU H 55 -1.88 -30.48 -39.64
C LEU H 55 -2.72 -30.12 -40.85
N PRO H 56 -2.64 -30.90 -41.95
CA PRO H 56 -1.84 -32.12 -42.13
C PRO H 56 -0.35 -31.84 -42.29
N LEU H 57 0.49 -32.77 -41.88
CA LEU H 57 1.93 -32.55 -41.84
C LEU H 57 2.68 -33.76 -42.38
N ILE H 58 3.68 -33.50 -43.21
CA ILE H 58 4.61 -34.52 -43.69
C ILE H 58 5.88 -34.41 -42.83
N PRO H 59 6.12 -35.33 -41.90
CA PRO H 59 7.25 -35.19 -40.99
C PRO H 59 8.60 -35.40 -41.66
N GLY H 60 9.64 -35.58 -40.85
CA GLY H 60 10.98 -35.83 -41.38
C GLY H 60 11.87 -34.61 -41.45
N HIS H 61 12.93 -34.60 -40.65
CA HIS H 61 13.93 -33.53 -40.67
C HIS H 61 15.32 -34.05 -40.96
N GLU H 62 15.45 -35.29 -41.44
CA GLU H 62 16.72 -35.88 -41.81
C GLU H 62 16.68 -36.38 -43.24
N GLY H 63 16.00 -35.64 -44.12
CA GLY H 63 15.83 -36.07 -45.49
C GLY H 63 17.07 -35.81 -46.32
N VAL H 64 17.54 -36.85 -47.01
CA VAL H 64 18.66 -36.76 -47.93
C VAL H 64 18.15 -37.09 -49.33
N GLY H 65 18.64 -36.35 -50.32
CA GLY H 65 18.23 -36.62 -51.69
C GLY H 65 19.03 -35.79 -52.66
N ILE H 66 18.53 -35.74 -53.90
CA ILE H 66 19.18 -35.05 -55.00
C ILE H 66 18.28 -33.92 -55.47
N VAL H 67 18.87 -32.77 -55.77
CA VAL H 67 18.11 -31.61 -56.22
C VAL H 67 17.91 -31.71 -57.72
N VAL H 68 16.67 -31.50 -58.17
CA VAL H 68 16.32 -31.65 -59.57
C VAL H 68 15.70 -30.39 -60.16
N GLU H 69 15.51 -29.36 -59.34
CA GLU H 69 14.91 -28.13 -59.85
C GLU H 69 15.29 -27.00 -58.90
N VAL H 70 15.73 -25.88 -59.47
CA VAL H 70 16.06 -24.70 -58.70
C VAL H 70 15.14 -23.58 -59.13
N ALA H 71 14.82 -22.70 -58.18
CA ALA H 71 14.13 -21.48 -58.52
C ALA H 71 15.12 -20.51 -59.16
N LYS H 72 14.62 -19.73 -60.10
CA LYS H 72 15.44 -18.70 -60.73
C LYS H 72 16.07 -17.82 -59.66
N GLY H 73 17.39 -17.64 -59.76
CA GLY H 73 18.14 -16.86 -58.80
C GLY H 73 18.99 -17.70 -57.85
N VAL H 74 18.76 -19.01 -57.80
CA VAL H 74 19.57 -19.91 -56.99
C VAL H 74 20.76 -20.33 -57.85
N LYS H 75 21.96 -19.94 -57.42
CA LYS H 75 23.18 -20.39 -58.07
C LYS H 75 24.16 -21.03 -57.10
N SER H 76 23.92 -20.97 -55.79
CA SER H 76 24.76 -21.65 -54.83
C SER H 76 24.68 -23.17 -55.01
N ILE H 77 23.46 -23.71 -54.98
CA ILE H 77 23.21 -25.13 -55.14
C ILE H 77 22.75 -25.37 -56.57
N LYS H 78 23.30 -26.39 -57.22
CA LYS H 78 23.01 -26.68 -58.62
C LYS H 78 22.23 -27.97 -58.76
N VAL H 79 21.48 -28.09 -59.86
CA VAL H 79 20.71 -29.29 -60.10
C VAL H 79 21.68 -30.48 -60.16
N GLY H 80 21.44 -31.47 -59.30
CA GLY H 80 22.26 -32.67 -59.27
C GLY H 80 23.07 -32.86 -58.00
N ASP H 81 23.19 -31.85 -57.13
CA ASP H 81 23.92 -32.04 -55.88
C ASP H 81 23.07 -32.79 -54.86
N ARG H 82 23.74 -33.48 -53.95
CA ARG H 82 23.09 -34.20 -52.88
C ARG H 82 23.04 -33.30 -51.65
N VAL H 83 21.82 -32.94 -51.23
CA VAL H 83 21.62 -32.00 -50.14
C VAL H 83 20.94 -32.73 -48.98
N GLY H 84 20.85 -32.05 -47.86
CA GLY H 84 20.08 -32.52 -46.72
C GLY H 84 19.11 -31.44 -46.28
N ILE H 85 17.95 -31.88 -45.80
CA ILE H 85 16.97 -30.97 -45.23
C ILE H 85 16.99 -31.16 -43.71
N PRO H 86 17.55 -30.22 -42.96
CA PRO H 86 17.72 -30.45 -41.52
C PRO H 86 16.59 -29.89 -40.69
N TRP H 87 16.68 -30.04 -39.36
CA TRP H 87 15.66 -29.50 -38.48
C TRP H 87 15.54 -27.98 -38.63
N LEU H 88 16.68 -27.29 -38.78
CA LEU H 88 16.65 -25.85 -39.03
C LEU H 88 16.37 -25.63 -40.50
N TYR H 89 15.09 -25.51 -40.83
CA TYR H 89 14.67 -25.38 -42.23
C TYR H 89 14.99 -23.99 -42.76
N SER H 90 14.75 -22.94 -41.97
CA SER H 90 15.00 -21.58 -42.41
C SER H 90 15.16 -20.68 -41.19
N ALA H 91 15.74 -19.51 -41.43
CA ALA H 91 15.91 -18.50 -40.40
C ALA H 91 15.77 -17.12 -41.04
N CYS H 92 15.61 -16.10 -40.21
CA CYS H 92 15.35 -14.76 -40.74
C CYS H 92 16.61 -14.14 -41.33
N GLY H 93 17.78 -14.39 -40.76
CA GLY H 93 18.99 -13.78 -41.25
C GLY H 93 19.19 -12.34 -40.82
N GLU H 94 18.31 -11.81 -39.98
CA GLU H 94 18.35 -10.43 -39.54
C GLU H 94 18.53 -10.24 -38.04
N CYS H 95 18.20 -11.25 -37.23
CA CYS H 95 17.97 -11.03 -35.81
C CYS H 95 19.28 -11.07 -35.01
N GLU H 96 19.11 -10.86 -33.70
CA GLU H 96 20.23 -10.89 -32.76
C GLU H 96 21.07 -12.15 -32.91
N TYR H 97 20.43 -13.29 -33.18
CA TYR H 97 21.11 -14.57 -33.22
C TYR H 97 21.62 -14.92 -34.61
N CYS H 98 20.91 -14.53 -35.67
CA CYS H 98 21.37 -14.82 -37.02
C CYS H 98 22.62 -14.03 -37.37
N LEU H 99 22.76 -12.82 -36.82
CA LEU H 99 23.94 -12.01 -37.11
C LEU H 99 25.20 -12.52 -36.42
N THR H 100 25.05 -13.30 -35.35
CA THR H 100 26.18 -13.82 -34.60
C THR H 100 26.41 -15.31 -34.84
N GLY H 101 25.92 -15.84 -35.96
CA GLY H 101 26.11 -17.25 -36.25
C GLY H 101 25.49 -18.17 -35.23
N GLN H 102 24.36 -17.77 -34.66
CA GLN H 102 23.60 -18.63 -33.75
C GLN H 102 22.22 -18.89 -34.31
N GLU H 103 22.15 -19.32 -35.59
CA GLU H 103 20.86 -19.48 -36.27
C GLU H 103 19.96 -20.47 -35.56
N THR H 104 20.51 -21.31 -34.68
CA THR H 104 19.70 -22.25 -33.92
C THR H 104 18.65 -21.54 -33.07
N LEU H 105 18.92 -20.31 -32.65
CA LEU H 105 18.08 -19.60 -31.70
C LEU H 105 17.19 -18.54 -32.35
N CYS H 106 17.14 -18.47 -33.67
CA CYS H 106 16.32 -17.46 -34.35
C CYS H 106 14.84 -17.66 -33.99
N PRO H 107 14.16 -16.65 -33.44
CA PRO H 107 12.77 -16.84 -33.01
C PRO H 107 11.77 -16.94 -34.16
N HIS H 108 12.18 -16.62 -35.40
CA HIS H 108 11.31 -16.80 -36.57
C HIS H 108 11.69 -18.03 -37.37
N GLN H 109 12.26 -19.05 -36.71
CA GLN H 109 12.74 -20.21 -37.43
C GLN H 109 11.60 -21.14 -37.81
N LEU H 110 11.72 -21.73 -38.99
CA LEU H 110 10.84 -22.81 -39.42
C LEU H 110 11.58 -24.13 -39.26
N ASN H 111 10.85 -25.16 -38.85
CA ASN H 111 11.45 -26.45 -38.54
C ASN H 111 10.95 -27.49 -39.52
N GLY H 112 11.88 -28.13 -40.23
CA GLY H 112 11.55 -29.16 -41.19
C GLY H 112 10.81 -30.33 -40.57
N GLY H 113 9.71 -30.75 -41.19
CA GLY H 113 8.89 -31.80 -40.61
C GLY H 113 8.10 -31.41 -39.38
N TYR H 114 7.99 -30.12 -39.10
CA TYR H 114 7.23 -29.64 -37.95
C TYR H 114 6.46 -28.36 -38.27
N SER H 115 7.18 -27.28 -38.56
CA SER H 115 6.56 -26.04 -38.99
C SER H 115 6.25 -26.03 -40.49
N VAL H 116 6.93 -26.86 -41.29
CA VAL H 116 6.61 -27.07 -42.71
C VAL H 116 6.90 -28.53 -43.04
N ASP H 117 6.32 -29.01 -44.14
CA ASP H 117 6.40 -30.43 -44.49
C ASP H 117 7.81 -30.85 -44.88
N GLY H 118 8.26 -31.96 -44.32
CA GLY H 118 9.64 -32.43 -44.40
C GLY H 118 9.85 -33.53 -45.41
N GLY H 119 10.68 -34.51 -45.04
CA GLY H 119 11.16 -35.50 -45.98
C GLY H 119 10.56 -36.88 -45.88
N TYR H 120 9.35 -37.00 -45.34
CA TYR H 120 8.60 -38.25 -45.40
C TYR H 120 7.86 -38.41 -46.73
N ALA H 121 8.46 -37.94 -47.81
CA ALA H 121 7.82 -37.95 -49.11
C ALA H 121 8.88 -38.12 -50.19
N GLU H 122 8.43 -38.41 -51.41
CA GLU H 122 9.35 -38.55 -52.54
C GLU H 122 10.16 -37.28 -52.73
N TYR H 123 9.49 -36.13 -52.81
CA TYR H 123 10.15 -34.85 -52.95
C TYR H 123 9.82 -33.97 -51.75
N CYS H 124 10.74 -33.08 -51.42
CA CYS H 124 10.48 -32.03 -50.45
C CYS H 124 11.14 -30.74 -50.93
N LYS H 125 10.66 -29.63 -50.39
CA LYS H 125 11.15 -28.30 -50.73
C LYS H 125 11.92 -27.73 -49.56
N ALA H 126 12.98 -26.98 -49.86
CA ALA H 126 13.82 -26.38 -48.83
C ALA H 126 14.52 -25.17 -49.41
N PRO H 127 14.82 -24.17 -48.59
CA PRO H 127 15.55 -23.00 -49.09
C PRO H 127 17.00 -23.35 -49.38
N ALA H 128 17.54 -22.74 -50.44
CA ALA H 128 18.91 -23.04 -50.85
C ALA H 128 19.92 -22.54 -49.82
N ASP H 129 19.58 -21.49 -49.06
CA ASP H 129 20.54 -20.93 -48.14
C ASP H 129 20.72 -21.79 -46.89
N TYR H 130 19.83 -22.75 -46.65
CA TYR H 130 19.87 -23.53 -45.43
C TYR H 130 19.93 -25.04 -45.66
N VAL H 131 20.06 -25.49 -46.91
CA VAL H 131 20.29 -26.91 -47.15
C VAL H 131 21.68 -27.30 -46.63
N ALA H 132 21.84 -28.57 -46.32
CA ALA H 132 23.11 -29.12 -45.86
C ALA H 132 23.76 -29.86 -47.01
N LYS H 133 24.94 -29.43 -47.41
CA LYS H 133 25.67 -30.08 -48.49
C LYS H 133 26.23 -31.42 -48.00
N ILE H 134 25.89 -32.50 -48.69
CA ILE H 134 26.36 -33.83 -48.33
C ILE H 134 27.69 -34.08 -49.03
N PRO H 135 28.73 -34.50 -48.30
CA PRO H 135 30.00 -34.81 -48.95
C PRO H 135 29.88 -35.98 -49.91
N ASP H 136 30.75 -35.97 -50.94
CA ASP H 136 30.67 -36.98 -51.99
C ASP H 136 31.00 -38.38 -51.49
N ASN H 137 31.64 -38.51 -50.33
CA ASN H 137 32.15 -39.80 -49.90
C ASN H 137 31.05 -40.75 -49.45
N LEU H 138 29.94 -40.22 -48.92
CA LEU H 138 29.02 -41.02 -48.15
C LEU H 138 27.69 -41.21 -48.87
N ASP H 139 26.96 -42.25 -48.46
CA ASP H 139 25.70 -42.82 -48.91
C ASP H 139 24.53 -42.18 -48.16
N PRO H 140 23.49 -41.80 -48.88
CA PRO H 140 22.40 -41.00 -48.27
C PRO H 140 21.68 -41.68 -47.12
N VAL H 141 21.78 -43.00 -46.97
CA VAL H 141 21.05 -43.67 -45.90
C VAL H 141 21.77 -43.51 -44.57
N GLU H 142 23.08 -43.72 -44.55
CA GLU H 142 23.85 -43.55 -43.32
C GLU H 142 24.26 -42.10 -43.07
N VAL H 143 23.99 -41.20 -44.02
CA VAL H 143 24.25 -39.78 -43.81
C VAL H 143 23.13 -39.15 -42.99
N ALA H 144 21.90 -39.60 -43.19
CA ALA H 144 20.74 -38.97 -42.57
C ALA H 144 20.85 -38.78 -41.06
N PRO H 145 21.35 -39.73 -40.25
CA PRO H 145 21.38 -39.51 -38.80
C PRO H 145 22.24 -38.34 -38.33
N ILE H 146 23.22 -37.91 -39.12
CA ILE H 146 24.02 -36.76 -38.69
C ILE H 146 23.29 -35.45 -38.92
N LEU H 147 22.30 -35.45 -39.81
CA LEU H 147 21.45 -34.28 -39.94
C LEU H 147 20.81 -33.92 -38.60
N CYS H 148 20.62 -34.90 -37.73
CA CYS H 148 20.01 -34.67 -36.42
C CYS H 148 20.95 -35.09 -35.29
N ALA H 149 21.13 -36.40 -35.06
CA ALA H 149 21.94 -36.86 -33.94
C ALA H 149 23.38 -36.36 -34.06
N GLY H 150 23.92 -36.30 -35.27
CA GLY H 150 25.29 -35.89 -35.44
C GLY H 150 25.56 -34.44 -35.08
N VAL H 151 24.78 -33.51 -35.64
CA VAL H 151 25.05 -32.09 -35.39
C VAL H 151 24.66 -31.72 -33.96
N THR H 152 23.72 -32.44 -33.36
CA THR H 152 23.37 -32.19 -31.96
C THR H 152 24.49 -32.61 -31.03
N THR H 153 24.95 -33.86 -31.17
CA THR H 153 25.98 -34.40 -30.29
C THR H 153 27.29 -33.63 -30.43
N TYR H 154 27.66 -33.27 -31.67
CA TYR H 154 28.93 -32.60 -31.89
C TYR H 154 28.90 -31.17 -31.35
N LYS H 155 27.80 -30.46 -31.54
CA LYS H 155 27.68 -29.11 -30.99
C LYS H 155 27.72 -29.13 -29.47
N ALA H 156 27.09 -30.14 -28.85
CA ALA H 156 27.06 -30.21 -27.40
C ALA H 156 28.45 -30.44 -26.82
N LEU H 157 29.28 -31.23 -27.50
CA LEU H 157 30.63 -31.45 -27.04
C LEU H 157 31.50 -30.20 -27.21
N LYS H 158 31.20 -29.39 -28.23
CA LYS H 158 31.89 -28.10 -28.36
C LYS H 158 31.49 -27.16 -27.24
N VAL H 159 30.19 -27.03 -27.01
CA VAL H 159 29.70 -26.23 -25.89
C VAL H 159 30.18 -26.75 -24.54
N SER H 160 30.46 -28.05 -24.43
CA SER H 160 30.91 -28.62 -23.15
C SER H 160 32.24 -28.06 -22.67
N GLY H 161 33.04 -27.47 -23.56
CA GLY H 161 34.35 -26.99 -23.17
C GLY H 161 35.37 -28.07 -22.86
N ALA H 162 35.07 -29.32 -23.20
CA ALA H 162 36.03 -30.40 -22.96
C ALA H 162 37.16 -30.33 -23.97
N ARG H 163 38.39 -30.33 -23.47
CA ARG H 163 39.59 -30.16 -24.29
C ARG H 163 40.35 -31.47 -24.42
N PRO H 164 40.97 -31.73 -25.58
CA PRO H 164 41.68 -33.01 -25.80
C PRO H 164 42.54 -33.48 -24.64
N GLY H 165 42.38 -34.75 -24.26
CA GLY H 165 43.02 -35.29 -23.09
C GLY H 165 42.12 -35.37 -21.87
N GLU H 166 41.04 -34.60 -21.85
CA GLU H 166 40.13 -34.61 -20.72
C GLU H 166 39.12 -35.76 -20.85
N TRP H 167 38.30 -35.93 -19.82
CA TRP H 167 37.34 -37.02 -19.75
C TRP H 167 35.92 -36.49 -19.82
N VAL H 168 35.09 -37.15 -20.62
CA VAL H 168 33.69 -36.78 -20.81
C VAL H 168 32.82 -38.01 -20.60
N ALA H 169 31.67 -37.81 -19.97
CA ALA H 169 30.71 -38.88 -19.70
C ALA H 169 29.46 -38.67 -20.52
N ILE H 170 29.05 -39.69 -21.27
CA ILE H 170 27.86 -39.65 -22.09
C ILE H 170 26.84 -40.61 -21.50
N TYR H 171 25.74 -40.07 -21.00
CA TYR H 171 24.70 -40.86 -20.37
C TYR H 171 23.60 -41.16 -21.37
N GLY H 172 23.40 -42.43 -21.65
CA GLY H 172 22.46 -42.85 -22.67
C GLY H 172 23.14 -43.05 -24.01
N ILE H 173 23.48 -44.29 -24.35
CA ILE H 173 24.07 -44.60 -25.65
C ILE H 173 22.96 -45.18 -26.53
N GLY H 174 21.91 -44.40 -26.74
CA GLY H 174 20.83 -44.77 -27.63
C GLY H 174 21.04 -44.21 -29.02
N GLY H 175 20.04 -43.51 -29.54
CA GLY H 175 20.16 -42.95 -30.88
C GLY H 175 21.24 -41.89 -30.97
N LEU H 176 21.18 -40.91 -30.07
CA LEU H 176 22.18 -39.84 -30.06
C LEU H 176 23.46 -40.27 -29.38
N GLY H 177 23.34 -40.99 -28.26
CA GLY H 177 24.52 -41.40 -27.51
C GLY H 177 25.52 -42.16 -28.36
N HIS H 178 25.03 -43.14 -29.13
CA HIS H 178 25.90 -43.93 -30.00
C HIS H 178 26.51 -43.13 -31.14
N ILE H 179 26.21 -41.83 -31.26
CA ILE H 179 26.89 -40.99 -32.23
C ILE H 179 27.77 -40.02 -31.47
N ALA H 180 27.37 -39.70 -30.23
CA ALA H 180 28.13 -38.76 -29.41
C ALA H 180 29.51 -39.31 -29.05
N LEU H 181 29.60 -40.59 -28.65
CA LEU H 181 30.90 -41.19 -28.34
C LEU H 181 31.84 -41.15 -29.54
N GLN H 182 31.30 -41.19 -30.76
CA GLN H 182 32.16 -41.13 -31.94
C GLN H 182 32.82 -39.76 -32.03
N TYR H 183 32.03 -38.70 -31.93
CA TYR H 183 32.57 -37.34 -32.02
C TYR H 183 33.54 -37.05 -30.88
N ALA H 184 33.19 -37.48 -29.67
CA ALA H 184 34.05 -37.23 -28.51
C ALA H 184 35.42 -37.86 -28.70
N LYS H 185 35.47 -39.10 -29.18
CA LYS H 185 36.75 -39.75 -29.42
C LYS H 185 37.50 -39.07 -30.56
N ALA H 186 36.79 -38.64 -31.60
CA ALA H 186 37.43 -37.90 -32.68
C ALA H 186 37.95 -36.55 -32.23
N MET H 187 37.44 -36.01 -31.13
CA MET H 187 37.92 -34.76 -30.56
C MET H 187 39.01 -34.97 -29.53
N GLY H 188 39.66 -36.14 -29.53
CA GLY H 188 40.79 -36.39 -28.65
C GLY H 188 40.44 -36.49 -27.18
N LEU H 189 39.24 -36.94 -26.85
CA LEU H 189 38.77 -36.96 -25.47
C LEU H 189 38.48 -38.38 -25.03
N ASN H 190 38.77 -38.66 -23.76
CA ASN H 190 38.47 -39.96 -23.20
C ASN H 190 36.99 -40.02 -22.82
N VAL H 191 36.43 -41.21 -22.89
CA VAL H 191 34.99 -41.41 -22.85
C VAL H 191 34.66 -42.51 -21.85
N VAL H 192 33.75 -42.21 -20.93
CA VAL H 192 33.00 -43.23 -20.21
C VAL H 192 31.55 -43.16 -20.69
N ALA H 193 30.99 -44.32 -21.02
CA ALA H 193 29.60 -44.41 -21.44
C ALA H 193 28.81 -45.16 -20.38
N VAL H 194 27.60 -44.69 -20.11
CA VAL H 194 26.74 -45.23 -19.07
C VAL H 194 25.36 -45.43 -19.66
N ASP H 195 24.89 -46.67 -19.66
CA ASP H 195 23.53 -46.97 -20.09
C ASP H 195 22.95 -47.98 -19.10
N ILE H 196 21.93 -48.69 -19.54
CA ILE H 196 21.17 -49.57 -18.65
C ILE H 196 21.11 -50.97 -19.23
N SER H 197 22.15 -51.35 -19.95
CA SER H 197 22.21 -52.66 -20.60
C SER H 197 23.66 -53.06 -20.79
N ASP H 198 23.92 -54.35 -20.70
CA ASP H 198 25.25 -54.86 -20.99
C ASP H 198 25.50 -55.08 -22.48
N GLU H 199 24.44 -55.23 -23.27
CA GLU H 199 24.57 -55.22 -24.72
C GLU H 199 24.72 -53.82 -25.27
N LYS H 200 24.42 -52.80 -24.48
CA LYS H 200 24.76 -51.42 -24.82
C LYS H 200 26.10 -51.00 -24.25
N SER H 201 26.55 -51.64 -23.17
CA SER H 201 27.85 -51.32 -22.59
C SER H 201 28.98 -51.64 -23.58
N LYS H 202 29.00 -52.88 -24.09
CA LYS H 202 29.98 -53.24 -25.10
C LYS H 202 29.66 -52.63 -26.46
N LEU H 203 28.39 -52.31 -26.72
CA LEU H 203 28.07 -51.43 -27.83
C LEU H 203 28.98 -50.19 -27.80
N ALA H 204 29.06 -49.52 -26.65
CA ALA H 204 29.93 -48.36 -26.49
C ALA H 204 31.40 -48.75 -26.70
N LYS H 205 31.87 -49.77 -25.97
CA LYS H 205 33.27 -50.12 -26.01
C LYS H 205 33.70 -50.57 -27.40
N ASP H 206 32.78 -51.17 -28.17
CA ASP H 206 33.09 -51.48 -29.56
C ASP H 206 33.22 -50.24 -30.41
N LEU H 207 32.45 -49.19 -30.11
CA LEU H 207 32.50 -47.98 -30.91
C LEU H 207 33.59 -47.01 -30.45
N GLY H 208 34.27 -47.27 -29.34
CA GLY H 208 35.42 -46.48 -28.97
C GLY H 208 35.50 -46.05 -27.52
N ALA H 209 34.47 -46.37 -26.73
CA ALA H 209 34.44 -45.96 -25.33
C ALA H 209 35.62 -46.56 -24.57
N ASP H 210 36.27 -45.72 -23.76
CA ASP H 210 37.36 -46.21 -22.92
C ASP H 210 36.84 -46.96 -21.70
N ILE H 211 35.70 -46.54 -21.16
CA ILE H 211 35.08 -47.18 -20.01
C ILE H 211 33.58 -47.28 -20.28
N ALA H 212 33.00 -48.44 -19.97
CA ALA H 212 31.58 -48.68 -20.17
C ALA H 212 30.97 -49.19 -18.86
N ILE H 213 29.78 -48.68 -18.54
CA ILE H 213 29.12 -48.95 -17.26
C ILE H 213 27.71 -49.45 -17.51
N ASN H 214 27.34 -50.55 -16.88
CA ASN H 214 25.94 -50.95 -16.77
C ASN H 214 25.36 -50.27 -15.55
N GLY H 215 24.40 -49.38 -15.76
CA GLY H 215 23.86 -48.58 -14.66
C GLY H 215 23.17 -49.40 -13.60
N LEU H 216 22.62 -50.55 -13.97
CA LEU H 216 21.91 -51.43 -13.04
C LEU H 216 22.83 -52.35 -12.25
N LYS H 217 24.14 -52.30 -12.49
CA LYS H 217 25.05 -53.19 -11.78
C LYS H 217 26.11 -52.42 -11.01
N GLU H 218 26.61 -51.33 -11.55
CA GLU H 218 27.46 -50.40 -10.83
C GLU H 218 26.72 -49.07 -10.66
N ASP H 219 26.99 -48.39 -9.55
CA ASP H 219 26.55 -47.01 -9.43
C ASP H 219 27.53 -46.17 -10.23
N PRO H 220 27.10 -45.59 -11.36
CA PRO H 220 28.09 -44.96 -12.27
C PRO H 220 28.76 -43.72 -11.69
N VAL H 221 28.14 -43.02 -10.73
CA VAL H 221 28.77 -41.81 -10.22
C VAL H 221 29.86 -42.16 -9.20
N LYS H 222 29.66 -43.23 -8.41
CA LYS H 222 30.74 -43.72 -7.58
C LYS H 222 31.75 -44.53 -8.40
N ALA H 223 31.36 -44.99 -9.59
CA ALA H 223 32.31 -45.63 -10.49
C ALA H 223 33.15 -44.59 -11.22
N ILE H 224 32.53 -43.50 -11.68
CA ILE H 224 33.26 -42.47 -12.40
C ILE H 224 34.23 -41.76 -11.47
N HIS H 225 33.81 -41.48 -10.24
CA HIS H 225 34.66 -40.71 -9.32
C HIS H 225 35.86 -41.53 -8.85
N ASP H 226 35.66 -42.82 -8.58
CA ASP H 226 36.75 -43.65 -8.08
C ASP H 226 37.69 -44.11 -9.18
N GLN H 227 37.26 -44.08 -10.44
CA GLN H 227 38.11 -44.44 -11.57
C GLN H 227 38.72 -43.21 -12.25
N VAL H 228 37.93 -42.16 -12.46
CA VAL H 228 38.38 -41.00 -13.21
C VAL H 228 38.53 -39.75 -12.34
N GLY H 229 37.95 -39.74 -11.14
CA GLY H 229 37.95 -38.53 -10.35
C GLY H 229 36.93 -37.51 -10.81
N GLY H 230 35.85 -37.96 -11.43
CA GLY H 230 34.88 -37.07 -12.03
C GLY H 230 35.27 -36.68 -13.44
N VAL H 231 34.25 -36.33 -14.22
CA VAL H 231 34.45 -35.90 -15.60
C VAL H 231 34.39 -34.39 -15.65
N HIS H 232 35.17 -33.81 -16.59
CA HIS H 232 35.09 -32.37 -16.80
C HIS H 232 33.79 -32.00 -17.49
N ALA H 233 33.31 -32.82 -18.41
CA ALA H 233 32.07 -32.58 -19.11
C ALA H 233 31.21 -33.83 -19.08
N ALA H 234 29.90 -33.63 -19.18
CA ALA H 234 28.96 -34.74 -19.22
C ALA H 234 27.80 -34.36 -20.13
N ILE H 235 27.53 -35.19 -21.13
CA ILE H 235 26.39 -35.00 -22.03
C ILE H 235 25.30 -35.98 -21.61
N SER H 236 24.17 -35.44 -21.17
CA SER H 236 23.04 -36.25 -20.73
C SER H 236 22.07 -36.38 -21.90
N VAL H 237 22.09 -37.54 -22.55
CA VAL H 237 21.11 -37.82 -23.60
C VAL H 237 19.82 -38.36 -22.98
N ALA H 238 19.94 -39.37 -22.12
CA ALA H 238 18.80 -39.86 -21.37
C ALA H 238 18.41 -38.83 -20.31
N VAL H 239 17.20 -38.28 -20.43
CA VAL H 239 16.77 -37.21 -19.56
C VAL H 239 15.68 -37.67 -18.59
N ASN H 240 15.60 -38.97 -18.32
CA ASN H 240 14.74 -39.42 -17.23
C ASN H 240 15.30 -38.88 -15.92
N LYS H 241 14.39 -38.53 -15.00
CA LYS H 241 14.79 -37.82 -13.79
C LYS H 241 15.87 -38.56 -13.02
N LYS H 242 15.95 -39.89 -13.19
CA LYS H 242 17.06 -40.65 -12.66
C LYS H 242 18.35 -40.23 -13.35
N ALA H 243 18.55 -40.69 -14.59
CA ALA H 243 19.80 -40.50 -15.32
C ALA H 243 20.25 -39.05 -15.37
N PHE H 244 19.33 -38.09 -15.22
CA PHE H 244 19.71 -36.69 -15.16
C PHE H 244 20.54 -36.41 -13.91
N GLU H 245 20.04 -36.83 -12.75
CA GLU H 245 20.80 -36.70 -11.51
C GLU H 245 22.10 -37.49 -11.57
N GLN H 246 22.09 -38.61 -12.30
CA GLN H 246 23.31 -39.40 -12.48
C GLN H 246 24.36 -38.61 -13.24
N ALA H 247 23.96 -37.96 -14.34
CA ALA H 247 24.91 -37.22 -15.15
C ALA H 247 25.43 -35.96 -14.46
N TYR H 248 24.61 -35.36 -13.59
CA TYR H 248 25.04 -34.12 -12.92
C TYR H 248 26.16 -34.40 -11.93
N GLN H 249 25.94 -35.31 -10.99
CA GLN H 249 26.91 -35.59 -9.94
C GLN H 249 28.15 -36.31 -10.45
N SER H 250 28.18 -36.74 -11.70
CA SER H 250 29.41 -37.24 -12.29
C SER H 250 30.37 -36.11 -12.65
N VAL H 251 29.87 -34.89 -12.78
CA VAL H 251 30.69 -33.74 -13.12
C VAL H 251 31.39 -33.23 -11.86
N LYS H 252 32.72 -33.09 -11.93
CA LYS H 252 33.47 -32.54 -10.82
C LYS H 252 33.37 -31.01 -10.83
N ARG H 253 34.06 -30.38 -9.89
CA ARG H 253 33.96 -28.94 -9.70
C ARG H 253 34.44 -28.20 -10.94
N GLY H 254 33.79 -27.07 -11.23
CA GLY H 254 34.14 -26.25 -12.37
C GLY H 254 33.81 -26.86 -13.71
N GLY H 255 33.10 -27.99 -13.74
CA GLY H 255 32.77 -28.65 -14.99
C GLY H 255 31.44 -28.20 -15.55
N THR H 256 31.08 -28.82 -16.68
CA THR H 256 29.87 -28.49 -17.41
C THR H 256 29.03 -29.73 -17.65
N LEU H 257 27.72 -29.58 -17.57
CA LEU H 257 26.77 -30.64 -17.91
C LEU H 257 25.90 -30.13 -19.05
N VAL H 258 26.10 -30.68 -20.24
CA VAL H 258 25.33 -30.30 -21.42
C VAL H 258 24.18 -31.29 -21.57
N VAL H 259 22.95 -30.78 -21.60
CA VAL H 259 21.78 -31.63 -21.79
C VAL H 259 21.35 -31.51 -23.24
N VAL H 260 21.12 -32.66 -23.88
CA VAL H 260 20.62 -32.71 -25.25
C VAL H 260 19.26 -33.37 -25.36
N GLY H 261 18.76 -34.02 -24.31
CA GLY H 261 17.44 -34.61 -24.36
C GLY H 261 16.36 -33.63 -23.94
N LEU H 262 15.14 -33.92 -24.39
CA LEU H 262 13.98 -33.07 -24.14
C LEU H 262 13.04 -33.75 -23.17
N PRO H 263 13.17 -33.50 -21.86
CA PRO H 263 12.30 -34.17 -20.89
C PRO H 263 10.87 -33.66 -21.00
N ASN H 264 9.98 -34.39 -20.32
CA ASN H 264 8.55 -34.07 -20.36
C ASN H 264 8.13 -33.05 -19.32
N ALA H 265 8.92 -32.85 -18.27
CA ALA H 265 8.56 -31.91 -17.20
C ALA H 265 9.83 -31.23 -16.69
N ASP H 266 9.68 -30.45 -15.63
CA ASP H 266 10.82 -29.81 -14.97
C ASP H 266 11.67 -30.84 -14.23
N LEU H 267 12.97 -30.61 -14.18
CA LEU H 267 13.78 -31.55 -13.44
C LEU H 267 14.58 -30.83 -12.35
N PRO H 268 14.72 -31.44 -11.18
CA PRO H 268 15.37 -30.76 -10.04
C PRO H 268 16.88 -30.82 -10.13
N ILE H 269 17.52 -29.75 -9.67
CA ILE H 269 18.98 -29.67 -9.64
C ILE H 269 19.41 -29.21 -8.25
N PRO H 270 20.39 -29.85 -7.63
CA PRO H 270 20.91 -29.34 -6.35
C PRO H 270 21.67 -28.04 -6.54
N ILE H 271 20.93 -26.96 -6.79
CA ILE H 271 21.52 -25.63 -7.01
C ILE H 271 22.47 -25.28 -5.89
N PHE H 272 22.19 -25.75 -4.67
CA PHE H 272 23.10 -25.56 -3.54
C PHE H 272 24.50 -26.03 -3.89
N ASP H 273 24.64 -27.27 -4.34
CA ASP H 273 25.94 -27.79 -4.75
C ASP H 273 26.44 -27.17 -6.04
N THR H 274 25.53 -26.70 -6.89
CA THR H 274 25.94 -26.04 -8.14
C THR H 274 26.71 -24.76 -7.87
N VAL H 275 26.39 -24.09 -6.76
CA VAL H 275 27.03 -22.79 -6.47
C VAL H 275 28.41 -22.98 -5.86
N LEU H 276 28.54 -23.89 -4.90
CA LEU H 276 29.82 -24.13 -4.23
C LEU H 276 30.83 -24.86 -5.10
N ASN H 277 30.41 -25.50 -6.18
CA ASN H 277 31.31 -26.26 -7.02
C ASN H 277 31.51 -25.64 -8.40
N GLY H 278 30.87 -24.51 -8.68
CA GLY H 278 31.08 -23.82 -9.94
C GLY H 278 30.70 -24.64 -11.15
N VAL H 279 29.66 -25.45 -11.04
CA VAL H 279 29.20 -26.30 -12.13
C VAL H 279 28.24 -25.50 -13.00
N SER H 280 28.30 -25.75 -14.31
CA SER H 280 27.40 -25.13 -15.28
C SER H 280 26.53 -26.20 -15.91
N VAL H 281 25.26 -25.86 -16.11
CA VAL H 281 24.30 -26.73 -16.79
C VAL H 281 23.83 -26.00 -18.04
N LYS H 282 24.32 -26.43 -19.19
CA LYS H 282 24.03 -25.80 -20.47
C LYS H 282 23.11 -26.68 -21.30
N GLY H 283 22.21 -26.05 -22.03
CA GLY H 283 21.29 -26.74 -22.91
C GLY H 283 21.66 -26.49 -24.36
N SER H 284 21.57 -27.54 -25.17
CA SER H 284 22.00 -27.44 -26.56
C SER H 284 21.45 -28.61 -27.35
N ILE H 285 20.79 -28.30 -28.47
CA ILE H 285 20.40 -29.29 -29.47
C ILE H 285 20.64 -28.67 -30.85
N VAL H 286 20.70 -29.53 -31.86
CA VAL H 286 20.94 -29.18 -33.26
C VAL H 286 22.17 -28.26 -33.35
N GLY H 287 22.39 -27.63 -34.50
CA GLY H 287 23.54 -26.76 -34.61
C GLY H 287 23.40 -25.74 -35.71
N THR H 288 24.38 -24.84 -35.75
CA THR H 288 24.48 -23.82 -36.77
C THR H 288 24.86 -24.47 -38.12
N ARG H 289 24.60 -23.75 -39.21
CA ARG H 289 24.96 -24.27 -40.53
C ARG H 289 26.43 -24.59 -40.60
N LYS H 290 27.26 -23.79 -39.94
CA LYS H 290 28.69 -24.10 -39.85
C LYS H 290 28.91 -25.39 -39.08
N ASP H 291 28.16 -25.60 -37.99
CA ASP H 291 28.27 -26.85 -37.23
C ASP H 291 27.95 -28.04 -38.11
N MET H 292 26.97 -27.90 -39.00
CA MET H 292 26.58 -29.01 -39.87
C MET H 292 27.73 -29.39 -40.81
N GLN H 293 28.38 -28.38 -41.41
CA GLN H 293 29.56 -28.66 -42.23
C GLN H 293 30.65 -29.34 -41.41
N GLU H 294 30.83 -28.89 -40.17
CA GLU H 294 31.82 -29.52 -39.30
C GLU H 294 31.44 -30.96 -38.98
N ALA H 295 30.15 -31.21 -38.72
CA ALA H 295 29.74 -32.52 -38.22
C ALA H 295 29.80 -33.59 -39.30
N LEU H 296 29.46 -33.22 -40.55
CA LEU H 296 29.44 -34.20 -41.63
C LEU H 296 30.82 -34.46 -42.20
N ASP H 297 31.75 -33.53 -42.03
CA ASP H 297 33.13 -33.79 -42.42
C ASP H 297 33.71 -34.91 -41.56
N PHE H 298 33.42 -34.90 -40.26
CA PHE H 298 33.89 -35.97 -39.39
C PHE H 298 33.43 -37.34 -39.88
N ALA H 299 32.24 -37.41 -40.48
CA ALA H 299 31.80 -38.65 -41.11
C ALA H 299 32.43 -38.84 -42.48
N ALA H 300 32.75 -37.73 -43.16
CA ALA H 300 33.35 -37.85 -44.50
C ALA H 300 34.75 -38.44 -44.40
N ARG H 301 35.51 -38.06 -43.38
CA ARG H 301 36.79 -38.67 -43.11
C ARG H 301 36.67 -40.01 -42.39
N GLY H 302 35.44 -40.45 -42.08
CA GLY H 302 35.22 -41.79 -41.59
C GLY H 302 35.39 -42.01 -40.11
N LYS H 303 35.41 -40.95 -39.31
CA LYS H 303 35.47 -41.12 -37.87
C LYS H 303 34.11 -41.14 -37.20
N VAL H 304 33.02 -40.89 -37.93
CA VAL H 304 31.69 -41.01 -37.37
C VAL H 304 30.88 -41.95 -38.26
N ARG H 305 30.39 -43.03 -37.67
CA ARG H 305 29.64 -44.07 -38.39
C ARG H 305 28.35 -44.32 -37.62
N PRO H 306 27.21 -43.87 -38.12
CA PRO H 306 25.93 -44.19 -37.47
C PRO H 306 25.56 -45.65 -37.69
N ILE H 307 24.89 -46.22 -36.70
CA ILE H 307 24.33 -47.56 -36.79
C ILE H 307 22.91 -47.42 -37.31
N VAL H 308 22.66 -47.95 -38.50
CA VAL H 308 21.45 -47.66 -39.26
C VAL H 308 20.82 -48.95 -39.74
N GLU H 309 19.49 -49.00 -39.71
CA GLU H 309 18.73 -50.07 -40.32
C GLU H 309 17.70 -49.47 -41.28
N THR H 310 17.43 -50.19 -42.37
CA THR H 310 16.55 -49.68 -43.41
C THR H 310 15.08 -49.92 -43.05
N ALA H 311 14.21 -49.25 -43.79
CA ALA H 311 12.75 -49.37 -43.66
C ALA H 311 12.10 -48.63 -44.81
N GLU H 312 10.96 -49.15 -45.27
CA GLU H 312 10.20 -48.51 -46.33
C GLU H 312 9.27 -47.45 -45.75
N LEU H 313 8.81 -46.55 -46.62
CA LEU H 313 7.98 -45.44 -46.17
C LEU H 313 6.73 -45.94 -45.47
N GLU H 314 6.03 -46.89 -46.08
CA GLU H 314 4.80 -47.41 -45.49
C GLU H 314 5.05 -48.17 -44.18
N GLU H 315 6.31 -48.40 -43.82
CA GLU H 315 6.66 -49.02 -42.55
C GLU H 315 6.84 -47.96 -41.47
N ILE H 316 6.13 -46.84 -41.57
CA ILE H 316 6.42 -45.70 -40.70
C ILE H 316 5.72 -45.82 -39.36
N ASN H 317 4.44 -46.21 -39.35
CA ASN H 317 3.79 -46.47 -38.06
C ASN H 317 4.40 -47.69 -37.38
N GLU H 318 4.88 -48.65 -38.17
CA GLU H 318 5.54 -49.82 -37.62
C GLU H 318 6.79 -49.42 -36.85
N VAL H 319 7.67 -48.64 -37.48
CA VAL H 319 8.91 -48.23 -36.81
C VAL H 319 8.62 -47.30 -35.65
N PHE H 320 7.50 -46.56 -35.71
CA PHE H 320 7.21 -45.60 -34.64
C PHE H 320 6.91 -46.32 -33.33
N GLU H 321 5.97 -47.27 -33.34
CA GLU H 321 5.76 -48.12 -32.17
C GLU H 321 6.68 -49.33 -32.12
N ARG H 322 7.70 -49.38 -32.97
CA ARG H 322 8.91 -50.11 -32.62
C ARG H 322 9.80 -49.26 -31.74
N MET H 323 9.68 -47.94 -31.89
CA MET H 323 10.47 -46.98 -31.13
C MET H 323 9.82 -46.69 -29.78
N GLU H 324 8.48 -46.70 -29.72
CA GLU H 324 7.80 -46.59 -28.44
C GLU H 324 8.12 -47.76 -27.50
N LYS H 325 8.46 -48.91 -28.06
CA LYS H 325 8.85 -50.06 -27.23
C LYS H 325 10.30 -49.98 -26.76
N GLY H 326 11.12 -49.15 -27.40
CA GLY H 326 12.53 -49.12 -27.05
C GLY H 326 13.37 -50.16 -27.73
N LYS H 327 12.85 -50.81 -28.77
CA LYS H 327 13.58 -51.81 -29.53
C LYS H 327 14.12 -51.22 -30.83
N ILE H 328 14.90 -50.16 -30.69
CA ILE H 328 15.65 -49.57 -31.80
C ILE H 328 17.07 -49.37 -31.33
N ASN H 329 17.98 -50.20 -31.83
CA ASN H 329 19.40 -50.13 -31.45
C ASN H 329 20.10 -49.20 -32.42
N GLY H 330 20.01 -47.91 -32.12
CA GLY H 330 20.62 -46.89 -32.96
C GLY H 330 19.60 -46.05 -33.69
N ARG H 331 19.68 -46.03 -35.01
CA ARG H 331 18.77 -45.25 -35.84
C ARG H 331 18.12 -46.14 -36.89
N ILE H 332 17.02 -45.63 -37.45
CA ILE H 332 16.33 -46.27 -38.56
C ILE H 332 16.05 -45.19 -39.59
N VAL H 333 16.38 -45.48 -40.85
CA VAL H 333 16.25 -44.52 -41.94
C VAL H 333 15.27 -45.05 -42.96
N LEU H 334 14.31 -44.20 -43.34
CA LEU H 334 13.40 -44.55 -44.43
C LEU H 334 14.14 -44.45 -45.77
N LYS H 335 13.91 -45.43 -46.63
CA LYS H 335 14.60 -45.51 -47.92
C LYS H 335 13.61 -45.28 -49.05
N LEU H 336 14.00 -44.44 -50.00
CA LEU H 336 13.15 -44.11 -51.14
C LEU H 336 13.84 -44.47 -52.45
#